data_3VC1
#
_entry.id   3VC1
#
_cell.length_a   97.029
_cell.length_b   102.903
_cell.length_c   203.582
_cell.angle_alpha   90.00
_cell.angle_beta   99.59
_cell.angle_gamma   90.00
#
_symmetry.space_group_name_H-M   'P 1 21 1'
#
loop_
_entity.id
_entity.type
_entity.pdbx_description
1 polymer 'Geranyl diphosphate 2-C-methyltransferase'
2 non-polymer 'MAGNESIUM ION'
3 non-polymer S-ADENOSYL-L-HOMOCYSTEINE
4 non-polymer 'GERANYL S-THIOLODIPHOSPHATE'
5 non-polymer GLYCEROL
6 non-polymer 'SULFATE ION'
7 water water
#
_entity_poly.entity_id   1
_entity_poly.type   'polypeptide(L)'
_entity_poly.pdbx_seq_one_letter_code
;MGSSHHHHHHSSGLVPRGSHMTTETTTATATAKIPAPATPYQEDIARYWNNEARPVNLRLGDVDGLYHHHYGIGPVDRAA
LGDPEHSEYEKKVIAELHRLESAQAEFLMDHLGQAGPDDTLVDAGCGRGGSMVMAHRRFGSRVEGVTLSAAQADFGNRRA
RELRIDDHVRSRVCNMLDTPFDKGAVTASWNNESTMYVDLHDLFSEHSRFLKVGGRYVTITGCWNPRYGQPSKWVSQINA
HFECNIHSRREYLRAMADNRLVPHTIVDLTPDTLPYWELRATSSLVTGIEKAFIESYRDGSFQYVLIAADRV
;
_entity_poly.pdbx_strand_id   A,B,C,D,E,F,G,H,I,J,K,L
#
loop_
_chem_comp.id
_chem_comp.type
_chem_comp.name
_chem_comp.formula
GOL non-polymer GLYCEROL 'C3 H8 O3'
GST non-polymer 'GERANYL S-THIOLODIPHOSPHATE' 'C10 H20 O6 P2 S'
MG non-polymer 'MAGNESIUM ION' 'Mg 2'
SO4 non-polymer 'SULFATE ION' 'O4 S -2'
#
# COMPACT_ATOMS: atom_id res chain seq x y z
N ALA A 36 3.63 38.53 35.22
CA ALA A 36 3.12 37.46 36.08
C ALA A 36 2.36 36.45 35.21
N PRO A 37 2.90 35.22 35.08
CA PRO A 37 2.34 34.25 34.11
C PRO A 37 0.88 33.90 34.35
N ALA A 38 0.11 33.81 33.28
CA ALA A 38 -1.32 33.61 33.44
C ALA A 38 -1.66 32.21 33.96
N THR A 39 -0.86 31.21 33.56
CA THR A 39 -1.08 29.81 33.96
C THR A 39 0.29 29.12 34.02
N PRO A 40 0.36 27.95 34.65
CA PRO A 40 1.63 27.21 34.70
C PRO A 40 2.17 26.93 33.31
N TYR A 41 1.27 26.63 32.37
CA TYR A 41 1.70 26.36 31.01
C TYR A 41 2.35 27.58 30.42
N GLN A 42 1.73 28.74 30.58
CA GLN A 42 2.34 29.90 29.96
C GLN A 42 3.67 30.25 30.65
N GLU A 43 3.83 29.86 31.90
CA GLU A 43 5.15 30.03 32.54
C GLU A 43 6.18 29.12 31.88
N ASP A 44 5.80 27.87 31.59
CA ASP A 44 6.69 26.97 30.84
C ASP A 44 7.13 27.63 29.52
N ILE A 45 6.17 28.23 28.80
CA ILE A 45 6.47 28.84 27.49
C ILE A 45 7.38 30.09 27.63
N ALA A 46 7.11 30.95 28.61
CA ALA A 46 8.04 32.06 28.89
C ALA A 46 9.47 31.54 29.11
N ARG A 47 9.63 30.57 29.99
CA ARG A 47 10.94 29.95 30.26
C ARG A 47 11.59 29.36 29.01
N TYR A 48 10.80 28.65 28.20
CA TYR A 48 11.33 28.11 26.95
C TYR A 48 11.96 29.19 26.08
N TRP A 49 11.21 30.24 25.83
CA TRP A 49 11.68 31.26 24.90
C TRP A 49 12.75 32.15 25.56
N ASN A 50 12.70 32.32 26.87
CA ASN A 50 13.79 33.04 27.55
C ASN A 50 15.12 32.30 27.38
N ASN A 51 15.02 30.99 27.27
CA ASN A 51 16.21 30.15 27.18
C ASN A 51 16.70 29.87 25.77
N GLU A 52 15.84 30.09 24.78
CA GLU A 52 16.17 29.73 23.41
C GLU A 52 17.18 30.70 22.73
N ALA A 53 18.10 30.12 21.97
CA ALA A 53 19.07 30.88 21.19
C ALA A 53 19.76 29.96 20.19
N ARG A 54 19.00 29.27 19.35
CA ARG A 54 19.62 28.27 18.48
C ARG A 54 20.30 28.93 17.30
N PRO A 55 21.39 28.34 16.82
CA PRO A 55 22.06 28.94 15.66
C PRO A 55 21.19 29.05 14.39
N VAL A 56 20.35 28.05 14.13
CA VAL A 56 19.50 28.08 12.96
C VAL A 56 18.55 29.27 13.02
N ASN A 57 18.45 29.93 14.17
CA ASN A 57 17.68 31.18 14.24
C ASN A 57 18.53 32.45 14.24
N LEU A 58 19.57 32.47 15.07
CA LEU A 58 20.32 33.71 15.17
C LEU A 58 21.24 33.94 13.96
N ARG A 59 21.87 32.87 13.46
CA ARG A 59 22.73 33.04 12.29
C ARG A 59 21.93 33.42 11.06
N LEU A 60 20.70 32.88 10.92
CA LEU A 60 19.86 33.32 9.84
C LEU A 60 19.43 34.81 10.02
N GLY A 61 19.06 35.17 11.24
CA GLY A 61 18.62 36.56 11.47
C GLY A 61 19.78 37.51 11.21
N ASP A 62 20.99 37.05 11.53
CA ASP A 62 22.20 37.89 11.33
C ASP A 62 22.42 38.28 9.88
N VAL A 63 21.77 37.59 8.95
CA VAL A 63 22.01 37.86 7.55
C VAL A 63 21.65 39.30 7.18
N ASP A 64 20.52 39.77 7.70
CA ASP A 64 20.07 41.15 7.45
C ASP A 64 19.34 41.79 8.61
N GLY A 65 19.49 41.20 9.80
CA GLY A 65 18.97 41.78 11.04
C GLY A 65 17.47 41.63 11.23
N LEU A 66 16.86 40.70 10.49
CA LEU A 66 15.46 40.32 10.66
C LEU A 66 15.41 38.99 11.36
N TYR A 67 15.02 38.99 12.63
CA TYR A 67 15.12 37.75 13.42
C TYR A 67 13.75 37.06 13.48
N HIS A 68 13.66 35.92 12.80
CA HIS A 68 12.40 35.21 12.62
C HIS A 68 12.46 33.91 13.43
N HIS A 69 11.28 33.45 13.83
CA HIS A 69 11.09 32.15 14.42
C HIS A 69 9.91 31.49 13.71
N HIS A 70 10.09 31.28 12.42
CA HIS A 70 9.10 30.54 11.63
C HIS A 70 9.73 29.95 10.37
N TYR A 71 8.98 29.13 9.63
CA TYR A 71 9.58 28.37 8.57
C TYR A 71 9.41 29.07 7.22
N GLY A 72 10.02 28.52 6.19
CA GLY A 72 10.13 29.19 4.89
C GLY A 72 9.17 28.65 3.82
N ILE A 73 8.93 29.43 2.77
CA ILE A 73 8.14 28.98 1.61
C ILE A 73 8.77 29.46 0.34
N GLY A 74 8.49 28.73 -0.73
CA GLY A 74 8.88 29.16 -2.06
C GLY A 74 9.98 28.26 -2.59
N PRO A 75 10.21 28.31 -3.90
CA PRO A 75 11.31 27.51 -4.49
C PRO A 75 12.70 27.99 -4.05
N VAL A 76 13.60 27.03 -3.97
CA VAL A 76 15.01 27.21 -3.62
C VAL A 76 15.71 27.85 -4.82
N ASP A 77 16.51 28.88 -4.56
CA ASP A 77 17.33 29.53 -5.61
C ASP A 77 18.65 28.79 -5.79
N ARG A 78 18.62 27.77 -6.65
CA ARG A 78 19.82 26.94 -6.80
C ARG A 78 20.99 27.72 -7.37
N ALA A 79 20.74 28.79 -8.14
CA ALA A 79 21.85 29.56 -8.70
C ALA A 79 22.62 30.28 -7.59
N ALA A 80 21.90 30.91 -6.67
CA ALA A 80 22.56 31.55 -5.52
C ALA A 80 23.36 30.53 -4.72
N LEU A 81 22.85 29.32 -4.59
CA LEU A 81 23.50 28.34 -3.75
C LEU A 81 24.83 27.87 -4.33
N GLY A 82 24.88 27.77 -5.65
CA GLY A 82 26.10 27.36 -6.34
C GLY A 82 26.47 25.90 -6.09
N ASP A 83 27.76 25.64 -6.04
CA ASP A 83 28.23 24.28 -5.93
C ASP A 83 28.29 23.87 -4.47
N PRO A 84 27.63 22.74 -4.12
CA PRO A 84 27.59 22.26 -2.75
C PRO A 84 29.00 22.02 -2.20
N GLU A 85 29.97 21.77 -3.09
CA GLU A 85 31.35 21.51 -2.66
C GLU A 85 32.14 22.79 -2.37
N HIS A 86 31.59 23.94 -2.74
CA HIS A 86 32.30 25.17 -2.51
C HIS A 86 32.52 25.42 -1.03
N SER A 87 33.65 26.04 -0.72
CA SER A 87 33.99 26.48 0.64
C SER A 87 32.86 27.25 1.33
N GLU A 88 32.16 28.10 0.58
CA GLU A 88 31.16 29.00 1.14
C GLU A 88 29.72 28.47 1.08
N TYR A 89 29.57 27.18 0.76
CA TYR A 89 28.25 26.62 0.62
C TYR A 89 27.36 26.80 1.88
N GLU A 90 27.84 26.46 3.07
CA GLU A 90 27.01 26.57 4.28
C GLU A 90 26.51 28.01 4.49
N LYS A 91 27.34 28.99 4.22
CA LYS A 91 26.91 30.38 4.31
C LYS A 91 25.84 30.70 3.27
N LYS A 92 25.96 30.16 2.06
CA LYS A 92 24.94 30.41 1.03
C LYS A 92 23.60 29.74 1.41
N VAL A 93 23.72 28.59 2.06
CA VAL A 93 22.52 27.88 2.56
C VAL A 93 21.85 28.72 3.63
N ILE A 94 22.64 29.22 4.57
CA ILE A 94 22.10 30.13 5.57
C ILE A 94 21.34 31.32 4.94
N ALA A 95 21.90 31.95 3.90
CA ALA A 95 21.29 33.14 3.32
C ALA A 95 20.01 32.70 2.61
N GLU A 96 20.03 31.51 2.03
CA GLU A 96 18.85 31.08 1.26
C GLU A 96 17.70 30.65 2.18
N LEU A 97 18.01 29.95 3.26
CA LEU A 97 16.95 29.56 4.21
C LEU A 97 16.33 30.82 4.78
N HIS A 98 17.18 31.79 5.10
CA HIS A 98 16.63 33.03 5.63
C HIS A 98 15.76 33.76 4.64
N ARG A 99 16.15 33.76 3.37
CA ARG A 99 15.35 34.36 2.33
C ARG A 99 13.95 33.72 2.26
N LEU A 100 13.88 32.40 2.37
CA LEU A 100 12.57 31.69 2.38
C LEU A 100 11.69 32.02 3.61
N GLU A 101 12.32 32.22 4.77
CA GLU A 101 11.62 32.57 6.02
C GLU A 101 11.14 34.01 5.92
N SER A 102 11.93 34.91 5.34
CA SER A 102 11.40 36.24 5.08
C SER A 102 10.30 36.20 4.00
N ALA A 103 10.40 35.30 3.02
CA ALA A 103 9.38 35.23 1.97
C ALA A 103 8.05 34.82 2.62
N GLN A 104 8.14 33.95 3.60
CA GLN A 104 6.94 33.48 4.28
C GLN A 104 6.26 34.69 4.98
N ALA A 105 7.04 35.52 5.69
CA ALA A 105 6.46 36.71 6.29
C ALA A 105 5.82 37.72 5.30
N GLU A 106 6.46 37.90 4.16
CA GLU A 106 5.99 38.80 3.11
C GLU A 106 4.66 38.28 2.60
N PHE A 107 4.58 36.96 2.44
CA PHE A 107 3.34 36.36 1.96
C PHE A 107 2.20 36.56 2.95
N LEU A 108 2.52 36.40 4.23
CA LEU A 108 1.56 36.68 5.29
C LEU A 108 1.03 38.12 5.14
N MET A 109 1.95 39.08 5.03
CA MET A 109 1.56 40.51 4.95
C MET A 109 0.81 40.92 3.66
N ASP A 110 0.92 40.12 2.61
CA ASP A 110 0.19 40.33 1.37
C ASP A 110 -1.26 40.14 1.63
N HIS A 111 -1.58 39.47 2.73
CA HIS A 111 -2.98 39.28 3.08
C HIS A 111 -3.53 40.20 4.15
N LEU A 112 -2.75 41.22 4.52
CA LEU A 112 -3.21 42.12 5.59
C LEU A 112 -4.09 43.25 5.11
N GLY A 113 -4.28 43.35 3.80
CA GLY A 113 -5.00 44.49 3.26
C GLY A 113 -4.16 45.76 3.34
N GLN A 114 -4.80 46.90 3.25
CA GLN A 114 -4.05 48.13 3.24
C GLN A 114 -3.88 48.67 4.67
N ALA A 115 -2.71 49.18 4.95
CA ALA A 115 -2.44 49.80 6.23
C ALA A 115 -1.46 50.96 6.05
N GLY A 116 -1.60 51.99 6.89
CA GLY A 116 -0.68 53.11 6.85
C GLY A 116 -0.24 53.68 8.18
N PRO A 117 0.38 54.85 8.12
CA PRO A 117 0.99 55.41 9.34
C PRO A 117 0.02 55.65 10.48
N ASP A 118 -1.26 55.92 10.20
CA ASP A 118 -2.21 56.19 11.28
C ASP A 118 -2.80 54.93 11.87
N ASP A 119 -2.43 53.78 11.34
CA ASP A 119 -3.01 52.52 11.84
C ASP A 119 -2.13 51.83 12.85
N THR A 120 -2.75 50.99 13.68
CA THR A 120 -2.03 50.06 14.56
C THR A 120 -2.21 48.61 14.09
N LEU A 121 -1.09 47.88 14.03
CA LEU A 121 -1.03 46.48 13.66
C LEU A 121 -0.51 45.73 14.91
N VAL A 122 -0.96 44.50 15.10
CA VAL A 122 -0.58 43.72 16.28
C VAL A 122 0.00 42.37 15.85
N ASP A 123 1.20 42.06 16.33
CA ASP A 123 1.84 40.78 16.06
C ASP A 123 1.65 40.00 17.34
N ALA A 124 0.76 39.01 17.31
CA ALA A 124 0.43 38.29 18.51
C ALA A 124 1.40 37.10 18.65
N GLY A 125 2.33 37.16 19.62
CA GLY A 125 3.34 36.12 19.85
C GLY A 125 4.49 36.44 18.91
N CYS A 126 5.24 37.53 19.20
CA CYS A 126 5.98 38.25 18.17
C CYS A 126 7.46 37.85 18.10
N GLY A 127 7.87 36.94 18.95
CA GLY A 127 9.25 36.47 18.86
C GLY A 127 10.27 37.56 19.09
N ARG A 128 11.39 37.50 18.37
CA ARG A 128 12.43 38.53 18.42
C ARG A 128 12.11 39.76 17.55
N GLY A 129 10.98 39.74 16.84
CA GLY A 129 10.47 40.95 16.22
C GLY A 129 10.77 41.20 14.74
N GLY A 130 11.35 40.23 14.03
CA GLY A 130 11.62 40.42 12.61
C GLY A 130 10.38 40.77 11.78
N SER A 131 9.25 40.14 12.06
CA SER A 131 8.00 40.42 11.31
C SER A 131 7.55 41.85 11.56
N MET A 132 7.80 42.32 12.78
CA MET A 132 7.37 43.69 13.14
C MET A 132 8.16 44.74 12.38
N VAL A 133 9.46 44.51 12.28
CA VAL A 133 10.34 45.36 11.46
C VAL A 133 9.86 45.39 10.02
N MET A 134 9.62 44.21 9.45
CA MET A 134 9.17 44.15 8.05
C MET A 134 7.81 44.85 7.88
N ALA A 135 6.91 44.71 8.84
CA ALA A 135 5.59 45.33 8.71
C ALA A 135 5.68 46.81 8.80
N HIS A 136 6.54 47.32 9.69
CA HIS A 136 6.65 48.77 9.81
C HIS A 136 7.27 49.34 8.52
N ARG A 137 8.22 48.63 7.93
CA ARG A 137 8.77 49.10 6.66
C ARG A 137 7.71 49.06 5.54
N ARG A 138 6.91 48.02 5.54
CA ARG A 138 5.96 47.84 4.43
C ARG A 138 4.84 48.84 4.55
N PHE A 139 4.32 49.07 5.77
CA PHE A 139 3.09 49.85 5.94
C PHE A 139 3.29 51.20 6.60
N GLY A 140 4.35 51.33 7.37
CA GLY A 140 4.60 52.56 8.09
C GLY A 140 3.77 52.71 9.34
N SER A 141 2.95 51.69 9.65
CA SER A 141 2.10 51.71 10.82
C SER A 141 2.82 51.63 12.17
N ARG A 142 2.08 51.98 13.23
CA ARG A 142 2.45 51.57 14.56
C ARG A 142 2.31 50.04 14.63
N VAL A 143 3.35 49.37 15.11
CA VAL A 143 3.31 47.90 15.18
C VAL A 143 3.53 47.50 16.64
N GLU A 144 2.53 46.85 17.22
CA GLU A 144 2.64 46.39 18.62
C GLU A 144 2.80 44.84 18.67
N GLY A 145 3.85 44.37 19.33
CA GLY A 145 4.10 42.95 19.49
C GLY A 145 3.87 42.55 20.94
N VAL A 146 3.34 41.34 21.13
CA VAL A 146 3.33 40.78 22.47
C VAL A 146 3.94 39.39 22.43
N THR A 147 4.69 39.11 23.49
CA THR A 147 5.37 37.84 23.69
C THR A 147 5.39 37.50 25.19
N LEU A 148 5.59 36.22 25.51
CA LEU A 148 5.64 35.86 26.91
C LEU A 148 7.08 36.04 27.42
N SER A 149 8.03 36.34 26.51
CA SER A 149 9.45 36.25 26.84
C SER A 149 10.06 37.61 26.97
N ALA A 150 10.53 37.93 28.17
CA ALA A 150 11.20 39.23 28.41
C ALA A 150 12.48 39.31 27.59
N ALA A 151 13.23 38.21 27.51
CA ALA A 151 14.44 38.27 26.68
C ALA A 151 14.08 38.58 25.23
N GLN A 152 12.96 38.02 24.71
CA GLN A 152 12.57 38.37 23.34
C GLN A 152 12.12 39.82 23.16
N ALA A 153 11.34 40.30 24.10
CA ALA A 153 10.85 41.66 24.02
C ALA A 153 12.04 42.60 24.05
N ASP A 154 12.94 42.34 24.98
CA ASP A 154 14.14 43.17 25.13
C ASP A 154 14.93 43.20 23.83
N PHE A 155 15.11 42.01 23.21
CA PHE A 155 15.83 41.88 21.96
C PHE A 155 15.18 42.72 20.85
N GLY A 156 13.89 42.55 20.66
CA GLY A 156 13.20 43.29 19.64
C GLY A 156 13.21 44.80 19.88
N ASN A 157 13.04 45.22 21.13
CA ASN A 157 13.04 46.66 21.40
C ASN A 157 14.42 47.24 21.16
N ARG A 158 15.47 46.47 21.43
CA ARG A 158 16.83 46.92 21.12
C ARG A 158 17.03 47.04 19.64
N ARG A 159 16.49 46.07 18.90
CA ARG A 159 16.60 46.11 17.44
C ARG A 159 15.90 47.35 16.88
N ALA A 160 14.72 47.66 17.44
CA ALA A 160 13.91 48.77 16.94
C ALA A 160 14.67 50.07 17.18
N ARG A 161 15.30 50.18 18.34
CA ARG A 161 16.09 51.38 18.65
C ARG A 161 17.26 51.50 17.70
N GLU A 162 17.94 50.38 17.42
CA GLU A 162 19.06 50.40 16.48
C GLU A 162 18.63 50.93 15.11
N LEU A 163 17.43 50.54 14.67
CA LEU A 163 16.89 50.95 13.37
C LEU A 163 16.16 52.28 13.45
N ARG A 164 16.12 52.90 14.63
CA ARG A 164 15.46 54.19 14.81
C ARG A 164 13.99 54.18 14.38
N ILE A 165 13.31 53.10 14.75
CA ILE A 165 11.87 52.96 14.50
C ILE A 165 11.17 52.60 15.79
N ASP A 166 11.84 52.80 16.93
CA ASP A 166 11.24 52.52 18.23
C ASP A 166 10.08 53.45 18.63
N ASP A 167 9.87 54.55 17.92
CA ASP A 167 8.70 55.38 18.20
C ASP A 167 7.47 54.72 17.58
N HIS A 168 7.68 53.72 16.73
CA HIS A 168 6.55 53.08 16.06
C HIS A 168 6.42 51.59 16.30
N VAL A 169 7.49 50.95 16.73
CA VAL A 169 7.56 49.48 16.85
C VAL A 169 7.95 49.13 18.27
N ARG A 170 7.07 48.39 18.94
CA ARG A 170 7.25 48.08 20.35
C ARG A 170 6.82 46.66 20.67
N SER A 171 7.72 45.87 21.30
CA SER A 171 7.32 44.59 21.95
C SER A 171 7.10 44.73 23.43
N ARG A 172 6.07 44.06 23.95
CA ARG A 172 5.87 43.95 25.40
C ARG A 172 5.64 42.51 25.81
N VAL A 173 5.94 42.24 27.08
CA VAL A 173 5.66 40.94 27.67
C VAL A 173 4.20 40.94 28.09
N CYS A 174 3.41 40.15 27.40
CA CYS A 174 1.97 40.19 27.63
C CYS A 174 1.33 38.92 27.02
N ASN A 175 0.37 38.33 27.73
CA ASN A 175 -0.36 37.15 27.22
C ASN A 175 -1.28 37.64 26.09
N MET A 176 -1.17 37.06 24.90
CA MET A 176 -1.94 37.49 23.74
C MET A 176 -3.43 37.20 23.88
N LEU A 177 -3.81 36.40 24.87
CA LEU A 177 -5.25 36.16 25.11
C LEU A 177 -5.85 37.29 25.96
N ASP A 178 -5.00 38.17 26.49
CA ASP A 178 -5.52 39.19 27.41
C ASP A 178 -4.65 40.45 27.29
N THR A 179 -4.86 41.19 26.20
CA THR A 179 -4.03 42.35 25.88
C THR A 179 -4.67 43.67 26.32
N PRO A 180 -3.87 44.74 26.34
CA PRO A 180 -4.34 46.09 26.73
C PRO A 180 -4.92 46.89 25.58
N PHE A 181 -4.92 46.37 24.35
CA PHE A 181 -5.46 47.12 23.20
C PHE A 181 -6.95 47.35 23.35
N ASP A 182 -7.43 48.56 23.00
CA ASP A 182 -8.80 48.94 23.24
C ASP A 182 -9.66 48.24 22.20
N LYS A 183 -10.91 48.01 22.54
CA LYS A 183 -11.85 47.43 21.59
C LYS A 183 -11.91 48.22 20.29
N GLY A 184 -11.81 47.51 19.17
CA GLY A 184 -11.87 48.14 17.86
C GLY A 184 -10.70 49.04 17.49
N ALA A 185 -9.61 49.01 18.25
CA ALA A 185 -8.53 49.99 17.98
C ALA A 185 -7.53 49.56 16.93
N VAL A 186 -7.52 48.27 16.60
CA VAL A 186 -6.47 47.69 15.75
C VAL A 186 -6.99 47.47 14.31
N THR A 187 -6.19 47.84 13.32
CA THR A 187 -6.56 47.70 11.91
C THR A 187 -6.34 46.27 11.35
N ALA A 188 -5.22 45.67 11.73
CA ALA A 188 -4.95 44.30 11.28
C ALA A 188 -4.02 43.64 12.28
N SER A 189 -4.06 42.32 12.33
CA SER A 189 -3.23 41.59 13.27
C SER A 189 -2.96 40.22 12.74
N TRP A 190 -2.06 39.51 13.39
CA TRP A 190 -1.69 38.17 12.90
C TRP A 190 -1.05 37.28 13.98
N ASN A 191 -1.08 35.98 13.71
CA ASN A 191 -0.26 35.03 14.44
C ASN A 191 0.57 34.29 13.42
N ASN A 192 1.87 34.52 13.44
CA ASN A 192 2.76 33.78 12.58
C ASN A 192 3.37 32.66 13.40
N GLU A 193 2.87 31.42 13.18
CA GLU A 193 3.31 30.23 13.93
C GLU A 193 3.37 30.46 15.46
N SER A 194 2.26 30.98 16.02
CA SER A 194 2.19 31.09 17.47
C SER A 194 0.84 30.62 17.98
N THR A 195 -0.06 30.14 17.10
CA THR A 195 -1.40 29.79 17.58
C THR A 195 -1.45 28.47 18.37
N MET A 196 -0.43 27.62 18.15
CA MET A 196 -0.31 26.33 18.84
C MET A 196 0.07 26.40 20.30
N TYR A 197 0.06 27.59 20.90
CA TYR A 197 0.33 27.73 22.32
C TYR A 197 -0.94 28.18 23.08
N VAL A 198 -2.10 28.23 22.42
CA VAL A 198 -3.29 28.74 23.10
C VAL A 198 -4.54 28.03 22.60
N ASP A 199 -5.61 28.14 23.38
CA ASP A 199 -6.95 27.75 22.98
C ASP A 199 -7.40 28.67 21.86
N LEU A 200 -7.87 28.10 20.75
CA LEU A 200 -8.14 28.96 19.60
C LEU A 200 -9.38 29.84 19.77
N HIS A 201 -10.40 29.35 20.49
CA HIS A 201 -11.58 30.19 20.71
C HIS A 201 -11.19 31.42 21.53
N ASP A 202 -10.34 31.24 22.55
CA ASP A 202 -9.94 32.38 23.37
C ASP A 202 -9.08 33.35 22.55
N LEU A 203 -8.19 32.81 21.73
CA LEU A 203 -7.33 33.66 20.87
C LEU A 203 -8.17 34.48 19.90
N PHE A 204 -9.11 33.81 19.19
CA PHE A 204 -9.87 34.55 18.17
C PHE A 204 -10.89 35.49 18.79
N SER A 205 -11.38 35.18 20.01
CA SER A 205 -12.25 36.09 20.71
C SER A 205 -11.44 37.36 21.01
N GLU A 206 -10.16 37.17 21.35
CA GLU A 206 -9.31 38.37 21.67
C GLU A 206 -9.00 39.23 20.44
N HIS A 207 -8.55 38.65 19.34
CA HIS A 207 -8.33 39.44 18.12
C HIS A 207 -9.63 40.11 17.67
N SER A 208 -10.73 39.40 17.82
CA SER A 208 -12.01 39.91 17.33
C SER A 208 -12.38 41.13 18.18
N ARG A 209 -12.00 41.08 19.46
CA ARG A 209 -12.27 42.20 20.38
C ARG A 209 -11.50 43.45 19.96
N PHE A 210 -10.19 43.31 19.74
CA PHE A 210 -9.39 44.50 19.43
C PHE A 210 -9.41 44.95 17.97
N LEU A 211 -9.75 44.06 17.04
CA LEU A 211 -9.83 44.46 15.63
C LEU A 211 -11.04 45.32 15.36
N LYS A 212 -10.86 46.40 14.60
CA LYS A 212 -12.01 47.21 14.19
C LYS A 212 -12.86 46.36 13.25
N VAL A 213 -14.13 46.72 13.13
CA VAL A 213 -15.01 46.10 12.16
C VAL A 213 -14.43 46.36 10.78
N GLY A 214 -14.37 45.32 9.93
CA GLY A 214 -13.63 45.48 8.67
C GLY A 214 -12.11 45.37 8.82
N GLY A 215 -11.62 45.06 10.02
CA GLY A 215 -10.19 44.80 10.21
C GLY A 215 -9.82 43.44 9.63
N ARG A 216 -8.52 43.15 9.54
CA ARG A 216 -8.12 41.92 8.87
C ARG A 216 -7.24 41.12 9.80
N TYR A 217 -7.32 39.80 9.69
CA TYR A 217 -6.52 38.89 10.53
C TYR A 217 -5.86 37.90 9.58
N VAL A 218 -4.61 37.54 9.86
CA VAL A 218 -4.00 36.41 9.13
C VAL A 218 -3.26 35.51 10.08
N THR A 219 -3.27 34.21 9.81
CA THR A 219 -2.38 33.33 10.51
C THR A 219 -1.71 32.43 9.52
N ILE A 220 -0.44 32.15 9.76
CA ILE A 220 0.18 30.99 9.09
C ILE A 220 0.44 29.99 10.19
N THR A 221 0.05 28.75 9.97
CA THR A 221 0.20 27.78 11.04
C THR A 221 0.51 26.39 10.48
N GLY A 222 1.01 25.50 11.34
CA GLY A 222 1.01 24.08 11.00
C GLY A 222 -0.14 23.45 11.76
N CYS A 223 -1.07 22.79 11.05
CA CYS A 223 -2.23 22.15 11.70
C CYS A 223 -2.30 20.70 11.28
N TRP A 224 -2.81 19.83 12.15
CA TRP A 224 -2.87 18.46 11.78
C TRP A 224 -4.11 18.33 10.88
N ASN A 225 -4.08 17.36 9.97
CA ASN A 225 -5.10 17.31 8.92
C ASN A 225 -6.26 16.44 9.33
N PRO A 226 -7.47 17.02 9.39
CA PRO A 226 -8.57 16.18 9.87
C PRO A 226 -8.91 15.07 8.90
N ARG A 227 -8.49 15.21 7.65
CA ARG A 227 -8.56 14.12 6.68
C ARG A 227 -7.72 12.92 7.11
N TYR A 228 -6.66 13.13 7.90
CA TYR A 228 -5.82 12.00 8.31
C TYR A 228 -6.54 11.32 9.48
N GLY A 229 -7.11 12.16 10.35
CA GLY A 229 -8.09 11.69 11.30
C GLY A 229 -7.86 12.10 12.75
N GLN A 230 -6.63 11.95 13.22
CA GLN A 230 -6.15 12.43 14.52
C GLN A 230 -4.67 12.79 14.32
N PRO A 231 -4.03 13.45 15.32
CA PRO A 231 -2.61 13.78 15.23
C PRO A 231 -1.76 12.55 15.06
N SER A 232 -0.93 12.47 14.05
CA SER A 232 -0.05 11.29 13.91
C SER A 232 1.09 11.27 14.93
N LYS A 233 1.87 10.22 14.91
CA LYS A 233 3.02 10.16 15.80
C LYS A 233 3.95 11.34 15.53
N TRP A 234 4.07 11.74 14.24
CA TRP A 234 5.01 12.80 13.89
C TRP A 234 4.55 14.11 14.49
N VAL A 235 3.25 14.37 14.38
CA VAL A 235 2.69 15.62 14.94
C VAL A 235 2.97 15.67 16.42
N SER A 236 2.70 14.55 17.07
CA SER A 236 2.98 14.47 18.52
C SER A 236 4.46 14.70 18.85
N GLN A 237 5.37 14.19 18.03
CA GLN A 237 6.82 14.50 18.21
C GLN A 237 7.13 15.99 18.12
N ILE A 238 6.45 16.68 17.21
CA ILE A 238 6.61 18.13 17.10
C ILE A 238 6.08 18.84 18.32
N ASN A 239 4.91 18.42 18.80
CA ASN A 239 4.36 18.98 20.03
C ASN A 239 5.33 18.77 21.18
N ALA A 240 5.90 17.58 21.29
CA ALA A 240 6.82 17.30 22.41
C ALA A 240 8.11 18.11 22.31
N HIS A 241 8.55 18.37 21.07
CA HIS A 241 9.81 19.05 20.82
C HIS A 241 9.70 20.53 21.22
N PHE A 242 8.57 21.14 20.89
CA PHE A 242 8.35 22.56 21.17
C PHE A 242 7.44 22.84 22.38
N GLU A 243 6.99 21.80 23.05
CA GLU A 243 6.06 21.99 24.16
C GLU A 243 4.79 22.74 23.69
N CYS A 244 4.29 22.37 22.51
CA CYS A 244 3.16 23.09 21.91
C CYS A 244 1.96 22.15 21.71
N ASN A 245 0.90 22.66 21.08
CA ASN A 245 -0.37 21.93 21.03
C ASN A 245 -1.02 22.20 19.67
N ILE A 246 -0.50 21.51 18.68
CA ILE A 246 -0.94 21.68 17.31
C ILE A 246 -2.44 21.38 17.21
N HIS A 247 -3.21 22.25 16.57
CA HIS A 247 -4.65 22.09 16.47
C HIS A 247 -4.98 21.53 15.09
N SER A 248 -6.16 20.95 14.93
CA SER A 248 -6.52 20.50 13.60
C SER A 248 -7.07 21.64 12.76
N ARG A 249 -7.01 21.45 11.45
CA ARG A 249 -7.61 22.46 10.54
C ARG A 249 -9.09 22.74 10.86
N ARG A 250 -9.81 21.69 11.25
CA ARG A 250 -11.24 21.85 11.60
C ARG A 250 -11.39 22.87 12.76
N GLU A 251 -10.48 22.78 13.74
CA GLU A 251 -10.56 23.64 14.93
C GLU A 251 -10.28 25.09 14.61
N TYR A 252 -9.34 25.33 13.71
CA TYR A 252 -9.09 26.71 13.27
C TYR A 252 -10.38 27.31 12.68
N LEU A 253 -11.02 26.57 11.77
CA LEU A 253 -12.16 27.14 11.07
C LEU A 253 -13.36 27.27 12.02
N ARG A 254 -13.51 26.32 12.95
CA ARG A 254 -14.62 26.37 13.88
C ARG A 254 -14.44 27.59 14.82
N ALA A 255 -13.23 27.78 15.33
CA ALA A 255 -13.03 28.88 16.27
C ALA A 255 -13.18 30.24 15.57
N MET A 256 -12.77 30.35 14.32
CA MET A 256 -13.01 31.56 13.56
C MET A 256 -14.49 31.81 13.40
N ALA A 257 -15.25 30.82 12.93
CA ALA A 257 -16.69 31.00 12.72
C ALA A 257 -17.39 31.45 14.01
N ASP A 258 -16.87 31.01 15.16
CA ASP A 258 -17.53 31.27 16.45
C ASP A 258 -17.12 32.66 16.98
N ASN A 259 -16.20 33.34 16.30
CA ASN A 259 -15.71 34.62 16.80
C ASN A 259 -15.66 35.76 15.76
N ARG A 260 -16.63 35.79 14.88
CA ARG A 260 -16.71 36.92 13.93
C ARG A 260 -15.57 37.06 12.96
N LEU A 261 -14.77 35.99 12.76
CA LEU A 261 -13.66 36.10 11.82
C LEU A 261 -14.06 35.21 10.65
N VAL A 262 -14.07 35.78 9.43
CA VAL A 262 -14.53 35.03 8.26
C VAL A 262 -13.43 34.91 7.22
N PRO A 263 -12.92 33.67 7.02
CA PRO A 263 -11.88 33.57 6.00
C PRO A 263 -12.31 34.06 4.62
N HIS A 264 -11.38 34.75 3.97
CA HIS A 264 -11.54 35.16 2.56
C HIS A 264 -10.50 34.46 1.65
N THR A 265 -9.44 33.93 2.25
CA THR A 265 -8.39 33.23 1.52
C THR A 265 -7.83 32.14 2.41
N ILE A 266 -7.72 30.93 1.87
CA ILE A 266 -7.00 29.90 2.60
C ILE A 266 -6.11 29.23 1.59
N VAL A 267 -4.84 29.10 1.93
CA VAL A 267 -3.88 28.54 1.02
C VAL A 267 -3.18 27.37 1.70
N ASP A 268 -3.25 26.19 1.10
CA ASP A 268 -2.45 25.08 1.58
C ASP A 268 -0.98 25.32 1.10
N LEU A 269 -0.11 25.74 2.01
CA LEU A 269 1.28 25.99 1.69
C LEU A 269 2.17 24.74 1.86
N THR A 270 1.57 23.57 2.11
CA THR A 270 2.41 22.37 2.35
C THR A 270 3.43 22.09 1.24
N PRO A 271 2.97 22.08 -0.04
CA PRO A 271 3.96 21.88 -1.09
C PRO A 271 4.98 23.02 -1.15
N ASP A 272 4.55 24.22 -0.79
CA ASP A 272 5.48 25.36 -0.79
C ASP A 272 6.54 25.39 0.30
N THR A 273 6.35 24.68 1.42
CA THR A 273 7.32 24.78 2.49
C THR A 273 8.28 23.59 2.42
N LEU A 274 7.89 22.56 1.68
CA LEU A 274 8.79 21.40 1.62
C LEU A 274 10.20 21.67 1.07
N PRO A 275 10.35 22.56 0.05
CA PRO A 275 11.72 22.82 -0.43
C PRO A 275 12.61 23.41 0.67
N TYR A 276 12.08 24.34 1.46
CA TYR A 276 12.76 24.87 2.61
C TYR A 276 13.24 23.77 3.56
N TRP A 277 12.31 22.90 3.91
CA TRP A 277 12.66 21.82 4.84
C TRP A 277 13.72 20.86 4.25
N GLU A 278 13.59 20.51 2.98
CA GLU A 278 14.54 19.57 2.35
C GLU A 278 15.94 20.21 2.26
N LEU A 279 15.98 21.51 2.00
CA LEU A 279 17.26 22.22 1.99
C LEU A 279 17.85 22.31 3.41
N ARG A 280 17.01 22.69 4.37
CA ARG A 280 17.43 22.80 5.77
C ARG A 280 18.01 21.47 6.26
N ALA A 281 17.37 20.37 5.89
CA ALA A 281 17.83 19.05 6.31
C ALA A 281 19.29 18.75 5.91
N THR A 282 19.81 19.48 4.92
CA THR A 282 21.19 19.36 4.51
C THR A 282 22.16 20.28 5.29
N SER A 283 21.61 21.15 6.13
CA SER A 283 22.40 22.18 6.80
C SER A 283 23.08 21.65 8.07
N SER A 284 24.26 22.15 8.42
CA SER A 284 24.87 21.77 9.69
C SER A 284 24.09 22.32 10.89
N LEU A 285 23.18 23.25 10.64
CA LEU A 285 22.40 23.84 11.72
C LEU A 285 21.08 23.09 12.06
N VAL A 286 20.90 21.88 11.55
CA VAL A 286 19.70 21.10 11.84
C VAL A 286 19.48 20.91 13.33
N THR A 287 18.21 20.77 13.72
CA THR A 287 17.86 20.67 15.12
C THR A 287 17.37 19.29 15.46
N GLY A 288 17.11 18.48 14.45
CA GLY A 288 16.65 17.13 14.73
C GLY A 288 15.14 16.93 14.49
N ILE A 289 14.39 18.03 14.31
CA ILE A 289 12.95 17.90 14.06
C ILE A 289 12.61 17.86 12.57
N GLU A 290 13.62 18.03 11.71
CA GLU A 290 13.41 18.08 10.25
C GLU A 290 12.65 16.84 9.73
N LYS A 291 13.04 15.66 10.20
CA LYS A 291 12.36 14.47 9.69
C LYS A 291 10.87 14.46 10.01
N ALA A 292 10.49 14.92 11.21
CA ALA A 292 9.09 14.87 11.62
C ALA A 292 8.28 15.79 10.72
N PHE A 293 8.80 16.98 10.46
CA PHE A 293 8.09 17.86 9.52
C PHE A 293 8.03 17.26 8.11
N ILE A 294 9.18 16.87 7.55
CA ILE A 294 9.13 16.34 6.17
C ILE A 294 8.17 15.16 6.03
N GLU A 295 8.27 14.22 6.95
CA GLU A 295 7.55 12.96 6.80
C GLU A 295 6.03 13.18 6.97
N SER A 296 5.67 14.04 7.90
CA SER A 296 4.25 14.30 8.16
C SER A 296 3.59 15.19 7.07
N TYR A 297 4.38 16.08 6.49
CA TYR A 297 3.92 16.80 5.31
C TYR A 297 3.68 15.83 4.14
N ARG A 298 4.61 14.90 3.95
CA ARG A 298 4.50 13.96 2.81
C ARG A 298 3.39 12.94 2.99
N ASP A 299 3.16 12.50 4.23
CA ASP A 299 2.16 11.46 4.43
C ASP A 299 0.73 11.97 4.63
N GLY A 300 0.53 13.29 4.63
CA GLY A 300 -0.80 13.88 4.71
C GLY A 300 -1.31 14.11 6.13
N SER A 301 -0.50 13.84 7.16
CA SER A 301 -1.01 13.91 8.52
C SER A 301 -0.92 15.36 9.02
N PHE A 302 -0.05 16.13 8.37
CA PHE A 302 0.27 17.48 8.87
C PHE A 302 0.30 18.45 7.70
N GLN A 303 -0.14 19.69 7.93
CA GLN A 303 -0.14 20.64 6.84
C GLN A 303 0.21 22.07 7.26
N TYR A 304 0.73 22.85 6.32
CA TYR A 304 1.16 24.21 6.61
C TYR A 304 0.18 25.09 5.85
N VAL A 305 -0.51 26.00 6.55
CA VAL A 305 -1.62 26.72 5.90
C VAL A 305 -1.60 28.20 6.31
N LEU A 306 -2.01 29.03 5.36
CA LEU A 306 -2.34 30.40 5.62
C LEU A 306 -3.84 30.56 5.64
N ILE A 307 -4.37 31.23 6.66
CA ILE A 307 -5.80 31.58 6.70
C ILE A 307 -5.87 33.07 6.93
N ALA A 308 -6.51 33.78 6.00
CA ALA A 308 -6.63 35.24 6.12
C ALA A 308 -8.13 35.54 6.20
N ALA A 309 -8.54 36.36 7.16
CA ALA A 309 -9.97 36.53 7.50
C ALA A 309 -10.33 37.99 7.69
N ASP A 310 -11.61 38.30 7.45
CA ASP A 310 -12.15 39.63 7.82
C ASP A 310 -12.82 39.56 9.21
N ARG A 311 -12.69 40.64 10.01
CA ARG A 311 -13.44 40.72 11.28
C ARG A 311 -14.73 41.45 10.95
N VAL A 312 -15.88 40.80 11.08
CA VAL A 312 -17.12 41.42 10.56
C VAL A 312 -18.16 41.44 11.67
N PRO B 35 -31.26 48.28 47.38
CA PRO B 35 -31.37 47.75 46.01
C PRO B 35 -32.70 47.05 45.76
N ALA B 36 -33.51 47.58 44.85
CA ALA B 36 -34.80 46.98 44.51
C ALA B 36 -34.65 45.55 44.02
N PRO B 37 -35.70 44.74 44.21
CA PRO B 37 -35.77 43.36 43.72
C PRO B 37 -35.65 43.32 42.20
N ALA B 38 -34.91 42.33 41.71
CA ALA B 38 -34.63 42.24 40.26
C ALA B 38 -35.86 41.77 39.48
N THR B 39 -36.69 41.00 40.17
CA THR B 39 -37.87 40.42 39.53
C THR B 39 -38.91 40.21 40.59
N PRO B 40 -40.18 40.05 40.21
CA PRO B 40 -41.19 39.69 41.21
C PRO B 40 -40.82 38.43 41.97
N TYR B 41 -40.20 37.45 41.28
CA TYR B 41 -39.81 36.22 41.94
C TYR B 41 -38.76 36.49 43.04
N GLN B 42 -37.74 37.28 42.72
CA GLN B 42 -36.72 37.52 43.74
C GLN B 42 -37.30 38.31 44.89
N GLU B 43 -38.35 39.08 44.62
CA GLU B 43 -39.04 39.75 45.69
C GLU B 43 -39.74 38.73 46.60
N ASP B 44 -40.37 37.69 46.00
CA ASP B 44 -40.97 36.63 46.80
C ASP B 44 -39.93 35.97 47.69
N ILE B 45 -38.74 35.77 47.16
CA ILE B 45 -37.71 35.02 47.88
C ILE B 45 -37.10 35.91 48.98
N ALA B 46 -36.97 37.18 48.70
CA ALA B 46 -36.52 38.10 49.78
C ALA B 46 -37.53 38.04 50.93
N ARG B 47 -38.82 38.12 50.60
CA ARG B 47 -39.88 38.09 51.60
C ARG B 47 -39.82 36.77 52.38
N TYR B 48 -39.69 35.65 51.65
CA TYR B 48 -39.62 34.36 52.29
C TYR B 48 -38.54 34.36 53.38
N TRP B 49 -37.33 34.79 53.02
CA TRP B 49 -36.22 34.70 53.98
C TRP B 49 -36.23 35.79 55.06
N ASN B 50 -36.85 36.92 54.76
CA ASN B 50 -37.02 37.93 55.79
C ASN B 50 -37.98 37.45 56.88
N ASN B 51 -38.91 36.57 56.53
CA ASN B 51 -39.91 36.10 57.49
C ASN B 51 -39.55 34.80 58.19
N GLU B 52 -38.50 34.11 57.75
CA GLU B 52 -38.18 32.77 58.23
C GLU B 52 -37.45 32.79 59.57
N ALA B 53 -37.79 31.87 60.45
CA ALA B 53 -37.09 31.78 61.74
C ALA B 53 -37.50 30.47 62.40
N ARG B 54 -37.34 29.35 61.70
CA ARG B 54 -37.73 28.04 62.26
C ARG B 54 -36.78 27.54 63.34
N PRO B 55 -37.33 26.95 64.39
CA PRO B 55 -36.49 26.38 65.44
C PRO B 55 -35.51 25.36 64.91
N VAL B 56 -35.93 24.62 63.90
CA VAL B 56 -35.03 23.60 63.36
C VAL B 56 -33.77 24.28 62.78
N ASN B 57 -33.81 25.59 62.61
CA ASN B 57 -32.59 26.26 62.15
C ASN B 57 -31.94 27.00 63.31
N LEU B 58 -32.75 27.77 64.04
CA LEU B 58 -32.13 28.63 65.05
C LEU B 58 -31.69 27.83 66.31
N ARG B 59 -32.47 26.83 66.74
CA ARG B 59 -32.03 25.98 67.87
C ARG B 59 -30.71 25.24 67.56
N LEU B 60 -30.55 24.78 66.31
CA LEU B 60 -29.34 24.04 65.97
C LEU B 60 -28.17 25.04 65.93
N GLY B 61 -28.38 26.20 65.29
CA GLY B 61 -27.35 27.24 65.23
C GLY B 61 -26.93 27.76 66.62
N ASP B 62 -27.88 27.83 67.55
CA ASP B 62 -27.64 28.25 68.94
C ASP B 62 -26.65 27.37 69.65
N VAL B 63 -26.40 26.17 69.14
CA VAL B 63 -25.45 25.29 69.82
C VAL B 63 -24.04 25.89 69.89
N ASP B 64 -23.59 26.56 68.82
CA ASP B 64 -22.22 27.04 68.82
C ASP B 64 -22.03 28.29 67.98
N GLY B 65 -23.16 28.91 67.60
CA GLY B 65 -23.18 30.21 66.95
C GLY B 65 -22.91 30.18 65.43
N LEU B 66 -22.96 28.99 64.81
CA LEU B 66 -22.83 28.83 63.37
C LEU B 66 -24.22 28.53 62.80
N TYR B 67 -24.79 29.51 62.09
CA TYR B 67 -26.19 29.41 61.66
C TYR B 67 -26.25 28.95 60.21
N HIS B 68 -26.73 27.72 60.01
CA HIS B 68 -26.82 27.14 58.69
C HIS B 68 -28.25 27.04 58.18
N HIS B 69 -28.38 27.11 56.87
CA HIS B 69 -29.61 26.71 56.18
C HIS B 69 -29.30 25.67 55.09
N HIS B 70 -28.91 24.49 55.53
CA HIS B 70 -28.64 23.39 54.63
C HIS B 70 -28.65 22.10 55.40
N TYR B 71 -28.62 21.01 54.66
CA TYR B 71 -28.84 19.71 55.29
C TYR B 71 -27.53 19.02 55.61
N GLY B 72 -27.56 17.85 56.28
CA GLY B 72 -26.35 17.28 56.81
C GLY B 72 -25.92 16.06 56.06
N ILE B 73 -24.67 15.66 56.29
CA ILE B 73 -24.16 14.44 55.70
C ILE B 73 -23.32 13.66 56.71
N GLY B 74 -23.18 12.37 56.47
CA GLY B 74 -22.24 11.55 57.20
C GLY B 74 -22.99 10.67 58.20
N PRO B 75 -22.30 9.68 58.80
CA PRO B 75 -22.98 8.76 59.73
C PRO B 75 -23.38 9.40 61.03
N VAL B 76 -24.59 9.05 61.51
CA VAL B 76 -25.05 9.47 62.82
C VAL B 76 -24.23 8.81 63.93
N ASP B 77 -23.90 9.59 64.95
CA ASP B 77 -23.18 9.06 66.13
C ASP B 77 -24.19 8.47 67.14
N ARG B 78 -24.53 7.19 66.98
CA ARG B 78 -25.49 6.51 67.85
C ARG B 78 -25.13 6.55 69.33
N ALA B 79 -23.85 6.30 69.62
CA ALA B 79 -23.35 6.33 70.99
C ALA B 79 -23.63 7.68 71.64
N ALA B 80 -23.35 8.75 70.91
CA ALA B 80 -23.60 10.10 71.43
C ALA B 80 -25.08 10.37 71.68
N LEU B 81 -25.96 9.80 70.86
CA LEU B 81 -27.40 10.08 70.99
C LEU B 81 -27.97 9.36 72.21
N GLY B 82 -27.33 8.24 72.59
CA GLY B 82 -27.79 7.50 73.76
C GLY B 82 -29.15 6.86 73.59
N ASP B 83 -29.85 6.66 74.72
CA ASP B 83 -31.14 5.99 74.65
C ASP B 83 -32.27 6.89 74.19
N PRO B 84 -32.96 6.50 73.10
CA PRO B 84 -34.08 7.27 72.52
C PRO B 84 -35.27 7.47 73.46
N GLU B 85 -35.44 6.62 74.48
CA GLU B 85 -36.55 6.77 75.41
C GLU B 85 -36.13 7.66 76.58
N HIS B 86 -34.89 8.12 76.55
CA HIS B 86 -34.41 8.95 77.63
C HIS B 86 -34.85 10.40 77.54
N SER B 87 -34.83 11.04 78.71
CA SER B 87 -35.27 12.42 78.93
C SER B 87 -34.67 13.48 77.98
N GLU B 88 -33.35 13.48 77.80
CA GLU B 88 -32.76 14.56 77.03
C GLU B 88 -32.37 14.12 75.62
N TYR B 89 -33.06 13.10 75.13
CA TYR B 89 -32.91 12.70 73.76
C TYR B 89 -33.11 13.87 72.80
N GLU B 90 -34.18 14.65 72.98
CA GLU B 90 -34.50 15.67 71.97
C GLU B 90 -33.34 16.62 71.86
N LYS B 91 -32.79 17.02 73.00
CA LYS B 91 -31.65 17.92 73.01
C LYS B 91 -30.40 17.34 72.35
N LYS B 92 -30.14 16.05 72.58
CA LYS B 92 -29.02 15.37 71.96
C LYS B 92 -29.18 15.30 70.44
N VAL B 93 -30.41 15.08 69.98
CA VAL B 93 -30.68 15.03 68.57
C VAL B 93 -30.38 16.38 67.96
N ILE B 94 -30.82 17.46 68.60
CA ILE B 94 -30.50 18.80 68.07
C ILE B 94 -29.00 19.00 67.82
N ALA B 95 -28.17 18.68 68.82
CA ALA B 95 -26.69 18.84 68.69
C ALA B 95 -26.11 17.95 67.60
N GLU B 96 -26.64 16.75 67.48
CA GLU B 96 -26.15 15.81 66.47
C GLU B 96 -26.59 16.29 65.08
N LEU B 97 -27.83 16.75 64.94
CA LEU B 97 -28.23 17.27 63.62
C LEU B 97 -27.34 18.47 63.22
N HIS B 98 -27.09 19.38 64.17
CA HIS B 98 -26.16 20.50 63.91
C HIS B 98 -24.75 20.06 63.49
N ARG B 99 -24.21 19.02 64.13
CA ARG B 99 -22.90 18.48 63.74
C ARG B 99 -22.90 18.01 62.29
N LEU B 100 -24.01 17.38 61.86
CA LEU B 100 -24.04 16.85 60.51
C LEU B 100 -24.17 17.99 59.49
N GLU B 101 -24.89 19.05 59.86
CA GLU B 101 -25.04 20.18 58.93
C GLU B 101 -23.70 20.91 58.87
N SER B 102 -22.97 20.96 59.99
CA SER B 102 -21.65 21.58 59.90
C SER B 102 -20.67 20.72 59.11
N ALA B 103 -20.77 19.38 59.23
CA ALA B 103 -19.86 18.50 58.45
C ALA B 103 -20.12 18.68 56.95
N GLN B 104 -21.38 18.89 56.58
CA GLN B 104 -21.72 19.15 55.17
C GLN B 104 -20.93 20.36 54.63
N ALA B 105 -20.87 21.43 55.43
CA ALA B 105 -20.15 22.63 55.02
C ALA B 105 -18.62 22.40 54.99
N GLU B 106 -18.10 21.68 55.98
CA GLU B 106 -16.69 21.27 55.95
C GLU B 106 -16.36 20.49 54.68
N PHE B 107 -17.26 19.61 54.24
CA PHE B 107 -16.96 18.77 53.04
C PHE B 107 -16.95 19.69 51.85
N LEU B 108 -17.85 20.68 51.83
CA LEU B 108 -17.84 21.61 50.69
C LEU B 108 -16.51 22.30 50.61
N MET B 109 -16.03 22.78 51.77
CA MET B 109 -14.80 23.53 51.81
C MET B 109 -13.56 22.69 51.49
N ASP B 110 -13.65 21.38 51.71
CA ASP B 110 -12.59 20.45 51.24
C ASP B 110 -12.35 20.54 49.69
N HIS B 111 -13.30 21.08 48.93
CA HIS B 111 -13.20 21.10 47.46
C HIS B 111 -12.90 22.47 46.89
N LEU B 112 -12.65 23.44 47.78
CA LEU B 112 -12.36 24.81 47.35
C LEU B 112 -10.89 25.07 47.01
N GLY B 113 -10.04 24.06 47.14
CA GLY B 113 -8.62 24.20 46.92
C GLY B 113 -7.97 24.99 48.01
N GLN B 114 -6.87 25.67 47.67
CA GLN B 114 -6.13 26.43 48.66
C GLN B 114 -6.56 27.89 48.60
N ALA B 115 -6.71 28.51 49.76
CA ALA B 115 -6.98 29.93 49.82
C ALA B 115 -6.39 30.44 51.10
N GLY B 116 -6.11 31.73 51.14
CA GLY B 116 -5.34 32.30 52.24
C GLY B 116 -5.83 33.70 52.49
N PRO B 117 -5.16 34.43 53.40
CA PRO B 117 -5.63 35.75 53.83
C PRO B 117 -5.69 36.78 52.74
N ASP B 118 -4.85 36.61 51.73
CA ASP B 118 -4.80 37.58 50.66
C ASP B 118 -5.93 37.39 49.66
N ASP B 119 -6.72 36.35 49.85
CA ASP B 119 -7.76 35.98 48.85
C ASP B 119 -9.14 36.47 49.24
N THR B 120 -10.06 36.55 48.26
CA THR B 120 -11.46 36.83 48.52
C THR B 120 -12.24 35.61 48.04
N LEU B 121 -13.14 35.11 48.90
CA LEU B 121 -14.06 34.03 48.58
C LEU B 121 -15.47 34.59 48.55
N VAL B 122 -16.30 34.00 47.71
CA VAL B 122 -17.69 34.43 47.68
C VAL B 122 -18.72 33.32 47.99
N ASP B 123 -19.61 33.62 48.91
CA ASP B 123 -20.72 32.79 49.29
C ASP B 123 -21.98 33.34 48.61
N ALA B 124 -22.38 32.67 47.54
CA ALA B 124 -23.54 33.12 46.79
C ALA B 124 -24.84 32.59 47.37
N GLY B 125 -25.66 33.45 47.95
CA GLY B 125 -26.90 33.01 48.62
C GLY B 125 -26.55 32.53 50.02
N CYS B 126 -26.09 33.45 50.88
CA CYS B 126 -25.29 33.07 52.04
C CYS B 126 -26.10 32.84 53.31
N GLY B 127 -27.41 32.94 53.25
CA GLY B 127 -28.22 32.66 54.46
C GLY B 127 -27.80 33.53 55.65
N ARG B 128 -27.77 32.95 56.87
CA ARG B 128 -27.39 33.74 58.06
C ARG B 128 -25.88 33.78 58.33
N GLY B 129 -25.10 33.16 57.44
CA GLY B 129 -23.66 33.36 57.41
C GLY B 129 -22.77 32.29 58.07
N GLY B 130 -23.33 31.24 58.65
CA GLY B 130 -22.52 30.18 59.26
C GLY B 130 -21.36 29.67 58.37
N SER B 131 -21.64 29.44 57.09
CA SER B 131 -20.56 28.98 56.19
C SER B 131 -19.44 29.99 55.99
N MET B 132 -19.80 31.28 56.03
CA MET B 132 -18.82 32.32 55.84
C MET B 132 -17.85 32.34 57.01
N VAL B 133 -18.40 32.24 58.22
CA VAL B 133 -17.59 32.16 59.43
C VAL B 133 -16.67 30.95 59.33
N MET B 134 -17.24 29.80 58.98
CA MET B 134 -16.39 28.59 58.82
C MET B 134 -15.24 28.73 57.81
N ALA B 135 -15.54 29.33 56.66
CA ALA B 135 -14.53 29.55 55.61
C ALA B 135 -13.44 30.52 56.10
N HIS B 136 -13.84 31.63 56.71
CA HIS B 136 -12.81 32.51 57.26
C HIS B 136 -11.91 31.83 58.32
N ARG B 137 -12.50 31.02 59.17
CA ARG B 137 -11.77 30.30 60.18
C ARG B 137 -10.84 29.26 59.52
N ARG B 138 -11.31 28.62 58.46
CA ARG B 138 -10.44 27.64 57.79
C ARG B 138 -9.32 28.26 56.94
N PHE B 139 -9.61 29.32 56.20
CA PHE B 139 -8.70 29.88 55.21
C PHE B 139 -8.04 31.23 55.60
N GLY B 140 -8.70 32.03 56.42
CA GLY B 140 -8.20 33.35 56.77
C GLY B 140 -8.57 34.40 55.74
N SER B 141 -9.27 33.98 54.69
CA SER B 141 -9.53 34.85 53.53
C SER B 141 -10.59 35.91 53.85
N ARG B 142 -10.68 36.90 53.00
CA ARG B 142 -11.85 37.78 53.01
C ARG B 142 -13.02 36.92 52.48
N VAL B 143 -14.20 37.04 53.06
CA VAL B 143 -15.35 36.27 52.62
C VAL B 143 -16.50 37.23 52.48
N GLU B 144 -17.05 37.29 51.27
CA GLU B 144 -18.16 38.16 50.94
C GLU B 144 -19.35 37.27 50.63
N GLY B 145 -20.46 37.53 51.30
CA GLY B 145 -21.71 36.86 51.00
C GLY B 145 -22.76 37.80 50.44
N VAL B 146 -23.61 37.26 49.58
CA VAL B 146 -24.75 38.01 49.12
C VAL B 146 -26.01 37.15 49.38
N THR B 147 -27.10 37.82 49.73
CA THR B 147 -28.38 37.16 50.02
C THR B 147 -29.44 38.18 49.62
N LEU B 148 -30.66 37.70 49.34
CA LEU B 148 -31.78 38.63 49.04
C LEU B 148 -32.44 39.25 50.25
N SER B 149 -32.07 38.76 51.43
CA SER B 149 -32.77 39.09 52.66
C SER B 149 -31.99 40.07 53.55
N ALA B 150 -32.58 41.26 53.80
CA ALA B 150 -31.94 42.22 54.69
C ALA B 150 -31.84 41.65 56.11
N ALA B 151 -32.86 40.87 56.51
CA ALA B 151 -32.84 40.27 57.84
C ALA B 151 -31.65 39.32 57.97
N GLN B 152 -31.42 38.48 56.95
CA GLN B 152 -30.30 37.55 57.02
C GLN B 152 -28.95 38.32 56.95
N ALA B 153 -28.86 39.35 56.10
CA ALA B 153 -27.58 40.05 55.99
C ALA B 153 -27.27 40.76 57.31
N ASP B 154 -28.30 41.36 57.92
CA ASP B 154 -28.12 42.01 59.20
C ASP B 154 -27.71 40.96 60.27
N PHE B 155 -28.32 39.79 60.21
CA PHE B 155 -28.01 38.75 61.21
C PHE B 155 -26.54 38.34 61.08
N GLY B 156 -26.10 38.12 59.84
CA GLY B 156 -24.75 37.65 59.63
C GLY B 156 -23.74 38.72 60.01
N ASN B 157 -24.02 40.00 59.70
CA ASN B 157 -23.04 41.04 60.01
C ASN B 157 -22.94 41.26 61.51
N ARG B 158 -24.07 41.17 62.19
CA ARG B 158 -24.04 41.18 63.66
C ARG B 158 -23.17 40.05 64.23
N ARG B 159 -23.39 38.84 63.74
CA ARG B 159 -22.52 37.71 64.14
C ARG B 159 -21.04 37.98 63.85
N ALA B 160 -20.73 38.56 62.68
CA ALA B 160 -19.35 38.85 62.34
C ALA B 160 -18.76 39.85 63.33
N ARG B 161 -19.56 40.85 63.71
CA ARG B 161 -19.08 41.81 64.71
C ARG B 161 -18.87 41.15 66.08
N GLU B 162 -19.80 40.29 66.48
CA GLU B 162 -19.68 39.57 67.75
C GLU B 162 -18.40 38.72 67.79
N LEU B 163 -17.99 38.24 66.63
CA LEU B 163 -16.84 37.31 66.52
C LEU B 163 -15.55 38.04 66.17
N ARG B 164 -15.65 39.38 66.04
CA ARG B 164 -14.55 40.28 65.70
C ARG B 164 -13.94 39.96 64.34
N ILE B 165 -14.74 39.49 63.38
CA ILE B 165 -14.22 39.15 62.08
C ILE B 165 -14.86 40.00 60.98
N ASP B 166 -15.59 41.06 61.41
CA ASP B 166 -16.29 41.93 60.48
C ASP B 166 -15.37 42.69 59.53
N ASP B 167 -14.08 42.76 59.84
CA ASP B 167 -13.10 43.35 58.91
C ASP B 167 -12.89 42.44 57.71
N HIS B 168 -13.20 41.16 57.88
CA HIS B 168 -12.94 40.19 56.84
C HIS B 168 -14.17 39.54 56.25
N VAL B 169 -15.27 39.53 57.00
CA VAL B 169 -16.45 38.79 56.62
C VAL B 169 -17.62 39.75 56.57
N ARG B 170 -18.30 39.81 55.42
CA ARG B 170 -19.39 40.76 55.22
C ARG B 170 -20.50 40.16 54.35
N SER B 171 -21.74 40.31 54.80
CA SER B 171 -22.89 39.94 53.99
C SER B 171 -23.52 41.21 53.44
N ARG B 172 -24.03 41.14 52.21
CA ARG B 172 -24.76 42.27 51.65
C ARG B 172 -26.02 41.76 50.95
N VAL B 173 -26.99 42.65 50.81
CA VAL B 173 -28.23 42.33 50.08
C VAL B 173 -27.92 42.60 48.62
N CYS B 174 -27.89 41.56 47.81
CA CYS B 174 -27.50 41.70 46.43
C CYS B 174 -27.94 40.41 45.71
N ASN B 175 -28.43 40.56 44.50
CA ASN B 175 -28.79 39.43 43.63
C ASN B 175 -27.51 38.75 43.13
N MET B 176 -27.35 37.48 43.43
CA MET B 176 -26.09 36.80 43.13
C MET B 176 -25.85 36.70 41.61
N LEU B 177 -26.87 36.99 40.80
CA LEU B 177 -26.67 36.99 39.33
C LEU B 177 -26.03 38.27 38.80
N ASP B 178 -25.86 39.28 39.66
CA ASP B 178 -25.45 40.61 39.23
C ASP B 178 -24.76 41.27 40.41
N THR B 179 -23.54 40.86 40.68
CA THR B 179 -22.82 41.26 41.90
C THR B 179 -21.80 42.35 41.58
N PRO B 180 -21.31 43.07 42.59
CA PRO B 180 -20.35 44.15 42.36
C PRO B 180 -18.89 43.70 42.31
N PHE B 181 -18.62 42.40 42.41
CA PHE B 181 -17.24 41.91 42.39
C PHE B 181 -16.61 42.16 41.02
N ASP B 182 -15.34 42.52 41.03
CA ASP B 182 -14.61 42.83 39.79
C ASP B 182 -14.34 41.54 39.03
N LYS B 183 -14.26 41.59 37.71
CA LYS B 183 -13.87 40.44 36.89
C LYS B 183 -12.57 39.82 37.42
N GLY B 184 -12.55 38.50 37.57
CA GLY B 184 -11.34 37.82 38.00
C GLY B 184 -10.77 38.19 39.38
N ALA B 185 -11.53 38.83 40.27
CA ALA B 185 -11.02 39.22 41.59
C ALA B 185 -11.19 38.12 42.64
N VAL B 186 -11.94 37.04 42.32
CA VAL B 186 -12.37 36.12 43.40
C VAL B 186 -11.58 34.81 43.24
N THR B 187 -11.05 34.27 44.34
CA THR B 187 -10.28 33.03 44.30
C THR B 187 -11.13 31.76 44.21
N ALA B 188 -12.21 31.68 44.99
CA ALA B 188 -13.08 30.51 44.99
C ALA B 188 -14.45 31.00 45.45
N SER B 189 -15.48 30.26 45.07
CA SER B 189 -16.82 30.70 45.40
C SER B 189 -17.72 29.47 45.41
N TRP B 190 -18.92 29.60 45.98
CA TRP B 190 -19.81 28.45 46.09
C TRP B 190 -21.27 28.84 46.24
N ASN B 191 -22.13 27.88 45.95
CA ASN B 191 -23.55 27.95 46.29
C ASN B 191 -23.83 26.73 47.16
N ASN B 192 -24.15 26.95 48.42
CA ASN B 192 -24.52 25.83 49.26
C ASN B 192 -26.03 25.86 49.34
N GLU B 193 -26.67 24.91 48.63
CA GLU B 193 -28.13 24.82 48.54
C GLU B 193 -28.78 26.17 48.26
N SER B 194 -28.40 26.83 47.16
CA SER B 194 -29.04 28.08 46.81
C SER B 194 -29.24 28.20 45.27
N THR B 195 -28.78 27.19 44.50
CA THR B 195 -28.84 27.29 43.06
C THR B 195 -30.29 27.14 42.57
N MET B 196 -31.19 26.59 43.39
CA MET B 196 -32.54 26.28 42.92
C MET B 196 -33.44 27.50 42.94
N TYR B 197 -32.84 28.68 43.11
CA TYR B 197 -33.64 29.90 43.07
C TYR B 197 -33.34 30.72 41.82
N VAL B 198 -32.45 30.21 40.99
CA VAL B 198 -31.99 30.97 39.80
C VAL B 198 -31.77 30.16 38.54
N ASP B 199 -31.79 30.85 37.40
CA ASP B 199 -31.41 30.27 36.13
C ASP B 199 -29.94 29.89 36.20
N LEU B 200 -29.60 28.65 35.87
CA LEU B 200 -28.21 28.19 36.04
C LEU B 200 -27.25 28.86 35.09
N HIS B 201 -27.69 29.02 33.86
CA HIS B 201 -26.78 29.64 32.88
C HIS B 201 -26.36 31.00 33.40
N ASP B 202 -27.32 31.79 33.87
CA ASP B 202 -27.00 33.13 34.34
C ASP B 202 -26.10 33.09 35.58
N LEU B 203 -26.40 32.13 36.47
CA LEU B 203 -25.60 31.97 37.67
C LEU B 203 -24.15 31.61 37.35
N PHE B 204 -23.91 30.60 36.52
CA PHE B 204 -22.52 30.20 36.26
C PHE B 204 -21.79 31.20 35.39
N SER B 205 -22.56 31.93 34.59
CA SER B 205 -21.94 33.04 33.81
C SER B 205 -21.36 34.05 34.82
N GLU B 206 -22.11 34.35 35.87
CA GLU B 206 -21.69 35.39 36.82
C GLU B 206 -20.52 34.88 37.68
N HIS B 207 -20.60 33.64 38.18
CA HIS B 207 -19.41 33.10 38.88
C HIS B 207 -18.18 33.08 37.95
N SER B 208 -18.40 32.69 36.70
CA SER B 208 -17.28 32.67 35.74
C SER B 208 -16.70 34.07 35.55
N ARG B 209 -17.53 35.08 35.61
CA ARG B 209 -17.04 36.44 35.44
C ARG B 209 -16.12 36.84 36.60
N PHE B 210 -16.55 36.63 37.84
CA PHE B 210 -15.74 37.08 38.96
C PHE B 210 -14.61 36.16 39.42
N LEU B 211 -14.68 34.87 39.10
CA LEU B 211 -13.62 33.98 39.49
C LEU B 211 -12.41 34.16 38.58
N LYS B 212 -11.23 34.24 39.17
CA LYS B 212 -9.98 34.32 38.39
C LYS B 212 -9.82 33.01 37.60
N VAL B 213 -9.02 33.07 36.52
CA VAL B 213 -8.56 31.86 35.87
C VAL B 213 -7.83 31.00 36.87
N GLY B 214 -8.19 29.71 36.93
CA GLY B 214 -7.70 28.86 37.99
C GLY B 214 -8.49 28.90 39.29
N GLY B 215 -9.52 29.75 39.36
CA GLY B 215 -10.34 29.80 40.58
C GLY B 215 -11.12 28.51 40.73
N ARG B 216 -11.71 28.31 41.90
CA ARG B 216 -12.47 27.12 42.17
C ARG B 216 -13.93 27.43 42.52
N TYR B 217 -14.82 26.56 42.07
CA TYR B 217 -16.24 26.66 42.35
C TYR B 217 -16.74 25.36 42.95
N VAL B 218 -17.65 25.46 43.91
CA VAL B 218 -18.31 24.28 44.41
C VAL B 218 -19.79 24.53 44.63
N THR B 219 -20.64 23.58 44.24
CA THR B 219 -22.01 23.56 44.74
C THR B 219 -22.32 22.23 45.42
N ILE B 220 -23.06 22.35 46.50
CA ILE B 220 -23.85 21.24 46.97
C ILE B 220 -25.31 21.57 46.71
N THR B 221 -26.01 20.64 46.09
CA THR B 221 -27.38 20.93 45.70
C THR B 221 -28.24 19.65 45.72
N GLY B 222 -29.57 19.84 45.64
CA GLY B 222 -30.46 18.73 45.40
C GLY B 222 -30.96 18.91 43.98
N CYS B 223 -30.78 17.88 43.15
CA CYS B 223 -31.17 18.01 41.75
C CYS B 223 -32.08 16.84 41.41
N TRP B 224 -33.05 17.07 40.53
CA TRP B 224 -33.81 15.91 40.09
C TRP B 224 -33.00 15.01 39.13
N ASN B 225 -33.25 13.72 39.16
CA ASN B 225 -32.38 12.81 38.41
C ASN B 225 -32.92 12.59 37.01
N PRO B 226 -32.16 12.98 35.99
CA PRO B 226 -32.68 12.80 34.62
C PRO B 226 -32.91 11.32 34.27
N ARG B 227 -32.28 10.44 35.05
CA ARG B 227 -32.48 9.03 34.82
C ARG B 227 -33.93 8.65 35.20
N TYR B 228 -34.51 9.43 36.11
CA TYR B 228 -35.88 9.18 36.52
C TYR B 228 -36.79 9.61 35.37
N GLY B 229 -36.45 10.74 34.73
CA GLY B 229 -37.15 11.17 33.53
C GLY B 229 -37.63 12.61 33.52
N GLN B 230 -38.40 12.97 34.53
CA GLN B 230 -38.87 14.36 34.80
C GLN B 230 -39.04 14.46 36.30
N PRO B 231 -39.33 15.66 36.81
CA PRO B 231 -39.44 15.81 38.27
C PRO B 231 -40.61 15.00 38.84
N SER B 232 -40.36 14.19 39.86
CA SER B 232 -41.43 13.39 40.47
C SER B 232 -42.35 14.27 41.30
N LYS B 233 -43.51 13.73 41.70
CA LYS B 233 -44.34 14.50 42.59
C LYS B 233 -43.58 15.00 43.84
N TRP B 234 -42.63 14.22 44.35
CA TRP B 234 -41.91 14.60 45.58
C TRP B 234 -41.09 15.85 45.35
N VAL B 235 -40.42 15.91 44.21
CA VAL B 235 -39.59 17.08 43.89
C VAL B 235 -40.48 18.29 43.80
N SER B 236 -41.62 18.13 43.16
CA SER B 236 -42.56 19.25 43.03
C SER B 236 -43.09 19.69 44.40
N GLN B 237 -43.29 18.73 45.31
CA GLN B 237 -43.69 19.07 46.69
C GLN B 237 -42.61 19.90 47.39
N ILE B 238 -41.36 19.51 47.17
CA ILE B 238 -40.25 20.35 47.71
C ILE B 238 -40.25 21.74 47.08
N ASN B 239 -40.34 21.82 45.74
CA ASN B 239 -40.51 23.12 45.08
C ASN B 239 -41.65 23.97 45.70
N ALA B 240 -42.83 23.38 45.87
CA ALA B 240 -43.95 24.17 46.40
C ALA B 240 -43.65 24.67 47.82
N HIS B 241 -42.96 23.82 48.59
CA HIS B 241 -42.68 24.04 50.02
C HIS B 241 -41.68 25.18 50.19
N PHE B 242 -40.67 25.27 49.32
CA PHE B 242 -39.64 26.31 49.47
C PHE B 242 -39.75 27.43 48.44
N GLU B 243 -40.76 27.36 47.56
CA GLU B 243 -40.95 28.31 46.45
C GLU B 243 -39.69 28.32 45.59
N CYS B 244 -39.11 27.15 45.36
CA CYS B 244 -37.88 27.08 44.57
C CYS B 244 -38.10 26.32 43.26
N ASN B 245 -37.02 26.07 42.54
CA ASN B 245 -37.14 25.47 41.23
C ASN B 245 -35.98 24.52 41.05
N ILE B 246 -36.10 23.35 41.66
CA ILE B 246 -35.07 22.34 41.53
C ILE B 246 -34.73 21.99 40.07
N HIS B 247 -33.43 21.97 39.72
CA HIS B 247 -32.99 21.77 38.35
C HIS B 247 -32.56 20.35 38.18
N SER B 248 -32.51 19.85 36.97
CA SER B 248 -32.02 18.47 36.80
C SER B 248 -30.48 18.41 36.80
N ARG B 249 -29.95 17.21 37.08
CA ARG B 249 -28.49 17.03 37.05
C ARG B 249 -27.98 17.44 35.67
N ARG B 250 -28.77 17.17 34.64
CA ARG B 250 -28.33 17.46 33.28
C ARG B 250 -28.12 18.97 33.09
N GLU B 251 -29.06 19.75 33.61
CA GLU B 251 -28.98 21.20 33.53
C GLU B 251 -27.76 21.75 34.23
N TYR B 252 -27.40 21.20 35.40
CA TYR B 252 -26.17 21.68 36.12
C TYR B 252 -24.94 21.56 35.23
N LEU B 253 -24.77 20.38 34.63
CA LEU B 253 -23.54 20.11 33.91
C LEU B 253 -23.56 20.89 32.61
N ARG B 254 -24.73 21.03 32.01
CA ARG B 254 -24.80 21.79 30.75
C ARG B 254 -24.45 23.27 30.98
N ALA B 255 -25.07 23.85 32.00
CA ALA B 255 -24.79 25.24 32.30
C ALA B 255 -23.30 25.44 32.62
N MET B 256 -22.69 24.48 33.32
CA MET B 256 -21.25 24.66 33.65
C MET B 256 -20.40 24.64 32.38
N ALA B 257 -20.66 23.68 31.50
CA ALA B 257 -19.92 23.54 30.25
C ALA B 257 -20.07 24.76 29.36
N ASP B 258 -21.23 25.42 29.45
CA ASP B 258 -21.47 26.60 28.62
C ASP B 258 -20.85 27.84 29.25
N ASN B 259 -20.23 27.71 30.42
CA ASN B 259 -19.67 28.85 31.15
C ASN B 259 -18.27 28.70 31.77
N ARG B 260 -17.41 27.93 31.16
CA ARG B 260 -16.02 27.87 31.65
C ARG B 260 -15.86 27.27 33.03
N LEU B 261 -16.87 26.57 33.53
CA LEU B 261 -16.68 25.82 34.78
C LEU B 261 -16.51 24.36 34.39
N VAL B 262 -15.43 23.74 34.87
CA VAL B 262 -15.17 22.34 34.48
C VAL B 262 -15.03 21.45 35.73
N PRO B 263 -16.08 20.67 36.03
CA PRO B 263 -16.03 19.79 37.19
C PRO B 263 -14.77 18.91 37.22
N HIS B 264 -14.14 18.78 38.39
CA HIS B 264 -13.04 17.81 38.60
C HIS B 264 -13.52 16.74 39.58
N THR B 265 -14.60 17.07 40.30
CA THR B 265 -15.19 16.14 41.28
C THR B 265 -16.69 16.23 41.29
N ILE B 266 -17.35 15.06 41.14
CA ILE B 266 -18.79 14.98 41.32
C ILE B 266 -19.06 13.78 42.24
N VAL B 267 -19.83 14.02 43.28
CA VAL B 267 -20.03 13.01 44.33
C VAL B 267 -21.53 12.97 44.58
N ASP B 268 -22.13 11.79 44.39
CA ASP B 268 -23.52 11.63 44.70
C ASP B 268 -23.62 11.37 46.19
N LEU B 269 -24.10 12.36 46.94
CA LEU B 269 -24.17 12.33 48.40
C LEU B 269 -25.50 11.82 48.94
N THR B 270 -26.32 11.29 48.06
CA THR B 270 -27.60 10.82 48.50
C THR B 270 -27.52 9.81 49.64
N PRO B 271 -26.70 8.75 49.50
CA PRO B 271 -26.59 7.84 50.66
C PRO B 271 -25.99 8.48 51.93
N ASP B 272 -25.23 9.57 51.77
CA ASP B 272 -24.57 10.21 52.91
C ASP B 272 -25.47 11.19 53.63
N THR B 273 -26.56 11.62 52.99
CA THR B 273 -27.52 12.56 53.63
C THR B 273 -28.74 11.80 54.20
N LEU B 274 -29.00 10.60 53.73
CA LEU B 274 -30.19 9.89 54.26
C LEU B 274 -30.15 9.71 55.81
N PRO B 275 -28.98 9.37 56.39
CA PRO B 275 -28.97 9.23 57.86
C PRO B 275 -29.39 10.52 58.54
N TYR B 276 -28.92 11.67 58.05
CA TYR B 276 -29.34 12.95 58.63
C TYR B 276 -30.89 13.09 58.59
N TRP B 277 -31.49 12.75 57.47
CA TRP B 277 -32.90 12.96 57.26
C TRP B 277 -33.74 12.01 58.12
N GLU B 278 -33.27 10.78 58.23
CA GLU B 278 -33.98 9.75 59.03
C GLU B 278 -33.89 10.11 60.49
N LEU B 279 -32.74 10.64 60.91
CA LEU B 279 -32.62 11.12 62.28
C LEU B 279 -33.51 12.34 62.51
N ARG B 280 -33.50 13.28 61.57
CA ARG B 280 -34.33 14.46 61.64
C ARG B 280 -35.81 14.14 61.76
N ALA B 281 -36.24 13.07 61.09
CA ALA B 281 -37.65 12.75 61.08
C ALA B 281 -38.09 12.32 62.48
N THR B 282 -37.15 12.00 63.36
CA THR B 282 -37.48 11.53 64.75
C THR B 282 -37.57 12.70 65.71
N SER B 283 -37.23 13.90 65.22
CA SER B 283 -37.12 15.12 66.04
C SER B 283 -38.42 15.91 66.12
N SER B 284 -38.72 16.49 67.29
CA SER B 284 -39.95 17.31 67.43
C SER B 284 -39.86 18.57 66.54
N LEU B 285 -38.66 18.86 66.05
CA LEU B 285 -38.45 20.07 65.26
C LEU B 285 -38.79 19.94 63.77
N VAL B 286 -39.23 18.73 63.37
CA VAL B 286 -39.69 18.44 61.99
C VAL B 286 -40.54 19.56 61.35
N THR B 287 -40.46 19.77 60.03
CA THR B 287 -41.22 20.86 59.42
C THR B 287 -42.29 20.24 58.54
N GLY B 288 -42.17 18.95 58.30
CA GLY B 288 -43.17 18.26 57.49
C GLY B 288 -42.73 17.91 56.06
N ILE B 289 -41.54 18.36 55.67
CA ILE B 289 -41.03 18.14 54.33
C ILE B 289 -40.18 16.88 54.30
N GLU B 290 -40.01 16.26 55.48
CA GLU B 290 -39.08 15.13 55.64
C GLU B 290 -39.43 13.95 54.75
N LYS B 291 -40.73 13.66 54.65
CA LYS B 291 -41.14 12.52 53.83
C LYS B 291 -40.75 12.70 52.35
N ALA B 292 -40.97 13.89 51.81
CA ALA B 292 -40.69 14.13 50.39
C ALA B 292 -39.20 13.96 50.07
N PHE B 293 -38.34 14.41 50.98
CA PHE B 293 -36.92 14.21 50.79
C PHE B 293 -36.55 12.72 50.88
N ILE B 294 -37.03 12.03 51.90
CA ILE B 294 -36.59 10.68 52.10
C ILE B 294 -37.14 9.76 51.01
N GLU B 295 -38.40 9.97 50.63
CA GLU B 295 -39.01 9.08 49.61
C GLU B 295 -38.34 9.26 48.24
N SER B 296 -38.07 10.50 47.87
CA SER B 296 -37.42 10.79 46.57
C SER B 296 -35.96 10.35 46.51
N TYR B 297 -35.21 10.50 47.61
CA TYR B 297 -33.85 9.95 47.67
C TYR B 297 -33.90 8.44 47.47
N ARG B 298 -34.83 7.76 48.16
CA ARG B 298 -34.88 6.29 48.10
C ARG B 298 -35.40 5.76 46.77
N ASP B 299 -36.28 6.50 46.09
CA ASP B 299 -36.85 5.98 44.86
C ASP B 299 -36.09 6.43 43.60
N GLY B 300 -35.07 7.26 43.81
CA GLY B 300 -34.15 7.61 42.73
C GLY B 300 -34.57 8.83 41.92
N SER B 301 -35.67 9.46 42.29
CA SER B 301 -36.13 10.62 41.54
C SER B 301 -35.35 11.87 41.87
N PHE B 302 -34.73 11.91 43.05
CA PHE B 302 -34.11 13.15 43.52
C PHE B 302 -32.77 12.79 44.09
N GLN B 303 -31.77 13.66 43.94
CA GLN B 303 -30.47 13.25 44.45
C GLN B 303 -29.75 14.43 45.07
N TYR B 304 -28.89 14.13 46.03
CA TYR B 304 -28.10 15.16 46.72
C TYR B 304 -26.68 15.08 46.17
N VAL B 305 -26.15 16.15 45.60
CA VAL B 305 -24.87 16.06 44.88
C VAL B 305 -23.91 17.22 45.18
N LEU B 306 -22.61 16.92 45.18
CA LEU B 306 -21.62 17.96 45.21
C LEU B 306 -20.94 17.97 43.82
N ILE B 307 -20.84 19.14 43.22
CA ILE B 307 -20.04 19.28 42.00
C ILE B 307 -18.99 20.33 42.30
N ALA B 308 -17.71 19.98 42.12
CA ALA B 308 -16.62 20.91 42.35
C ALA B 308 -15.92 21.12 41.00
N ALA B 309 -15.68 22.38 40.65
CA ALA B 309 -15.20 22.70 39.29
C ALA B 309 -14.09 23.72 39.30
N ASP B 310 -13.31 23.73 38.22
CA ASP B 310 -12.30 24.74 38.02
C ASP B 310 -12.81 25.78 37.02
N ARG B 311 -12.48 27.05 37.25
CA ARG B 311 -12.76 28.07 36.29
C ARG B 311 -11.57 28.18 35.35
N VAL B 312 -11.82 27.84 34.09
CA VAL B 312 -10.73 27.69 33.10
C VAL B 312 -10.80 28.73 32.01
N PRO C 35 -20.72 61.03 13.41
CA PRO C 35 -20.03 59.75 13.54
C PRO C 35 -19.93 59.08 12.19
N ALA C 36 -18.73 58.70 11.77
CA ALA C 36 -18.54 58.07 10.46
C ALA C 36 -19.43 56.82 10.28
N PRO C 37 -19.80 56.50 9.02
CA PRO C 37 -20.67 55.32 8.84
C PRO C 37 -19.97 54.04 9.29
N ALA C 38 -20.73 53.09 9.79
CA ALA C 38 -20.13 51.87 10.36
C ALA C 38 -19.54 50.94 9.29
N THR C 39 -20.15 50.93 8.12
CA THR C 39 -19.77 50.00 7.05
C THR C 39 -20.19 50.69 5.78
N PRO C 40 -19.64 50.26 4.64
CA PRO C 40 -20.03 50.81 3.34
C PRO C 40 -21.55 50.69 3.15
N TYR C 41 -22.12 49.59 3.66
CA TYR C 41 -23.57 49.39 3.47
C TYR C 41 -24.32 50.46 4.30
N GLN C 42 -23.83 50.73 5.47
CA GLN C 42 -24.51 51.76 6.28
C GLN C 42 -24.34 53.15 5.68
N GLU C 43 -23.25 53.37 4.92
CA GLU C 43 -23.12 54.64 4.20
C GLU C 43 -24.18 54.74 3.14
N ASP C 44 -24.41 53.64 2.42
CA ASP C 44 -25.46 53.60 1.42
C ASP C 44 -26.80 54.00 2.02
N ILE C 45 -27.11 53.44 3.17
CA ILE C 45 -28.44 53.64 3.72
C ILE C 45 -28.60 55.07 4.24
N ALA C 46 -27.54 55.64 4.82
CA ALA C 46 -27.57 57.06 5.21
C ALA C 46 -27.82 57.90 3.97
N ARG C 47 -27.11 57.58 2.89
CA ARG C 47 -27.27 58.35 1.65
C ARG C 47 -28.71 58.29 1.13
N TYR C 48 -29.26 57.08 1.10
CA TYR C 48 -30.62 56.83 0.62
C TYR C 48 -31.60 57.75 1.35
N TRP C 49 -31.55 57.73 2.68
CA TRP C 49 -32.54 58.45 3.49
C TRP C 49 -32.24 59.95 3.53
N ASN C 50 -30.96 60.32 3.40
CA ASN C 50 -30.65 61.75 3.27
C ASN C 50 -31.19 62.29 1.95
N ASN C 51 -31.34 61.42 0.97
CA ASN C 51 -31.81 61.87 -0.31
C ASN C 51 -33.31 61.73 -0.56
N GLU C 52 -33.99 60.99 0.31
CA GLU C 52 -35.41 60.70 0.09
C GLU C 52 -36.32 61.87 0.46
N ALA C 53 -37.37 62.09 -0.34
CA ALA C 53 -38.46 63.00 0.03
C ALA C 53 -39.69 62.75 -0.83
N ARG C 54 -40.19 61.52 -0.88
CA ARG C 54 -41.33 61.22 -1.76
C ARG C 54 -42.66 61.83 -1.29
N PRO C 55 -43.52 62.27 -2.23
CA PRO C 55 -44.86 62.80 -1.88
C PRO C 55 -45.71 61.80 -1.09
N VAL C 56 -45.55 60.53 -1.40
CA VAL C 56 -46.38 59.50 -0.76
C VAL C 56 -46.10 59.44 0.72
N ASN C 57 -44.97 60.04 1.10
CA ASN C 57 -44.65 60.18 2.52
C ASN C 57 -44.91 61.58 3.06
N LEU C 58 -44.50 62.62 2.34
CA LEU C 58 -44.57 63.95 2.95
C LEU C 58 -46.00 64.52 2.88
N ARG C 59 -46.71 64.27 1.79
CA ARG C 59 -48.10 64.77 1.70
C ARG C 59 -48.99 64.05 2.74
N LEU C 60 -48.79 62.74 2.92
CA LEU C 60 -49.49 62.03 4.01
C LEU C 60 -49.19 62.66 5.38
N GLY C 61 -47.92 62.85 5.67
CA GLY C 61 -47.57 63.36 6.98
C GLY C 61 -48.06 64.78 7.18
N ASP C 62 -48.15 65.52 6.09
CA ASP C 62 -48.65 66.90 6.10
C ASP C 62 -50.07 66.99 6.68
N VAL C 63 -50.78 65.86 6.69
CA VAL C 63 -52.18 65.88 7.15
C VAL C 63 -52.27 66.39 8.59
N ASP C 64 -51.42 65.84 9.47
CA ASP C 64 -51.44 66.23 10.90
C ASP C 64 -50.07 66.34 11.55
N GLY C 65 -49.02 66.46 10.76
CA GLY C 65 -47.68 66.66 11.31
C GLY C 65 -47.03 65.38 11.84
N LEU C 66 -47.60 64.23 11.47
CA LEU C 66 -47.08 62.93 11.86
C LEU C 66 -46.44 62.24 10.66
N TYR C 67 -45.11 62.26 10.61
CA TYR C 67 -44.39 61.85 9.43
C TYR C 67 -43.89 60.42 9.54
N HIS C 68 -44.51 59.53 8.78
CA HIS C 68 -44.25 58.08 8.89
C HIS C 68 -43.54 57.56 7.64
N HIS C 69 -42.77 56.50 7.83
CA HIS C 69 -42.22 55.72 6.75
C HIS C 69 -42.49 54.24 7.00
N HIS C 70 -43.76 53.84 6.98
CA HIS C 70 -44.16 52.46 7.17
C HIS C 70 -45.56 52.33 6.58
N TYR C 71 -46.04 51.10 6.47
CA TYR C 71 -47.29 50.85 5.73
C TYR C 71 -48.51 50.77 6.67
N GLY C 72 -49.69 50.57 6.10
CA GLY C 72 -50.92 50.69 6.86
C GLY C 72 -51.60 49.37 7.18
N ILE C 73 -52.50 49.40 8.16
CA ILE C 73 -53.32 48.24 8.43
C ILE C 73 -54.72 48.71 8.77
N GLY C 74 -55.69 47.84 8.54
CA GLY C 74 -57.07 48.12 8.94
C GLY C 74 -57.93 48.25 7.70
N PRO C 75 -59.26 48.11 7.85
CA PRO C 75 -60.16 48.25 6.70
C PRO C 75 -60.23 49.68 6.22
N VAL C 76 -60.33 49.84 4.90
CA VAL C 76 -60.56 51.13 4.30
C VAL C 76 -61.95 51.67 4.66
N ASP C 77 -61.96 52.93 5.07
CA ASP C 77 -63.22 53.65 5.32
C ASP C 77 -63.77 54.16 3.97
N ARG C 78 -64.57 53.34 3.29
CA ARG C 78 -65.13 53.75 1.98
C ARG C 78 -65.97 55.01 2.05
N ALA C 79 -66.81 55.13 3.07
CA ALA C 79 -67.70 56.30 3.15
C ALA C 79 -66.88 57.57 3.21
N ALA C 80 -65.77 57.51 3.95
CA ALA C 80 -64.92 58.69 4.08
C ALA C 80 -64.28 59.09 2.75
N LEU C 81 -63.87 58.09 1.95
CA LEU C 81 -63.33 58.36 0.61
C LEU C 81 -64.37 59.04 -0.31
N GLY C 82 -65.61 58.52 -0.28
CA GLY C 82 -66.69 59.10 -1.07
C GLY C 82 -66.58 58.76 -2.55
N ASP C 83 -67.09 59.64 -3.41
CA ASP C 83 -67.12 59.39 -4.86
C ASP C 83 -65.77 59.60 -5.50
N PRO C 84 -65.26 58.55 -6.16
CA PRO C 84 -63.97 58.65 -6.87
C PRO C 84 -63.89 59.74 -7.96
N GLU C 85 -65.04 60.15 -8.51
CA GLU C 85 -65.06 61.16 -9.56
C GLU C 85 -65.13 62.57 -8.98
N HIS C 86 -65.28 62.67 -7.68
CA HIS C 86 -65.31 63.99 -7.07
C HIS C 86 -63.92 64.59 -7.12
N SER C 87 -63.84 65.91 -7.22
CA SER C 87 -62.58 66.62 -7.41
C SER C 87 -61.62 66.43 -6.22
N GLU C 88 -62.21 66.10 -5.07
CA GLU C 88 -61.47 66.05 -3.80
C GLU C 88 -61.06 64.65 -3.45
N TYR C 89 -61.20 63.73 -4.40
CA TYR C 89 -61.01 62.33 -4.06
C TYR C 89 -59.55 62.08 -3.72
N GLU C 90 -58.64 62.67 -4.47
CA GLU C 90 -57.24 62.38 -4.21
C GLU C 90 -56.86 62.80 -2.79
N LYS C 91 -57.32 63.99 -2.38
CA LYS C 91 -57.04 64.47 -1.05
C LYS C 91 -57.64 63.55 0.02
N LYS C 92 -58.81 62.95 -0.25
CA LYS C 92 -59.39 62.01 0.72
C LYS C 92 -58.62 60.67 0.77
N VAL C 93 -58.14 60.22 -0.37
CA VAL C 93 -57.31 59.04 -0.43
C VAL C 93 -56.02 59.27 0.41
N ILE C 94 -55.41 60.44 0.26
CA ILE C 94 -54.21 60.78 1.08
C ILE C 94 -54.54 60.68 2.57
N ALA C 95 -55.66 61.26 3.00
CA ALA C 95 -56.01 61.23 4.42
C ALA C 95 -56.23 59.82 4.89
N GLU C 96 -56.83 59.00 4.03
CA GLU C 96 -57.16 57.65 4.40
C GLU C 96 -55.91 56.76 4.48
N LEU C 97 -55.04 56.88 3.49
CA LEU C 97 -53.78 56.12 3.55
C LEU C 97 -53.01 56.54 4.79
N HIS C 98 -52.99 57.84 5.09
CA HIS C 98 -52.32 58.31 6.34
C HIS C 98 -52.95 57.76 7.61
N ARG C 99 -54.27 57.72 7.65
CA ARG C 99 -54.95 57.10 8.82
C ARG C 99 -54.55 55.63 9.00
N LEU C 100 -54.43 54.87 7.92
CA LEU C 100 -54.09 53.46 8.07
C LEU C 100 -52.62 53.35 8.52
N GLU C 101 -51.78 54.29 8.09
CA GLU C 101 -50.34 54.26 8.53
C GLU C 101 -50.19 54.65 10.00
N SER C 102 -50.99 55.63 10.45
CA SER C 102 -51.01 55.95 11.87
C SER C 102 -51.62 54.83 12.70
N ALA C 103 -52.64 54.12 12.19
CA ALA C 103 -53.20 52.98 12.90
C ALA C 103 -52.20 51.84 13.14
N GLN C 104 -51.31 51.66 12.18
CA GLN C 104 -50.30 50.59 12.28
C GLN C 104 -49.40 50.93 13.49
N ALA C 105 -49.07 52.20 13.65
CA ALA C 105 -48.25 52.61 14.81
C ALA C 105 -49.00 52.47 16.16
N GLU C 106 -50.27 52.87 16.21
CA GLU C 106 -51.08 52.59 17.40
C GLU C 106 -51.07 51.08 17.73
N PHE C 107 -51.19 50.24 16.71
CA PHE C 107 -51.20 48.81 16.97
C PHE C 107 -49.85 48.32 17.57
N LEU C 108 -48.75 48.84 17.03
CA LEU C 108 -47.43 48.57 17.60
C LEU C 108 -47.37 48.96 19.06
N MET C 109 -47.79 50.19 19.35
CA MET C 109 -47.72 50.69 20.72
C MET C 109 -48.63 49.90 21.68
N ASP C 110 -49.71 49.31 21.15
CA ASP C 110 -50.57 48.45 21.95
C ASP C 110 -49.79 47.23 22.51
N HIS C 111 -48.65 46.92 21.90
CA HIS C 111 -47.92 45.75 22.36
C HIS C 111 -46.69 46.11 23.20
N LEU C 112 -46.59 47.38 23.58
CA LEU C 112 -45.38 47.83 24.31
C LEU C 112 -45.47 47.70 25.82
N GLY C 113 -46.63 47.28 26.29
CA GLY C 113 -46.86 47.21 27.70
C GLY C 113 -47.04 48.59 28.26
N GLN C 114 -46.81 48.69 29.56
CA GLN C 114 -47.02 49.93 30.26
C GLN C 114 -45.75 50.76 30.25
N ALA C 115 -45.92 52.06 30.05
CA ALA C 115 -44.80 52.96 30.12
C ALA C 115 -45.38 54.28 30.61
N GLY C 116 -44.60 55.02 31.38
CA GLY C 116 -45.05 56.35 31.77
C GLY C 116 -43.95 57.39 31.71
N PRO C 117 -44.26 58.60 32.19
CA PRO C 117 -43.35 59.75 32.11
C PRO C 117 -41.93 59.51 32.64
N ASP C 118 -41.73 58.56 33.55
CA ASP C 118 -40.39 58.35 34.11
C ASP C 118 -39.59 57.35 33.28
N ASP C 119 -40.20 56.79 32.24
CA ASP C 119 -39.53 55.71 31.49
C ASP C 119 -38.89 56.26 30.22
N THR C 120 -37.89 55.54 29.73
CA THR C 120 -37.29 55.89 28.46
C THR C 120 -37.68 54.81 27.45
N LEU C 121 -38.10 55.24 26.25
CA LEU C 121 -38.48 54.35 25.14
C LEU C 121 -37.49 54.63 23.99
N VAL C 122 -37.10 53.60 23.24
CA VAL C 122 -36.19 53.78 22.09
C VAL C 122 -36.85 53.37 20.78
N ASP C 123 -36.81 54.28 19.79
CA ASP C 123 -37.28 53.97 18.46
C ASP C 123 -36.04 53.67 17.61
N ALA C 124 -35.82 52.39 17.31
CA ALA C 124 -34.62 51.95 16.56
C ALA C 124 -34.86 52.06 15.04
N GLY C 125 -34.24 53.06 14.43
CA GLY C 125 -34.34 53.38 13.00
C GLY C 125 -35.59 54.25 12.82
N CYS C 126 -35.52 55.49 13.30
CA CYS C 126 -36.75 56.24 13.65
C CYS C 126 -37.34 57.14 12.57
N GLY C 127 -36.76 57.15 11.38
CA GLY C 127 -37.28 57.93 10.27
C GLY C 127 -37.40 59.39 10.64
N ARG C 128 -38.48 60.03 10.21
CA ARG C 128 -38.72 61.47 10.46
C ARG C 128 -39.40 61.74 11.79
N GLY C 129 -39.67 60.69 12.56
CA GLY C 129 -40.04 60.86 13.96
C GLY C 129 -41.51 60.69 14.33
N GLY C 130 -42.36 60.36 13.36
CA GLY C 130 -43.80 60.30 13.59
C GLY C 130 -44.18 59.37 14.71
N SER C 131 -43.55 58.20 14.74
CA SER C 131 -43.84 57.23 15.79
C SER C 131 -43.37 57.71 17.16
N MET C 132 -42.34 58.52 17.17
CA MET C 132 -41.82 59.02 18.45
C MET C 132 -42.81 60.03 19.01
N VAL C 133 -43.28 60.92 18.15
CA VAL C 133 -44.35 61.85 18.55
C VAL C 133 -45.57 61.05 19.08
N MET C 134 -46.00 60.02 18.34
CA MET C 134 -47.16 59.28 18.80
C MET C 134 -46.89 58.59 20.13
N ALA C 135 -45.68 58.08 20.33
CA ALA C 135 -45.40 57.37 21.58
C ALA C 135 -45.37 58.34 22.77
N HIS C 136 -44.88 59.55 22.54
CA HIS C 136 -44.92 60.53 23.61
C HIS C 136 -46.38 60.94 23.96
N ARG C 137 -47.24 61.02 22.96
CA ARG C 137 -48.66 61.32 23.16
C ARG C 137 -49.36 60.21 23.90
N ARG C 138 -48.93 58.98 23.63
CA ARG C 138 -49.59 57.83 24.21
C ARG C 138 -49.16 57.62 25.67
N PHE C 139 -47.86 57.73 25.94
CA PHE C 139 -47.30 57.36 27.22
C PHE C 139 -46.74 58.52 28.06
N GLY C 140 -46.32 59.61 27.41
CA GLY C 140 -45.68 60.72 28.12
C GLY C 140 -44.21 60.45 28.45
N SER C 141 -43.68 59.31 28.01
CA SER C 141 -42.30 58.96 28.31
C SER C 141 -41.25 59.80 27.60
N ARG C 142 -40.00 59.67 28.03
CA ARG C 142 -38.90 60.16 27.21
C ARG C 142 -38.82 59.20 26.02
N VAL C 143 -38.61 59.73 24.83
CA VAL C 143 -38.55 58.91 23.63
C VAL C 143 -37.31 59.27 22.83
N GLU C 144 -36.37 58.33 22.73
CA GLU C 144 -35.13 58.54 21.98
C GLU C 144 -35.19 57.77 20.68
N GLY C 145 -34.92 58.43 19.56
CA GLY C 145 -34.82 57.71 18.31
C GLY C 145 -33.42 57.74 17.73
N VAL C 146 -33.07 56.71 16.98
CA VAL C 146 -31.80 56.72 16.24
C VAL C 146 -32.04 56.46 14.78
N THR C 147 -31.31 57.17 13.93
CA THR C 147 -31.44 56.99 12.51
C THR C 147 -30.05 57.16 11.90
N LEU C 148 -29.83 56.57 10.74
CA LEU C 148 -28.59 56.80 10.01
C LEU C 148 -28.54 58.15 9.29
N SER C 149 -29.69 58.83 9.18
CA SER C 149 -29.86 60.00 8.35
C SER C 149 -29.91 61.34 9.14
N ALA C 150 -28.91 62.21 8.94
CA ALA C 150 -28.89 63.53 9.55
C ALA C 150 -30.10 64.37 9.12
N ALA C 151 -30.46 64.33 7.82
CA ALA C 151 -31.65 65.04 7.34
C ALA C 151 -32.87 64.60 8.15
N GLN C 152 -33.00 63.30 8.39
CA GLN C 152 -34.14 62.80 9.14
C GLN C 152 -34.14 63.22 10.59
N ALA C 153 -33.00 63.06 11.26
CA ALA C 153 -32.85 63.49 12.65
C ALA C 153 -33.19 64.99 12.77
N ASP C 154 -32.66 65.81 11.86
CA ASP C 154 -32.90 67.25 11.96
C ASP C 154 -34.39 67.53 11.76
N PHE C 155 -35.01 66.82 10.84
CA PHE C 155 -36.43 67.02 10.56
C PHE C 155 -37.27 66.69 11.79
N GLY C 156 -36.99 65.53 12.38
CA GLY C 156 -37.74 65.11 13.54
C GLY C 156 -37.52 66.07 14.71
N ASN C 157 -36.28 66.51 14.91
CA ASN C 157 -36.05 67.40 16.04
C ASN C 157 -36.74 68.74 15.82
N ARG C 158 -36.74 69.25 14.58
CA ARG C 158 -37.53 70.46 14.29
C ARG C 158 -39.02 70.30 14.62
N ARG C 159 -39.58 69.14 14.30
CA ARG C 159 -40.99 68.89 14.54
C ARG C 159 -41.26 68.81 16.06
N ALA C 160 -40.32 68.19 16.78
CA ALA C 160 -40.47 68.12 18.24
C ALA C 160 -40.44 69.54 18.88
N ARG C 161 -39.63 70.45 18.34
CA ARG C 161 -39.57 71.81 18.88
C ARG C 161 -40.88 72.51 18.59
N GLU C 162 -41.44 72.26 17.40
CA GLU C 162 -42.72 72.87 17.00
C GLU C 162 -43.81 72.47 18.00
N LEU C 163 -43.74 71.20 18.39
CA LEU C 163 -44.72 70.65 19.33
C LEU C 163 -44.35 70.94 20.79
N ARG C 164 -43.19 71.56 21.01
CA ARG C 164 -42.73 71.85 22.37
C ARG C 164 -42.52 70.61 23.26
N ILE C 165 -42.09 69.50 22.65
CA ILE C 165 -41.82 68.25 23.35
C ILE C 165 -40.35 67.84 23.14
N ASP C 166 -39.53 68.76 22.66
CA ASP C 166 -38.11 68.53 22.44
C ASP C 166 -37.33 68.24 23.69
N ASP C 167 -37.87 68.55 24.86
CA ASP C 167 -37.20 68.17 26.12
C ASP C 167 -37.41 66.69 26.44
N HIS C 168 -38.38 66.06 25.77
CA HIS C 168 -38.65 64.64 26.00
C HIS C 168 -38.38 63.75 24.78
N VAL C 169 -38.40 64.33 23.58
CA VAL C 169 -38.35 63.55 22.33
C VAL C 169 -37.16 64.05 21.55
N ARG C 170 -36.25 63.13 21.17
CA ARG C 170 -34.99 63.47 20.55
C ARG C 170 -34.56 62.36 19.58
N SER C 171 -34.18 62.77 18.36
CA SER C 171 -33.64 61.89 17.35
C SER C 171 -32.15 62.20 17.26
N ARG C 172 -31.35 61.17 17.03
CA ARG C 172 -29.92 61.37 16.82
C ARG C 172 -29.43 60.50 15.71
N VAL C 173 -28.30 60.89 15.09
CA VAL C 173 -27.70 60.07 14.06
C VAL C 173 -26.78 59.07 14.76
N CYS C 174 -27.15 57.80 14.66
CA CYS C 174 -26.42 56.76 15.36
C CYS C 174 -26.82 55.42 14.77
N ASN C 175 -25.87 54.51 14.65
CA ASN C 175 -26.14 53.14 14.25
C ASN C 175 -26.88 52.43 15.37
N MET C 176 -28.04 51.83 15.08
CA MET C 176 -28.88 51.19 16.10
C MET C 176 -28.28 49.87 16.62
N LEU C 177 -27.21 49.37 15.95
CA LEU C 177 -26.46 48.19 16.47
C LEU C 177 -25.43 48.58 17.57
N ASP C 178 -25.23 49.89 17.75
CA ASP C 178 -24.16 50.41 18.63
C ASP C 178 -24.57 51.76 19.21
N THR C 179 -25.49 51.74 20.17
CA THR C 179 -26.09 52.98 20.68
C THR C 179 -25.41 53.43 21.99
N PRO C 180 -25.67 54.68 22.39
CA PRO C 180 -25.08 55.19 23.64
C PRO C 180 -25.93 54.90 24.88
N PHE C 181 -27.05 54.20 24.74
CA PHE C 181 -27.88 53.95 25.90
C PHE C 181 -27.24 53.00 26.89
N ASP C 182 -27.38 53.32 28.16
CA ASP C 182 -26.78 52.49 29.22
C ASP C 182 -27.46 51.14 29.29
N LYS C 183 -26.71 50.11 29.70
CA LYS C 183 -27.27 48.78 29.88
C LYS C 183 -28.47 48.83 30.84
N GLY C 184 -29.57 48.17 30.46
CA GLY C 184 -30.75 48.14 31.28
C GLY C 184 -31.46 49.47 31.56
N ALA C 185 -31.14 50.52 30.81
CA ALA C 185 -31.77 51.84 31.06
C ALA C 185 -33.13 52.03 30.40
N VAL C 186 -33.44 51.18 29.44
CA VAL C 186 -34.60 51.42 28.56
C VAL C 186 -35.80 50.51 28.93
N THR C 187 -36.99 51.11 29.04
CA THR C 187 -38.20 50.38 29.38
C THR C 187 -38.77 49.56 28.22
N ALA C 188 -38.77 50.12 27.02
CA ALA C 188 -39.40 49.45 25.90
C ALA C 188 -38.81 50.03 24.64
N SER C 189 -38.77 49.23 23.58
CA SER C 189 -38.15 49.71 22.35
C SER C 189 -38.76 48.97 21.16
N TRP C 190 -38.56 49.48 19.95
CA TRP C 190 -39.20 48.85 18.80
C TRP C 190 -38.40 49.09 17.53
N ASN C 191 -38.63 48.23 16.54
CA ASN C 191 -38.23 48.51 15.16
C ASN C 191 -39.54 48.49 14.38
N ASN C 192 -39.91 49.61 13.80
CA ASN C 192 -41.11 49.62 12.93
C ASN C 192 -40.59 49.67 11.48
N GLU C 193 -40.59 48.50 10.82
CA GLU C 193 -40.03 48.39 9.47
C GLU C 193 -38.62 48.97 9.31
N SER C 194 -37.72 48.56 10.19
CA SER C 194 -36.33 48.92 10.00
C SER C 194 -35.35 47.77 10.27
N THR C 195 -35.89 46.59 10.61
CA THR C 195 -35.05 45.40 10.86
C THR C 195 -34.36 44.82 9.61
N MET C 196 -34.90 45.14 8.43
CA MET C 196 -34.39 44.63 7.15
C MET C 196 -33.11 45.31 6.68
N TYR C 197 -32.50 46.13 7.52
CA TYR C 197 -31.26 46.78 7.15
C TYR C 197 -30.08 46.32 8.00
N VAL C 198 -30.32 45.34 8.88
CA VAL C 198 -29.27 44.93 9.80
C VAL C 198 -29.30 43.42 10.05
N ASP C 199 -28.20 42.91 10.58
CA ASP C 199 -28.09 41.52 11.02
C ASP C 199 -28.98 41.40 12.28
N LEU C 200 -29.92 40.45 12.31
CA LEU C 200 -30.88 40.35 13.44
C LEU C 200 -30.23 39.95 14.76
N HIS C 201 -29.23 39.05 14.70
CA HIS C 201 -28.55 38.69 15.93
C HIS C 201 -27.89 39.94 16.53
N ASP C 202 -27.23 40.74 15.71
CA ASP C 202 -26.55 41.91 16.26
C ASP C 202 -27.60 42.92 16.79
N LEU C 203 -28.71 43.03 16.05
CA LEU C 203 -29.79 43.97 16.42
C LEU C 203 -30.39 43.55 17.79
N PHE C 204 -30.81 42.29 17.90
CA PHE C 204 -31.49 41.88 19.16
C PHE C 204 -30.52 41.81 20.35
N SER C 205 -29.24 41.61 20.03
CA SER C 205 -28.21 41.66 21.05
C SER C 205 -28.17 43.08 21.64
N GLU C 206 -28.25 44.12 20.81
CA GLU C 206 -28.19 45.49 21.32
C GLU C 206 -29.46 45.89 22.09
N HIS C 207 -30.66 45.54 21.58
CA HIS C 207 -31.89 45.84 22.31
C HIS C 207 -31.81 45.09 23.65
N SER C 208 -31.31 43.86 23.62
CA SER C 208 -31.30 43.11 24.87
C SER C 208 -30.35 43.78 25.88
N ARG C 209 -29.29 44.39 25.39
CA ARG C 209 -28.34 45.11 26.25
C ARG C 209 -29.04 46.34 26.90
N PHE C 210 -29.68 47.21 26.11
CA PHE C 210 -30.25 48.41 26.75
C PHE C 210 -31.60 48.26 27.44
N LEU C 211 -32.36 47.23 27.07
CA LEU C 211 -33.64 46.99 27.72
C LEU C 211 -33.43 46.42 29.10
N LYS C 212 -34.14 46.99 30.05
CA LYS C 212 -34.13 46.43 31.40
C LYS C 212 -34.68 45.01 31.38
N VAL C 213 -34.32 44.24 32.40
CA VAL C 213 -34.98 42.97 32.62
C VAL C 213 -36.44 43.24 32.85
N GLY C 214 -37.30 42.49 32.16
CA GLY C 214 -38.72 42.80 32.19
C GLY C 214 -39.13 43.85 31.14
N GLY C 215 -38.17 44.32 30.33
CA GLY C 215 -38.47 45.30 29.32
C GLY C 215 -39.26 44.66 28.18
N ARG C 216 -39.78 45.48 27.28
CA ARG C 216 -40.64 44.98 26.20
C ARG C 216 -40.08 45.49 24.88
N TYR C 217 -40.17 44.63 23.86
CA TYR C 217 -39.66 44.91 22.51
C TYR C 217 -40.78 44.59 21.54
N VAL C 218 -40.92 45.36 20.47
CA VAL C 218 -41.92 45.03 19.46
C VAL C 218 -41.28 45.30 18.10
N THR C 219 -41.55 44.46 17.11
CA THR C 219 -41.27 44.88 15.74
C THR C 219 -42.49 44.61 14.88
N ILE C 220 -42.69 45.47 13.89
CA ILE C 220 -43.59 45.16 12.79
C ILE C 220 -42.64 45.08 11.62
N THR C 221 -42.69 43.99 10.86
CA THR C 221 -41.76 43.79 9.81
C THR C 221 -42.39 43.04 8.63
N GLY C 222 -41.75 43.11 7.47
CA GLY C 222 -42.12 42.25 6.37
C GLY C 222 -41.06 41.17 6.33
N CYS C 223 -41.46 39.91 6.41
CA CYS C 223 -40.50 38.81 6.42
C CYS C 223 -40.87 37.82 5.35
N TRP C 224 -39.87 37.20 4.72
CA TRP C 224 -40.22 36.15 3.78
C TRP C 224 -40.69 34.90 4.55
N ASN C 225 -41.60 34.13 3.98
CA ASN C 225 -42.24 33.07 4.75
C ASN C 225 -41.51 31.75 4.50
N PRO C 226 -40.96 31.13 5.55
CA PRO C 226 -40.18 29.90 5.36
C PRO C 226 -41.04 28.78 4.81
N ARG C 227 -42.38 28.85 4.96
CA ARG C 227 -43.27 27.89 4.30
C ARG C 227 -43.12 27.96 2.80
N TYR C 228 -42.83 29.15 2.31
CA TYR C 228 -42.64 29.30 0.86
C TYR C 228 -41.32 28.64 0.43
N GLY C 229 -40.28 28.80 1.21
CA GLY C 229 -39.09 27.97 1.06
C GLY C 229 -37.82 28.81 1.05
N GLN C 230 -37.81 29.80 0.13
CA GLN C 230 -36.74 30.80 -0.04
C GLN C 230 -37.43 32.09 -0.51
N PRO C 231 -36.71 33.22 -0.50
CA PRO C 231 -37.25 34.52 -0.94
C PRO C 231 -37.73 34.47 -2.42
N SER C 232 -39.00 34.76 -2.67
CA SER C 232 -39.50 34.78 -4.06
C SER C 232 -38.94 35.93 -4.85
N LYS C 233 -39.19 35.95 -6.17
CA LYS C 233 -38.70 37.06 -6.97
C LYS C 233 -39.30 38.39 -6.47
N TRP C 234 -40.52 38.35 -5.91
CA TRP C 234 -41.16 39.61 -5.47
C TRP C 234 -40.39 40.17 -4.29
N VAL C 235 -40.06 39.28 -3.36
CA VAL C 235 -39.26 39.71 -2.20
C VAL C 235 -37.96 40.35 -2.63
N SER C 236 -37.29 39.72 -3.60
CA SER C 236 -36.04 40.26 -4.10
C SER C 236 -36.27 41.62 -4.77
N GLN C 237 -37.40 41.80 -5.48
CA GLN C 237 -37.67 43.12 -6.09
C GLN C 237 -37.78 44.22 -5.03
N ILE C 238 -38.37 43.87 -3.91
CA ILE C 238 -38.53 44.80 -2.81
C ILE C 238 -37.15 45.12 -2.20
N ASN C 239 -36.33 44.11 -2.01
CA ASN C 239 -34.94 44.33 -1.53
C ASN C 239 -34.17 45.26 -2.47
N ALA C 240 -34.31 45.03 -3.78
CA ALA C 240 -33.57 45.87 -4.76
C ALA C 240 -34.06 47.31 -4.72
N HIS C 241 -35.38 47.47 -4.59
CA HIS C 241 -36.03 48.79 -4.61
C HIS C 241 -35.53 49.60 -3.43
N PHE C 242 -35.49 49.01 -2.22
CA PHE C 242 -35.12 49.75 -1.01
C PHE C 242 -33.70 49.54 -0.53
N GLU C 243 -32.95 48.72 -1.26
CA GLU C 243 -31.58 48.35 -0.84
C GLU C 243 -31.58 47.72 0.57
N CYS C 244 -32.56 46.85 0.82
CA CYS C 244 -32.69 46.21 2.13
C CYS C 244 -32.42 44.71 2.01
N ASN C 245 -32.64 44.00 3.10
CA ASN C 245 -32.34 42.59 3.18
C ASN C 245 -33.41 41.92 4.03
N ILE C 246 -34.57 41.69 3.44
CA ILE C 246 -35.68 41.08 4.15
C ILE C 246 -35.29 39.73 4.71
N HIS C 247 -35.63 39.51 5.99
CA HIS C 247 -35.25 38.24 6.64
C HIS C 247 -36.40 37.28 6.65
N SER C 248 -36.13 36.00 6.88
CA SER C 248 -37.22 35.04 7.00
C SER C 248 -37.83 35.01 8.40
N ARG C 249 -39.07 34.56 8.51
CA ARG C 249 -39.71 34.52 9.83
C ARG C 249 -38.91 33.63 10.77
N ARG C 250 -38.27 32.58 10.22
CA ARG C 250 -37.41 31.72 11.01
C ARG C 250 -36.26 32.49 11.64
N GLU C 251 -35.61 33.36 10.88
CA GLU C 251 -34.44 34.10 11.39
C GLU C 251 -34.84 35.07 12.47
N TYR C 252 -36.02 35.69 12.33
CA TYR C 252 -36.49 36.57 13.43
C TYR C 252 -36.57 35.76 14.73
N LEU C 253 -37.20 34.59 14.68
CA LEU C 253 -37.44 33.92 15.95
C LEU C 253 -36.16 33.32 16.49
N ARG C 254 -35.27 32.93 15.58
CA ARG C 254 -34.01 32.33 16.02
C ARG C 254 -33.16 33.42 16.70
N ALA C 255 -33.05 34.58 16.07
CA ALA C 255 -32.25 35.70 16.64
C ALA C 255 -32.79 36.16 18.01
N MET C 256 -34.11 36.12 18.18
CA MET C 256 -34.71 36.49 19.45
C MET C 256 -34.36 35.47 20.51
N ALA C 257 -34.57 34.20 20.18
CA ALA C 257 -34.28 33.10 21.09
C ALA C 257 -32.80 33.18 21.55
N ASP C 258 -31.93 33.59 20.63
CA ASP C 258 -30.48 33.63 20.91
C ASP C 258 -30.06 34.84 21.73
N ASN C 259 -31.00 35.74 21.96
CA ASN C 259 -30.67 37.01 22.62
C ASN C 259 -31.63 37.43 23.74
N ARG C 260 -32.18 36.46 24.44
CA ARG C 260 -33.00 36.84 25.61
C ARG C 260 -34.32 37.61 25.32
N LEU C 261 -34.81 37.57 24.09
CA LEU C 261 -36.09 38.19 23.78
C LEU C 261 -37.05 37.04 23.56
N VAL C 262 -38.15 37.01 24.32
CA VAL C 262 -39.10 35.90 24.24
C VAL C 262 -40.47 36.41 23.81
N PRO C 263 -40.86 36.09 22.56
CA PRO C 263 -42.14 36.57 22.05
C PRO C 263 -43.29 36.21 22.99
N HIS C 264 -44.19 37.16 23.27
CA HIS C 264 -45.43 36.80 23.97
C HIS C 264 -46.63 36.90 23.03
N THR C 265 -46.46 37.61 21.91
CA THR C 265 -47.53 37.74 20.91
C THR C 265 -46.94 37.78 19.51
N ILE C 266 -47.50 37.00 18.58
CA ILE C 266 -47.13 37.13 17.19
C ILE C 266 -48.39 37.12 16.38
N VAL C 267 -48.53 38.12 15.51
CA VAL C 267 -49.77 38.34 14.73
C VAL C 267 -49.40 38.41 13.25
N ASP C 268 -49.93 37.54 12.38
CA ASP C 268 -49.76 37.74 10.93
C ASP C 268 -50.73 38.83 10.46
N LEU C 269 -50.20 39.97 10.05
CA LEU C 269 -50.99 41.14 9.71
C LEU C 269 -51.19 41.23 8.21
N THR C 270 -50.83 40.16 7.50
CA THR C 270 -50.92 40.21 6.04
C THR C 270 -52.36 40.54 5.57
N PRO C 271 -53.39 39.85 6.10
CA PRO C 271 -54.71 40.21 5.57
C PRO C 271 -55.07 41.64 5.91
N ASP C 272 -54.49 42.15 6.98
CA ASP C 272 -54.79 43.47 7.50
C ASP C 272 -54.14 44.62 6.73
N THR C 273 -53.06 44.32 6.02
CA THR C 273 -52.34 45.36 5.31
C THR C 273 -52.77 45.40 3.84
N LEU C 274 -53.40 44.33 3.36
CA LEU C 274 -53.76 44.30 1.94
C LEU C 274 -54.70 45.47 1.53
N PRO C 275 -55.71 45.79 2.35
CA PRO C 275 -56.59 46.92 1.95
C PRO C 275 -55.83 48.23 1.76
N TYR C 276 -54.86 48.51 2.64
CA TYR C 276 -54.00 49.66 2.43
C TYR C 276 -53.30 49.61 1.09
N TRP C 277 -52.66 48.47 0.78
CA TRP C 277 -51.94 48.36 -0.47
C TRP C 277 -52.85 48.47 -1.69
N GLU C 278 -54.01 47.84 -1.63
CA GLU C 278 -54.92 47.89 -2.79
C GLU C 278 -55.40 49.33 -3.04
N LEU C 279 -55.71 50.06 -1.96
CA LEU C 279 -56.10 51.46 -2.11
C LEU C 279 -54.92 52.24 -2.66
N ARG C 280 -53.75 52.05 -2.05
CA ARG C 280 -52.55 52.73 -2.53
C ARG C 280 -52.29 52.53 -4.02
N ALA C 281 -52.50 51.32 -4.50
CA ALA C 281 -52.21 50.97 -5.88
C ALA C 281 -53.06 51.80 -6.89
N THR C 282 -54.16 52.41 -6.43
CA THR C 282 -55.07 53.19 -7.29
C THR C 282 -54.77 54.65 -7.19
N SER C 283 -53.91 55.00 -6.25
CA SER C 283 -53.54 56.38 -5.95
C SER C 283 -52.59 57.00 -6.99
N SER C 284 -52.55 58.33 -7.05
CA SER C 284 -51.64 58.99 -7.95
C SER C 284 -50.21 59.02 -7.37
N LEU C 285 -50.06 58.63 -6.12
CA LEU C 285 -48.79 58.69 -5.40
C LEU C 285 -48.01 57.36 -5.43
N VAL C 286 -48.49 56.38 -6.19
CA VAL C 286 -47.77 55.10 -6.34
C VAL C 286 -46.29 55.26 -6.66
N THR C 287 -45.47 54.31 -6.21
CA THR C 287 -44.02 54.40 -6.44
C THR C 287 -43.56 53.30 -7.36
N GLY C 288 -44.43 52.34 -7.64
CA GLY C 288 -44.06 51.26 -8.55
C GLY C 288 -43.76 49.95 -7.87
N ILE C 289 -43.70 49.93 -6.54
CA ILE C 289 -43.35 48.71 -5.82
C ILE C 289 -44.64 48.08 -5.31
N GLU C 290 -45.80 48.68 -5.64
CA GLU C 290 -47.10 48.16 -5.13
C GLU C 290 -47.38 46.72 -5.56
N LYS C 291 -47.06 46.42 -6.81
CA LYS C 291 -47.33 45.08 -7.33
C LYS C 291 -46.54 44.00 -6.58
N ALA C 292 -45.26 44.24 -6.30
CA ALA C 292 -44.43 43.22 -5.61
C ALA C 292 -45.01 42.89 -4.22
N PHE C 293 -45.45 43.91 -3.48
CA PHE C 293 -46.07 43.67 -2.15
C PHE C 293 -47.38 42.92 -2.32
N ILE C 294 -48.25 43.43 -3.20
CA ILE C 294 -49.58 42.79 -3.28
C ILE C 294 -49.45 41.34 -3.73
N GLU C 295 -48.66 41.09 -4.78
CA GLU C 295 -48.56 39.72 -5.31
C GLU C 295 -47.94 38.76 -4.30
N SER C 296 -46.91 39.22 -3.61
CA SER C 296 -46.20 38.32 -2.66
C SER C 296 -47.02 38.07 -1.40
N TYR C 297 -47.78 39.07 -0.96
CA TYR C 297 -48.71 38.83 0.17
C TYR C 297 -49.76 37.80 -0.25
N ARG C 298 -50.27 37.94 -1.46
CA ARG C 298 -51.34 37.05 -1.90
C ARG C 298 -50.85 35.65 -2.22
N ASP C 299 -49.60 35.49 -2.65
CA ASP C 299 -49.16 34.17 -3.01
C ASP C 299 -48.48 33.41 -1.85
N GLY C 300 -48.35 34.05 -0.69
CA GLY C 300 -47.79 33.39 0.49
C GLY C 300 -46.27 33.46 0.65
N SER C 301 -45.55 34.12 -0.26
CA SER C 301 -44.10 34.09 -0.17
C SER C 301 -43.60 35.14 0.85
N PHE C 302 -44.45 36.14 1.09
CA PHE C 302 -44.07 37.31 1.90
C PHE C 302 -45.20 37.58 2.88
N GLN C 303 -44.84 37.97 4.10
CA GLN C 303 -45.85 38.24 5.13
C GLN C 303 -45.51 39.47 5.95
N TYR C 304 -46.56 40.10 6.46
CA TYR C 304 -46.40 41.29 7.29
C TYR C 304 -46.81 40.88 8.69
N VAL C 305 -45.89 41.06 9.64
CA VAL C 305 -46.05 40.43 10.93
C VAL C 305 -45.68 41.37 12.08
N LEU C 306 -46.34 41.16 13.23
CA LEU C 306 -45.94 41.83 14.45
C LEU C 306 -45.42 40.76 15.40
N ILE C 307 -44.30 41.03 16.03
CA ILE C 307 -43.74 40.14 17.04
C ILE C 307 -43.46 41.01 18.23
N ALA C 308 -44.03 40.68 19.38
CA ALA C 308 -43.77 41.48 20.57
C ALA C 308 -43.18 40.51 21.58
N ALA C 309 -42.11 40.91 22.29
CA ALA C 309 -41.38 39.95 23.13
C ALA C 309 -40.99 40.62 24.43
N ASP C 310 -40.67 39.81 25.44
CA ASP C 310 -40.17 40.33 26.73
C ASP C 310 -38.66 40.11 26.74
N ARG C 311 -37.95 41.07 27.30
CA ARG C 311 -36.51 40.93 27.59
C ARG C 311 -36.41 40.27 28.97
N VAL C 312 -35.85 39.07 28.98
CA VAL C 312 -35.81 38.31 30.23
C VAL C 312 -34.37 37.97 30.60
N THR D 25 -55.01 3.42 -6.67
CA THR D 25 -53.63 3.88 -6.83
C THR D 25 -52.72 3.13 -5.87
N THR D 26 -51.79 2.35 -6.42
CA THR D 26 -50.83 1.65 -5.57
C THR D 26 -49.92 2.68 -4.90
N THR D 27 -49.36 2.31 -3.74
CA THR D 27 -48.36 3.13 -3.05
C THR D 27 -47.22 3.50 -4.01
N ALA D 28 -46.76 2.51 -4.79
CA ALA D 28 -45.66 2.69 -5.73
C ALA D 28 -45.94 3.81 -6.73
N THR D 29 -47.18 3.86 -7.24
CA THR D 29 -47.57 4.87 -8.24
C THR D 29 -47.69 6.28 -7.63
N ALA D 30 -48.41 6.38 -6.51
CA ALA D 30 -48.55 7.64 -5.76
C ALA D 30 -47.19 8.21 -5.36
N THR D 31 -46.27 7.32 -4.98
CA THR D 31 -44.89 7.68 -4.64
C THR D 31 -44.10 8.22 -5.85
N ALA D 32 -44.28 7.61 -7.02
CA ALA D 32 -43.66 8.11 -8.26
C ALA D 32 -44.19 9.49 -8.67
N LYS D 33 -45.43 9.80 -8.32
CA LYS D 33 -46.08 11.05 -8.70
C LYS D 33 -45.62 12.27 -7.87
N ILE D 34 -44.87 12.01 -6.81
CA ILE D 34 -44.31 13.05 -5.96
C ILE D 34 -43.40 13.98 -6.75
N PRO D 35 -43.78 15.26 -6.88
CA PRO D 35 -42.86 16.18 -7.57
C PRO D 35 -41.55 16.21 -6.80
N ALA D 36 -40.45 16.43 -7.50
CA ALA D 36 -39.13 16.59 -6.88
C ALA D 36 -39.06 17.87 -6.02
N PRO D 37 -39.56 19.02 -6.53
CA PRO D 37 -39.55 20.26 -5.73
C PRO D 37 -40.35 20.12 -4.44
N ALA D 38 -39.71 20.48 -3.34
CA ALA D 38 -40.26 20.23 -2.01
C ALA D 38 -41.14 21.40 -1.50
N THR D 39 -41.19 22.49 -2.23
CA THR D 39 -41.80 23.70 -1.73
C THR D 39 -42.24 24.59 -2.89
N PRO D 40 -43.14 25.55 -2.61
CA PRO D 40 -43.54 26.47 -3.67
C PRO D 40 -42.32 27.12 -4.35
N TYR D 41 -41.29 27.48 -3.56
CA TYR D 41 -40.15 28.13 -4.18
C TYR D 41 -39.43 27.19 -5.10
N GLN D 42 -39.23 25.96 -4.69
CA GLN D 42 -38.57 25.03 -5.61
C GLN D 42 -39.43 24.78 -6.83
N GLU D 43 -40.74 24.88 -6.73
CA GLU D 43 -41.56 24.79 -7.94
C GLU D 43 -41.27 25.97 -8.88
N ASP D 44 -41.04 27.17 -8.34
CA ASP D 44 -40.72 28.33 -9.15
C ASP D 44 -39.40 28.11 -9.94
N ILE D 45 -38.44 27.49 -9.25
CA ILE D 45 -37.10 27.28 -9.82
C ILE D 45 -37.17 26.18 -10.86
N ALA D 46 -37.94 25.14 -10.62
CA ALA D 46 -38.17 24.12 -11.66
C ALA D 46 -38.73 24.76 -12.95
N ARG D 47 -39.72 25.64 -12.80
CA ARG D 47 -40.32 26.33 -13.96
C ARG D 47 -39.32 27.25 -14.63
N TYR D 48 -38.58 28.02 -13.81
CA TYR D 48 -37.59 28.92 -14.37
C TYR D 48 -36.66 28.14 -15.33
N TRP D 49 -36.12 27.04 -14.86
CA TRP D 49 -35.13 26.31 -15.67
C TRP D 49 -35.78 25.47 -16.78
N ASN D 50 -36.97 24.93 -16.56
CA ASN D 50 -37.67 24.29 -17.69
C ASN D 50 -37.88 25.25 -18.86
N ASN D 51 -38.08 26.53 -18.55
CA ASN D 51 -38.38 27.53 -19.59
C ASN D 51 -37.16 28.28 -20.14
N GLU D 52 -35.98 28.08 -19.57
CA GLU D 52 -34.82 28.86 -19.98
C GLU D 52 -34.19 28.28 -21.25
N ALA D 53 -33.78 29.16 -22.17
CA ALA D 53 -33.08 28.72 -23.39
C ALA D 53 -32.49 29.99 -23.98
N ARG D 54 -31.69 30.70 -23.18
CA ARG D 54 -31.09 31.94 -23.67
C ARG D 54 -29.94 31.68 -24.67
N PRO D 55 -29.81 32.57 -25.68
CA PRO D 55 -28.71 32.46 -26.63
C PRO D 55 -27.37 32.54 -25.91
N VAL D 56 -27.25 33.40 -24.89
CA VAL D 56 -25.94 33.52 -24.24
C VAL D 56 -25.46 32.20 -23.64
N ASN D 57 -26.35 31.20 -23.55
CA ASN D 57 -25.97 29.88 -23.04
C ASN D 57 -25.89 28.86 -24.14
N LEU D 58 -26.90 28.84 -25.00
CA LEU D 58 -26.97 27.83 -26.03
C LEU D 58 -25.94 28.10 -27.14
N ARG D 59 -25.73 29.37 -27.49
CA ARG D 59 -24.74 29.70 -28.54
C ARG D 59 -23.34 29.32 -28.10
N LEU D 60 -23.05 29.54 -26.81
CA LEU D 60 -21.73 29.17 -26.29
C LEU D 60 -21.56 27.66 -26.28
N GLY D 61 -22.59 26.92 -25.82
CA GLY D 61 -22.49 25.46 -25.78
C GLY D 61 -22.40 24.82 -27.17
N ASP D 62 -23.04 25.44 -28.16
CA ASP D 62 -22.97 24.99 -29.57
C ASP D 62 -21.55 24.94 -30.12
N VAL D 63 -20.61 25.67 -29.50
CA VAL D 63 -19.24 25.67 -29.96
C VAL D 63 -18.66 24.26 -29.95
N ASP D 64 -18.93 23.49 -28.88
CA ASP D 64 -18.27 22.18 -28.74
C ASP D 64 -19.08 21.12 -27.99
N GLY D 65 -20.36 21.39 -27.78
CA GLY D 65 -21.24 20.44 -27.14
C GLY D 65 -21.18 20.38 -25.61
N LEU D 66 -20.51 21.34 -24.97
CA LEU D 66 -20.50 21.45 -23.50
C LEU D 66 -21.36 22.62 -23.08
N TYR D 67 -22.47 22.35 -22.40
CA TYR D 67 -23.48 23.40 -22.16
C TYR D 67 -23.38 23.72 -20.71
N HIS D 68 -22.94 24.96 -20.43
CA HIS D 68 -22.72 25.43 -19.07
C HIS D 68 -23.72 26.49 -18.70
N HIS D 69 -24.05 26.57 -17.41
CA HIS D 69 -24.72 27.72 -16.83
C HIS D 69 -23.90 28.27 -15.65
N HIS D 70 -22.79 28.92 -15.95
CA HIS D 70 -21.93 29.53 -14.89
C HIS D 70 -21.01 30.51 -15.59
N TYR D 71 -20.30 31.34 -14.84
CA TYR D 71 -19.56 32.42 -15.46
C TYR D 71 -18.11 32.00 -15.72
N GLY D 72 -17.30 32.90 -16.29
CA GLY D 72 -15.97 32.48 -16.68
C GLY D 72 -14.89 33.10 -15.81
N ILE D 73 -13.69 32.56 -15.91
CA ILE D 73 -12.53 33.15 -15.23
C ILE D 73 -11.29 33.08 -16.14
N GLY D 74 -10.32 33.97 -15.83
CA GLY D 74 -9.04 33.98 -16.52
C GLY D 74 -8.97 35.13 -17.50
N PRO D 75 -7.76 35.41 -18.01
CA PRO D 75 -7.61 36.55 -18.94
C PRO D 75 -8.24 36.28 -20.29
N VAL D 76 -8.66 37.35 -20.92
CA VAL D 76 -9.30 37.27 -22.23
C VAL D 76 -8.19 37.11 -23.29
N ASP D 77 -8.38 36.18 -24.24
CA ASP D 77 -7.50 35.99 -25.40
C ASP D 77 -7.84 37.03 -26.46
N ARG D 78 -7.36 38.24 -26.21
CA ARG D 78 -7.64 39.42 -26.99
C ARG D 78 -7.28 39.23 -28.47
N ALA D 79 -6.14 38.60 -28.75
CA ALA D 79 -5.67 38.39 -30.12
C ALA D 79 -6.59 37.44 -30.89
N ALA D 80 -7.22 36.50 -30.18
CA ALA D 80 -8.08 35.53 -30.86
C ALA D 80 -9.36 36.18 -31.39
N LEU D 81 -9.71 37.32 -30.80
CA LEU D 81 -10.93 38.04 -31.14
C LEU D 81 -10.75 38.87 -32.41
N GLY D 82 -9.52 39.34 -32.60
CA GLY D 82 -9.17 40.07 -33.80
C GLY D 82 -9.77 41.45 -33.72
N ASP D 83 -10.16 41.95 -34.88
CA ASP D 83 -10.73 43.29 -35.03
C ASP D 83 -12.23 43.36 -34.67
N PRO D 84 -12.58 44.20 -33.69
CA PRO D 84 -13.94 44.42 -33.18
C PRO D 84 -14.93 44.85 -34.24
N GLU D 85 -14.45 45.35 -35.38
CA GLU D 85 -15.36 45.90 -36.37
C GLU D 85 -15.72 44.85 -37.40
N HIS D 86 -14.96 43.77 -37.43
CA HIS D 86 -15.19 42.76 -38.44
C HIS D 86 -16.49 42.02 -38.18
N SER D 87 -17.17 41.69 -39.25
CA SER D 87 -18.43 40.96 -39.19
C SER D 87 -18.42 39.75 -38.25
N GLU D 88 -17.33 38.99 -38.24
CA GLU D 88 -17.24 37.74 -37.49
C GLU D 88 -16.74 37.92 -36.04
N TYR D 89 -16.72 39.15 -35.57
CA TYR D 89 -16.23 39.43 -34.24
C TYR D 89 -17.11 38.72 -33.23
N GLU D 90 -18.43 38.90 -33.38
CA GLU D 90 -19.37 38.25 -32.45
C GLU D 90 -19.13 36.75 -32.33
N LYS D 91 -18.89 36.07 -33.43
CA LYS D 91 -18.61 34.64 -33.37
C LYS D 91 -17.34 34.35 -32.54
N LYS D 92 -16.32 35.17 -32.69
CA LYS D 92 -15.12 35.00 -31.87
C LYS D 92 -15.40 35.35 -30.39
N VAL D 93 -16.21 36.36 -30.12
CA VAL D 93 -16.51 36.62 -28.72
C VAL D 93 -17.24 35.43 -28.08
N ILE D 94 -18.17 34.83 -28.82
CA ILE D 94 -18.85 33.62 -28.32
C ILE D 94 -17.88 32.45 -27.97
N ALA D 95 -16.93 32.17 -28.86
CA ALA D 95 -15.97 31.08 -28.61
C ALA D 95 -15.12 31.39 -27.38
N GLU D 96 -14.81 32.68 -27.20
CA GLU D 96 -13.93 33.11 -26.12
C GLU D 96 -14.67 33.09 -24.77
N LEU D 97 -15.86 33.68 -24.70
CA LEU D 97 -16.70 33.54 -23.49
C LEU D 97 -16.86 32.06 -23.10
N HIS D 98 -17.15 31.18 -24.07
CA HIS D 98 -17.29 29.77 -23.81
C HIS D 98 -16.01 29.16 -23.25
N ARG D 99 -14.88 29.52 -23.84
CA ARG D 99 -13.58 29.07 -23.28
C ARG D 99 -13.41 29.48 -21.84
N LEU D 100 -13.81 30.70 -21.47
CA LEU D 100 -13.63 31.12 -20.06
C LEU D 100 -14.58 30.38 -19.12
N GLU D 101 -15.79 30.06 -19.60
CA GLU D 101 -16.72 29.31 -18.75
C GLU D 101 -16.20 27.87 -18.57
N SER D 102 -15.63 27.29 -19.65
CA SER D 102 -15.10 25.94 -19.53
C SER D 102 -13.88 25.96 -18.62
N ALA D 103 -13.13 27.05 -18.66
CA ALA D 103 -11.94 27.18 -17.76
C ALA D 103 -12.34 27.18 -16.28
N GLN D 104 -13.48 27.85 -16.01
CA GLN D 104 -14.01 27.91 -14.66
C GLN D 104 -14.26 26.51 -14.15
N ALA D 105 -14.84 25.64 -14.98
CA ALA D 105 -15.14 24.28 -14.55
C ALA D 105 -13.87 23.45 -14.38
N GLU D 106 -12.87 23.67 -15.23
CA GLU D 106 -11.62 22.95 -15.07
C GLU D 106 -11.00 23.33 -13.72
N PHE D 107 -11.14 24.60 -13.32
CA PHE D 107 -10.53 25.09 -12.09
C PHE D 107 -11.25 24.44 -10.90
N LEU D 108 -12.56 24.29 -11.05
CA LEU D 108 -13.33 23.70 -9.97
C LEU D 108 -12.80 22.29 -9.82
N MET D 109 -12.59 21.60 -10.94
CA MET D 109 -12.23 20.19 -10.87
C MET D 109 -10.82 19.95 -10.36
N ASP D 110 -9.96 20.94 -10.53
CA ASP D 110 -8.61 20.93 -9.93
C ASP D 110 -8.65 20.81 -8.42
N HIS D 111 -9.81 21.09 -7.82
CA HIS D 111 -9.94 21.05 -6.36
C HIS D 111 -10.68 19.84 -5.82
N LEU D 112 -10.99 18.86 -6.68
CA LEU D 112 -11.78 17.68 -6.28
C LEU D 112 -10.94 16.50 -5.82
N GLY D 113 -9.63 16.70 -5.79
CA GLY D 113 -8.71 15.62 -5.42
C GLY D 113 -8.64 14.60 -6.53
N GLN D 114 -8.24 13.37 -6.20
CA GLN D 114 -8.18 12.35 -7.25
C GLN D 114 -9.47 11.52 -7.26
N ALA D 115 -9.89 11.15 -8.44
CA ALA D 115 -11.07 10.30 -8.56
C ALA D 115 -10.77 9.47 -9.75
N GLY D 116 -11.35 8.29 -9.79
CA GLY D 116 -11.05 7.34 -10.84
C GLY D 116 -12.33 6.63 -11.21
N PRO D 117 -12.22 5.63 -12.09
CA PRO D 117 -13.43 4.98 -12.63
C PRO D 117 -14.27 4.24 -11.61
N ASP D 118 -13.69 3.89 -10.46
CA ASP D 118 -14.44 3.22 -9.43
C ASP D 118 -15.25 4.17 -8.52
N ASP D 119 -15.08 5.47 -8.69
CA ASP D 119 -15.67 6.45 -7.78
C ASP D 119 -16.92 7.04 -8.37
N THR D 120 -17.83 7.50 -7.50
CA THR D 120 -19.02 8.23 -7.93
C THR D 120 -18.86 9.67 -7.49
N LEU D 121 -19.10 10.62 -8.42
CA LEU D 121 -19.08 12.06 -8.12
C LEU D 121 -20.47 12.60 -8.29
N VAL D 122 -20.79 13.66 -7.55
CA VAL D 122 -22.14 14.20 -7.61
C VAL D 122 -22.10 15.70 -7.97
N ASP D 123 -22.83 16.06 -9.01
CA ASP D 123 -22.97 17.46 -9.42
C ASP D 123 -24.32 17.90 -8.89
N ALA D 124 -24.30 18.71 -7.84
CA ALA D 124 -25.55 19.08 -7.19
C ALA D 124 -26.11 20.36 -7.86
N GLY D 125 -27.24 20.27 -8.57
CA GLY D 125 -27.80 21.43 -9.30
C GLY D 125 -27.11 21.52 -10.63
N CYS D 126 -27.31 20.53 -11.49
CA CYS D 126 -26.32 20.23 -12.53
C CYS D 126 -26.57 20.85 -13.90
N GLY D 127 -27.64 21.64 -14.02
CA GLY D 127 -27.88 22.36 -15.28
C GLY D 127 -27.97 21.40 -16.46
N ARG D 128 -27.47 21.81 -17.62
CA ARG D 128 -27.58 20.97 -18.82
C ARG D 128 -26.46 19.91 -18.89
N GLY D 129 -25.59 19.92 -17.88
CA GLY D 129 -24.64 18.83 -17.69
C GLY D 129 -23.22 18.95 -18.27
N GLY D 130 -22.85 20.10 -18.79
CA GLY D 130 -21.54 20.26 -19.41
C GLY D 130 -20.43 19.96 -18.39
N SER D 131 -20.60 20.32 -17.12
CA SER D 131 -19.54 19.99 -16.12
C SER D 131 -19.44 18.49 -15.88
N MET D 132 -20.58 17.79 -15.97
CA MET D 132 -20.60 16.34 -15.77
C MET D 132 -19.81 15.66 -16.85
N VAL D 133 -20.00 16.10 -18.10
CA VAL D 133 -19.27 15.54 -19.19
C VAL D 133 -17.77 15.80 -18.95
N MET D 134 -17.42 17.03 -18.59
CA MET D 134 -16.00 17.30 -18.33
C MET D 134 -15.42 16.44 -17.21
N ALA D 135 -16.20 16.19 -16.16
CA ALA D 135 -15.69 15.36 -15.06
C ALA D 135 -15.46 13.94 -15.49
N HIS D 136 -16.41 13.40 -16.23
CA HIS D 136 -16.19 12.05 -16.70
C HIS D 136 -14.93 11.95 -17.56
N ARG D 137 -14.76 12.93 -18.44
CA ARG D 137 -13.62 12.89 -19.35
C ARG D 137 -12.33 12.96 -18.54
N ARG D 138 -12.33 13.78 -17.49
CA ARG D 138 -11.13 13.96 -16.69
C ARG D 138 -10.78 12.80 -15.77
N PHE D 139 -11.77 12.26 -15.08
CA PHE D 139 -11.56 11.26 -14.03
C PHE D 139 -11.97 9.82 -14.42
N GLY D 140 -12.88 9.71 -15.39
CA GLY D 140 -13.47 8.44 -15.76
C GLY D 140 -14.56 7.93 -14.82
N SER D 141 -14.88 8.71 -13.79
CA SER D 141 -15.77 8.23 -12.72
C SER D 141 -17.21 8.12 -13.18
N ARG D 142 -18.03 7.50 -12.35
CA ARG D 142 -19.46 7.60 -12.54
C ARG D 142 -19.84 9.02 -12.09
N VAL D 143 -20.68 9.69 -12.84
CA VAL D 143 -21.07 11.06 -12.48
C VAL D 143 -22.58 11.20 -12.45
N GLU D 144 -23.09 11.54 -11.28
CA GLU D 144 -24.53 11.69 -11.09
C GLU D 144 -24.85 13.16 -10.90
N GLY D 145 -25.78 13.66 -11.71
CA GLY D 145 -26.25 15.03 -11.55
C GLY D 145 -27.67 15.05 -11.03
N VAL D 146 -28.00 16.07 -10.25
CA VAL D 146 -29.40 16.29 -9.88
C VAL D 146 -29.78 17.72 -10.20
N THR D 147 -30.97 17.88 -10.77
CA THR D 147 -31.53 19.19 -11.16
C THR D 147 -33.02 19.23 -10.91
N LEU D 148 -33.59 20.42 -10.72
CA LEU D 148 -35.04 20.47 -10.48
C LEU D 148 -35.77 20.44 -11.82
N SER D 149 -35.03 20.62 -12.91
CA SER D 149 -35.65 20.79 -14.24
C SER D 149 -35.58 19.51 -15.09
N ALA D 150 -36.76 18.98 -15.43
CA ALA D 150 -36.85 17.82 -16.32
C ALA D 150 -36.24 18.11 -17.71
N ALA D 151 -36.46 19.33 -18.20
CA ALA D 151 -35.87 19.78 -19.48
C ALA D 151 -34.35 19.64 -19.47
N GLN D 152 -33.74 20.08 -18.39
CA GLN D 152 -32.29 20.02 -18.29
C GLN D 152 -31.77 18.59 -18.14
N ALA D 153 -32.41 17.80 -17.28
CA ALA D 153 -31.97 16.41 -17.11
C ALA D 153 -32.04 15.70 -18.46
N ASP D 154 -33.12 15.93 -19.19
CA ASP D 154 -33.26 15.35 -20.55
C ASP D 154 -32.12 15.81 -21.46
N PHE D 155 -31.81 17.10 -21.42
CA PHE D 155 -30.75 17.66 -22.26
C PHE D 155 -29.44 16.91 -21.99
N GLY D 156 -29.10 16.77 -20.71
CA GLY D 156 -27.79 16.20 -20.35
C GLY D 156 -27.75 14.71 -20.67
N ASN D 157 -28.87 14.03 -20.45
CA ASN D 157 -28.92 12.60 -20.77
C ASN D 157 -28.77 12.37 -22.27
N ARG D 158 -29.34 13.26 -23.08
CA ARG D 158 -29.22 13.14 -24.53
C ARG D 158 -27.75 13.30 -24.93
N ARG D 159 -27.10 14.33 -24.39
CA ARG D 159 -25.70 14.56 -24.72
C ARG D 159 -24.86 13.33 -24.27
N ALA D 160 -25.16 12.77 -23.11
CA ALA D 160 -24.39 11.62 -22.62
C ALA D 160 -24.55 10.42 -23.55
N ARG D 161 -25.78 10.18 -24.03
CA ARG D 161 -26.00 9.07 -24.97
C ARG D 161 -25.23 9.35 -26.26
N GLU D 162 -25.27 10.59 -26.74
CA GLU D 162 -24.56 10.93 -27.98
C GLU D 162 -23.07 10.65 -27.82
N LEU D 163 -22.55 10.88 -26.62
CA LEU D 163 -21.11 10.75 -26.40
C LEU D 163 -20.76 9.32 -26.01
N ARG D 164 -21.77 8.46 -25.90
CA ARG D 164 -21.59 7.07 -25.48
C ARG D 164 -20.99 6.94 -24.07
N ILE D 165 -21.44 7.81 -23.16
CA ILE D 165 -20.96 7.79 -21.78
C ILE D 165 -22.13 7.70 -20.84
N ASP D 166 -23.32 7.39 -21.38
CA ASP D 166 -24.52 7.31 -20.54
C ASP D 166 -24.46 6.15 -19.55
N ASP D 167 -23.54 5.22 -19.76
CA ASP D 167 -23.39 4.17 -18.75
C ASP D 167 -22.77 4.75 -17.44
N HIS D 168 -22.11 5.89 -17.55
CA HIS D 168 -21.40 6.50 -16.41
C HIS D 168 -21.95 7.83 -15.98
N VAL D 169 -22.62 8.50 -16.89
CA VAL D 169 -23.05 9.88 -16.64
C VAL D 169 -24.57 9.92 -16.70
N ARG D 170 -25.21 10.39 -15.65
CA ARG D 170 -26.66 10.43 -15.61
C ARG D 170 -27.18 11.65 -14.86
N SER D 171 -28.20 12.31 -15.41
CA SER D 171 -28.90 13.41 -14.69
C SER D 171 -30.28 12.90 -14.28
N ARG D 172 -30.74 13.32 -13.10
CA ARG D 172 -32.08 12.99 -12.63
C ARG D 172 -32.74 14.22 -12.08
N VAL D 173 -34.06 14.22 -12.06
CA VAL D 173 -34.81 15.35 -11.53
C VAL D 173 -35.01 15.07 -10.05
N CYS D 174 -34.28 15.80 -9.22
CA CYS D 174 -34.21 15.47 -7.82
C CYS D 174 -33.84 16.74 -7.05
N ASN D 175 -34.46 16.94 -5.90
CA ASN D 175 -34.08 18.02 -4.99
C ASN D 175 -32.73 17.67 -4.31
N MET D 176 -31.72 18.51 -4.54
CA MET D 176 -30.37 18.21 -4.02
C MET D 176 -30.29 18.21 -2.49
N LEU D 177 -31.34 18.72 -1.82
CA LEU D 177 -31.44 18.63 -0.36
C LEU D 177 -31.91 17.26 0.15
N ASP D 178 -32.36 16.39 -0.78
CA ASP D 178 -32.94 15.13 -0.39
C ASP D 178 -32.75 14.13 -1.52
N THR D 179 -31.54 13.59 -1.60
CA THR D 179 -31.13 12.81 -2.76
C THR D 179 -31.19 11.35 -2.45
N PRO D 180 -31.14 10.48 -3.50
CA PRO D 180 -31.21 9.05 -3.23
C PRO D 180 -29.83 8.42 -2.99
N PHE D 181 -28.76 9.21 -3.02
CA PHE D 181 -27.45 8.62 -2.76
C PHE D 181 -27.33 8.09 -1.34
N ASP D 182 -26.64 6.97 -1.19
CA ASP D 182 -26.51 6.29 0.10
C ASP D 182 -25.52 7.03 0.96
N LYS D 183 -25.66 6.89 2.27
CA LYS D 183 -24.69 7.48 3.20
C LYS D 183 -23.29 7.01 2.86
N GLY D 184 -22.38 7.97 2.72
CA GLY D 184 -20.97 7.64 2.51
C GLY D 184 -20.64 7.05 1.16
N ALA D 185 -21.57 7.05 0.19
CA ALA D 185 -21.31 6.38 -1.09
C ALA D 185 -20.50 7.22 -2.11
N VAL D 186 -20.43 8.54 -1.88
CA VAL D 186 -19.94 9.47 -2.91
C VAL D 186 -18.49 9.89 -2.58
N THR D 187 -17.62 9.96 -3.58
CA THR D 187 -16.21 10.29 -3.39
C THR D 187 -15.98 11.80 -3.32
N ALA D 188 -16.67 12.51 -4.19
CA ALA D 188 -16.53 13.97 -4.28
C ALA D 188 -17.76 14.58 -4.89
N SER D 189 -18.02 15.84 -4.56
CA SER D 189 -19.22 16.49 -5.11
C SER D 189 -19.06 18.00 -5.14
N TRP D 190 -19.94 18.69 -5.86
CA TRP D 190 -19.81 20.14 -5.98
C TRP D 190 -21.11 20.81 -6.23
N ASN D 191 -21.13 22.09 -5.94
CA ASN D 191 -22.17 22.99 -6.44
C ASN D 191 -21.49 24.04 -7.26
N ASN D 192 -21.75 24.05 -8.56
CA ASN D 192 -21.16 25.09 -9.38
C ASN D 192 -22.29 26.14 -9.61
N GLU D 193 -22.20 27.27 -8.88
CA GLU D 193 -23.20 28.33 -8.91
C GLU D 193 -24.64 27.84 -8.80
N SER D 194 -24.94 27.09 -7.73
CA SER D 194 -26.30 26.59 -7.53
C SER D 194 -26.63 26.63 -6.04
N THR D 195 -25.69 27.12 -5.22
CA THR D 195 -25.96 27.16 -3.78
C THR D 195 -26.97 28.28 -3.39
N MET D 196 -27.18 29.25 -4.27
CA MET D 196 -28.00 30.42 -3.95
C MET D 196 -29.52 30.13 -4.11
N TYR D 197 -29.87 28.86 -4.25
CA TYR D 197 -31.27 28.44 -4.34
C TYR D 197 -31.71 27.63 -3.12
N VAL D 198 -30.80 27.48 -2.17
CA VAL D 198 -31.10 26.68 -1.01
C VAL D 198 -30.53 27.19 0.29
N ASP D 199 -31.13 26.71 1.39
CA ASP D 199 -30.60 26.89 2.71
C ASP D 199 -29.26 26.15 2.82
N LEU D 200 -28.21 26.85 3.25
CA LEU D 200 -26.86 26.25 3.20
C LEU D 200 -26.68 25.17 4.25
N HIS D 201 -27.26 25.36 5.43
CA HIS D 201 -27.14 24.30 6.41
C HIS D 201 -27.73 23.00 5.87
N ASP D 202 -28.90 23.11 5.26
CA ASP D 202 -29.55 21.88 4.78
C ASP D 202 -28.76 21.27 3.61
N LEU D 203 -28.22 22.10 2.74
CA LEU D 203 -27.39 21.64 1.66
C LEU D 203 -26.14 20.94 2.12
N PHE D 204 -25.37 21.56 3.00
CA PHE D 204 -24.12 20.92 3.46
C PHE D 204 -24.37 19.68 4.36
N SER D 205 -25.48 19.71 5.08
CA SER D 205 -25.87 18.50 5.83
C SER D 205 -26.05 17.32 4.88
N GLU D 206 -26.67 17.59 3.73
CA GLU D 206 -26.90 16.52 2.74
C GLU D 206 -25.60 16.07 2.04
N HIS D 207 -24.80 17.00 1.54
CA HIS D 207 -23.45 16.61 1.06
C HIS D 207 -22.68 15.80 2.13
N SER D 208 -22.72 16.24 3.39
CA SER D 208 -21.99 15.49 4.44
C SER D 208 -22.50 14.08 4.60
N ARG D 209 -23.81 13.90 4.39
CA ARG D 209 -24.42 12.57 4.51
C ARG D 209 -23.91 11.66 3.41
N PHE D 210 -23.96 12.11 2.16
CA PHE D 210 -23.58 11.20 1.10
C PHE D 210 -22.10 11.12 0.81
N LEU D 211 -21.31 12.11 1.22
CA LEU D 211 -19.87 11.98 1.01
C LEU D 211 -19.23 11.05 2.03
N LYS D 212 -18.29 10.23 1.55
CA LYS D 212 -17.61 9.31 2.45
C LYS D 212 -16.73 10.15 3.35
N VAL D 213 -16.34 9.60 4.49
CA VAL D 213 -15.29 10.25 5.30
C VAL D 213 -14.03 10.41 4.45
N GLY D 214 -13.53 11.63 4.40
CA GLY D 214 -12.39 11.92 3.56
C GLY D 214 -12.77 12.33 2.15
N GLY D 215 -14.07 12.44 1.85
CA GLY D 215 -14.46 12.87 0.51
C GLY D 215 -14.21 14.35 0.34
N ARG D 216 -14.31 14.87 -0.90
CA ARG D 216 -14.04 16.27 -1.14
C ARG D 216 -15.25 16.99 -1.66
N TYR D 217 -15.31 18.27 -1.29
CA TYR D 217 -16.43 19.11 -1.73
C TYR D 217 -15.88 20.39 -2.28
N VAL D 218 -16.49 20.87 -3.38
CA VAL D 218 -16.09 22.18 -3.91
C VAL D 218 -17.32 22.96 -4.30
N THR D 219 -17.29 24.25 -4.03
CA THR D 219 -18.26 25.15 -4.61
C THR D 219 -17.58 26.35 -5.23
N ILE D 220 -18.09 26.78 -6.39
CA ILE D 220 -17.83 28.13 -6.86
C ILE D 220 -19.15 28.85 -6.74
N THR D 221 -19.10 30.03 -6.14
CA THR D 221 -20.30 30.78 -5.86
C THR D 221 -20.07 32.27 -5.93
N GLY D 222 -21.17 33.01 -6.04
CA GLY D 222 -21.12 34.45 -5.85
C GLY D 222 -21.72 34.69 -4.48
N CYS D 223 -20.96 35.34 -3.58
CA CYS D 223 -21.48 35.56 -2.26
C CYS D 223 -21.35 37.04 -1.91
N TRP D 224 -22.29 37.53 -1.14
CA TRP D 224 -22.17 38.93 -0.71
C TRP D 224 -21.09 39.08 0.38
N ASN D 225 -20.42 40.22 0.39
CA ASN D 225 -19.21 40.35 1.23
C ASN D 225 -19.59 40.90 2.59
N PRO D 226 -19.41 40.11 3.65
CA PRO D 226 -19.76 40.65 4.95
C PRO D 226 -18.96 41.89 5.35
N ARG D 227 -17.80 42.12 4.74
CA ARG D 227 -17.03 43.34 4.98
C ARG D 227 -17.83 44.57 4.49
N TYR D 228 -18.73 44.37 3.51
CA TYR D 228 -19.49 45.50 2.98
C TYR D 228 -20.64 45.79 4.00
N GLY D 229 -21.22 44.71 4.48
CA GLY D 229 -22.05 44.79 5.69
C GLY D 229 -23.39 44.09 5.59
N GLN D 230 -24.07 44.34 4.48
CA GLN D 230 -25.34 43.68 4.13
C GLN D 230 -25.38 43.68 2.61
N PRO D 231 -26.34 42.94 2.01
CA PRO D 231 -26.42 42.91 0.55
C PRO D 231 -26.63 44.29 -0.08
N SER D 232 -25.82 44.64 -1.08
CA SER D 232 -26.00 45.92 -1.73
C SER D 232 -27.15 45.87 -2.72
N LYS D 233 -27.55 47.06 -3.16
CA LYS D 233 -28.52 47.20 -4.25
C LYS D 233 -28.24 46.23 -5.41
N TRP D 234 -26.98 46.15 -5.84
CA TRP D 234 -26.61 45.26 -6.94
C TRP D 234 -26.87 43.77 -6.67
N VAL D 235 -26.48 43.33 -5.48
CA VAL D 235 -26.68 41.92 -5.09
C VAL D 235 -28.19 41.63 -5.15
N SER D 236 -28.98 42.56 -4.63
CA SER D 236 -30.45 42.40 -4.67
C SER D 236 -30.98 42.37 -6.09
N GLN D 237 -30.36 43.16 -6.99
CA GLN D 237 -30.79 43.10 -8.37
C GLN D 237 -30.51 41.72 -8.98
N ILE D 238 -29.36 41.14 -8.62
CA ILE D 238 -29.03 39.79 -9.11
C ILE D 238 -30.05 38.78 -8.61
N ASN D 239 -30.30 38.81 -7.29
CA ASN D 239 -31.37 37.96 -6.71
C ASN D 239 -32.71 38.07 -7.46
N ALA D 240 -33.13 39.30 -7.76
CA ALA D 240 -34.41 39.48 -8.45
C ALA D 240 -34.41 38.95 -9.87
N HIS D 241 -33.28 39.13 -10.53
CA HIS D 241 -33.11 38.71 -11.91
C HIS D 241 -33.15 37.16 -12.06
N PHE D 242 -32.59 36.43 -11.08
CA PHE D 242 -32.54 34.97 -11.14
C PHE D 242 -33.49 34.29 -10.13
N GLU D 243 -34.26 35.09 -9.38
CA GLU D 243 -35.16 34.51 -8.38
C GLU D 243 -34.32 33.67 -7.40
N CYS D 244 -33.14 34.18 -7.01
CA CYS D 244 -32.25 33.42 -6.11
C CYS D 244 -32.03 34.14 -4.81
N ASN D 245 -31.14 33.61 -3.96
CA ASN D 245 -30.97 34.11 -2.60
C ASN D 245 -29.47 34.06 -2.23
N ILE D 246 -28.68 34.91 -2.86
CA ILE D 246 -27.25 34.99 -2.57
C ILE D 246 -26.99 35.07 -1.06
N HIS D 247 -26.10 34.22 -0.59
CA HIS D 247 -25.73 34.19 0.80
C HIS D 247 -24.46 34.98 1.07
N SER D 248 -24.20 35.23 2.34
CA SER D 248 -22.96 35.94 2.68
C SER D 248 -21.81 34.96 2.81
N ARG D 249 -20.57 35.40 2.57
CA ARG D 249 -19.42 34.53 2.76
C ARG D 249 -19.43 33.98 4.18
N ARG D 250 -19.86 34.81 5.13
CA ARG D 250 -19.91 34.34 6.53
C ARG D 250 -20.83 33.13 6.69
N GLU D 251 -21.97 33.17 5.99
CA GLU D 251 -22.94 32.05 6.07
C GLU D 251 -22.36 30.80 5.42
N TYR D 252 -21.61 30.93 4.32
CA TYR D 252 -21.01 29.71 3.76
C TYR D 252 -20.11 29.04 4.79
N LEU D 253 -19.25 29.82 5.43
CA LEU D 253 -18.25 29.19 6.29
C LEU D 253 -18.95 28.65 7.54
N ARG D 254 -19.96 29.36 8.01
CA ARG D 254 -20.70 28.89 9.20
C ARG D 254 -21.36 27.56 8.90
N ALA D 255 -22.08 27.49 7.78
CA ALA D 255 -22.82 26.25 7.48
C ALA D 255 -21.87 25.10 7.19
N MET D 256 -20.70 25.37 6.60
CA MET D 256 -19.73 24.27 6.46
C MET D 256 -19.24 23.77 7.85
N ALA D 257 -18.82 24.69 8.73
CA ALA D 257 -18.28 24.28 10.02
C ALA D 257 -19.33 23.53 10.82
N ASP D 258 -20.61 23.87 10.60
CA ASP D 258 -21.69 23.16 11.33
C ASP D 258 -22.06 21.78 10.76
N ASN D 259 -21.45 21.40 9.64
CA ASN D 259 -21.77 20.17 8.90
C ASN D 259 -20.58 19.33 8.49
N ARG D 260 -19.49 19.38 9.24
CA ARG D 260 -18.38 18.46 8.97
C ARG D 260 -17.63 18.69 7.67
N LEU D 261 -17.86 19.86 7.06
CA LEU D 261 -17.05 20.25 5.92
C LEU D 261 -16.01 21.29 6.32
N VAL D 262 -14.75 21.00 6.02
CA VAL D 262 -13.64 21.87 6.50
C VAL D 262 -12.81 22.33 5.29
N PRO D 263 -12.92 23.61 4.95
CA PRO D 263 -12.18 24.16 3.84
C PRO D 263 -10.65 23.95 4.01
N HIS D 264 -9.99 23.57 2.91
CA HIS D 264 -8.51 23.51 2.81
C HIS D 264 -8.04 24.55 1.81
N THR D 265 -8.96 25.09 1.00
CA THR D 265 -8.58 26.11 0.00
C THR D 265 -9.75 27.07 -0.20
N ILE D 266 -9.49 28.37 -0.12
CA ILE D 266 -10.48 29.40 -0.47
C ILE D 266 -9.81 30.43 -1.35
N VAL D 267 -10.39 30.66 -2.53
CA VAL D 267 -9.75 31.54 -3.51
C VAL D 267 -10.72 32.66 -3.87
N ASP D 268 -10.34 33.92 -3.65
CA ASP D 268 -11.24 35.01 -4.10
C ASP D 268 -11.01 35.23 -5.59
N LEU D 269 -11.98 34.81 -6.41
CA LEU D 269 -11.84 34.84 -7.85
C LEU D 269 -12.43 36.10 -8.46
N THR D 270 -12.80 37.09 -7.64
CA THR D 270 -13.39 38.31 -8.21
C THR D 270 -12.52 38.99 -9.33
N PRO D 271 -11.22 39.19 -9.08
CA PRO D 271 -10.46 39.83 -10.18
C PRO D 271 -10.39 38.93 -11.42
N ASP D 272 -10.42 37.62 -11.21
CA ASP D 272 -10.32 36.65 -12.32
C ASP D 272 -11.58 36.52 -13.20
N THR D 273 -12.72 36.94 -12.68
CA THR D 273 -13.97 36.81 -13.43
C THR D 273 -14.36 38.15 -14.08
N LEU D 274 -13.75 39.26 -13.65
CA LEU D 274 -14.09 40.56 -14.24
C LEU D 274 -13.81 40.69 -15.76
N PRO D 275 -12.68 40.12 -16.23
CA PRO D 275 -12.43 40.19 -17.68
C PRO D 275 -13.57 39.54 -18.50
N TYR D 276 -14.00 38.36 -18.09
CA TYR D 276 -15.18 37.69 -18.70
C TYR D 276 -16.37 38.64 -18.77
N TRP D 277 -16.69 39.31 -17.65
CA TRP D 277 -17.90 40.13 -17.61
C TRP D 277 -17.74 41.38 -18.45
N GLU D 278 -16.57 41.99 -18.39
CA GLU D 278 -16.30 43.18 -19.23
C GLU D 278 -16.43 42.87 -20.71
N LEU D 279 -15.88 41.75 -21.14
CA LEU D 279 -16.06 41.27 -22.52
C LEU D 279 -17.53 40.97 -22.86
N ARG D 280 -18.19 40.24 -21.97
CA ARG D 280 -19.58 39.89 -22.23
C ARG D 280 -20.42 41.15 -22.35
N ALA D 281 -20.08 42.16 -21.57
CA ALA D 281 -20.87 43.38 -21.52
C ALA D 281 -20.90 44.11 -22.87
N THR D 282 -19.88 43.86 -23.68
CA THR D 282 -19.75 44.46 -25.04
C THR D 282 -20.49 43.65 -26.09
N SER D 283 -21.07 42.53 -25.71
CA SER D 283 -21.58 41.57 -26.67
C SER D 283 -23.05 41.84 -27.01
N SER D 284 -23.54 41.30 -28.12
CA SER D 284 -24.99 41.43 -28.41
C SER D 284 -25.81 40.38 -27.62
N LEU D 285 -25.11 39.54 -26.86
CA LEU D 285 -25.76 38.46 -26.12
C LEU D 285 -26.15 38.90 -24.71
N VAL D 286 -25.87 40.15 -24.34
CA VAL D 286 -26.15 40.63 -23.00
C VAL D 286 -27.57 40.35 -22.53
N THR D 287 -27.73 40.07 -21.24
CA THR D 287 -29.06 39.78 -20.72
C THR D 287 -29.52 40.96 -19.87
N GLY D 288 -28.62 41.91 -19.59
CA GLY D 288 -29.00 43.10 -18.79
C GLY D 288 -28.54 43.12 -17.33
N ILE D 289 -28.04 41.99 -16.85
CA ILE D 289 -27.54 41.84 -15.49
C ILE D 289 -26.03 42.16 -15.40
N GLU D 290 -25.40 42.46 -16.55
CA GLU D 290 -23.96 42.61 -16.56
C GLU D 290 -23.50 43.73 -15.65
N LYS D 291 -24.22 44.85 -15.66
CA LYS D 291 -23.79 45.99 -14.86
C LYS D 291 -23.81 45.68 -13.36
N ALA D 292 -24.82 44.93 -12.93
CA ALA D 292 -24.93 44.61 -11.50
C ALA D 292 -23.75 43.78 -11.04
N PHE D 293 -23.33 42.82 -11.86
CA PHE D 293 -22.12 42.09 -11.52
C PHE D 293 -20.86 42.93 -11.57
N ILE D 294 -20.65 43.65 -12.66
CA ILE D 294 -19.40 44.40 -12.76
C ILE D 294 -19.31 45.44 -11.67
N GLU D 295 -20.40 46.12 -11.37
CA GLU D 295 -20.31 47.19 -10.37
C GLU D 295 -20.13 46.64 -8.96
N SER D 296 -20.80 45.55 -8.65
CA SER D 296 -20.73 45.05 -7.27
C SER D 296 -19.37 44.33 -7.03
N TYR D 297 -18.75 43.79 -8.09
CA TYR D 297 -17.41 43.19 -7.98
C TYR D 297 -16.41 44.31 -7.69
N ARG D 298 -16.55 45.41 -8.42
CA ARG D 298 -15.61 46.50 -8.27
C ARG D 298 -15.78 47.28 -6.98
N ASP D 299 -16.99 47.33 -6.47
CA ASP D 299 -17.19 48.14 -5.27
C ASP D 299 -17.04 47.35 -3.97
N GLY D 300 -16.76 46.05 -4.07
CA GLY D 300 -16.45 45.25 -2.89
C GLY D 300 -17.68 44.71 -2.20
N SER D 301 -18.87 44.92 -2.77
CA SER D 301 -20.11 44.42 -2.10
C SER D 301 -20.38 42.95 -2.40
N PHE D 302 -19.85 42.45 -3.51
CA PHE D 302 -20.12 41.06 -3.99
C PHE D 302 -18.78 40.45 -4.42
N GLN D 303 -18.63 39.15 -4.23
CA GLN D 303 -17.39 38.46 -4.50
C GLN D 303 -17.71 37.17 -5.22
N TYR D 304 -16.77 36.70 -6.04
CA TYR D 304 -16.88 35.41 -6.72
C TYR D 304 -15.79 34.55 -6.09
N VAL D 305 -16.16 33.42 -5.46
CA VAL D 305 -15.19 32.68 -4.63
C VAL D 305 -15.29 31.17 -4.87
N LEU D 306 -14.14 30.53 -4.71
CA LEU D 306 -14.08 29.05 -4.66
C LEU D 306 -13.78 28.59 -3.26
N ILE D 307 -14.57 27.68 -2.72
CA ILE D 307 -14.27 27.08 -1.42
C ILE D 307 -14.16 25.60 -1.66
N ALA D 308 -13.01 25.03 -1.33
CA ALA D 308 -12.80 23.57 -1.48
C ALA D 308 -12.60 22.98 -0.10
N ALA D 309 -13.34 21.94 0.27
CA ALA D 309 -13.40 21.45 1.63
C ALA D 309 -13.27 19.92 1.71
N ASP D 310 -12.83 19.40 2.86
CA ASP D 310 -12.87 17.95 3.09
C ASP D 310 -14.04 17.64 4.01
N ARG D 311 -14.69 16.51 3.75
CA ARG D 311 -15.68 15.92 4.64
C ARG D 311 -14.97 15.05 5.68
N VAL D 312 -15.09 15.45 6.95
CA VAL D 312 -14.30 14.85 8.01
C VAL D 312 -15.20 14.20 9.05
N PRO E 35 -12.70 -5.21 8.67
CA PRO E 35 -13.16 -4.18 7.73
C PRO E 35 -12.00 -3.30 7.25
N ALA E 36 -12.23 -2.53 6.19
CA ALA E 36 -11.22 -1.60 5.72
C ALA E 36 -11.07 -0.49 6.77
N PRO E 37 -9.87 0.10 6.86
CA PRO E 37 -9.62 1.12 7.90
C PRO E 37 -10.41 2.40 7.64
N ALA E 38 -11.05 2.95 8.67
CA ALA E 38 -11.86 4.15 8.48
C ALA E 38 -11.06 5.37 8.02
N THR E 39 -9.80 5.49 8.46
CA THR E 39 -8.94 6.64 8.11
C THR E 39 -7.46 6.23 8.20
N PRO E 40 -6.56 7.00 7.58
CA PRO E 40 -5.13 6.70 7.70
C PRO E 40 -4.69 6.59 9.16
N TYR E 41 -5.23 7.44 10.04
CA TYR E 41 -4.88 7.34 11.46
C TYR E 41 -5.31 6.02 12.05
N GLN E 42 -6.51 5.58 11.73
CA GLN E 42 -6.94 4.34 12.36
C GLN E 42 -6.16 3.19 11.77
N GLU E 43 -5.63 3.36 10.57
CA GLU E 43 -4.70 2.35 10.04
C GLU E 43 -3.41 2.30 10.88
N ASP E 44 -2.90 3.47 11.23
CA ASP E 44 -1.71 3.53 12.08
C ASP E 44 -1.97 2.82 13.42
N ILE E 45 -3.13 3.10 13.99
CA ILE E 45 -3.48 2.57 15.29
C ILE E 45 -3.69 1.04 15.26
N ALA E 46 -4.36 0.51 14.23
CA ALA E 46 -4.38 -0.96 14.04
C ALA E 46 -3.00 -1.60 14.04
N ARG E 47 -2.08 -1.02 13.28
CA ARG E 47 -0.71 -1.51 13.24
C ARG E 47 -0.02 -1.38 14.59
N TYR E 48 -0.17 -0.22 15.24
CA TYR E 48 0.43 -0.04 16.55
C TYR E 48 0.00 -1.21 17.46
N TRP E 49 -1.28 -1.54 17.45
CA TRP E 49 -1.77 -2.55 18.39
C TRP E 49 -1.44 -3.97 17.94
N ASN E 50 -1.56 -4.26 16.66
CA ASN E 50 -1.16 -5.56 16.13
C ASN E 50 0.30 -5.88 16.46
N ASN E 51 1.14 -4.84 16.58
CA ASN E 51 2.58 -5.02 16.77
C ASN E 51 3.09 -4.76 18.19
N GLU E 52 2.16 -4.52 19.11
CA GLU E 52 2.51 -4.34 20.50
C GLU E 52 2.85 -5.69 21.15
N ALA E 53 3.89 -5.69 21.98
CA ALA E 53 4.33 -6.92 22.64
C ALA E 53 5.14 -6.73 23.94
N ARG E 54 4.77 -5.79 24.81
CA ARG E 54 5.57 -5.56 26.05
C ARG E 54 5.38 -6.68 27.07
N PRO E 55 6.47 -7.13 27.70
CA PRO E 55 6.36 -8.08 28.81
C PRO E 55 5.56 -7.47 29.97
N VAL E 56 5.59 -6.15 30.15
CA VAL E 56 4.78 -5.56 31.23
C VAL E 56 3.27 -5.79 31.02
N ASN E 57 2.85 -6.20 29.83
CA ASN E 57 1.47 -6.64 29.65
C ASN E 57 1.27 -8.16 29.65
N LEU E 58 2.18 -8.84 28.98
CA LEU E 58 2.13 -10.30 28.83
C LEU E 58 2.38 -11.00 30.19
N ARG E 59 3.50 -10.70 30.83
CA ARG E 59 3.83 -11.32 32.13
C ARG E 59 2.72 -11.10 33.16
N LEU E 60 2.10 -9.93 33.17
CA LEU E 60 1.08 -9.64 34.14
C LEU E 60 -0.21 -10.41 33.85
N GLY E 61 -0.62 -10.42 32.59
CA GLY E 61 -1.79 -11.20 32.20
C GLY E 61 -1.55 -12.70 32.41
N ASP E 62 -0.32 -13.15 32.24
CA ASP E 62 0.01 -14.56 32.47
C ASP E 62 -0.32 -15.00 33.91
N VAL E 63 -0.32 -14.05 34.85
CA VAL E 63 -0.58 -14.39 36.26
C VAL E 63 -1.89 -15.15 36.43
N ASP E 64 -2.95 -14.70 35.76
CA ASP E 64 -4.25 -15.38 35.96
C ASP E 64 -5.13 -15.40 34.71
N GLY E 65 -4.53 -15.07 33.56
CA GLY E 65 -5.20 -15.11 32.28
C GLY E 65 -6.11 -13.93 31.99
N LEU E 66 -5.90 -12.81 32.71
CA LEU E 66 -6.70 -11.60 32.47
C LEU E 66 -5.74 -10.59 31.88
N TYR E 67 -5.83 -10.38 30.58
CA TYR E 67 -4.85 -9.56 29.87
C TYR E 67 -5.38 -8.15 29.72
N HIS E 68 -4.80 -7.28 30.54
CA HIS E 68 -5.17 -5.87 30.56
C HIS E 68 -4.15 -4.98 29.80
N HIS E 69 -4.68 -3.89 29.25
CA HIS E 69 -3.87 -2.78 28.77
C HIS E 69 -4.35 -1.46 29.37
N HIS E 70 -4.08 -1.28 30.66
CA HIS E 70 -4.48 -0.05 31.33
C HIS E 70 -3.70 -0.05 32.63
N TYR E 71 -3.74 1.07 33.34
CA TYR E 71 -2.87 1.21 34.51
C TYR E 71 -3.60 0.88 35.81
N GLY E 72 -2.90 1.04 36.93
CA GLY E 72 -3.36 0.48 38.20
C GLY E 72 -3.82 1.57 39.15
N ILE E 73 -4.61 1.17 40.14
CA ILE E 73 -4.98 2.09 41.20
C ILE E 73 -4.97 1.34 42.54
N GLY E 74 -4.71 2.09 43.59
CA GLY E 74 -4.82 1.54 44.93
C GLY E 74 -3.46 1.56 45.60
N PRO E 75 -3.45 1.34 46.93
CA PRO E 75 -2.20 1.28 47.68
C PRO E 75 -1.47 -0.02 47.39
N VAL E 76 -0.16 0.04 47.40
CA VAL E 76 0.64 -1.14 47.18
C VAL E 76 0.66 -2.00 48.46
N ASP E 77 0.56 -3.32 48.27
CA ASP E 77 0.60 -4.29 49.39
C ASP E 77 2.05 -4.64 49.68
N ARG E 78 2.71 -3.85 50.52
CA ARG E 78 4.14 -4.07 50.79
C ARG E 78 4.46 -5.46 51.39
N ALA E 79 3.51 -6.03 52.12
CA ALA E 79 3.71 -7.32 52.76
C ALA E 79 3.77 -8.42 51.71
N ALA E 80 2.83 -8.42 50.76
CA ALA E 80 2.85 -9.39 49.67
C ALA E 80 4.17 -9.30 48.87
N LEU E 81 4.70 -8.09 48.72
CA LEU E 81 5.93 -7.86 47.96
C LEU E 81 7.15 -8.47 48.65
N GLY E 82 7.21 -8.30 49.96
CA GLY E 82 8.26 -8.86 50.76
C GLY E 82 9.56 -8.14 50.52
N ASP E 83 10.65 -8.85 50.75
CA ASP E 83 12.00 -8.32 50.66
C ASP E 83 12.43 -8.03 49.21
N PRO E 84 12.72 -6.74 48.91
CA PRO E 84 13.11 -6.38 47.54
C PRO E 84 14.36 -7.11 47.05
N GLU E 85 15.15 -7.67 47.97
CA GLU E 85 16.39 -8.33 47.59
C GLU E 85 16.21 -9.82 47.37
N HIS E 86 15.06 -10.34 47.77
CA HIS E 86 14.78 -11.77 47.66
C HIS E 86 14.75 -12.22 46.19
N SER E 87 14.91 -13.51 45.96
CA SER E 87 15.05 -14.01 44.59
C SER E 87 13.88 -13.60 43.67
N GLU E 88 12.67 -14.04 43.99
CA GLU E 88 11.56 -13.76 43.09
C GLU E 88 10.74 -12.55 43.56
N TYR E 89 11.44 -11.54 44.03
CA TYR E 89 10.82 -10.25 44.22
C TYR E 89 10.14 -9.83 42.90
N GLU E 90 10.85 -10.02 41.78
CA GLU E 90 10.38 -9.58 40.48
C GLU E 90 9.07 -10.27 40.19
N LYS E 91 8.92 -11.53 40.56
CA LYS E 91 7.65 -12.19 40.31
C LYS E 91 6.54 -11.66 41.24
N LYS E 92 6.91 -11.23 42.44
CA LYS E 92 5.93 -10.61 43.35
C LYS E 92 5.54 -9.20 42.85
N VAL E 93 6.47 -8.51 42.21
CA VAL E 93 6.13 -7.19 41.67
C VAL E 93 5.14 -7.40 40.52
N ILE E 94 5.37 -8.46 39.74
CA ILE E 94 4.51 -8.72 38.60
C ILE E 94 3.11 -8.98 39.08
N ALA E 95 2.99 -9.78 40.15
CA ALA E 95 1.69 -10.12 40.69
C ALA E 95 1.03 -8.89 41.26
N GLU E 96 1.83 -8.04 41.88
CA GLU E 96 1.24 -6.87 42.51
C GLU E 96 0.76 -5.86 41.45
N LEU E 97 1.60 -5.53 40.48
CA LEU E 97 1.16 -4.61 39.41
C LEU E 97 -0.10 -5.13 38.73
N HIS E 98 -0.18 -6.43 38.48
CA HIS E 98 -1.36 -6.99 37.90
C HIS E 98 -2.55 -6.84 38.80
N ARG E 99 -2.34 -6.98 40.12
CA ARG E 99 -3.46 -6.88 41.03
C ARG E 99 -4.04 -5.44 40.96
N LEU E 100 -3.16 -4.47 40.83
CA LEU E 100 -3.60 -3.07 40.81
C LEU E 100 -4.36 -2.74 39.50
N GLU E 101 -3.91 -3.34 38.39
CA GLU E 101 -4.58 -3.16 37.10
C GLU E 101 -5.93 -3.84 37.14
N SER E 102 -6.04 -5.01 37.77
CA SER E 102 -7.39 -5.60 37.90
C SER E 102 -8.28 -4.77 38.83
N ALA E 103 -7.68 -4.16 39.85
CA ALA E 103 -8.49 -3.39 40.81
C ALA E 103 -9.06 -2.20 40.08
N GLN E 104 -8.30 -1.70 39.11
CA GLN E 104 -8.72 -0.54 38.33
C GLN E 104 -9.97 -0.93 37.52
N ALA E 105 -10.01 -2.15 36.97
CA ALA E 105 -11.16 -2.60 36.17
C ALA E 105 -12.38 -2.83 37.05
N GLU E 106 -12.14 -3.41 38.23
CA GLU E 106 -13.23 -3.63 39.16
C GLU E 106 -13.83 -2.28 39.56
N PHE E 107 -12.98 -1.28 39.75
CA PHE E 107 -13.51 0.05 40.13
C PHE E 107 -14.39 0.64 39.03
N LEU E 108 -13.90 0.57 37.78
CA LEU E 108 -14.72 0.98 36.63
C LEU E 108 -16.09 0.27 36.74
N MET E 109 -16.05 -1.05 36.91
CA MET E 109 -17.30 -1.80 36.86
C MET E 109 -18.26 -1.48 38.01
N ASP E 110 -17.72 -0.99 39.13
CA ASP E 110 -18.53 -0.55 40.27
C ASP E 110 -19.44 0.59 39.84
N HIS E 111 -19.13 1.24 38.71
CA HIS E 111 -19.98 2.36 38.25
C HIS E 111 -20.94 2.07 37.10
N LEU E 112 -21.00 0.84 36.68
CA LEU E 112 -21.84 0.47 35.57
C LEU E 112 -23.29 0.17 35.97
N GLY E 113 -23.61 0.34 37.25
CA GLY E 113 -24.94 -0.03 37.71
C GLY E 113 -25.23 -1.53 37.68
N GLN E 114 -26.50 -1.86 37.78
CA GLN E 114 -26.95 -3.24 37.73
C GLN E 114 -26.92 -3.76 36.31
N ALA E 115 -26.42 -4.96 36.13
CA ALA E 115 -26.63 -5.60 34.86
C ALA E 115 -26.67 -7.10 35.05
N GLY E 116 -27.29 -7.79 34.12
CA GLY E 116 -27.45 -9.22 34.30
C GLY E 116 -27.41 -9.98 33.01
N PRO E 117 -27.68 -11.28 33.06
CA PRO E 117 -27.56 -12.19 31.93
C PRO E 117 -28.34 -11.75 30.69
N ASP E 118 -29.44 -11.05 30.88
CA ASP E 118 -30.26 -10.64 29.76
C ASP E 118 -29.75 -9.37 29.05
N ASP E 119 -28.74 -8.73 29.63
CA ASP E 119 -28.25 -7.46 29.10
C ASP E 119 -27.05 -7.64 28.20
N THR E 120 -26.84 -6.68 27.30
CA THR E 120 -25.61 -6.59 26.52
C THR E 120 -24.79 -5.39 27.00
N LEU E 121 -23.50 -5.66 27.22
CA LEU E 121 -22.53 -4.64 27.60
C LEU E 121 -21.50 -4.49 26.47
N VAL E 122 -20.98 -3.29 26.30
CA VAL E 122 -20.00 -3.04 25.23
C VAL E 122 -18.73 -2.43 25.82
N ASP E 123 -17.61 -3.02 25.48
CA ASP E 123 -16.30 -2.56 25.87
C ASP E 123 -15.73 -1.90 24.60
N ALA E 124 -15.73 -0.56 24.55
CA ALA E 124 -15.26 0.15 23.36
C ALA E 124 -13.73 0.32 23.36
N GLY E 125 -13.06 -0.39 22.44
CA GLY E 125 -11.61 -0.41 22.40
C GLY E 125 -11.12 -1.38 23.45
N CYS E 126 -11.30 -2.68 23.16
CA CYS E 126 -11.38 -3.70 24.20
C CYS E 126 -10.07 -4.48 24.43
N GLY E 127 -9.02 -4.15 23.68
CA GLY E 127 -7.69 -4.73 23.89
C GLY E 127 -7.75 -6.24 23.74
N ARG E 128 -7.06 -6.95 24.63
CA ARG E 128 -7.04 -8.43 24.58
C ARG E 128 -8.19 -9.09 25.36
N GLY E 129 -9.05 -8.26 25.95
CA GLY E 129 -10.32 -8.71 26.45
C GLY E 129 -10.39 -9.02 27.94
N GLY E 130 -9.33 -8.72 28.71
CA GLY E 130 -9.39 -8.95 30.15
C GLY E 130 -10.62 -8.39 30.87
N SER E 131 -11.01 -7.13 30.55
CA SER E 131 -12.11 -6.48 31.24
C SER E 131 -13.39 -7.16 30.81
N MET E 132 -13.40 -7.66 29.59
CA MET E 132 -14.62 -8.35 29.14
C MET E 132 -14.84 -9.65 29.96
N VAL E 133 -13.78 -10.41 30.16
CA VAL E 133 -13.87 -11.62 31.00
C VAL E 133 -14.42 -11.20 32.37
N MET E 134 -13.79 -10.19 32.98
CA MET E 134 -14.24 -9.75 34.29
C MET E 134 -15.69 -9.32 34.29
N ALA E 135 -16.13 -8.59 33.26
CA ALA E 135 -17.51 -8.09 33.29
C ALA E 135 -18.51 -9.25 33.20
N HIS E 136 -18.19 -10.22 32.36
CA HIS E 136 -19.09 -11.36 32.24
C HIS E 136 -19.13 -12.20 33.54
N ARG E 137 -17.97 -12.40 34.16
CA ARG E 137 -17.89 -13.07 35.48
C ARG E 137 -18.74 -12.29 36.47
N ARG E 138 -18.60 -10.96 36.50
CA ARG E 138 -19.35 -10.16 37.48
C ARG E 138 -20.86 -10.11 37.26
N PHE E 139 -21.28 -9.97 36.00
CA PHE E 139 -22.68 -9.68 35.70
C PHE E 139 -23.44 -10.81 35.02
N GLY E 140 -22.72 -11.68 34.32
CA GLY E 140 -23.34 -12.73 33.54
C GLY E 140 -23.88 -12.26 32.19
N SER E 141 -23.67 -10.98 31.89
CA SER E 141 -24.18 -10.37 30.66
C SER E 141 -23.49 -10.84 29.39
N ARG E 142 -24.16 -10.64 28.24
CA ARG E 142 -23.47 -10.69 26.97
C ARG E 142 -22.49 -9.50 26.91
N VAL E 143 -21.24 -9.76 26.56
CA VAL E 143 -20.21 -8.71 26.49
C VAL E 143 -19.60 -8.64 25.09
N GLU E 144 -19.83 -7.54 24.40
CA GLU E 144 -19.31 -7.36 23.04
C GLU E 144 -18.19 -6.33 23.13
N GLY E 145 -17.03 -6.69 22.61
CA GLY E 145 -15.89 -5.78 22.56
C GLY E 145 -15.54 -5.44 21.11
N VAL E 146 -15.05 -4.22 20.89
CA VAL E 146 -14.49 -3.86 19.58
C VAL E 146 -13.08 -3.34 19.70
N THR E 147 -12.24 -3.68 18.72
CA THR E 147 -10.85 -3.23 18.75
C THR E 147 -10.42 -3.02 17.31
N LEU E 148 -9.39 -2.22 17.04
CA LEU E 148 -8.92 -2.11 15.66
C LEU E 148 -7.97 -3.24 15.27
N SER E 149 -7.50 -4.01 16.26
CA SER E 149 -6.43 -4.99 16.05
C SER E 149 -6.96 -6.42 15.93
N ALA E 150 -6.75 -7.01 14.75
CA ALA E 150 -7.08 -8.41 14.48
C ALA E 150 -6.37 -9.30 15.47
N ALA E 151 -5.09 -9.03 15.73
CA ALA E 151 -4.37 -9.82 16.73
C ALA E 151 -5.05 -9.80 18.10
N GLN E 152 -5.47 -8.63 18.59
CA GLN E 152 -6.14 -8.58 19.88
C GLN E 152 -7.51 -9.23 19.89
N ALA E 153 -8.28 -9.03 18.83
CA ALA E 153 -9.58 -9.68 18.74
C ALA E 153 -9.45 -11.23 18.79
N ASP E 154 -8.55 -11.74 17.98
CA ASP E 154 -8.26 -13.19 17.95
C ASP E 154 -7.86 -13.62 19.37
N PHE E 155 -6.94 -12.90 20.00
CA PHE E 155 -6.49 -13.23 21.38
C PHE E 155 -7.64 -13.35 22.36
N GLY E 156 -8.52 -12.34 22.39
CA GLY E 156 -9.62 -12.41 23.32
C GLY E 156 -10.67 -13.47 23.01
N ASN E 157 -10.92 -13.73 21.72
CA ASN E 157 -11.88 -14.80 21.41
C ASN E 157 -11.33 -16.20 21.76
N ARG E 158 -10.02 -16.37 21.72
CA ARG E 158 -9.39 -17.64 22.11
C ARG E 158 -9.52 -17.79 23.62
N ARG E 159 -9.24 -16.71 24.35
CA ARG E 159 -9.41 -16.75 25.79
C ARG E 159 -10.84 -17.08 26.16
N ALA E 160 -11.83 -16.49 25.48
CA ALA E 160 -13.21 -16.79 25.79
C ALA E 160 -13.55 -18.26 25.52
N ARG E 161 -13.00 -18.84 24.45
CA ARG E 161 -13.25 -20.25 24.14
C ARG E 161 -12.63 -21.16 25.21
N GLU E 162 -11.50 -20.76 25.78
CA GLU E 162 -10.88 -21.54 26.87
C GLU E 162 -11.64 -21.53 28.17
N LEU E 163 -12.22 -20.37 28.48
CA LEU E 163 -13.04 -20.17 29.65
C LEU E 163 -14.46 -20.67 29.41
N ARG E 164 -14.74 -21.13 28.19
CA ARG E 164 -16.08 -21.59 27.80
C ARG E 164 -17.19 -20.55 28.05
N ILE E 165 -16.88 -19.29 27.74
CA ILE E 165 -17.84 -18.21 27.84
C ILE E 165 -17.99 -17.53 26.46
N ASP E 166 -17.39 -18.13 25.44
CA ASP E 166 -17.45 -17.56 24.08
C ASP E 166 -18.87 -17.41 23.54
N ASP E 167 -19.83 -18.09 24.13
CA ASP E 167 -21.20 -17.86 23.71
C ASP E 167 -21.76 -16.54 24.28
N HIS E 168 -20.99 -15.89 25.15
CA HIS E 168 -21.42 -14.65 25.82
C HIS E 168 -20.49 -13.46 25.60
N VAL E 169 -19.25 -13.76 25.27
CA VAL E 169 -18.18 -12.78 25.23
C VAL E 169 -17.50 -12.83 23.88
N ARG E 170 -17.53 -11.72 23.15
CA ARG E 170 -17.01 -11.76 21.80
C ARG E 170 -16.33 -10.45 21.45
N SER E 171 -15.12 -10.54 20.88
CA SER E 171 -14.40 -9.38 20.34
C SER E 171 -14.46 -9.35 18.83
N ARG E 172 -14.67 -8.16 18.28
CA ARG E 172 -14.59 -8.01 16.82
C ARG E 172 -13.67 -6.87 16.46
N VAL E 173 -13.12 -6.92 15.25
CA VAL E 173 -12.36 -5.82 14.67
C VAL E 173 -13.35 -4.80 14.11
N CYS E 174 -13.41 -3.62 14.71
CA CYS E 174 -14.45 -2.68 14.35
C CYS E 174 -14.12 -1.30 14.95
N ASN E 175 -14.31 -0.25 14.14
CA ASN E 175 -14.18 1.14 14.59
C ASN E 175 -15.28 1.44 15.61
N MET E 176 -14.89 1.86 16.81
CA MET E 176 -15.84 2.09 17.87
C MET E 176 -16.68 3.34 17.58
N LEU E 177 -16.34 4.12 16.56
CA LEU E 177 -17.18 5.28 16.24
C LEU E 177 -18.30 4.86 15.29
N ASP E 178 -18.25 3.62 14.81
CA ASP E 178 -19.22 3.18 13.79
C ASP E 178 -19.46 1.67 13.95
N THR E 179 -20.25 1.32 14.98
CA THR E 179 -20.48 -0.05 15.37
C THR E 179 -21.83 -0.59 14.84
N PRO E 180 -22.00 -1.92 14.82
CA PRO E 180 -23.20 -2.58 14.31
C PRO E 180 -24.34 -2.66 15.33
N PHE E 181 -24.07 -2.27 16.56
CA PHE E 181 -25.11 -2.39 17.61
C PHE E 181 -26.33 -1.54 17.32
N ASP E 182 -27.50 -2.12 17.49
CA ASP E 182 -28.74 -1.41 17.23
C ASP E 182 -28.94 -0.27 18.20
N LYS E 183 -29.69 0.73 17.76
CA LYS E 183 -30.07 1.83 18.59
C LYS E 183 -30.73 1.33 19.88
N GLY E 184 -30.28 1.85 21.01
CA GLY E 184 -30.90 1.55 22.30
C GLY E 184 -30.78 0.11 22.80
N ALA E 185 -29.94 -0.70 22.19
CA ALA E 185 -29.89 -2.13 22.53
C ALA E 185 -28.95 -2.47 23.67
N VAL E 186 -28.09 -1.53 24.06
CA VAL E 186 -26.99 -1.79 25.01
C VAL E 186 -27.33 -1.23 26.39
N THR E 187 -27.12 -2.03 27.43
CA THR E 187 -27.43 -1.61 28.78
C THR E 187 -26.35 -0.70 29.39
N ALA E 188 -25.10 -1.04 29.18
CA ALA E 188 -23.98 -0.28 29.71
C ALA E 188 -22.79 -0.43 28.79
N SER E 189 -21.92 0.57 28.80
CA SER E 189 -20.73 0.48 27.97
C SER E 189 -19.62 1.28 28.61
N TRP E 190 -18.38 1.08 28.16
CA TRP E 190 -17.28 1.86 28.71
C TRP E 190 -16.12 2.05 27.75
N ASN E 191 -15.23 2.99 28.08
CA ASN E 191 -13.93 3.06 27.44
C ASN E 191 -12.93 3.05 28.58
N ASN E 192 -12.13 1.99 28.64
CA ASN E 192 -11.09 1.94 29.65
C ASN E 192 -9.79 2.32 28.96
N GLU E 193 -9.33 3.56 29.19
CA GLU E 193 -8.14 4.09 28.52
C GLU E 193 -8.14 3.82 27.01
N SER E 194 -9.20 4.20 26.29
CA SER E 194 -9.11 4.15 24.83
C SER E 194 -9.70 5.41 24.18
N THR E 195 -10.14 6.36 25.00
CA THR E 195 -10.82 7.54 24.42
C THR E 195 -9.81 8.46 23.69
N MET E 196 -8.52 8.33 24.02
CA MET E 196 -7.50 9.18 23.45
C MET E 196 -7.13 8.78 22.04
N TYR E 197 -7.89 7.87 21.43
CA TYR E 197 -7.64 7.50 20.05
C TYR E 197 -8.74 8.03 19.11
N VAL E 198 -9.69 8.81 19.62
CA VAL E 198 -10.81 9.23 18.78
C VAL E 198 -11.28 10.63 19.17
N ASP E 199 -12.05 11.22 18.28
CA ASP E 199 -12.73 12.46 18.55
C ASP E 199 -13.82 12.20 19.58
N LEU E 200 -13.85 12.97 20.66
CA LEU E 200 -14.81 12.66 21.75
C LEU E 200 -16.27 12.93 21.39
N HIS E 201 -16.56 13.94 20.59
CA HIS E 201 -17.95 14.18 20.20
C HIS E 201 -18.47 12.99 19.38
N ASP E 202 -17.69 12.52 18.44
CA ASP E 202 -18.09 11.34 17.65
C ASP E 202 -18.20 10.08 18.52
N LEU E 203 -17.25 9.87 19.44
CA LEU E 203 -17.32 8.73 20.36
C LEU E 203 -18.57 8.72 21.24
N PHE E 204 -18.86 9.84 21.91
CA PHE E 204 -20.02 9.86 22.79
C PHE E 204 -21.32 9.86 22.02
N SER E 205 -21.31 10.42 20.79
CA SER E 205 -22.49 10.35 19.94
C SER E 205 -22.80 8.85 19.64
N GLU E 206 -21.78 8.04 19.39
CA GLU E 206 -22.03 6.62 19.08
C GLU E 206 -22.50 5.84 20.32
N HIS E 207 -21.84 6.01 21.47
CA HIS E 207 -22.34 5.38 22.72
C HIS E 207 -23.75 5.83 23.00
N SER E 208 -24.05 7.11 22.85
CA SER E 208 -25.41 7.53 23.15
C SER E 208 -26.40 6.93 22.16
N ARG E 209 -25.95 6.62 20.94
CA ARG E 209 -26.84 5.92 20.00
C ARG E 209 -27.20 4.50 20.45
N PHE E 210 -26.18 3.67 20.73
CA PHE E 210 -26.46 2.29 21.12
C PHE E 210 -26.94 2.05 22.55
N LEU E 211 -26.62 2.97 23.48
CA LEU E 211 -27.14 2.83 24.85
C LEU E 211 -28.63 3.08 24.95
N LYS E 212 -29.35 2.20 25.66
CA LYS E 212 -30.73 2.49 25.98
C LYS E 212 -30.84 3.75 26.83
N VAL E 213 -32.03 4.35 26.84
CA VAL E 213 -32.30 5.45 27.75
C VAL E 213 -32.25 4.87 29.16
N GLY E 214 -31.50 5.52 30.05
CA GLY E 214 -31.23 5.01 31.36
C GLY E 214 -30.01 4.07 31.38
N GLY E 215 -29.31 3.97 30.26
CA GLY E 215 -28.12 3.12 30.18
C GLY E 215 -27.02 3.81 30.93
N ARG E 216 -25.93 3.10 31.17
CA ARG E 216 -24.86 3.70 31.93
C ARG E 216 -23.57 3.63 31.12
N TYR E 217 -22.76 4.67 31.31
CA TYR E 217 -21.47 4.82 30.62
C TYR E 217 -20.38 5.07 31.63
N VAL E 218 -19.25 4.43 31.44
CA VAL E 218 -18.05 4.74 32.25
C VAL E 218 -16.80 4.88 31.40
N THR E 219 -16.01 5.89 31.73
CA THR E 219 -14.67 5.95 31.23
C THR E 219 -13.64 6.15 32.33
N ILE E 220 -12.52 5.46 32.18
CA ILE E 220 -11.32 5.90 32.90
C ILE E 220 -10.31 6.38 31.86
N THR E 221 -9.70 7.53 32.11
CA THR E 221 -8.84 8.10 31.10
C THR E 221 -7.75 8.90 31.76
N GLY E 222 -6.73 9.27 31.00
CA GLY E 222 -5.83 10.32 31.42
C GLY E 222 -6.15 11.54 30.59
N CYS E 223 -6.45 12.67 31.22
CA CYS E 223 -6.70 13.92 30.51
C CYS E 223 -5.78 15.05 30.95
N TRP E 224 -5.40 15.93 30.02
CA TRP E 224 -4.62 17.05 30.47
C TRP E 224 -5.51 18.00 31.24
N ASN E 225 -4.92 18.72 32.17
CA ASN E 225 -5.71 19.48 33.14
C ASN E 225 -5.86 20.91 32.68
N PRO E 226 -7.08 21.32 32.36
CA PRO E 226 -7.28 22.67 31.85
C PRO E 226 -6.78 23.75 32.85
N ARG E 227 -6.66 23.39 34.14
CA ARG E 227 -6.03 24.29 35.14
C ARG E 227 -4.58 24.60 34.81
N TYR E 228 -3.87 23.61 34.29
CA TYR E 228 -2.49 23.83 33.89
C TYR E 228 -2.41 24.79 32.68
N GLY E 229 -3.34 24.64 31.73
CA GLY E 229 -3.47 25.66 30.69
C GLY E 229 -3.56 25.06 29.28
N GLN E 230 -2.64 24.15 28.96
CA GLN E 230 -2.50 23.50 27.64
C GLN E 230 -1.67 22.26 27.97
N PRO E 231 -1.57 21.32 27.03
CA PRO E 231 -0.80 20.09 27.27
C PRO E 231 0.67 20.37 27.59
N SER E 232 1.19 19.85 28.70
CA SER E 232 2.61 20.06 29.00
C SER E 232 3.50 19.19 28.14
N LYS E 233 4.80 19.44 28.18
CA LYS E 233 5.68 18.63 27.38
C LYS E 233 5.55 17.18 27.74
N TRP E 234 5.21 16.86 29.00
CA TRP E 234 5.14 15.44 29.40
C TRP E 234 3.95 14.80 28.73
N VAL E 235 2.83 15.52 28.68
CA VAL E 235 1.63 14.99 28.04
C VAL E 235 1.93 14.73 26.57
N SER E 236 2.60 15.66 25.91
CA SER E 236 2.97 15.45 24.51
C SER E 236 3.92 14.26 24.30
N GLN E 237 4.82 14.04 25.25
CA GLN E 237 5.67 12.83 25.18
C GLN E 237 4.84 11.53 25.24
N ILE E 238 3.79 11.57 26.04
CA ILE E 238 2.93 10.41 26.15
C ILE E 238 2.17 10.25 24.84
N ASN E 239 1.64 11.33 24.30
CA ASN E 239 0.99 11.24 22.98
C ASN E 239 1.91 10.59 21.91
N ALA E 240 3.16 11.05 21.87
CA ALA E 240 4.15 10.55 20.89
C ALA E 240 4.40 9.09 21.11
N HIS E 241 4.53 8.71 22.38
CA HIS E 241 4.88 7.35 22.73
C HIS E 241 3.80 6.36 22.25
N PHE E 242 2.51 6.69 22.47
CA PHE E 242 1.37 5.80 22.18
C PHE E 242 0.62 6.14 20.90
N GLU E 243 1.15 7.09 20.16
CA GLU E 243 0.47 7.59 18.96
C GLU E 243 -0.97 8.03 19.24
N CYS E 244 -1.18 8.72 20.35
CA CYS E 244 -2.54 9.07 20.79
C CYS E 244 -2.76 10.57 20.88
N ASN E 245 -3.95 10.94 21.34
CA ASN E 245 -4.33 12.36 21.35
C ASN E 245 -5.11 12.63 22.65
N ILE E 246 -4.37 12.79 23.75
CA ILE E 246 -4.93 13.04 25.07
C ILE E 246 -5.79 14.31 25.02
N HIS E 247 -7.01 14.24 25.54
CA HIS E 247 -7.93 15.40 25.47
C HIS E 247 -7.92 16.11 26.81
N SER E 248 -8.42 17.36 26.86
CA SER E 248 -8.51 18.01 28.15
C SER E 248 -9.74 17.55 28.90
N ARG E 249 -9.73 17.70 30.22
CA ARG E 249 -10.91 17.40 31.02
C ARG E 249 -12.10 18.23 30.55
N ARG E 250 -11.84 19.47 30.11
CA ARG E 250 -12.94 20.31 29.61
C ARG E 250 -13.63 19.68 28.39
N GLU E 251 -12.81 19.10 27.49
CA GLU E 251 -13.36 18.45 26.29
C GLU E 251 -14.20 17.21 26.63
N TYR E 252 -13.76 16.40 27.62
CA TYR E 252 -14.60 15.28 28.06
C TYR E 252 -16.00 15.75 28.46
N LEU E 253 -16.04 16.76 29.32
CA LEU E 253 -17.32 17.22 29.87
C LEU E 253 -18.18 17.87 28.79
N ARG E 254 -17.54 18.58 27.87
CA ARG E 254 -18.28 19.25 26.79
C ARG E 254 -18.91 18.21 25.85
N ALA E 255 -18.13 17.22 25.45
CA ALA E 255 -18.62 16.20 24.51
C ALA E 255 -19.73 15.37 25.11
N MET E 256 -19.67 15.15 26.41
CA MET E 256 -20.73 14.40 27.06
C MET E 256 -21.99 15.23 27.06
N ALA E 257 -21.88 16.47 27.52
CA ALA E 257 -23.07 17.33 27.57
C ALA E 257 -23.72 17.49 26.19
N ASP E 258 -22.90 17.52 25.14
CA ASP E 258 -23.45 17.61 23.79
C ASP E 258 -24.05 16.31 23.26
N ASN E 259 -23.91 15.21 24.00
CA ASN E 259 -24.39 13.92 23.52
C ASN E 259 -25.22 13.10 24.55
N ARG E 260 -25.98 13.80 25.36
CA ARG E 260 -26.96 13.12 26.27
C ARG E 260 -26.29 12.16 27.27
N LEU E 261 -25.03 12.40 27.64
CA LEU E 261 -24.39 11.62 28.70
C LEU E 261 -24.18 12.61 29.85
N VAL E 262 -24.71 12.28 31.02
CA VAL E 262 -24.69 13.18 32.18
C VAL E 262 -23.94 12.56 33.34
N PRO E 263 -22.71 13.01 33.59
CA PRO E 263 -21.93 12.47 34.69
C PRO E 263 -22.75 12.47 35.98
N HIS E 264 -22.64 11.37 36.73
CA HIS E 264 -23.17 11.33 38.12
C HIS E 264 -22.03 11.15 39.12
N THR E 265 -20.84 10.77 38.62
CA THR E 265 -19.67 10.56 39.46
C THR E 265 -18.44 10.94 38.67
N ILE E 266 -17.61 11.82 39.25
CA ILE E 266 -16.30 12.06 38.67
C ILE E 266 -15.27 11.99 39.81
N VAL E 267 -14.25 11.13 39.62
CA VAL E 267 -13.29 10.88 40.67
C VAL E 267 -11.93 11.17 40.09
N ASP E 268 -11.19 12.10 40.71
CA ASP E 268 -9.81 12.30 40.31
C ASP E 268 -8.98 11.17 40.96
N LEU E 269 -8.52 10.22 40.14
CA LEU E 269 -7.72 9.07 40.60
C LEU E 269 -6.20 9.30 40.54
N THR E 270 -5.79 10.55 40.33
CA THR E 270 -4.34 10.77 40.22
C THR E 270 -3.56 10.24 41.46
N PRO E 271 -4.06 10.54 42.66
CA PRO E 271 -3.29 10.10 43.84
C PRO E 271 -3.31 8.58 43.95
N ASP E 272 -4.36 7.97 43.44
CA ASP E 272 -4.57 6.53 43.52
C ASP E 272 -3.77 5.73 42.53
N THR E 273 -3.30 6.35 41.45
CA THR E 273 -2.54 5.62 40.47
C THR E 273 -1.04 5.86 40.70
N LEU E 274 -0.67 6.92 41.41
CA LEU E 274 0.76 7.12 41.62
C LEU E 274 1.51 5.93 42.27
N PRO E 275 0.90 5.25 43.25
CA PRO E 275 1.66 4.15 43.84
C PRO E 275 1.98 3.06 42.81
N TYR E 276 1.03 2.78 41.93
CA TYR E 276 1.29 1.83 40.86
C TYR E 276 2.48 2.23 39.99
N TRP E 277 2.52 3.50 39.57
CA TRP E 277 3.59 3.98 38.72
C TRP E 277 4.94 3.99 39.42
N GLU E 278 4.95 4.41 40.69
CA GLU E 278 6.21 4.37 41.47
C GLU E 278 6.78 2.96 41.63
N LEU E 279 5.92 1.99 41.85
CA LEU E 279 6.33 0.59 41.93
C LEU E 279 6.85 0.12 40.58
N ARG E 280 6.08 0.41 39.54
CA ARG E 280 6.44 -0.03 38.20
C ARG E 280 7.80 0.53 37.79
N ALA E 281 8.05 1.75 38.24
CA ALA E 281 9.27 2.43 37.83
C ALA E 281 10.50 1.76 38.39
N THR E 282 10.31 0.94 39.42
CA THR E 282 11.40 0.19 40.04
C THR E 282 11.63 -1.15 39.37
N SER E 283 10.74 -1.56 38.47
CA SER E 283 10.80 -2.94 37.97
C SER E 283 11.61 -3.06 36.71
N SER E 284 11.99 -4.29 36.34
CA SER E 284 12.81 -4.49 35.16
C SER E 284 11.89 -4.45 33.95
N LEU E 285 10.59 -4.30 34.17
CA LEU E 285 9.64 -4.31 33.03
C LEU E 285 9.31 -2.91 32.46
N VAL E 286 10.04 -1.87 32.90
CA VAL E 286 9.73 -0.50 32.53
C VAL E 286 9.81 -0.32 31.00
N THR E 287 8.95 0.54 30.45
CA THR E 287 8.94 0.77 28.99
C THR E 287 9.59 2.07 28.60
N GLY E 288 9.92 2.90 29.59
CA GLY E 288 10.52 4.20 29.34
C GLY E 288 9.58 5.40 29.48
N ILE E 289 8.28 5.17 29.62
CA ILE E 289 7.31 6.26 29.69
C ILE E 289 6.93 6.58 31.15
N GLU E 290 7.45 5.77 32.09
CA GLU E 290 7.17 6.01 33.51
C GLU E 290 7.42 7.45 33.96
N LYS E 291 8.54 8.02 33.55
CA LYS E 291 8.85 9.39 34.01
C LYS E 291 7.82 10.43 33.59
N ALA E 292 7.36 10.35 32.32
CA ALA E 292 6.38 11.31 31.83
C ALA E 292 5.07 11.22 32.64
N PHE E 293 4.62 10.01 32.96
CA PHE E 293 3.44 9.90 33.79
C PHE E 293 3.67 10.47 35.20
N ILE E 294 4.70 9.98 35.86
CA ILE E 294 4.94 10.40 37.24
C ILE E 294 5.11 11.92 37.37
N GLU E 295 5.91 12.51 36.50
CA GLU E 295 6.17 13.95 36.59
C GLU E 295 4.93 14.80 36.29
N SER E 296 4.14 14.42 35.28
CA SER E 296 2.98 15.21 34.92
C SER E 296 1.85 15.01 35.93
N TYR E 297 1.74 13.81 36.53
CA TYR E 297 0.81 13.67 37.64
C TYR E 297 1.21 14.56 38.84
N ARG E 298 2.50 14.57 39.13
CA ARG E 298 2.96 15.33 40.29
C ARG E 298 2.88 16.82 40.05
N ASP E 299 3.12 17.26 38.81
CA ASP E 299 3.11 18.71 38.56
C ASP E 299 1.74 19.30 38.26
N GLY E 300 0.72 18.45 38.17
CA GLY E 300 -0.64 18.93 37.92
C GLY E 300 -1.03 19.16 36.47
N SER E 301 -0.23 18.71 35.51
CA SER E 301 -0.52 19.00 34.09
C SER E 301 -1.40 17.88 33.53
N PHE E 302 -1.37 16.73 34.18
CA PHE E 302 -2.06 15.55 33.67
C PHE E 302 -2.77 14.89 34.84
N GLN E 303 -3.92 14.29 34.61
CA GLN E 303 -4.66 13.70 35.70
C GLN E 303 -5.33 12.41 35.18
N TYR E 304 -5.55 11.47 36.09
CA TYR E 304 -6.13 10.17 35.78
C TYR E 304 -7.50 10.24 36.42
N VAL E 305 -8.55 10.04 35.62
CA VAL E 305 -9.89 10.39 36.06
C VAL E 305 -10.88 9.31 35.70
N LEU E 306 -11.85 9.03 36.58
CA LEU E 306 -13.03 8.25 36.21
C LEU E 306 -14.20 9.19 36.00
N ILE E 307 -14.95 9.00 34.92
CA ILE E 307 -16.23 9.72 34.75
C ILE E 307 -17.31 8.68 34.47
N ALA E 308 -18.36 8.66 35.29
CA ALA E 308 -19.46 7.73 35.06
C ALA E 308 -20.72 8.53 34.82
N ALA E 309 -21.48 8.15 33.78
CA ALA E 309 -22.56 8.99 33.27
C ALA E 309 -23.79 8.13 33.01
N ASP E 310 -24.96 8.74 33.05
CA ASP E 310 -26.19 8.12 32.60
C ASP E 310 -26.50 8.64 31.19
N ARG E 311 -27.04 7.76 30.34
CA ARG E 311 -27.56 8.12 29.04
C ARG E 311 -29.01 8.52 29.22
N VAL E 312 -29.30 9.79 28.98
CA VAL E 312 -30.62 10.33 29.27
C VAL E 312 -31.28 10.82 28.00
N PRO F 35 -46.58 -1.91 25.54
CA PRO F 35 -45.20 -1.38 25.51
C PRO F 35 -44.74 -0.95 26.91
N ALA F 36 -43.53 -1.36 27.31
CA ALA F 36 -43.04 -1.06 28.65
C ALA F 36 -42.89 0.46 28.81
N PRO F 37 -43.04 0.97 30.05
CA PRO F 37 -42.85 2.42 30.24
C PRO F 37 -41.41 2.84 29.92
N ALA F 38 -41.26 4.03 29.35
CA ALA F 38 -39.93 4.39 28.86
C ALA F 38 -39.00 4.80 30.01
N THR F 39 -39.59 5.36 31.07
CA THR F 39 -38.83 5.78 32.24
C THR F 39 -39.68 5.58 33.51
N PRO F 40 -39.05 5.63 34.70
CA PRO F 40 -39.88 5.61 35.91
C PRO F 40 -40.93 6.71 35.91
N TYR F 41 -40.57 7.94 35.52
CA TYR F 41 -41.53 9.03 35.49
C TYR F 41 -42.70 8.70 34.57
N GLN F 42 -42.43 8.14 33.39
CA GLN F 42 -43.56 7.84 32.49
C GLN F 42 -44.50 6.73 33.04
N GLU F 43 -43.91 5.80 33.78
CA GLU F 43 -44.69 4.83 34.53
C GLU F 43 -45.62 5.53 35.54
N ASP F 44 -45.10 6.50 36.29
CA ASP F 44 -45.96 7.33 37.14
C ASP F 44 -47.13 7.91 36.41
N ILE F 45 -46.90 8.46 35.22
CA ILE F 45 -47.94 9.19 34.55
C ILE F 45 -48.97 8.23 33.98
N ALA F 46 -48.51 7.06 33.53
CA ALA F 46 -49.40 6.01 33.03
C ALA F 46 -50.32 5.63 34.20
N ARG F 47 -49.70 5.35 35.36
CA ARG F 47 -50.47 5.02 36.57
C ARG F 47 -51.49 6.10 36.93
N TYR F 48 -51.08 7.36 36.89
CA TYR F 48 -51.97 8.48 37.21
C TYR F 48 -53.25 8.53 36.35
N TRP F 49 -53.09 8.53 35.03
CA TRP F 49 -54.24 8.63 34.13
C TRP F 49 -55.08 7.34 34.11
N ASN F 50 -54.42 6.22 34.38
CA ASN F 50 -55.11 4.95 34.52
C ASN F 50 -56.08 4.93 35.71
N ASN F 51 -55.72 5.66 36.77
CA ASN F 51 -56.59 5.77 37.96
C ASN F 51 -57.56 6.96 37.95
N GLU F 52 -57.36 7.91 37.06
CA GLU F 52 -58.17 9.12 37.05
C GLU F 52 -59.61 8.90 36.53
N ALA F 53 -60.55 9.61 37.16
CA ALA F 53 -61.95 9.59 36.75
C ALA F 53 -62.77 10.63 37.51
N ARG F 54 -62.33 11.88 37.48
CA ARG F 54 -63.02 12.94 38.21
C ARG F 54 -64.35 13.26 37.57
N PRO F 55 -65.30 13.77 38.38
CA PRO F 55 -66.61 14.16 37.87
C PRO F 55 -66.52 15.43 37.03
N VAL F 56 -65.62 16.34 37.41
CA VAL F 56 -65.51 17.61 36.68
C VAL F 56 -65.03 17.34 35.26
N ASN F 57 -64.56 16.12 35.00
CA ASN F 57 -64.26 15.69 33.63
C ASN F 57 -65.29 14.77 33.00
N LEU F 58 -65.74 13.75 33.74
CA LEU F 58 -66.68 12.77 33.18
C LEU F 58 -68.10 13.34 33.02
N ARG F 59 -68.53 14.20 33.94
CA ARG F 59 -69.90 14.68 33.90
C ARG F 59 -70.00 15.78 32.88
N LEU F 60 -68.90 16.49 32.67
CA LEU F 60 -68.85 17.43 31.57
C LEU F 60 -68.87 16.65 30.26
N GLY F 61 -68.05 15.60 30.17
CA GLY F 61 -67.98 14.78 28.98
C GLY F 61 -69.37 14.34 28.56
N ASP F 62 -70.19 14.00 29.56
CA ASP F 62 -71.57 13.52 29.34
C ASP F 62 -72.50 14.50 28.64
N VAL F 63 -72.35 15.81 28.85
CA VAL F 63 -73.26 16.72 28.14
C VAL F 63 -73.49 16.21 26.72
N ASP F 64 -72.42 15.94 25.98
CA ASP F 64 -72.53 15.54 24.57
C ASP F 64 -71.55 14.48 24.07
N GLY F 65 -70.94 13.70 24.95
CA GLY F 65 -70.05 12.62 24.52
C GLY F 65 -68.63 13.01 24.07
N LEU F 66 -68.28 14.28 24.25
CA LEU F 66 -66.92 14.77 24.00
C LEU F 66 -66.11 14.89 25.31
N TYR F 67 -65.22 13.92 25.53
CA TYR F 67 -64.47 13.84 26.77
C TYR F 67 -63.10 14.51 26.70
N HIS F 68 -63.04 15.68 27.31
CA HIS F 68 -61.86 16.54 27.31
C HIS F 68 -61.12 16.47 28.64
N HIS F 69 -59.82 16.70 28.60
CA HIS F 69 -59.02 17.00 29.79
C HIS F 69 -58.15 18.22 29.55
N HIS F 70 -58.80 19.38 29.54
CA HIS F 70 -58.15 20.67 29.38
C HIS F 70 -59.11 21.75 29.84
N TYR F 71 -58.60 22.96 29.99
CA TYR F 71 -59.41 24.08 30.46
C TYR F 71 -60.13 24.83 29.34
N GLY F 72 -60.91 25.85 29.69
CA GLY F 72 -61.70 26.56 28.70
C GLY F 72 -61.35 28.01 28.50
N ILE F 73 -61.85 28.59 27.40
CA ILE F 73 -61.66 30.00 27.14
C ILE F 73 -62.95 30.66 26.63
N GLY F 74 -63.01 31.98 26.78
CA GLY F 74 -64.05 32.79 26.20
C GLY F 74 -65.01 33.17 27.31
N PRO F 75 -65.80 34.23 27.07
CA PRO F 75 -66.67 34.91 28.04
C PRO F 75 -67.74 33.96 28.54
N VAL F 76 -68.08 34.11 29.82
CA VAL F 76 -69.08 33.22 30.39
C VAL F 76 -70.47 33.70 30.00
N ASP F 77 -71.32 32.75 29.63
CA ASP F 77 -72.67 33.06 29.17
C ASP F 77 -73.62 33.18 30.39
N ARG F 78 -73.67 34.36 31.00
CA ARG F 78 -74.46 34.58 32.22
C ARG F 78 -75.96 34.33 32.02
N ALA F 79 -76.45 34.70 30.84
CA ALA F 79 -77.84 34.40 30.46
C ALA F 79 -78.10 32.89 30.51
N ALA F 80 -77.25 32.10 29.84
CA ALA F 80 -77.45 30.65 29.80
C ALA F 80 -77.39 30.03 31.19
N LEU F 81 -76.58 30.61 32.08
CA LEU F 81 -76.46 30.15 33.46
C LEU F 81 -77.75 30.39 34.25
N GLY F 82 -78.26 31.61 34.16
CA GLY F 82 -79.51 31.97 34.82
C GLY F 82 -79.28 32.38 36.27
N ASP F 83 -80.27 32.11 37.13
CA ASP F 83 -80.20 32.54 38.52
C ASP F 83 -79.45 31.51 39.35
N PRO F 84 -78.43 31.97 40.08
CA PRO F 84 -77.56 31.12 40.91
C PRO F 84 -78.36 30.34 41.95
N GLU F 85 -79.24 31.03 42.67
CA GLU F 85 -80.03 30.41 43.72
C GLU F 85 -80.97 29.36 43.15
N HIS F 86 -81.48 29.61 41.94
CA HIS F 86 -82.40 28.71 41.29
C HIS F 86 -81.92 27.26 41.39
N SER F 87 -82.82 26.32 41.10
CA SER F 87 -82.56 24.90 41.30
C SER F 87 -81.55 24.34 40.30
N GLU F 88 -81.59 24.88 39.09
CA GLU F 88 -80.83 24.27 38.00
C GLU F 88 -79.50 24.94 37.71
N TYR F 89 -79.06 25.82 38.60
CA TYR F 89 -77.84 26.58 38.35
C TYR F 89 -76.58 25.74 38.29
N GLU F 90 -76.51 24.68 39.08
CA GLU F 90 -75.36 23.79 39.00
C GLU F 90 -75.31 23.11 37.63
N LYS F 91 -76.45 22.66 37.12
CA LYS F 91 -76.50 22.03 35.81
C LYS F 91 -76.16 23.01 34.69
N LYS F 92 -76.73 24.21 34.75
CA LYS F 92 -76.33 25.24 33.80
C LYS F 92 -74.79 25.29 33.78
N VAL F 93 -74.18 25.13 34.96
CA VAL F 93 -72.74 25.26 35.13
C VAL F 93 -71.92 24.14 34.48
N ILE F 94 -72.24 22.90 34.78
CA ILE F 94 -71.63 21.78 34.05
C ILE F 94 -71.67 21.97 32.55
N ALA F 95 -72.80 22.46 32.04
CA ALA F 95 -72.94 22.71 30.59
C ALA F 95 -72.07 23.85 30.09
N GLU F 96 -71.99 24.94 30.85
CA GLU F 96 -71.25 26.10 30.41
C GLU F 96 -69.74 25.85 30.45
N LEU F 97 -69.27 25.21 31.51
CA LEU F 97 -67.85 24.88 31.62
C LEU F 97 -67.44 23.98 30.45
N HIS F 98 -68.24 22.96 30.14
CA HIS F 98 -68.02 22.12 28.96
C HIS F 98 -68.08 22.91 27.64
N ARG F 99 -69.02 23.85 27.49
CA ARG F 99 -68.98 24.70 26.29
C ARG F 99 -67.64 25.46 26.17
N LEU F 100 -67.09 25.90 27.30
CA LEU F 100 -65.85 26.70 27.26
C LEU F 100 -64.66 25.81 26.95
N GLU F 101 -64.72 24.58 27.45
CA GLU F 101 -63.71 23.59 27.18
C GLU F 101 -63.74 23.14 25.72
N SER F 102 -64.92 22.91 25.16
CA SER F 102 -64.97 22.51 23.76
C SER F 102 -64.52 23.69 22.89
N ALA F 103 -64.80 24.90 23.34
CA ALA F 103 -64.41 26.07 22.58
C ALA F 103 -62.85 26.17 22.49
N GLN F 104 -62.20 25.86 23.59
CA GLN F 104 -60.73 25.92 23.64
C GLN F 104 -60.19 25.01 22.55
N ALA F 105 -60.75 23.80 22.44
CA ALA F 105 -60.32 22.85 21.44
C ALA F 105 -60.63 23.31 19.99
N GLU F 106 -61.77 23.98 19.76
CA GLU F 106 -62.06 24.49 18.43
C GLU F 106 -61.11 25.60 18.05
N PHE F 107 -60.70 26.41 19.02
CA PHE F 107 -59.75 27.49 18.78
C PHE F 107 -58.38 26.90 18.46
N LEU F 108 -58.03 25.81 19.13
CA LEU F 108 -56.79 25.13 18.78
C LEU F 108 -56.86 24.78 17.30
N MET F 109 -57.97 24.17 16.89
CA MET F 109 -58.08 23.62 15.53
C MET F 109 -58.16 24.69 14.46
N ASP F 110 -58.57 25.89 14.85
CA ASP F 110 -58.55 27.05 14.01
C ASP F 110 -57.14 27.34 13.51
N HIS F 111 -56.12 26.86 14.21
CA HIS F 111 -54.74 27.16 13.83
C HIS F 111 -54.05 25.99 13.13
N LEU F 112 -54.78 24.93 12.80
CA LEU F 112 -54.17 23.76 12.21
C LEU F 112 -54.10 23.84 10.68
N GLY F 113 -54.67 24.89 10.08
CA GLY F 113 -54.65 25.05 8.65
C GLY F 113 -55.71 24.18 8.03
N GLN F 114 -55.64 23.98 6.72
CA GLN F 114 -56.63 23.14 6.07
C GLN F 114 -56.16 21.71 6.19
N ALA F 115 -57.10 20.80 6.32
CA ALA F 115 -56.82 19.37 6.26
C ALA F 115 -58.09 18.66 5.85
N GLY F 116 -57.92 17.48 5.27
CA GLY F 116 -59.07 16.78 4.77
C GLY F 116 -58.85 15.31 4.91
N PRO F 117 -59.75 14.54 4.29
CA PRO F 117 -59.87 13.08 4.32
C PRO F 117 -58.58 12.32 4.03
N ASP F 118 -57.77 12.85 3.14
CA ASP F 118 -56.54 12.18 2.73
C ASP F 118 -55.39 12.38 3.72
N ASP F 119 -55.59 13.24 4.70
CA ASP F 119 -54.55 13.67 5.64
C ASP F 119 -54.57 12.86 6.94
N THR F 120 -53.41 12.78 7.59
CA THR F 120 -53.36 12.19 8.92
C THR F 120 -53.02 13.30 9.91
N LEU F 121 -53.74 13.33 11.02
CA LEU F 121 -53.49 14.30 12.09
C LEU F 121 -53.05 13.55 13.34
N VAL F 122 -52.11 14.10 14.10
CA VAL F 122 -51.69 13.43 15.33
C VAL F 122 -52.03 14.25 16.58
N ASP F 123 -52.70 13.61 17.53
CA ASP F 123 -52.97 14.17 18.86
C ASP F 123 -51.94 13.54 19.82
N ALA F 124 -50.94 14.34 20.22
CA ALA F 124 -49.90 13.90 21.14
C ALA F 124 -50.33 14.07 22.59
N GLY F 125 -50.54 12.95 23.29
CA GLY F 125 -51.12 12.93 24.63
C GLY F 125 -52.62 13.15 24.61
N CYS F 126 -53.37 12.18 24.08
CA CYS F 126 -54.71 12.48 23.59
C CYS F 126 -55.84 12.39 24.64
N GLY F 127 -55.51 11.94 25.85
CA GLY F 127 -56.51 11.79 26.89
C GLY F 127 -57.57 10.76 26.50
N ARG F 128 -58.83 11.12 26.71
CA ARG F 128 -59.93 10.22 26.40
C ARG F 128 -60.45 10.30 24.97
N GLY F 129 -59.95 11.27 24.19
CA GLY F 129 -60.26 11.35 22.77
C GLY F 129 -61.18 12.48 22.30
N GLY F 130 -61.71 13.29 23.21
CA GLY F 130 -62.62 14.34 22.82
C GLY F 130 -62.14 15.19 21.66
N SER F 131 -60.88 15.59 21.69
CA SER F 131 -60.34 16.47 20.63
C SER F 131 -60.23 15.74 19.30
N MET F 132 -59.91 14.46 19.35
CA MET F 132 -59.83 13.62 18.18
C MET F 132 -61.17 13.57 17.44
N VAL F 133 -62.23 13.34 18.22
CA VAL F 133 -63.59 13.30 17.67
C VAL F 133 -63.94 14.62 17.00
N MET F 134 -63.65 15.72 17.68
CA MET F 134 -63.91 17.04 17.13
C MET F 134 -63.10 17.27 15.85
N ALA F 135 -61.85 16.78 15.84
CA ALA F 135 -60.96 16.98 14.70
C ALA F 135 -61.53 16.21 13.52
N HIS F 136 -61.82 14.95 13.74
CA HIS F 136 -62.38 14.16 12.64
C HIS F 136 -63.67 14.74 12.09
N ARG F 137 -64.52 15.30 12.94
CA ARG F 137 -65.81 15.78 12.49
C ARG F 137 -65.61 17.04 11.68
N ARG F 138 -64.58 17.78 12.06
CA ARG F 138 -64.34 19.07 11.43
C ARG F 138 -63.60 18.94 10.10
N PHE F 139 -62.65 18.00 10.01
CA PHE F 139 -61.70 17.89 8.89
C PHE F 139 -61.90 16.63 8.05
N GLY F 140 -62.37 15.55 8.67
CA GLY F 140 -62.57 14.30 7.98
C GLY F 140 -61.33 13.41 7.92
N SER F 141 -60.26 13.93 8.51
CA SER F 141 -58.97 13.26 8.43
C SER F 141 -58.90 12.00 9.28
N ARG F 142 -57.90 11.19 8.99
CA ARG F 142 -57.51 10.12 9.87
C ARG F 142 -56.86 10.79 11.07
N VAL F 143 -57.29 10.44 12.28
CA VAL F 143 -56.74 11.06 13.50
C VAL F 143 -56.15 10.00 14.38
N GLU F 144 -54.84 10.07 14.60
CA GLU F 144 -54.13 9.13 15.46
C GLU F 144 -53.77 9.79 16.80
N GLY F 145 -54.19 9.16 17.89
CA GLY F 145 -53.91 9.63 19.24
C GLY F 145 -52.90 8.75 19.94
N VAL F 146 -52.07 9.38 20.79
CA VAL F 146 -51.19 8.61 21.65
C VAL F 146 -51.32 9.11 23.08
N THR F 147 -51.37 8.15 23.99
CA THR F 147 -51.48 8.40 25.42
C THR F 147 -50.69 7.33 26.15
N LEU F 148 -50.29 7.63 27.38
CA LEU F 148 -49.57 6.66 28.17
C LEU F 148 -50.53 5.68 28.91
N SER F 149 -51.81 6.03 28.92
CA SER F 149 -52.80 5.33 29.73
C SER F 149 -53.64 4.34 28.89
N ALA F 150 -53.39 3.05 29.06
CA ALA F 150 -54.15 2.05 28.35
C ALA F 150 -55.65 2.17 28.65
N ALA F 151 -56.00 2.55 29.88
CA ALA F 151 -57.39 2.81 30.20
C ALA F 151 -57.96 3.91 29.34
N GLN F 152 -57.18 4.97 29.14
CA GLN F 152 -57.64 6.09 28.32
C GLN F 152 -57.79 5.75 26.83
N ALA F 153 -56.88 4.93 26.32
CA ALA F 153 -56.90 4.48 24.93
C ALA F 153 -58.16 3.67 24.67
N ASP F 154 -58.48 2.75 25.58
CA ASP F 154 -59.71 1.96 25.51
C ASP F 154 -60.96 2.82 25.50
N PHE F 155 -61.05 3.79 26.41
CA PHE F 155 -62.18 4.70 26.46
C PHE F 155 -62.44 5.44 25.12
N GLY F 156 -61.38 5.96 24.51
CA GLY F 156 -61.50 6.68 23.26
C GLY F 156 -61.88 5.77 22.11
N ASN F 157 -61.28 4.60 22.06
CA ASN F 157 -61.56 3.63 20.98
C ASN F 157 -62.99 3.14 21.07
N ARG F 158 -63.43 2.83 22.28
CA ARG F 158 -64.83 2.48 22.51
C ARG F 158 -65.72 3.62 22.05
N ARG F 159 -65.37 4.83 22.43
CA ARG F 159 -66.17 5.97 22.03
C ARG F 159 -66.21 6.10 20.49
N ALA F 160 -65.11 5.72 19.86
CA ALA F 160 -64.96 5.80 18.40
C ALA F 160 -65.83 4.76 17.67
N ARG F 161 -65.85 3.53 18.19
CA ARG F 161 -66.79 2.52 17.71
C ARG F 161 -68.23 3.00 17.88
N GLU F 162 -68.55 3.51 19.05
CA GLU F 162 -69.87 4.03 19.33
C GLU F 162 -70.31 4.96 18.20
N LEU F 163 -69.41 5.82 17.76
CA LEU F 163 -69.74 6.79 16.74
C LEU F 163 -69.49 6.26 15.31
N ARG F 164 -69.06 5.00 15.21
CA ARG F 164 -68.72 4.38 13.94
C ARG F 164 -67.72 5.22 13.15
N ILE F 165 -66.70 5.71 13.85
CA ILE F 165 -65.61 6.44 13.21
C ILE F 165 -64.25 5.80 13.51
N ASP F 166 -64.29 4.59 14.06
CA ASP F 166 -63.09 3.88 14.47
C ASP F 166 -62.20 3.50 13.30
N ASP F 167 -62.71 3.66 12.10
CA ASP F 167 -61.91 3.37 10.90
C ASP F 167 -61.00 4.57 10.60
N HIS F 168 -61.32 5.71 11.20
CA HIS F 168 -60.62 6.96 10.98
C HIS F 168 -59.97 7.53 12.25
N VAL F 169 -60.46 7.14 13.43
CA VAL F 169 -59.99 7.69 14.70
C VAL F 169 -59.51 6.58 15.61
N ARG F 170 -58.24 6.64 16.04
CA ARG F 170 -57.67 5.58 16.84
C ARG F 170 -56.67 6.09 17.87
N SER F 171 -56.82 5.70 19.13
CA SER F 171 -55.84 5.93 20.20
C SER F 171 -54.96 4.71 20.46
N ARG F 172 -53.68 4.95 20.76
CA ARG F 172 -52.80 3.86 21.11
C ARG F 172 -52.01 4.26 22.33
N VAL F 173 -51.50 3.25 23.04
CA VAL F 173 -50.61 3.49 24.16
C VAL F 173 -49.23 3.56 23.61
N CYS F 174 -48.69 4.77 23.66
CA CYS F 174 -47.42 5.04 23.05
C CYS F 174 -46.85 6.32 23.66
N ASN F 175 -45.55 6.32 23.88
CA ASN F 175 -44.84 7.50 24.36
C ASN F 175 -44.71 8.46 23.18
N MET F 176 -45.23 9.67 23.32
CA MET F 176 -45.29 10.62 22.21
C MET F 176 -43.91 11.11 21.77
N LEU F 177 -42.88 10.82 22.58
CA LEU F 177 -41.51 11.16 22.23
C LEU F 177 -40.89 10.12 21.27
N ASP F 178 -41.61 9.02 21.04
CA ASP F 178 -41.04 7.89 20.29
C ASP F 178 -42.19 7.13 19.63
N THR F 179 -42.78 7.72 18.59
CA THR F 179 -44.00 7.21 17.98
C THR F 179 -43.68 6.41 16.73
N PRO F 180 -44.68 5.65 16.23
CA PRO F 180 -44.43 4.79 15.04
C PRO F 180 -44.64 5.49 13.69
N PHE F 181 -45.07 6.75 13.72
CA PHE F 181 -45.39 7.42 12.46
C PHE F 181 -44.12 7.63 11.65
N ASP F 182 -44.24 7.50 10.32
CA ASP F 182 -43.08 7.65 9.43
C ASP F 182 -42.69 9.10 9.30
N LYS F 183 -41.43 9.33 8.96
CA LYS F 183 -40.94 10.67 8.77
C LYS F 183 -41.77 11.36 7.69
N GLY F 184 -42.23 12.57 7.96
CA GLY F 184 -42.97 13.32 6.95
C GLY F 184 -44.38 12.83 6.62
N ALA F 185 -44.91 11.86 7.36
CA ALA F 185 -46.25 11.34 7.03
C ALA F 185 -47.40 12.13 7.59
N VAL F 186 -47.15 13.07 8.50
CA VAL F 186 -48.25 13.72 9.20
C VAL F 186 -48.44 15.15 8.72
N THR F 187 -49.71 15.54 8.56
CA THR F 187 -50.06 16.85 8.01
C THR F 187 -50.10 17.94 9.07
N ALA F 188 -50.69 17.62 10.23
CA ALA F 188 -50.71 18.57 11.36
C ALA F 188 -50.80 17.78 12.65
N SER F 189 -50.32 18.36 13.74
CA SER F 189 -50.36 17.69 15.04
C SER F 189 -50.45 18.71 16.15
N TRP F 190 -50.83 18.27 17.35
CA TRP F 190 -50.95 19.24 18.42
C TRP F 190 -50.66 18.56 19.74
N ASN F 191 -50.40 19.39 20.77
CA ASN F 191 -50.39 18.98 22.16
C ASN F 191 -51.37 19.94 22.80
N ASN F 192 -52.49 19.42 23.29
CA ASN F 192 -53.41 20.25 24.00
C ASN F 192 -53.21 19.97 25.50
N GLU F 193 -52.54 20.90 26.20
CA GLU F 193 -52.17 20.70 27.60
C GLU F 193 -51.57 19.31 27.91
N SER F 194 -50.53 18.90 27.19
CA SER F 194 -49.79 17.72 27.54
C SER F 194 -48.26 17.88 27.46
N THR F 195 -47.80 19.09 27.11
CA THR F 195 -46.34 19.32 26.92
C THR F 195 -45.63 19.29 28.27
N MET F 196 -46.41 19.45 29.33
CA MET F 196 -45.78 19.53 30.66
C MET F 196 -45.43 18.18 31.26
N TYR F 197 -45.41 17.11 30.47
CA TYR F 197 -44.92 15.81 30.96
C TYR F 197 -43.64 15.35 30.30
N VAL F 198 -43.10 16.15 29.39
CA VAL F 198 -41.92 15.77 28.62
C VAL F 198 -40.91 16.93 28.43
N ASP F 199 -39.68 16.54 28.13
CA ASP F 199 -38.62 17.42 27.63
C ASP F 199 -39.06 18.05 26.30
N LEU F 200 -39.10 19.39 26.21
CA LEU F 200 -39.62 20.04 25.02
C LEU F 200 -38.75 19.84 23.79
N HIS F 201 -37.44 19.84 23.97
CA HIS F 201 -36.57 19.58 22.82
C HIS F 201 -36.85 18.20 22.26
N ASP F 202 -36.95 17.19 23.12
CA ASP F 202 -37.28 15.86 22.61
C ASP F 202 -38.70 15.82 21.99
N LEU F 203 -39.63 16.59 22.56
CA LEU F 203 -41.00 16.56 22.04
C LEU F 203 -41.02 17.15 20.63
N PHE F 204 -40.44 18.34 20.50
CA PHE F 204 -40.50 19.01 19.18
C PHE F 204 -39.64 18.35 18.12
N SER F 205 -38.56 17.72 18.56
CA SER F 205 -37.79 16.87 17.65
C SER F 205 -38.69 15.80 17.03
N GLU F 206 -39.55 15.21 17.85
CA GLU F 206 -40.40 14.13 17.34
C GLU F 206 -41.53 14.64 16.43
N HIS F 207 -42.23 15.70 16.82
CA HIS F 207 -43.20 16.34 15.93
C HIS F 207 -42.55 16.74 14.60
N SER F 208 -41.37 17.32 14.64
CA SER F 208 -40.79 17.76 13.37
C SER F 208 -40.32 16.57 12.49
N ARG F 209 -40.03 15.43 13.11
CA ARG F 209 -39.69 14.22 12.36
C ARG F 209 -40.92 13.74 11.57
N PHE F 210 -42.03 13.54 12.26
CA PHE F 210 -43.20 13.01 11.55
C PHE F 210 -44.02 14.00 10.76
N LEU F 211 -43.93 15.28 11.09
CA LEU F 211 -44.63 16.27 10.31
C LEU F 211 -43.94 16.49 8.94
N LYS F 212 -44.72 16.48 7.87
CA LYS F 212 -44.22 16.90 6.55
C LYS F 212 -43.69 18.31 6.53
N VAL F 213 -42.78 18.57 5.59
CA VAL F 213 -42.38 19.93 5.31
C VAL F 213 -43.61 20.76 4.97
N GLY F 214 -43.78 21.90 5.62
CA GLY F 214 -45.00 22.66 5.48
C GLY F 214 -46.16 22.20 6.37
N GLY F 215 -45.88 21.19 7.19
CA GLY F 215 -46.85 20.72 8.19
C GLY F 215 -47.14 21.79 9.22
N ARG F 216 -48.20 21.58 10.02
CA ARG F 216 -48.55 22.58 11.01
C ARG F 216 -48.64 21.95 12.39
N TYR F 217 -48.14 22.66 13.40
CA TYR F 217 -48.17 22.18 14.78
C TYR F 217 -48.89 23.24 15.65
N VAL F 218 -49.65 22.83 16.67
CA VAL F 218 -50.23 23.84 17.55
C VAL F 218 -50.13 23.27 18.95
N THR F 219 -49.84 24.12 19.92
CA THR F 219 -49.99 23.72 21.31
C THR F 219 -50.79 24.78 22.08
N ILE F 220 -51.67 24.33 22.99
CA ILE F 220 -52.17 25.21 24.01
C ILE F 220 -51.57 24.71 25.35
N THR F 221 -51.00 25.60 26.15
CA THR F 221 -50.28 25.11 27.30
C THR F 221 -50.39 26.11 28.40
N GLY F 222 -50.10 25.68 29.63
CA GLY F 222 -49.83 26.65 30.68
C GLY F 222 -48.31 26.69 30.88
N CYS F 223 -47.73 27.88 30.83
CA CYS F 223 -46.28 28.03 31.01
C CYS F 223 -46.00 29.09 32.08
N TRP F 224 -44.94 28.89 32.85
CA TRP F 224 -44.55 29.97 33.75
C TRP F 224 -43.96 31.12 32.96
N ASN F 225 -44.23 32.34 33.41
CA ASN F 225 -43.82 33.54 32.68
C ASN F 225 -42.40 34.00 33.02
N PRO F 226 -41.50 33.96 32.03
CA PRO F 226 -40.11 34.34 32.34
C PRO F 226 -40.03 35.79 32.82
N ARG F 227 -41.04 36.60 32.53
CA ARG F 227 -41.05 37.96 33.09
C ARG F 227 -41.09 37.90 34.62
N TYR F 228 -41.73 36.87 35.15
CA TYR F 228 -41.89 36.76 36.61
C TYR F 228 -40.58 36.38 37.25
N GLY F 229 -39.86 35.45 36.63
CA GLY F 229 -38.43 35.26 36.89
C GLY F 229 -38.07 33.80 37.05
N GLN F 230 -38.85 33.09 37.88
CA GLN F 230 -38.74 31.65 38.12
C GLN F 230 -40.14 31.14 38.46
N PRO F 231 -40.35 29.83 38.55
CA PRO F 231 -41.70 29.34 38.88
C PRO F 231 -42.14 29.76 40.30
N SER F 232 -43.31 30.42 40.41
CA SER F 232 -43.78 30.93 41.70
C SER F 232 -44.29 29.73 42.50
N LYS F 233 -44.60 29.98 43.76
CA LYS F 233 -45.21 28.94 44.61
C LYS F 233 -46.45 28.34 43.98
N TRP F 234 -47.25 29.15 43.29
CA TRP F 234 -48.49 28.61 42.70
C TRP F 234 -48.19 27.62 41.59
N VAL F 235 -47.28 27.98 40.69
CA VAL F 235 -46.90 27.08 39.63
C VAL F 235 -46.41 25.75 40.20
N SER F 236 -45.60 25.81 41.25
CA SER F 236 -45.10 24.59 41.88
C SER F 236 -46.22 23.73 42.51
N GLN F 237 -47.22 24.41 43.06
CA GLN F 237 -48.39 23.70 43.59
C GLN F 237 -49.15 22.94 42.49
N ILE F 238 -49.22 23.56 41.30
CA ILE F 238 -49.84 22.90 40.17
C ILE F 238 -49.03 21.68 39.77
N ASN F 239 -47.71 21.85 39.66
CA ASN F 239 -46.81 20.76 39.38
C ASN F 239 -47.04 19.59 40.34
N ALA F 240 -47.06 19.93 41.62
CA ALA F 240 -47.22 18.89 42.63
C ALA F 240 -48.56 18.17 42.45
N HIS F 241 -49.58 18.94 42.12
CA HIS F 241 -50.95 18.42 42.05
C HIS F 241 -51.16 17.44 40.88
N PHE F 242 -50.46 17.66 39.76
CA PHE F 242 -50.62 16.80 38.59
C PHE F 242 -49.40 15.93 38.28
N GLU F 243 -48.35 16.04 39.12
CA GLU F 243 -47.10 15.30 38.92
C GLU F 243 -46.50 15.75 37.57
N CYS F 244 -46.62 17.02 37.30
CA CYS F 244 -46.11 17.56 36.02
C CYS F 244 -44.92 18.50 36.19
N ASN F 245 -44.49 19.12 35.08
CA ASN F 245 -43.24 19.91 35.03
C ASN F 245 -43.47 21.09 34.08
N ILE F 246 -44.21 22.09 34.56
CA ILE F 246 -44.55 23.25 33.75
C ILE F 246 -43.27 23.95 33.25
N HIS F 247 -43.25 24.29 31.96
CA HIS F 247 -42.05 24.89 31.38
C HIS F 247 -42.21 26.39 31.26
N SER F 248 -41.12 27.12 31.06
CA SER F 248 -41.24 28.56 30.89
C SER F 248 -41.54 28.86 29.42
N ARG F 249 -42.17 30.01 29.15
CA ARG F 249 -42.47 30.41 27.78
C ARG F 249 -41.17 30.49 27.00
N ARG F 250 -40.08 30.88 27.68
CA ARG F 250 -38.75 30.91 27.06
C ARG F 250 -38.37 29.53 26.49
N GLU F 251 -38.57 28.48 27.27
CA GLU F 251 -38.22 27.12 26.83
C GLU F 251 -39.04 26.64 25.65
N TYR F 252 -40.31 27.00 25.61
CA TYR F 252 -41.15 26.64 24.46
C TYR F 252 -40.53 27.17 23.18
N LEU F 253 -40.21 28.44 23.18
CA LEU F 253 -39.74 29.07 21.94
C LEU F 253 -38.32 28.62 21.58
N ARG F 254 -37.51 28.38 22.59
CA ARG F 254 -36.14 27.92 22.34
C ARG F 254 -36.23 26.53 21.73
N ALA F 255 -37.01 25.64 22.35
CA ALA F 255 -37.12 24.28 21.82
C ALA F 255 -37.71 24.25 20.39
N MET F 256 -38.65 25.12 20.08
CA MET F 256 -39.15 25.18 18.72
C MET F 256 -38.07 25.61 17.74
N ALA F 257 -37.35 26.69 18.06
CA ALA F 257 -36.31 27.22 17.17
C ALA F 257 -35.25 26.16 16.92
N ASP F 258 -35.06 25.26 17.89
CA ASP F 258 -34.00 24.28 17.79
C ASP F 258 -34.43 23.05 17.01
N ASN F 259 -35.71 22.99 16.66
CA ASN F 259 -36.25 21.82 15.97
C ASN F 259 -37.10 22.17 14.76
N ARG F 260 -36.78 23.25 14.07
CA ARG F 260 -37.47 23.46 12.78
C ARG F 260 -38.98 23.77 12.88
N LEU F 261 -39.41 24.25 14.05
CA LEU F 261 -40.80 24.69 14.19
C LEU F 261 -40.76 26.21 14.34
N VAL F 262 -41.48 26.90 13.46
CA VAL F 262 -41.43 28.36 13.44
C VAL F 262 -42.82 28.98 13.72
N PRO F 263 -43.01 29.51 14.95
CA PRO F 263 -44.32 30.12 15.28
C PRO F 263 -44.75 31.11 14.23
N HIS F 264 -46.02 31.04 13.81
CA HIS F 264 -46.68 32.07 12.99
C HIS F 264 -47.76 32.87 13.77
N THR F 265 -48.20 32.30 14.92
CA THR F 265 -49.21 32.90 15.78
C THR F 265 -48.90 32.50 17.22
N ILE F 266 -48.88 33.50 18.08
CA ILE F 266 -48.79 33.27 19.51
C ILE F 266 -49.81 34.19 20.15
N VAL F 267 -50.67 33.64 21.01
CA VAL F 267 -51.78 34.37 21.63
C VAL F 267 -51.70 34.11 23.15
N ASP F 268 -51.63 35.18 23.93
CA ASP F 268 -51.72 35.01 25.38
C ASP F 268 -53.21 34.92 25.72
N LEU F 269 -53.64 33.72 26.07
CA LEU F 269 -55.04 33.37 26.37
C LEU F 269 -55.41 33.48 27.86
N THR F 270 -54.51 34.08 28.64
CA THR F 270 -54.73 34.15 30.08
C THR F 270 -56.02 34.90 30.44
N PRO F 271 -56.27 36.06 29.82
CA PRO F 271 -57.53 36.76 30.14
C PRO F 271 -58.74 35.96 29.66
N ASP F 272 -58.55 35.15 28.64
CA ASP F 272 -59.67 34.42 28.03
C ASP F 272 -59.95 33.15 28.80
N THR F 273 -59.02 32.73 29.66
CA THR F 273 -59.28 31.55 30.47
C THR F 273 -59.74 31.90 31.92
N LEU F 274 -59.50 33.12 32.36
CA LEU F 274 -59.91 33.50 33.73
C LEU F 274 -61.43 33.37 33.97
N PRO F 275 -62.27 33.80 33.01
CA PRO F 275 -63.73 33.61 33.20
C PRO F 275 -64.08 32.16 33.51
N TYR F 276 -63.51 31.23 32.75
CA TYR F 276 -63.70 29.82 33.02
C TYR F 276 -63.29 29.41 34.45
N TRP F 277 -62.16 29.92 34.93
CA TRP F 277 -61.70 29.49 36.25
C TRP F 277 -62.56 30.15 37.34
N GLU F 278 -62.88 31.42 37.17
CA GLU F 278 -63.68 32.11 38.17
C GLU F 278 -65.06 31.48 38.28
N LEU F 279 -65.60 30.99 37.17
CA LEU F 279 -66.88 30.30 37.20
C LEU F 279 -66.72 28.95 37.85
N ARG F 280 -65.65 28.23 37.51
CA ARG F 280 -65.47 26.87 38.03
C ARG F 280 -65.29 26.88 39.54
N ALA F 281 -64.73 27.96 40.09
CA ALA F 281 -64.37 28.05 41.51
C ALA F 281 -65.65 28.07 42.34
N THR F 282 -66.65 28.73 41.77
CA THR F 282 -68.05 28.78 42.23
C THR F 282 -68.73 27.41 42.25
N SER F 283 -68.15 26.45 41.55
CA SER F 283 -68.83 25.20 41.25
C SER F 283 -68.69 24.22 42.38
N SER F 284 -69.40 23.10 42.27
CA SER F 284 -69.34 22.02 43.26
C SER F 284 -68.37 20.92 42.86
N LEU F 285 -67.88 20.96 41.61
CA LEU F 285 -67.02 19.87 41.15
C LEU F 285 -65.54 20.22 41.36
N VAL F 286 -65.29 21.42 41.86
CA VAL F 286 -63.93 21.88 42.18
C VAL F 286 -63.04 20.76 42.70
N THR F 287 -61.74 20.83 42.37
CA THR F 287 -60.79 19.83 42.81
C THR F 287 -59.80 20.43 43.80
N GLY F 288 -59.87 21.74 44.01
CA GLY F 288 -59.00 22.44 44.96
C GLY F 288 -57.74 23.10 44.39
N ILE F 289 -57.57 23.04 43.08
CA ILE F 289 -56.38 23.62 42.43
C ILE F 289 -56.80 24.97 41.84
N GLU F 290 -58.11 25.27 41.88
CA GLU F 290 -58.63 26.48 41.27
C GLU F 290 -57.88 27.72 41.80
N LYS F 291 -57.62 27.77 43.10
CA LYS F 291 -56.91 28.92 43.70
C LYS F 291 -55.53 29.14 43.04
N ALA F 292 -54.74 28.06 42.89
CA ALA F 292 -53.38 28.19 42.32
C ALA F 292 -53.45 28.73 40.88
N PHE F 293 -54.39 28.25 40.08
CA PHE F 293 -54.59 28.85 38.76
C PHE F 293 -54.99 30.31 38.76
N ILE F 294 -56.06 30.66 39.48
CA ILE F 294 -56.53 32.03 39.41
C ILE F 294 -55.53 33.05 39.97
N GLU F 295 -54.91 32.73 41.10
CA GLU F 295 -53.91 33.63 41.70
C GLU F 295 -52.68 33.83 40.79
N SER F 296 -52.16 32.73 40.22
CA SER F 296 -50.96 32.82 39.35
C SER F 296 -51.23 33.51 38.02
N TYR F 297 -52.45 33.37 37.48
CA TYR F 297 -52.83 34.08 36.24
C TYR F 297 -52.92 35.55 36.57
N ARG F 298 -53.56 35.85 37.70
CA ARG F 298 -53.70 37.25 38.13
C ARG F 298 -52.39 37.96 38.49
N ASP F 299 -51.42 37.23 39.09
CA ASP F 299 -50.20 37.92 39.56
C ASP F 299 -49.10 37.91 38.51
N GLY F 300 -49.41 37.25 37.40
CA GLY F 300 -48.53 37.26 36.24
C GLY F 300 -47.41 36.23 36.30
N SER F 301 -47.44 35.30 37.23
CA SER F 301 -46.37 34.31 37.30
C SER F 301 -46.63 33.18 36.31
N PHE F 302 -47.89 33.04 35.89
CA PHE F 302 -48.27 31.86 35.11
C PHE F 302 -49.18 32.35 33.98
N GLN F 303 -49.06 31.75 32.79
CA GLN F 303 -49.89 32.18 31.66
C GLN F 303 -50.37 31.00 30.84
N TYR F 304 -51.47 31.22 30.13
CA TYR F 304 -52.10 30.19 29.32
C TYR F 304 -51.92 30.70 27.92
N VAL F 305 -51.30 29.91 27.05
CA VAL F 305 -50.89 30.48 25.75
C VAL F 305 -51.12 29.47 24.64
N LEU F 306 -51.43 30.00 23.45
CA LEU F 306 -51.45 29.15 22.26
C LEU F 306 -50.25 29.54 21.40
N ILE F 307 -49.52 28.53 20.92
CA ILE F 307 -48.44 28.78 19.95
C ILE F 307 -48.71 27.89 18.75
N ALA F 308 -48.79 28.46 17.54
CA ALA F 308 -49.05 27.66 16.36
C ALA F 308 -47.85 27.92 15.43
N ALA F 309 -47.27 26.86 14.86
CA ALA F 309 -46.01 26.95 14.15
C ALA F 309 -46.00 26.15 12.85
N ASP F 310 -45.13 26.53 11.90
CA ASP F 310 -44.95 25.75 10.68
C ASP F 310 -43.73 24.86 10.83
N ARG F 311 -43.81 23.65 10.29
CA ARG F 311 -42.63 22.80 10.21
C ARG F 311 -41.94 23.17 8.91
N VAL F 312 -40.71 23.66 9.02
CA VAL F 312 -40.04 24.16 7.81
C VAL F 312 -38.72 23.46 7.62
N PRO G 35 30.27 6.86 -33.31
CA PRO G 35 30.78 5.69 -32.58
C PRO G 35 31.58 4.76 -33.50
N ALA G 36 32.77 4.34 -33.11
CA ALA G 36 33.56 3.45 -33.98
C ALA G 36 32.80 2.15 -34.23
N PRO G 37 32.96 1.54 -35.43
CA PRO G 37 32.27 0.25 -35.62
C PRO G 37 32.85 -0.82 -34.70
N ALA G 38 32.00 -1.69 -34.15
CA ALA G 38 32.48 -2.64 -33.15
C ALA G 38 33.33 -3.74 -33.78
N THR G 39 33.04 -4.08 -35.04
CA THR G 39 33.75 -5.15 -35.72
C THR G 39 33.82 -4.82 -37.23
N PRO G 40 34.73 -5.49 -37.95
CA PRO G 40 34.81 -5.27 -39.39
C PRO G 40 33.43 -5.56 -40.05
N TYR G 41 32.76 -6.60 -39.59
CA TYR G 41 31.47 -6.95 -40.21
C TYR G 41 30.46 -5.81 -39.96
N GLN G 42 30.43 -5.30 -38.75
CA GLN G 42 29.48 -4.19 -38.51
C GLN G 42 29.84 -2.94 -39.31
N GLU G 43 31.14 -2.77 -39.59
CA GLU G 43 31.51 -1.70 -40.49
C GLU G 43 30.92 -1.95 -41.89
N ASP G 44 30.97 -3.19 -42.38
CA ASP G 44 30.35 -3.53 -43.67
C ASP G 44 28.84 -3.18 -43.72
N ILE G 45 28.11 -3.55 -42.65
CA ILE G 45 26.67 -3.33 -42.59
C ILE G 45 26.37 -1.82 -42.46
N ALA G 46 27.21 -1.07 -41.75
CA ALA G 46 26.95 0.39 -41.65
C ALA G 46 27.06 0.98 -43.03
N ARG G 47 28.09 0.54 -43.77
CA ARG G 47 28.35 1.09 -45.09
C ARG G 47 27.20 0.68 -46.05
N TYR G 48 26.77 -0.58 -45.94
CA TYR G 48 25.65 -1.08 -46.75
C TYR G 48 24.46 -0.11 -46.57
N TRP G 49 24.04 0.11 -45.33
CA TRP G 49 22.84 0.91 -45.11
C TRP G 49 23.03 2.42 -45.39
N ASN G 50 24.25 2.92 -45.14
CA ASN G 50 24.59 4.30 -45.49
C ASN G 50 24.41 4.57 -46.98
N ASN G 51 24.52 3.52 -47.80
CA ASN G 51 24.47 3.70 -49.24
C ASN G 51 23.18 3.26 -49.93
N GLU G 52 22.34 2.54 -49.20
CA GLU G 52 21.11 2.00 -49.78
C GLU G 52 20.05 3.12 -50.02
N ALA G 53 19.31 3.00 -51.12
CA ALA G 53 18.25 3.97 -51.49
C ALA G 53 17.45 3.40 -52.63
N ARG G 54 17.02 2.15 -52.48
CA ARG G 54 16.27 1.50 -53.56
C ARG G 54 14.85 2.03 -53.68
N PRO G 55 14.36 2.17 -54.95
CA PRO G 55 12.98 2.64 -55.24
C PRO G 55 11.90 1.80 -54.57
N VAL G 56 12.11 0.47 -54.52
CA VAL G 56 11.18 -0.43 -53.82
C VAL G 56 10.98 -0.10 -52.33
N ASN G 57 11.93 0.65 -51.75
CA ASN G 57 11.79 1.17 -50.39
C ASN G 57 11.35 2.65 -50.32
N LEU G 58 11.97 3.48 -51.15
CA LEU G 58 11.72 4.93 -51.02
C LEU G 58 10.35 5.27 -51.59
N ARG G 59 9.98 4.63 -52.71
CA ARG G 59 8.70 4.93 -53.32
C ARG G 59 7.53 4.50 -52.44
N LEU G 60 7.69 3.39 -51.73
CA LEU G 60 6.65 2.91 -50.82
C LEU G 60 6.52 3.85 -49.64
N GLY G 61 7.65 4.22 -49.02
CA GLY G 61 7.58 5.13 -47.89
C GLY G 61 7.02 6.49 -48.27
N ASP G 62 7.31 6.93 -49.50
CA ASP G 62 6.84 8.22 -50.01
C ASP G 62 5.32 8.30 -49.95
N VAL G 63 4.64 7.16 -49.98
CA VAL G 63 3.18 7.14 -49.99
C VAL G 63 2.57 7.91 -48.81
N ASP G 64 3.09 7.71 -47.58
CA ASP G 64 2.55 8.37 -46.40
C ASP G 64 3.60 8.72 -45.36
N GLY G 65 4.86 8.68 -45.76
CA GLY G 65 5.93 9.13 -44.91
C GLY G 65 6.36 8.11 -43.87
N LEU G 66 5.94 6.86 -44.05
CA LEU G 66 6.38 5.75 -43.18
C LEU G 66 7.36 4.84 -43.93
N TYR G 67 8.63 4.94 -43.56
CA TYR G 67 9.68 4.36 -44.39
C TYR G 67 10.11 3.07 -43.72
N HIS G 68 9.73 1.96 -44.36
CA HIS G 68 9.97 0.62 -43.88
C HIS G 68 11.07 -0.10 -44.66
N HIS G 69 11.76 -1.01 -43.97
CA HIS G 69 12.66 -1.97 -44.61
C HIS G 69 12.33 -3.36 -44.08
N HIS G 70 11.17 -3.87 -44.50
CA HIS G 70 10.75 -5.20 -44.15
C HIS G 70 9.64 -5.60 -45.11
N TYR G 71 9.27 -6.87 -45.04
CA TYR G 71 8.33 -7.42 -46.00
C TYR G 71 6.89 -7.38 -45.50
N GLY G 72 5.93 -7.72 -46.36
CA GLY G 72 4.54 -7.56 -45.97
C GLY G 72 3.81 -8.85 -45.70
N ILE G 73 2.62 -8.71 -45.13
CA ILE G 73 1.80 -9.88 -44.84
C ILE G 73 0.34 -9.56 -45.10
N GLY G 74 -0.44 -10.59 -45.42
CA GLY G 74 -1.88 -10.50 -45.51
C GLY G 74 -2.27 -10.51 -46.96
N PRO G 75 -3.56 -10.75 -47.22
CA PRO G 75 -4.08 -10.95 -48.58
C PRO G 75 -4.01 -9.68 -49.39
N VAL G 76 -3.72 -9.82 -50.67
CA VAL G 76 -3.69 -8.67 -51.58
C VAL G 76 -5.11 -8.19 -51.88
N ASP G 77 -5.29 -6.87 -51.82
CA ASP G 77 -6.55 -6.25 -52.16
C ASP G 77 -6.64 -6.11 -53.68
N ARG G 78 -7.23 -7.11 -54.33
CA ARG G 78 -7.27 -7.14 -55.79
C ARG G 78 -8.09 -6.01 -56.40
N ALA G 79 -9.16 -5.66 -55.74
CA ALA G 79 -10.03 -4.60 -56.24
C ALA G 79 -9.26 -3.29 -56.27
N ALA G 80 -8.55 -3.02 -55.18
CA ALA G 80 -7.76 -1.79 -55.06
C ALA G 80 -6.79 -1.64 -56.21
N LEU G 81 -6.11 -2.74 -56.55
CA LEU G 81 -5.13 -2.76 -57.64
C LEU G 81 -5.77 -2.42 -58.98
N GLY G 82 -6.97 -2.93 -59.20
CA GLY G 82 -7.68 -2.68 -60.45
C GLY G 82 -7.01 -3.34 -61.63
N ASP G 83 -7.45 -2.93 -62.81
CA ASP G 83 -6.97 -3.48 -64.06
C ASP G 83 -5.47 -3.23 -64.22
N PRO G 84 -4.69 -4.31 -64.42
CA PRO G 84 -3.25 -4.24 -64.65
C PRO G 84 -2.85 -3.53 -65.96
N GLU G 85 -3.78 -3.43 -66.91
CA GLU G 85 -3.45 -2.75 -68.16
C GLU G 85 -3.48 -1.24 -67.98
N HIS G 86 -4.28 -0.77 -67.02
CA HIS G 86 -4.34 0.66 -66.76
C HIS G 86 -2.95 1.29 -66.53
N SER G 87 -2.86 2.58 -66.82
CA SER G 87 -1.61 3.32 -66.73
C SER G 87 -1.17 3.56 -65.29
N GLU G 88 -2.14 3.63 -64.36
CA GLU G 88 -1.84 3.93 -62.97
C GLU G 88 -1.57 2.65 -62.15
N TYR G 89 -1.27 1.58 -62.87
CA TYR G 89 -1.03 0.30 -62.21
C TYR G 89 0.19 0.24 -61.31
N GLU G 90 1.36 0.65 -61.80
CA GLU G 90 2.54 0.54 -60.95
C GLU G 90 2.39 1.44 -59.72
N LYS G 91 1.64 2.54 -59.86
CA LYS G 91 1.34 3.37 -58.70
C LYS G 91 0.44 2.63 -57.69
N LYS G 92 -0.45 1.79 -58.22
CA LYS G 92 -1.37 1.05 -57.37
C LYS G 92 -0.62 -0.05 -56.63
N VAL G 93 0.34 -0.64 -57.32
CA VAL G 93 1.15 -1.70 -56.75
C VAL G 93 2.01 -1.13 -55.64
N ILE G 94 2.55 0.07 -55.87
CA ILE G 94 3.34 0.75 -54.83
C ILE G 94 2.48 0.92 -53.56
N ALA G 95 1.28 1.48 -53.70
CA ALA G 95 0.47 1.67 -52.50
C ALA G 95 0.08 0.35 -51.83
N GLU G 96 -0.18 -0.69 -52.61
CA GLU G 96 -0.62 -1.95 -52.02
C GLU G 96 0.54 -2.71 -51.31
N LEU G 97 1.71 -2.75 -51.94
CA LEU G 97 2.87 -3.31 -51.25
C LEU G 97 3.20 -2.53 -49.99
N HIS G 98 3.07 -1.20 -50.05
CA HIS G 98 3.27 -0.41 -48.83
C HIS G 98 2.26 -0.77 -47.75
N ARG G 99 1.00 -0.97 -48.13
CA ARG G 99 -0.04 -1.33 -47.13
C ARG G 99 0.32 -2.62 -46.43
N LEU G 100 0.76 -3.60 -47.23
CA LEU G 100 1.16 -4.89 -46.63
C LEU G 100 2.39 -4.77 -45.71
N GLU G 101 3.37 -3.96 -46.07
CA GLU G 101 4.53 -3.75 -45.18
C GLU G 101 4.13 -2.98 -43.92
N SER G 102 3.23 -2.01 -44.04
CA SER G 102 2.76 -1.37 -42.80
C SER G 102 1.93 -2.35 -41.98
N ALA G 103 1.18 -3.24 -42.64
CA ALA G 103 0.36 -4.23 -41.90
C ALA G 103 1.22 -5.18 -41.05
N GLN G 104 2.37 -5.54 -41.61
CA GLN G 104 3.33 -6.42 -40.93
C GLN G 104 3.80 -5.72 -39.65
N ALA G 105 4.07 -4.42 -39.73
CA ALA G 105 4.45 -3.67 -38.53
C ALA G 105 3.31 -3.56 -37.50
N GLU G 106 2.09 -3.35 -37.99
CA GLU G 106 0.93 -3.36 -37.10
C GLU G 106 0.81 -4.70 -36.34
N PHE G 107 1.04 -5.82 -37.04
CA PHE G 107 0.89 -7.14 -36.42
C PHE G 107 1.98 -7.34 -35.38
N LEU G 108 3.20 -6.93 -35.71
CA LEU G 108 4.26 -6.96 -34.71
C LEU G 108 3.79 -6.26 -33.43
N MET G 109 3.25 -5.05 -33.58
CA MET G 109 2.91 -4.21 -32.45
C MET G 109 1.71 -4.74 -31.67
N ASP G 110 0.92 -5.60 -32.30
CA ASP G 110 -0.16 -6.26 -31.60
C ASP G 110 0.40 -7.14 -30.50
N HIS G 111 1.67 -7.51 -30.59
CA HIS G 111 2.22 -8.45 -29.60
C HIS G 111 3.11 -7.78 -28.56
N LEU G 112 3.10 -6.46 -28.50
CA LEU G 112 3.94 -5.71 -27.58
C LEU G 112 3.25 -5.46 -26.23
N GLY G 113 2.03 -5.93 -26.06
CA GLY G 113 1.26 -5.68 -24.86
C GLY G 113 0.78 -4.24 -24.79
N GLN G 114 0.45 -3.77 -23.60
CA GLN G 114 0.05 -2.38 -23.47
C GLN G 114 1.29 -1.55 -23.16
N ALA G 115 1.34 -0.37 -23.79
CA ALA G 115 2.36 0.63 -23.53
C ALA G 115 1.72 1.99 -23.58
N GLY G 116 2.33 2.96 -22.93
CA GLY G 116 1.73 4.29 -22.90
C GLY G 116 2.76 5.40 -22.82
N PRO G 117 2.30 6.65 -22.67
CA PRO G 117 3.19 7.81 -22.73
C PRO G 117 4.37 7.75 -21.78
N ASP G 118 4.24 7.07 -20.66
CA ASP G 118 5.32 7.08 -19.67
C ASP G 118 6.33 5.95 -19.90
N ASP G 119 6.05 5.10 -20.88
CA ASP G 119 6.94 3.97 -21.17
C ASP G 119 7.98 4.31 -22.21
N THR G 120 9.07 3.52 -22.24
CA THR G 120 10.04 3.61 -23.31
C THR G 120 10.04 2.32 -24.08
N LEU G 121 10.05 2.42 -25.41
CA LEU G 121 10.08 1.23 -26.27
C LEU G 121 11.35 1.34 -27.11
N VAL G 122 11.96 0.21 -27.45
CA VAL G 122 13.22 0.23 -28.18
C VAL G 122 13.07 -0.53 -29.49
N ASP G 123 13.41 0.12 -30.62
CA ASP G 123 13.44 -0.51 -31.94
C ASP G 123 14.89 -0.89 -32.22
N ALA G 124 15.25 -2.15 -32.07
CA ALA G 124 16.65 -2.58 -32.30
C ALA G 124 16.93 -2.84 -33.77
N GLY G 125 17.80 -2.04 -34.39
CA GLY G 125 18.03 -2.06 -35.82
C GLY G 125 16.88 -1.40 -36.57
N CYS G 126 16.76 -0.08 -36.38
CA CYS G 126 15.53 0.65 -36.67
C CYS G 126 15.33 1.24 -38.09
N GLY G 127 16.26 0.99 -39.00
CA GLY G 127 16.10 1.45 -40.38
C GLY G 127 15.86 2.96 -40.45
N ARG G 128 15.03 3.37 -41.40
CA ARG G 128 14.66 4.78 -41.54
C ARG G 128 13.57 5.26 -40.59
N GLY G 129 13.08 4.37 -39.72
CA GLY G 129 12.25 4.81 -38.61
C GLY G 129 10.73 4.70 -38.76
N GLY G 130 10.24 4.04 -39.80
CA GLY G 130 8.80 4.00 -40.04
C GLY G 130 8.07 3.33 -38.89
N SER G 131 8.65 2.24 -38.36
CA SER G 131 8.06 1.55 -37.20
C SER G 131 7.99 2.39 -35.93
N MET G 132 9.03 3.18 -35.71
CA MET G 132 9.08 4.04 -34.56
C MET G 132 7.96 5.08 -34.59
N VAL G 133 7.72 5.68 -35.76
CA VAL G 133 6.60 6.62 -35.94
C VAL G 133 5.28 5.90 -35.67
N MET G 134 5.11 4.71 -36.21
CA MET G 134 3.86 3.99 -36.02
C MET G 134 3.67 3.63 -34.55
N ALA G 135 4.76 3.24 -33.89
CA ALA G 135 4.72 2.88 -32.47
C ALA G 135 4.33 4.11 -31.66
N HIS G 136 4.93 5.26 -31.95
CA HIS G 136 4.61 6.45 -31.14
C HIS G 136 3.12 6.84 -31.32
N ARG G 137 2.63 6.72 -32.54
CA ARG G 137 1.24 7.04 -32.82
C ARG G 137 0.29 6.12 -32.09
N ARG G 138 0.65 4.84 -32.00
CA ARG G 138 -0.25 3.86 -31.44
C ARG G 138 -0.28 3.89 -29.94
N PHE G 139 0.91 4.09 -29.35
CA PHE G 139 1.07 3.97 -27.90
C PHE G 139 1.31 5.30 -27.15
N GLY G 140 1.81 6.32 -27.84
CA GLY G 140 2.22 7.56 -27.18
C GLY G 140 3.58 7.51 -26.50
N SER G 141 4.20 6.32 -26.50
CA SER G 141 5.44 6.15 -25.72
C SER G 141 6.64 6.90 -26.26
N ARG G 142 7.65 7.09 -25.41
CA ARG G 142 8.97 7.45 -25.91
C ARG G 142 9.48 6.27 -26.77
N VAL G 143 9.95 6.53 -27.99
CA VAL G 143 10.46 5.43 -28.82
C VAL G 143 11.94 5.70 -29.21
N GLU G 144 12.84 4.81 -28.81
CA GLU G 144 14.25 4.97 -29.10
C GLU G 144 14.64 3.91 -30.16
N GLY G 145 15.28 4.35 -31.25
CA GLY G 145 15.75 3.44 -32.29
C GLY G 145 17.27 3.44 -32.28
N VAL G 146 17.86 2.28 -32.54
CA VAL G 146 19.28 2.22 -32.84
C VAL G 146 19.51 1.56 -34.20
N THR G 147 20.46 2.13 -34.95
CA THR G 147 20.87 1.63 -36.25
C THR G 147 22.37 1.86 -36.41
N LEU G 148 23.03 1.03 -37.24
CA LEU G 148 24.45 1.21 -37.56
C LEU G 148 24.69 2.33 -38.58
N SER G 149 23.63 2.80 -39.22
CA SER G 149 23.79 3.76 -40.34
C SER G 149 23.49 5.23 -39.90
N ALA G 150 24.49 6.13 -40.01
CA ALA G 150 24.26 7.55 -39.74
C ALA G 150 23.24 8.13 -40.72
N ALA G 151 23.27 7.64 -41.96
CA ALA G 151 22.34 8.17 -42.97
C ALA G 151 20.92 7.89 -42.51
N GLN G 152 20.71 6.66 -42.05
CA GLN G 152 19.38 6.25 -41.59
C GLN G 152 18.95 7.00 -40.36
N ALA G 153 19.86 7.18 -39.41
CA ALA G 153 19.49 7.87 -38.18
C ALA G 153 19.08 9.31 -38.52
N ASP G 154 19.89 9.98 -39.33
CA ASP G 154 19.58 11.33 -39.75
C ASP G 154 18.22 11.35 -40.44
N PHE G 155 17.98 10.36 -41.28
CA PHE G 155 16.72 10.32 -42.01
C PHE G 155 15.55 10.25 -41.05
N GLY G 156 15.61 9.31 -40.11
CA GLY G 156 14.52 9.19 -39.16
C GLY G 156 14.33 10.41 -38.26
N ASN G 157 15.43 10.97 -37.77
CA ASN G 157 15.34 12.16 -36.92
C ASN G 157 14.78 13.35 -37.66
N ARG G 158 15.12 13.49 -38.93
CA ARG G 158 14.55 14.57 -39.74
C ARG G 158 13.06 14.35 -39.87
N ARG G 159 12.67 13.09 -40.08
CA ARG G 159 11.27 12.75 -40.22
C ARG G 159 10.47 13.06 -38.94
N ALA G 160 11.03 12.69 -37.79
CA ALA G 160 10.40 12.97 -36.51
C ALA G 160 10.20 14.50 -36.30
N ARG G 161 11.22 15.30 -36.60
CA ARG G 161 11.10 16.77 -36.51
C ARG G 161 9.98 17.27 -37.40
N GLU G 162 9.89 16.72 -38.61
CA GLU G 162 8.82 17.11 -39.54
C GLU G 162 7.44 16.86 -38.96
N LEU G 163 7.34 15.77 -38.20
CA LEU G 163 6.08 15.29 -37.68
C LEU G 163 5.80 15.90 -36.33
N ARG G 164 6.76 16.67 -35.82
CA ARG G 164 6.69 17.26 -34.51
C ARG G 164 6.58 16.22 -33.38
N ILE G 165 7.33 15.13 -33.52
CA ILE G 165 7.36 14.09 -32.47
C ILE G 165 8.79 13.80 -32.03
N ASP G 166 9.72 14.66 -32.43
CA ASP G 166 11.14 14.50 -32.04
C ASP G 166 11.42 14.53 -30.54
N ASP G 167 10.49 15.05 -29.75
CA ASP G 167 10.65 15.02 -28.29
C ASP G 167 10.40 13.62 -27.73
N HIS G 168 9.79 12.74 -28.54
CA HIS G 168 9.47 11.39 -28.09
C HIS G 168 10.13 10.29 -28.88
N VAL G 169 10.53 10.58 -30.11
CA VAL G 169 11.03 9.55 -31.03
C VAL G 169 12.43 9.99 -31.49
N ARG G 170 13.43 9.14 -31.26
CA ARG G 170 14.81 9.46 -31.58
C ARG G 170 15.56 8.23 -32.07
N SER G 171 16.29 8.39 -33.17
CA SER G 171 17.17 7.32 -33.66
C SER G 171 18.62 7.68 -33.36
N ARG G 172 19.45 6.69 -33.04
CA ARG G 172 20.85 6.99 -32.82
C ARG G 172 21.72 5.92 -33.48
N VAL G 173 22.98 6.25 -33.76
CA VAL G 173 23.89 5.30 -34.34
C VAL G 173 24.49 4.56 -33.19
N CYS G 174 24.14 3.29 -33.10
CA CYS G 174 24.50 2.48 -31.94
C CYS G 174 24.41 0.98 -32.30
N ASN G 175 25.37 0.22 -31.85
CA ASN G 175 25.34 -1.22 -31.98
C ASN G 175 24.32 -1.78 -31.00
N MET G 176 23.33 -2.55 -31.48
CA MET G 176 22.18 -2.95 -30.65
C MET G 176 22.54 -4.03 -29.67
N LEU G 177 23.75 -4.56 -29.78
CA LEU G 177 24.27 -5.51 -28.83
C LEU G 177 24.90 -4.77 -27.63
N ASP G 178 25.02 -3.44 -27.71
CA ASP G 178 25.72 -2.71 -26.63
C ASP G 178 25.15 -1.28 -26.55
N THR G 179 23.98 -1.17 -25.94
CA THR G 179 23.25 0.10 -25.98
C THR G 179 23.38 0.82 -24.64
N PRO G 180 23.05 2.11 -24.63
CA PRO G 180 23.15 2.95 -23.45
C PRO G 180 21.93 2.87 -22.51
N PHE G 181 20.91 2.09 -22.88
CA PHE G 181 19.72 1.97 -22.05
C PHE G 181 20.04 1.34 -20.71
N ASP G 182 19.48 1.93 -19.64
CA ASP G 182 19.70 1.40 -18.30
C ASP G 182 19.03 0.04 -18.08
N LYS G 183 19.63 -0.76 -17.21
CA LYS G 183 19.04 -2.04 -16.87
C LYS G 183 17.57 -1.85 -16.44
N GLY G 184 16.69 -2.67 -17.01
CA GLY G 184 15.29 -2.68 -16.60
C GLY G 184 14.47 -1.43 -16.90
N ALA G 185 14.96 -0.56 -17.78
CA ALA G 185 14.30 0.73 -18.07
C ALA G 185 13.30 0.68 -19.21
N VAL G 186 13.36 -0.39 -20.00
CA VAL G 186 12.56 -0.45 -21.23
C VAL G 186 11.35 -1.31 -21.00
N THR G 187 10.19 -0.87 -21.49
CA THR G 187 8.95 -1.59 -21.31
C THR G 187 8.73 -2.69 -22.36
N ALA G 188 9.01 -2.38 -23.62
CA ALA G 188 8.89 -3.39 -24.69
C ALA G 188 9.88 -3.05 -25.81
N SER G 189 10.34 -4.05 -26.55
CA SER G 189 11.37 -3.81 -27.56
C SER G 189 11.20 -4.84 -28.67
N TRP G 190 11.77 -4.62 -29.84
CA TRP G 190 11.56 -5.57 -30.93
C TRP G 190 12.70 -5.50 -31.93
N ASN G 191 12.84 -6.60 -32.66
CA ASN G 191 13.66 -6.59 -33.88
C ASN G 191 12.72 -6.94 -35.01
N ASN G 192 12.56 -6.00 -35.96
CA ASN G 192 11.78 -6.27 -37.15
C ASN G 192 12.76 -6.51 -38.30
N GLU G 193 13.00 -7.80 -38.62
CA GLU G 193 13.96 -8.18 -39.66
C GLU G 193 15.30 -7.51 -39.51
N SER G 194 15.88 -7.65 -38.33
CA SER G 194 17.27 -7.21 -38.13
C SER G 194 18.09 -8.19 -37.29
N THR G 195 17.47 -9.29 -36.84
CA THR G 195 18.20 -10.30 -36.05
C THR G 195 19.31 -11.04 -36.86
N MET G 196 19.18 -11.05 -38.19
CA MET G 196 20.15 -11.79 -39.02
C MET G 196 21.48 -11.08 -39.23
N TYR G 197 21.77 -10.04 -38.45
CA TYR G 197 23.07 -9.36 -38.57
C TYR G 197 23.89 -9.53 -37.29
N VAL G 198 23.37 -10.32 -36.34
CA VAL G 198 24.01 -10.45 -35.02
C VAL G 198 23.92 -11.88 -34.44
N ASP G 199 24.84 -12.19 -33.53
CA ASP G 199 24.80 -13.38 -32.68
C ASP G 199 23.57 -13.28 -31.78
N LEU G 200 22.69 -14.28 -31.83
CA LEU G 200 21.39 -14.20 -31.16
C LEU G 200 21.51 -14.25 -29.62
N HIS G 201 22.50 -14.99 -29.12
CA HIS G 201 22.72 -15.01 -27.67
C HIS G 201 23.09 -13.61 -27.17
N ASP G 202 23.99 -12.98 -27.89
CA ASP G 202 24.36 -11.62 -27.51
C ASP G 202 23.20 -10.65 -27.65
N LEU G 203 22.41 -10.76 -28.73
CA LEU G 203 21.23 -9.89 -28.91
C LEU G 203 20.25 -10.04 -27.76
N PHE G 204 19.85 -11.29 -27.51
CA PHE G 204 18.82 -11.48 -26.51
C PHE G 204 19.36 -11.22 -25.09
N SER G 205 20.67 -11.42 -24.86
CA SER G 205 21.26 -10.98 -23.59
C SER G 205 21.01 -9.48 -23.38
N GLU G 206 21.26 -8.69 -24.43
CA GLU G 206 21.11 -7.21 -24.31
C GLU G 206 19.65 -6.75 -24.13
N HIS G 207 18.72 -7.30 -24.90
CA HIS G 207 17.32 -6.95 -24.67
C HIS G 207 16.95 -7.38 -23.26
N SER G 208 17.40 -8.55 -22.82
CA SER G 208 16.91 -8.97 -21.50
C SER G 208 17.50 -8.06 -20.41
N ARG G 209 18.67 -7.48 -20.68
CA ARG G 209 19.31 -6.55 -19.73
C ARG G 209 18.45 -5.29 -19.62
N PHE G 210 18.13 -4.64 -20.74
CA PHE G 210 17.39 -3.38 -20.67
C PHE G 210 15.87 -3.48 -20.42
N LEU G 211 15.28 -4.63 -20.74
CA LEU G 211 13.84 -4.80 -20.55
C LEU G 211 13.54 -5.03 -19.07
N LYS G 212 12.53 -4.34 -18.54
CA LYS G 212 12.07 -4.59 -17.18
C LYS G 212 11.57 -6.04 -17.03
N VAL G 213 11.58 -6.55 -15.79
CA VAL G 213 10.92 -7.82 -15.53
C VAL G 213 9.47 -7.65 -15.88
N GLY G 214 8.92 -8.56 -16.67
CA GLY G 214 7.57 -8.36 -17.12
C GLY G 214 7.51 -7.63 -18.46
N GLY G 215 8.67 -7.24 -18.98
CA GLY G 215 8.68 -6.57 -20.27
C GLY G 215 8.34 -7.56 -21.41
N ARG G 216 8.09 -7.01 -22.60
CA ARG G 216 7.69 -7.80 -23.74
C ARG G 216 8.66 -7.58 -24.90
N TYR G 217 8.99 -8.65 -25.63
CA TYR G 217 9.93 -8.59 -26.74
C TYR G 217 9.21 -9.20 -27.93
N VAL G 218 9.43 -8.68 -29.14
CA VAL G 218 8.84 -9.33 -30.30
C VAL G 218 9.86 -9.32 -31.42
N THR G 219 9.91 -10.39 -32.21
CA THR G 219 10.65 -10.32 -33.47
C THR G 219 9.86 -10.93 -34.60
N ILE G 220 10.01 -10.33 -35.79
CA ILE G 220 9.58 -11.00 -37.01
C ILE G 220 10.88 -11.17 -37.79
N THR G 221 11.09 -12.39 -38.27
CA THR G 221 12.34 -12.73 -38.87
C THR G 221 12.12 -13.78 -39.94
N GLY G 222 13.11 -13.95 -40.81
CA GLY G 222 13.11 -15.09 -41.70
C GLY G 222 14.16 -16.02 -41.13
N CYS G 223 13.79 -17.28 -40.88
CA CYS G 223 14.73 -18.24 -40.32
C CYS G 223 14.79 -19.47 -41.20
N TRP G 224 15.97 -20.11 -41.31
CA TRP G 224 15.93 -21.37 -42.00
C TRP G 224 15.26 -22.40 -41.12
N ASN G 225 14.59 -23.37 -41.73
CA ASN G 225 13.76 -24.32 -40.98
C ASN G 225 14.57 -25.55 -40.67
N PRO G 226 14.79 -25.85 -39.38
CA PRO G 226 15.60 -27.02 -39.06
C PRO G 226 14.99 -28.31 -39.57
N ARG G 227 13.70 -28.30 -39.91
CA ARG G 227 13.10 -29.50 -40.48
C ARG G 227 13.78 -29.80 -41.81
N TYR G 228 14.26 -28.77 -42.48
CA TYR G 228 14.77 -29.00 -43.81
C TYR G 228 16.18 -29.57 -43.66
N GLY G 229 16.90 -29.09 -42.64
CA GLY G 229 18.09 -29.78 -42.13
C GLY G 229 19.32 -28.87 -41.97
N GLN G 230 19.62 -28.12 -43.04
CA GLN G 230 20.63 -27.05 -43.09
C GLN G 230 20.12 -25.98 -44.06
N PRO G 231 20.77 -24.82 -44.08
CA PRO G 231 20.36 -23.74 -45.02
C PRO G 231 20.48 -24.19 -46.46
N SER G 232 19.41 -24.03 -47.23
CA SER G 232 19.36 -24.40 -48.63
C SER G 232 20.09 -23.35 -49.45
N LYS G 233 20.32 -23.68 -50.70
CA LYS G 233 20.99 -22.77 -51.64
C LYS G 233 20.27 -21.42 -51.66
N TRP G 234 18.94 -21.48 -51.56
CA TRP G 234 18.16 -20.24 -51.65
C TRP G 234 18.45 -19.38 -50.44
N VAL G 235 18.47 -19.99 -49.28
CA VAL G 235 18.79 -19.26 -48.05
C VAL G 235 20.17 -18.61 -48.14
N SER G 236 21.15 -19.36 -48.62
CA SER G 236 22.50 -18.81 -48.83
C SER G 236 22.50 -17.68 -49.89
N GLN G 237 21.66 -17.78 -50.91
CA GLN G 237 21.55 -16.66 -51.87
C GLN G 237 21.00 -15.38 -51.20
N ILE G 238 20.05 -15.51 -50.26
CA ILE G 238 19.56 -14.31 -49.60
C ILE G 238 20.69 -13.74 -48.71
N ASN G 239 21.39 -14.62 -48.00
CA ASN G 239 22.52 -14.22 -47.15
C ASN G 239 23.55 -13.42 -47.99
N ALA G 240 23.88 -13.94 -49.16
CA ALA G 240 24.87 -13.26 -50.01
C ALA G 240 24.35 -11.90 -50.50
N HIS G 241 23.05 -11.84 -50.79
CA HIS G 241 22.40 -10.66 -51.36
C HIS G 241 22.39 -9.52 -50.35
N PHE G 242 22.14 -9.81 -49.04
CA PHE G 242 22.05 -8.75 -48.04
C PHE G 242 23.26 -8.68 -47.10
N GLU G 243 24.22 -9.54 -47.34
CA GLU G 243 25.39 -9.71 -46.46
C GLU G 243 24.94 -10.02 -45.04
N CYS G 244 23.94 -10.88 -44.93
CA CYS G 244 23.39 -11.24 -43.61
C CYS G 244 23.66 -12.69 -43.24
N ASN G 245 23.13 -13.15 -42.11
CA ASN G 245 23.46 -14.48 -41.60
C ASN G 245 22.17 -15.07 -40.99
N ILE G 246 21.24 -15.47 -41.85
CA ILE G 246 19.98 -16.05 -41.40
C ILE G 246 20.22 -17.20 -40.42
N HIS G 247 19.45 -17.20 -39.34
CA HIS G 247 19.62 -18.19 -38.28
C HIS G 247 18.55 -19.28 -38.38
N SER G 248 18.78 -20.41 -37.72
CA SER G 248 17.74 -21.43 -37.77
C SER G 248 16.68 -21.17 -36.69
N ARG G 249 15.44 -21.60 -36.92
CA ARG G 249 14.42 -21.41 -35.87
C ARG G 249 14.89 -22.00 -34.53
N ARG G 250 15.65 -23.08 -34.59
CA ARG G 250 16.17 -23.73 -33.40
C ARG G 250 17.10 -22.76 -32.61
N GLU G 251 17.94 -22.03 -33.33
CA GLU G 251 18.82 -21.06 -32.68
C GLU G 251 18.06 -19.91 -32.00
N TYR G 252 16.99 -19.42 -32.61
CA TYR G 252 16.19 -18.35 -31.99
C TYR G 252 15.64 -18.89 -30.67
N LEU G 253 15.05 -20.07 -30.70
CA LEU G 253 14.48 -20.59 -29.44
C LEU G 253 15.52 -20.86 -28.34
N ARG G 254 16.67 -21.40 -28.74
CA ARG G 254 17.75 -21.71 -27.80
C ARG G 254 18.27 -20.40 -27.19
N ALA G 255 18.54 -19.41 -28.04
CA ALA G 255 19.05 -18.13 -27.55
C ALA G 255 18.05 -17.44 -26.61
N MET G 256 16.76 -17.52 -26.92
CA MET G 256 15.79 -16.96 -25.99
C MET G 256 15.78 -17.70 -24.64
N ALA G 257 15.80 -19.02 -24.66
CA ALA G 257 15.73 -19.80 -23.39
C ALA G 257 16.94 -19.52 -22.50
N ASP G 258 18.09 -19.29 -23.14
CA ASP G 258 19.36 -19.01 -22.44
C ASP G 258 19.44 -17.58 -21.88
N ASN G 259 18.47 -16.75 -22.26
CA ASN G 259 18.44 -15.34 -21.87
C ASN G 259 17.16 -14.82 -21.24
N ARG G 260 16.43 -15.68 -20.55
CA ARG G 260 15.26 -15.19 -19.80
C ARG G 260 14.15 -14.60 -20.67
N LEU G 261 14.13 -14.95 -21.95
CA LEU G 261 13.01 -14.56 -22.81
C LEU G 261 12.18 -15.79 -23.05
N VAL G 262 10.88 -15.73 -22.73
CA VAL G 262 10.02 -16.92 -22.84
C VAL G 262 8.87 -16.71 -23.86
N PRO G 263 9.00 -17.28 -25.07
CA PRO G 263 7.88 -17.11 -26.02
C PRO G 263 6.52 -17.35 -25.41
N HIS G 264 5.54 -16.51 -25.77
CA HIS G 264 4.13 -16.85 -25.47
C HIS G 264 3.32 -16.97 -26.75
N THR G 265 3.89 -16.51 -27.86
CA THR G 265 3.21 -16.68 -29.14
C THR G 265 4.27 -16.90 -30.20
N ILE G 266 4.07 -17.88 -31.05
CA ILE G 266 4.92 -18.09 -32.22
C ILE G 266 4.00 -18.43 -33.36
N VAL G 267 4.10 -17.67 -34.46
CA VAL G 267 3.23 -17.87 -35.59
C VAL G 267 4.08 -17.98 -36.84
N ASP G 268 3.84 -19.04 -37.62
CA ASP G 268 4.52 -19.21 -38.89
C ASP G 268 3.76 -18.38 -39.90
N LEU G 269 4.35 -17.25 -40.31
CA LEU G 269 3.72 -16.30 -41.20
C LEU G 269 4.04 -16.58 -42.67
N THR G 270 4.68 -17.72 -42.95
CA THR G 270 5.06 -17.95 -44.34
C THR G 270 3.88 -17.83 -45.36
N PRO G 271 2.72 -18.43 -45.05
CA PRO G 271 1.60 -18.33 -46.02
C PRO G 271 1.09 -16.91 -46.12
N ASP G 272 1.28 -16.14 -45.06
CA ASP G 272 0.78 -14.79 -44.99
C ASP G 272 1.65 -13.80 -45.77
N THR G 273 2.91 -14.17 -46.03
CA THR G 273 3.83 -13.24 -46.71
C THR G 273 3.96 -13.57 -48.19
N LEU G 274 3.60 -14.80 -48.58
CA LEU G 274 3.71 -15.18 -49.98
C LEU G 274 2.90 -14.28 -50.95
N PRO G 275 1.69 -13.83 -50.55
CA PRO G 275 0.99 -12.91 -51.49
C PRO G 275 1.73 -11.60 -51.76
N TYR G 276 2.34 -11.01 -50.73
CA TYR G 276 3.17 -9.84 -50.93
C TYR G 276 4.28 -10.19 -51.94
N TRP G 277 4.95 -11.31 -51.71
CA TRP G 277 6.06 -11.64 -52.59
C TRP G 277 5.66 -11.91 -54.05
N GLU G 278 4.55 -12.60 -54.22
CA GLU G 278 4.08 -12.91 -55.59
C GLU G 278 3.67 -11.63 -56.33
N LEU G 279 2.98 -10.74 -55.62
CA LEU G 279 2.63 -9.42 -56.16
C LEU G 279 3.90 -8.60 -56.54
N ARG G 280 4.78 -8.43 -55.57
CA ARG G 280 6.08 -7.80 -55.80
C ARG G 280 6.81 -8.40 -57.00
N ALA G 281 6.72 -9.71 -57.19
CA ALA G 281 7.50 -10.34 -58.26
C ALA G 281 7.00 -9.94 -59.65
N THR G 282 5.76 -9.47 -59.73
CA THR G 282 5.16 -9.03 -61.01
C THR G 282 5.44 -7.55 -61.26
N SER G 283 6.04 -6.84 -60.31
CA SER G 283 6.17 -5.40 -60.45
C SER G 283 7.49 -4.94 -61.11
N SER G 284 7.58 -3.65 -61.44
CA SER G 284 8.78 -3.13 -62.04
C SER G 284 9.80 -2.80 -60.95
N LEU G 285 9.44 -3.06 -59.69
CA LEU G 285 10.27 -2.67 -58.54
C LEU G 285 11.22 -3.81 -58.09
N VAL G 286 11.17 -4.96 -58.77
CA VAL G 286 11.98 -6.14 -58.36
C VAL G 286 13.46 -5.86 -58.19
N THR G 287 14.06 -6.52 -57.20
CA THR G 287 15.48 -6.35 -56.97
C THR G 287 16.29 -7.56 -57.37
N GLY G 288 15.63 -8.64 -57.74
CA GLY G 288 16.41 -9.82 -58.14
C GLY G 288 16.38 -10.96 -57.13
N ILE G 289 15.88 -10.69 -55.93
CA ILE G 289 15.90 -11.68 -54.84
C ILE G 289 14.52 -12.35 -54.67
N GLU G 290 13.54 -11.88 -55.44
CA GLU G 290 12.17 -12.41 -55.29
C GLU G 290 12.12 -13.93 -55.46
N LYS G 291 12.87 -14.44 -56.41
CA LYS G 291 12.83 -15.89 -56.62
C LYS G 291 13.32 -16.69 -55.39
N ALA G 292 14.44 -16.30 -54.80
CA ALA G 292 14.99 -17.01 -53.65
C ALA G 292 14.02 -17.05 -52.47
N PHE G 293 13.34 -15.93 -52.17
CA PHE G 293 12.27 -15.98 -51.18
C PHE G 293 11.14 -16.89 -51.58
N ILE G 294 10.58 -16.64 -52.76
CA ILE G 294 9.38 -17.38 -53.12
C ILE G 294 9.64 -18.90 -53.11
N GLU G 295 10.74 -19.31 -53.70
CA GLU G 295 11.03 -20.74 -53.80
C GLU G 295 11.33 -21.40 -52.45
N SER G 296 12.06 -20.71 -51.59
CA SER G 296 12.42 -21.31 -50.32
C SER G 296 11.25 -21.32 -49.36
N TYR G 297 10.36 -20.34 -49.46
CA TYR G 297 9.13 -20.41 -48.67
C TYR G 297 8.32 -21.62 -49.16
N ARG G 298 8.28 -21.82 -50.47
CA ARG G 298 7.44 -22.87 -51.05
C ARG G 298 7.98 -24.28 -50.82
N ASP G 299 9.31 -24.43 -50.75
CA ASP G 299 9.91 -25.75 -50.60
C ASP G 299 10.21 -26.14 -49.16
N GLY G 300 9.93 -25.24 -48.22
CA GLY G 300 10.00 -25.58 -46.82
C GLY G 300 11.37 -25.31 -46.22
N SER G 301 12.31 -24.79 -47.00
CA SER G 301 13.65 -24.57 -46.44
C SER G 301 13.73 -23.30 -45.61
N PHE G 302 12.82 -22.36 -45.84
CA PHE G 302 12.96 -21.06 -45.20
C PHE G 302 11.57 -20.67 -44.72
N GLN G 303 11.46 -19.94 -43.61
CA GLN G 303 10.13 -19.58 -43.09
C GLN G 303 10.16 -18.17 -42.50
N TYR G 304 9.01 -17.54 -42.54
CA TYR G 304 8.85 -16.18 -42.04
C TYR G 304 8.02 -16.31 -40.75
N VAL G 305 8.55 -15.84 -39.62
CA VAL G 305 7.97 -16.22 -38.31
C VAL G 305 7.91 -15.04 -37.39
N LEU G 306 6.88 -15.00 -36.55
CA LEU G 306 6.83 -14.05 -35.45
C LEU G 306 7.00 -14.82 -34.15
N ILE G 307 7.89 -14.32 -33.29
CA ILE G 307 8.05 -14.82 -31.94
C ILE G 307 7.88 -13.66 -30.97
N ALA G 308 6.89 -13.75 -30.06
CA ALA G 308 6.70 -12.74 -29.03
C ALA G 308 6.94 -13.43 -27.68
N ALA G 309 7.70 -12.75 -26.81
CA ALA G 309 8.22 -13.35 -25.60
C ALA G 309 8.09 -12.38 -24.43
N ASP G 310 8.01 -12.94 -23.22
CA ASP G 310 8.06 -12.15 -22.00
C ASP G 310 9.45 -12.21 -21.42
N ARG G 311 9.87 -11.09 -20.84
CA ARG G 311 11.14 -11.06 -20.14
C ARG G 311 10.81 -11.44 -18.71
N VAL G 312 11.35 -12.57 -18.27
CA VAL G 312 11.04 -13.05 -16.92
C VAL G 312 12.28 -13.22 -16.02
N PRO H 35 9.59 -0.10 -1.71
CA PRO H 35 9.64 -0.52 -3.11
C PRO H 35 8.31 -1.13 -3.62
N ALA H 36 7.93 -0.77 -4.83
CA ALA H 36 6.75 -1.35 -5.48
C ALA H 36 7.01 -2.84 -5.70
N PRO H 37 5.95 -3.66 -5.69
CA PRO H 37 6.16 -5.13 -5.73
C PRO H 37 6.77 -5.62 -7.04
N ALA H 38 7.73 -6.54 -6.94
CA ALA H 38 8.52 -7.01 -8.08
C ALA H 38 7.65 -7.68 -9.14
N THR H 39 6.63 -8.38 -8.67
CA THR H 39 5.75 -9.16 -9.54
C THR H 39 4.40 -9.30 -8.85
N PRO H 40 3.34 -9.67 -9.62
CA PRO H 40 2.05 -9.88 -8.97
C PRO H 40 2.15 -10.95 -7.87
N TYR H 41 2.95 -12.00 -8.09
CA TYR H 41 3.09 -13.00 -7.05
C TYR H 41 3.70 -12.40 -5.75
N GLN H 42 4.75 -11.62 -5.90
CA GLN H 42 5.30 -11.00 -4.71
C GLN H 42 4.33 -10.02 -4.02
N GLU H 43 3.44 -9.38 -4.78
CA GLU H 43 2.36 -8.60 -4.16
C GLU H 43 1.48 -9.51 -3.32
N ASP H 44 1.17 -10.71 -3.83
CA ASP H 44 0.30 -11.64 -3.08
C ASP H 44 0.96 -12.00 -1.74
N ILE H 45 2.27 -12.27 -1.79
CA ILE H 45 2.99 -12.69 -0.60
C ILE H 45 3.12 -11.55 0.41
N ALA H 46 3.39 -10.32 -0.05
CA ALA H 46 3.33 -9.17 0.87
C ALA H 46 1.96 -9.13 1.56
N ARG H 47 0.89 -9.30 0.80
CA ARG H 47 -0.45 -9.16 1.36
C ARG H 47 -0.72 -10.25 2.40
N TYR H 48 -0.29 -11.47 2.07
CA TYR H 48 -0.41 -12.60 2.96
C TYR H 48 0.24 -12.28 4.30
N TRP H 49 1.49 -11.86 4.27
CA TRP H 49 2.20 -11.64 5.53
C TRP H 49 1.75 -10.36 6.27
N ASN H 50 1.32 -9.36 5.52
CA ASN H 50 0.78 -8.14 6.15
C ASN H 50 -0.50 -8.45 6.93
N ASN H 51 -1.22 -9.49 6.52
CA ASN H 51 -2.47 -9.85 7.17
C ASN H 51 -2.37 -10.95 8.24
N GLU H 52 -1.24 -11.64 8.31
CA GLU H 52 -1.11 -12.77 9.24
C GLU H 52 -0.87 -12.35 10.70
N ALA H 53 -1.56 -12.99 11.65
CA ALA H 53 -1.28 -12.77 13.06
C ALA H 53 -1.85 -13.96 13.83
N ARG H 54 -1.46 -15.16 13.46
CA ARG H 54 -2.04 -16.35 14.08
C ARG H 54 -1.52 -16.56 15.50
N PRO H 55 -2.39 -17.09 16.38
CA PRO H 55 -1.92 -17.35 17.77
C PRO H 55 -0.79 -18.37 17.85
N VAL H 56 -0.78 -19.33 16.94
CA VAL H 56 0.27 -20.35 17.02
C VAL H 56 1.65 -19.71 16.78
N ASN H 57 1.65 -18.47 16.25
CA ASN H 57 2.88 -17.76 16.12
C ASN H 57 3.08 -16.72 17.21
N LEU H 58 2.09 -15.85 17.37
CA LEU H 58 2.23 -14.76 18.35
C LEU H 58 2.30 -15.26 19.81
N ARG H 59 1.53 -16.27 20.18
CA ARG H 59 1.50 -16.71 21.58
C ARG H 59 2.81 -17.38 21.91
N LEU H 60 3.39 -18.08 20.92
CA LEU H 60 4.71 -18.69 21.16
C LEU H 60 5.80 -17.63 21.36
N GLY H 61 5.88 -16.68 20.45
CA GLY H 61 6.86 -15.63 20.64
C GLY H 61 6.63 -14.82 21.91
N ASP H 62 5.36 -14.69 22.33
CA ASP H 62 5.02 -13.96 23.57
C ASP H 62 5.74 -14.58 24.78
N VAL H 63 6.20 -15.83 24.68
CA VAL H 63 6.90 -16.47 25.80
C VAL H 63 8.13 -15.71 26.25
N ASP H 64 8.99 -15.29 25.31
CA ASP H 64 10.25 -14.67 25.68
C ASP H 64 10.66 -13.66 24.62
N GLY H 65 9.71 -13.27 23.76
CA GLY H 65 9.93 -12.12 22.90
C GLY H 65 10.68 -12.42 21.62
N LEU H 66 10.80 -13.71 21.30
CA LEU H 66 11.43 -14.15 20.05
C LEU H 66 10.33 -14.67 19.12
N TYR H 67 10.00 -13.92 18.07
CA TYR H 67 8.85 -14.25 17.26
C TYR H 67 9.33 -14.95 15.98
N HIS H 68 9.01 -16.22 15.87
CA HIS H 68 9.54 -17.06 14.79
C HIS H 68 8.38 -17.43 13.86
N HIS H 69 8.70 -17.76 12.61
CA HIS H 69 7.76 -18.30 11.65
C HIS H 69 8.42 -19.51 10.99
N HIS H 70 8.67 -20.55 11.78
CA HIS H 70 9.24 -21.81 11.27
C HIS H 70 8.96 -22.90 12.27
N TYR H 71 9.25 -24.14 11.88
CA TYR H 71 8.82 -25.28 12.66
C TYR H 71 9.93 -25.76 13.62
N GLY H 72 9.62 -26.74 14.48
CA GLY H 72 10.56 -27.08 15.55
C GLY H 72 11.27 -28.41 15.31
N ILE H 73 12.36 -28.60 16.02
CA ILE H 73 13.02 -29.89 15.97
C ILE H 73 13.46 -30.33 17.38
N GLY H 74 13.59 -31.64 17.56
CA GLY H 74 14.14 -32.15 18.80
C GLY H 74 13.06 -32.93 19.51
N PRO H 75 13.46 -33.77 20.47
CA PRO H 75 12.41 -34.51 21.19
C PRO H 75 11.64 -33.60 22.11
N VAL H 76 10.37 -33.95 22.28
CA VAL H 76 9.43 -33.29 23.18
C VAL H 76 9.77 -33.55 24.66
N ASP H 77 9.71 -32.48 25.48
CA ASP H 77 9.93 -32.50 26.94
C ASP H 77 8.64 -32.93 27.62
N ARG H 78 8.48 -34.24 27.69
CA ARG H 78 7.19 -34.81 28.06
C ARG H 78 6.84 -34.41 29.49
N ALA H 79 7.85 -34.35 30.34
CA ALA H 79 7.67 -33.93 31.76
C ALA H 79 7.20 -32.48 31.87
N ALA H 80 7.53 -31.67 30.88
CA ALA H 80 7.12 -30.27 30.94
C ALA H 80 5.68 -30.09 30.50
N LEU H 81 5.08 -31.10 29.90
CA LEU H 81 3.72 -30.97 29.35
C LEU H 81 2.61 -31.34 30.33
N GLY H 82 2.86 -32.37 31.14
CA GLY H 82 1.83 -32.86 32.07
C GLY H 82 0.67 -33.49 31.31
N ASP H 83 -0.46 -33.72 32.00
CA ASP H 83 -1.68 -34.34 31.45
C ASP H 83 -2.39 -33.45 30.45
N PRO H 84 -2.68 -33.99 29.25
CA PRO H 84 -3.35 -33.24 28.19
C PRO H 84 -4.74 -32.76 28.63
N GLU H 85 -5.30 -33.38 29.66
CA GLU H 85 -6.63 -33.00 30.15
C GLU H 85 -6.59 -31.86 31.15
N HIS H 86 -5.39 -31.47 31.64
CA HIS H 86 -5.33 -30.43 32.64
C HIS H 86 -5.56 -29.05 32.00
N SER H 87 -6.16 -28.14 32.75
CA SER H 87 -6.46 -26.82 32.17
C SER H 87 -5.18 -26.07 31.72
N GLU H 88 -4.05 -26.35 32.36
CA GLU H 88 -2.80 -25.66 32.01
C GLU H 88 -2.08 -26.31 30.81
N TYR H 89 -2.68 -27.33 30.18
CA TYR H 89 -2.02 -28.04 29.10
C TYR H 89 -1.68 -27.04 27.97
N GLU H 90 -2.62 -26.17 27.60
CA GLU H 90 -2.34 -25.31 26.45
C GLU H 90 -1.15 -24.41 26.69
N LYS H 91 -1.08 -23.87 27.90
CA LYS H 91 0.04 -23.04 28.31
C LYS H 91 1.37 -23.78 28.20
N LYS H 92 1.37 -25.04 28.63
CA LYS H 92 2.57 -25.86 28.53
C LYS H 92 2.92 -26.19 27.08
N VAL H 93 1.92 -26.50 26.25
CA VAL H 93 2.17 -26.77 24.85
C VAL H 93 2.78 -25.53 24.19
N ILE H 94 2.23 -24.36 24.47
CA ILE H 94 2.81 -23.12 23.92
C ILE H 94 4.32 -23.00 24.26
N ALA H 95 4.68 -23.22 25.51
CA ALA H 95 6.06 -23.06 25.92
C ALA H 95 6.96 -24.09 25.24
N GLU H 96 6.41 -25.28 25.05
CA GLU H 96 7.18 -26.40 24.49
C GLU H 96 7.32 -26.26 22.95
N LEU H 97 6.23 -25.95 22.28
CA LEU H 97 6.36 -25.68 20.86
C LEU H 97 7.35 -24.53 20.61
N HIS H 98 7.31 -23.47 21.45
CA HIS H 98 8.25 -22.39 21.25
C HIS H 98 9.69 -22.85 21.46
N ARG H 99 9.91 -23.70 22.47
CA ARG H 99 11.26 -24.19 22.75
C ARG H 99 11.84 -24.94 21.54
N LEU H 100 11.00 -25.73 20.89
CA LEU H 100 11.43 -26.53 19.73
C LEU H 100 11.67 -25.67 18.51
N GLU H 101 10.86 -24.62 18.34
CA GLU H 101 11.10 -23.66 17.23
C GLU H 101 12.38 -22.87 17.47
N SER H 102 12.63 -22.45 18.72
CA SER H 102 13.89 -21.75 19.01
C SER H 102 15.09 -22.67 18.84
N ALA H 103 14.90 -23.93 19.19
CA ALA H 103 15.99 -24.90 19.00
C ALA H 103 16.33 -25.08 17.52
N GLN H 104 15.32 -25.06 16.65
CA GLN H 104 15.57 -25.16 15.22
C GLN H 104 16.46 -24.02 14.77
N ALA H 105 16.22 -22.80 15.28
CA ALA H 105 17.01 -21.64 14.82
C ALA H 105 18.43 -21.73 15.35
N GLU H 106 18.58 -22.22 16.57
CA GLU H 106 19.92 -22.37 17.13
C GLU H 106 20.69 -23.43 16.31
N PHE H 107 20.00 -24.44 15.82
CA PHE H 107 20.69 -25.50 15.04
C PHE H 107 21.10 -24.89 13.68
N LEU H 108 20.23 -24.03 13.14
CA LEU H 108 20.61 -23.31 11.91
C LEU H 108 21.92 -22.56 12.13
N MET H 109 21.97 -21.79 13.23
CA MET H 109 23.12 -20.92 13.48
C MET H 109 24.40 -21.64 13.81
N ASP H 110 24.26 -22.91 14.25
CA ASP H 110 25.45 -23.76 14.48
C ASP H 110 26.22 -23.95 13.18
N HIS H 111 25.61 -23.63 12.03
CA HIS H 111 26.21 -23.92 10.72
C HIS H 111 26.69 -22.68 9.99
N LEU H 112 26.60 -21.51 10.65
CA LEU H 112 27.02 -20.25 10.07
C LEU H 112 28.51 -19.95 10.25
N GLY H 113 29.21 -20.82 10.96
CA GLY H 113 30.62 -20.57 11.22
C GLY H 113 30.80 -19.55 12.32
N GLN H 114 31.99 -18.97 12.39
CA GLN H 114 32.18 -17.98 13.41
C GLN H 114 31.84 -16.62 12.80
N ALA H 115 31.16 -15.81 13.56
CA ALA H 115 30.92 -14.46 13.12
C ALA H 115 31.02 -13.65 14.38
N GLY H 116 31.36 -12.38 14.21
CA GLY H 116 31.47 -11.49 15.34
C GLY H 116 30.97 -10.11 15.01
N PRO H 117 31.23 -9.15 15.91
CA PRO H 117 30.77 -7.78 15.88
C PRO H 117 31.16 -7.04 14.61
N ASP H 118 32.24 -7.46 13.97
CA ASP H 118 32.66 -6.73 12.78
C ASP H 118 31.96 -7.21 11.48
N ASP H 119 31.17 -8.27 11.61
CA ASP H 119 30.60 -8.93 10.44
C ASP H 119 29.17 -8.50 10.21
N THR H 120 28.69 -8.64 8.97
CA THR H 120 27.26 -8.46 8.66
C THR H 120 26.68 -9.81 8.22
N LEU H 121 25.54 -10.17 8.83
CA LEU H 121 24.79 -11.39 8.51
C LEU H 121 23.48 -10.96 7.87
N VAL H 122 22.97 -11.80 6.97
CA VAL H 122 21.71 -11.47 6.31
C VAL H 122 20.70 -12.60 6.50
N ASP H 123 19.54 -12.22 7.00
CA ASP H 123 18.39 -13.09 7.12
C ASP H 123 17.47 -12.82 5.93
N ALA H 124 17.45 -13.77 4.98
CA ALA H 124 16.70 -13.55 3.74
C ALA H 124 15.27 -14.05 3.91
N GLY H 125 14.28 -13.13 3.94
CA GLY H 125 12.91 -13.50 4.21
C GLY H 125 12.71 -13.66 5.71
N CYS H 126 12.75 -12.53 6.43
CA CYS H 126 13.12 -12.54 7.86
C CYS H 126 11.96 -12.56 8.85
N GLY H 127 10.73 -12.60 8.34
CA GLY H 127 9.56 -12.69 9.22
C GLY H 127 9.53 -11.56 10.24
N ARG H 128 9.14 -11.87 11.49
CA ARG H 128 9.05 -10.84 12.53
C ARG H 128 10.35 -10.63 13.28
N GLY H 129 11.40 -11.38 12.89
CA GLY H 129 12.76 -11.06 13.29
C GLY H 129 13.35 -11.83 14.48
N GLY H 130 12.63 -12.85 14.94
CA GLY H 130 13.10 -13.66 16.05
C GLY H 130 14.51 -14.23 15.82
N SER H 131 14.79 -14.72 14.62
CA SER H 131 16.15 -15.23 14.33
C SER H 131 17.20 -14.13 14.34
N MET H 132 16.80 -12.94 13.96
CA MET H 132 17.78 -11.88 13.90
C MET H 132 18.21 -11.46 15.30
N VAL H 133 17.26 -11.37 16.22
CA VAL H 133 17.57 -11.12 17.61
C VAL H 133 18.51 -12.21 18.14
N MET H 134 18.14 -13.47 17.92
CA MET H 134 19.01 -14.56 18.44
C MET H 134 20.39 -14.48 17.82
N ALA H 135 20.46 -14.18 16.52
CA ALA H 135 21.74 -14.11 15.85
C ALA H 135 22.60 -13.01 16.43
N HIS H 136 22.00 -11.83 16.63
CA HIS H 136 22.77 -10.75 17.23
C HIS H 136 23.23 -11.08 18.65
N ARG H 137 22.38 -11.71 19.44
CA ARG H 137 22.79 -12.08 20.78
C ARG H 137 23.95 -13.05 20.79
N ARG H 138 23.90 -14.01 19.85
CA ARG H 138 24.92 -15.05 19.81
C ARG H 138 26.25 -14.52 19.27
N PHE H 139 26.22 -13.77 18.20
CA PHE H 139 27.45 -13.43 17.48
C PHE H 139 27.93 -12.02 17.67
N GLY H 140 27.00 -11.11 17.98
CA GLY H 140 27.31 -9.70 18.14
C GLY H 140 27.35 -8.93 16.82
N SER H 141 27.09 -9.62 15.71
CA SER H 141 27.21 -9.01 14.39
C SER H 141 26.12 -8.01 14.09
N ARG H 142 26.32 -7.24 13.03
CA ARG H 142 25.23 -6.49 12.44
C ARG H 142 24.35 -7.52 11.71
N VAL H 143 23.03 -7.46 11.89
CA VAL H 143 22.14 -8.44 11.24
C VAL H 143 21.11 -7.68 10.41
N GLU H 144 21.09 -7.91 9.10
CA GLU H 144 20.15 -7.26 8.20
C GLU H 144 19.14 -8.28 7.76
N GLY H 145 17.85 -7.95 7.91
CA GLY H 145 16.80 -8.82 7.42
C GLY H 145 16.04 -8.17 6.27
N VAL H 146 15.55 -8.99 5.34
CA VAL H 146 14.66 -8.44 4.32
C VAL H 146 13.41 -9.26 4.33
N THR H 147 12.28 -8.58 4.17
CA THR H 147 10.98 -9.25 4.09
C THR H 147 10.08 -8.48 3.13
N LEU H 148 9.09 -9.14 2.55
CA LEU H 148 8.16 -8.41 1.70
C LEU H 148 7.06 -7.64 2.46
N SER H 149 6.89 -7.95 3.74
CA SER H 149 5.81 -7.40 4.57
C SER H 149 6.24 -6.17 5.35
N ALA H 150 5.61 -5.01 5.08
CA ALA H 150 5.82 -3.82 5.91
C ALA H 150 5.43 -4.04 7.40
N ALA H 151 4.34 -4.75 7.60
CA ALA H 151 3.88 -5.13 8.95
C ALA H 151 4.96 -5.86 9.73
N GLN H 152 5.62 -6.83 9.09
CA GLN H 152 6.66 -7.61 9.80
C GLN H 152 7.88 -6.81 9.99
N ALA H 153 8.28 -6.02 9.00
CA ALA H 153 9.49 -5.22 9.18
C ALA H 153 9.28 -4.25 10.35
N ASP H 154 8.12 -3.59 10.38
CA ASP H 154 7.76 -2.72 11.50
C ASP H 154 7.85 -3.45 12.85
N PHE H 155 7.28 -4.63 12.87
CA PHE H 155 7.29 -5.45 14.11
C PHE H 155 8.75 -5.72 14.56
N GLY H 156 9.58 -6.25 13.64
CA GLY H 156 10.97 -6.54 13.95
C GLY H 156 11.74 -5.34 14.43
N ASN H 157 11.57 -4.21 13.77
CA ASN H 157 12.36 -3.05 14.14
C ASN H 157 11.89 -2.49 15.48
N ARG H 158 10.59 -2.65 15.76
CA ARG H 158 10.04 -2.19 17.04
C ARG H 158 10.65 -3.03 18.17
N ARG H 159 10.67 -4.36 17.95
CA ARG H 159 11.35 -5.24 18.90
C ARG H 159 12.83 -4.82 19.10
N ALA H 160 13.54 -4.47 18.01
CA ALA H 160 14.96 -4.16 18.13
C ALA H 160 15.16 -2.89 18.96
N ARG H 161 14.27 -1.91 18.75
CA ARG H 161 14.35 -0.67 19.48
C ARG H 161 14.11 -0.91 20.97
N GLU H 162 13.12 -1.74 21.27
CA GLU H 162 12.78 -2.08 22.67
C GLU H 162 13.96 -2.72 23.36
N LEU H 163 14.69 -3.60 22.65
CA LEU H 163 15.88 -4.23 23.22
C LEU H 163 17.13 -3.37 23.17
N ARG H 164 17.03 -2.22 22.53
CA ARG H 164 18.16 -1.31 22.33
C ARG H 164 19.30 -1.98 21.50
N ILE H 165 18.91 -2.75 20.49
CA ILE H 165 19.90 -3.34 19.57
C ILE H 165 19.60 -2.88 18.13
N ASP H 166 18.80 -1.83 17.99
CA ASP H 166 18.41 -1.36 16.66
C ASP H 166 19.58 -0.74 15.89
N ASP H 167 20.68 -0.33 16.55
CA ASP H 167 21.88 0.09 15.79
C ASP H 167 22.62 -1.10 15.13
N HIS H 168 22.25 -2.32 15.47
CA HIS H 168 22.91 -3.49 14.89
C HIS H 168 21.95 -4.40 14.15
N VAL H 169 20.67 -4.30 14.46
CA VAL H 169 19.65 -5.21 13.91
C VAL H 169 18.56 -4.44 13.19
N ARG H 170 18.37 -4.70 11.90
CA ARG H 170 17.44 -3.89 11.13
C ARG H 170 16.71 -4.75 10.10
N SER H 171 15.39 -4.61 10.03
CA SER H 171 14.59 -5.26 8.97
C SER H 171 14.15 -4.19 7.96
N ARG H 172 14.17 -4.55 6.69
CA ARG H 172 13.72 -3.67 5.61
C ARG H 172 12.78 -4.40 4.69
N VAL H 173 11.84 -3.66 4.09
CA VAL H 173 10.95 -4.21 3.04
C VAL H 173 11.69 -4.22 1.72
N CYS H 174 12.07 -5.42 1.27
CA CYS H 174 12.94 -5.55 0.11
C CYS H 174 12.83 -7.00 -0.43
N ASN H 175 12.86 -7.15 -1.74
CA ASN H 175 12.85 -8.42 -2.42
C ASN H 175 14.23 -9.09 -2.22
N MET H 176 14.27 -10.22 -1.52
CA MET H 176 15.51 -10.93 -1.30
C MET H 176 16.26 -11.34 -2.59
N LEU H 177 15.62 -11.27 -3.75
CA LEU H 177 16.34 -11.57 -5.01
C LEU H 177 17.05 -10.37 -5.56
N ASP H 178 16.84 -9.21 -4.94
CA ASP H 178 17.39 -7.96 -5.47
C ASP H 178 17.62 -6.97 -4.31
N THR H 179 18.68 -7.22 -3.55
CA THR H 179 18.92 -6.49 -2.32
C THR H 179 19.95 -5.36 -2.53
N PRO H 180 20.03 -4.46 -1.56
CA PRO H 180 21.00 -3.36 -1.63
C PRO H 180 22.39 -3.75 -1.13
N PHE H 181 22.59 -4.96 -0.62
CA PHE H 181 23.91 -5.30 -0.07
C PHE H 181 24.98 -5.28 -1.17
N ASP H 182 26.16 -4.76 -0.83
CA ASP H 182 27.26 -4.66 -1.79
C ASP H 182 27.83 -6.03 -2.04
N LYS H 183 28.43 -6.19 -3.21
CA LYS H 183 29.08 -7.43 -3.57
C LYS H 183 30.12 -7.82 -2.56
N GLY H 184 30.08 -9.06 -2.07
CA GLY H 184 31.09 -9.50 -1.09
C GLY H 184 31.09 -8.84 0.29
N ALA H 185 30.05 -8.06 0.63
CA ALA H 185 29.97 -7.39 1.93
C ALA H 185 29.54 -8.27 3.12
N VAL H 186 28.94 -9.44 2.83
CA VAL H 186 28.21 -10.17 3.89
C VAL H 186 29.04 -11.40 4.27
N THR H 187 29.14 -11.70 5.57
CA THR H 187 29.91 -12.85 6.05
C THR H 187 29.15 -14.19 5.99
N ALA H 188 27.86 -14.17 6.34
CA ALA H 188 27.04 -15.39 6.36
C ALA H 188 25.61 -15.02 6.21
N SER H 189 24.83 -15.91 5.60
CA SER H 189 23.44 -15.55 5.36
C SER H 189 22.61 -16.81 5.41
N TRP H 190 21.29 -16.67 5.48
CA TRP H 190 20.45 -17.87 5.53
C TRP H 190 19.05 -17.62 5.00
N ASN H 191 18.37 -18.71 4.64
CA ASN H 191 16.90 -18.69 4.48
C ASN H 191 16.35 -19.71 5.44
N ASN H 192 15.54 -19.25 6.39
CA ASN H 192 14.94 -20.16 7.35
C ASN H 192 13.47 -20.31 6.90
N GLU H 193 13.18 -21.43 6.22
CA GLU H 193 11.86 -21.67 5.63
C GLU H 193 11.29 -20.48 4.83
N SER H 194 12.02 -20.00 3.83
CA SER H 194 11.55 -18.89 2.99
C SER H 194 12.00 -19.07 1.54
N THR H 195 12.73 -20.15 1.23
CA THR H 195 13.15 -20.39 -0.15
C THR H 195 11.95 -20.86 -1.03
N MET H 196 10.83 -21.25 -0.41
CA MET H 196 9.71 -21.77 -1.23
C MET H 196 8.84 -20.68 -1.85
N TYR H 197 9.30 -19.44 -1.80
CA TYR H 197 8.61 -18.31 -2.42
C TYR H 197 9.34 -17.71 -3.60
N VAL H 198 10.48 -18.32 -3.97
CA VAL H 198 11.31 -17.80 -5.04
C VAL H 198 11.92 -18.87 -5.94
N ASP H 199 12.30 -18.43 -7.13
CA ASP H 199 13.18 -19.20 -8.00
C ASP H 199 14.53 -19.40 -7.34
N LEU H 200 14.95 -20.67 -7.25
CA LEU H 200 16.16 -20.98 -6.46
C LEU H 200 17.42 -20.49 -7.14
N HIS H 201 17.44 -20.53 -8.48
CA HIS H 201 18.60 -20.00 -9.20
C HIS H 201 18.82 -18.52 -8.94
N ASP H 202 17.75 -17.77 -9.04
CA ASP H 202 17.80 -16.34 -8.77
C ASP H 202 18.22 -16.06 -7.31
N LEU H 203 17.66 -16.82 -6.38
CA LEU H 203 17.99 -16.63 -4.96
C LEU H 203 19.45 -16.91 -4.68
N PHE H 204 19.97 -18.06 -5.14
CA PHE H 204 21.37 -18.41 -4.85
C PHE H 204 22.37 -17.54 -5.60
N SER H 205 21.96 -17.02 -6.73
CA SER H 205 22.78 -16.07 -7.47
C SER H 205 22.91 -14.80 -6.61
N GLU H 206 21.82 -14.39 -5.95
CA GLU H 206 21.86 -13.14 -5.17
C GLU H 206 22.70 -13.36 -3.89
N HIS H 207 22.46 -14.46 -3.17
CA HIS H 207 23.30 -14.74 -2.01
C HIS H 207 24.79 -14.85 -2.47
N SER H 208 25.05 -15.55 -3.58
CA SER H 208 26.47 -15.68 -3.97
C SER H 208 27.08 -14.31 -4.30
N ARG H 209 26.26 -13.39 -4.83
CA ARG H 209 26.74 -12.01 -5.12
C ARG H 209 27.15 -11.27 -3.83
N PHE H 210 26.24 -11.22 -2.84
CA PHE H 210 26.59 -10.46 -1.63
C PHE H 210 27.48 -11.17 -0.61
N LEU H 211 27.52 -12.51 -0.65
CA LEU H 211 28.44 -13.24 0.26
C LEU H 211 29.89 -13.11 -0.19
N LYS H 212 30.76 -12.84 0.76
CA LYS H 212 32.21 -12.81 0.48
C LYS H 212 32.65 -14.19 0.10
N VAL H 213 33.71 -14.30 -0.68
CA VAL H 213 34.36 -15.59 -0.88
C VAL H 213 34.78 -16.15 0.47
N GLY H 214 34.49 -17.44 0.70
CA GLY H 214 34.64 -18.05 2.01
C GLY H 214 33.46 -17.80 2.96
N GLY H 215 32.43 -17.08 2.51
CA GLY H 215 31.33 -16.81 3.43
C GLY H 215 30.47 -18.06 3.53
N ARG H 216 29.49 -18.05 4.43
CA ARG H 216 28.70 -19.25 4.68
C ARG H 216 27.25 -19.03 4.47
N TYR H 217 26.60 -20.04 3.90
CA TYR H 217 25.17 -20.00 3.65
C TYR H 217 24.49 -21.19 4.37
N VAL H 218 23.31 -20.98 4.95
CA VAL H 218 22.54 -22.10 5.47
C VAL H 218 21.08 -21.98 5.08
N THR H 219 20.49 -23.09 4.69
CA THR H 219 19.03 -23.07 4.66
C THR H 219 18.41 -24.24 5.46
N ILE H 220 17.30 -23.98 6.14
CA ILE H 220 16.41 -25.06 6.55
C ILE H 220 15.16 -24.93 5.69
N THR H 221 14.76 -26.03 5.09
CA THR H 221 13.63 -25.96 4.20
C THR H 221 12.82 -27.22 4.25
N GLY H 222 11.60 -27.17 3.72
CA GLY H 222 10.88 -28.42 3.42
C GLY H 222 10.95 -28.59 1.93
N CYS H 223 11.44 -29.73 1.47
CA CYS H 223 11.57 -29.93 0.05
C CYS H 223 10.87 -31.25 -0.30
N TRP H 224 10.24 -31.30 -1.46
CA TRP H 224 9.70 -32.57 -1.89
C TRP H 224 10.83 -33.57 -2.27
N ASN H 225 10.66 -34.83 -1.94
CA ASN H 225 11.78 -35.80 -2.13
C ASN H 225 11.79 -36.35 -3.56
N PRO H 226 12.88 -36.12 -4.32
CA PRO H 226 12.88 -36.63 -5.70
C PRO H 226 12.85 -38.17 -5.74
N ARG H 227 13.17 -38.79 -4.61
CA ARG H 227 13.05 -40.24 -4.53
C ARG H 227 11.57 -40.67 -4.67
N TYR H 228 10.67 -39.81 -4.19
CA TYR H 228 9.22 -40.12 -4.26
C TYR H 228 8.75 -39.93 -5.73
N GLY H 229 9.25 -38.89 -6.38
CA GLY H 229 9.19 -38.76 -7.83
C GLY H 229 8.72 -37.39 -8.30
N GLN H 230 7.63 -36.93 -7.69
CA GLN H 230 7.03 -35.62 -7.92
C GLN H 230 6.33 -35.20 -6.63
N PRO H 231 5.83 -33.95 -6.58
CA PRO H 231 5.12 -33.52 -5.37
C PRO H 231 3.83 -34.33 -5.12
N SER H 232 3.72 -34.94 -3.94
CA SER H 232 2.54 -35.67 -3.58
C SER H 232 1.35 -34.74 -3.33
N LYS H 233 0.15 -35.30 -3.27
CA LYS H 233 -1.01 -34.46 -2.91
C LYS H 233 -0.76 -33.61 -1.65
N TRP H 234 -0.04 -34.15 -0.68
CA TRP H 234 0.15 -33.42 0.57
C TRP H 234 1.00 -32.21 0.38
N VAL H 235 2.05 -32.37 -0.42
CA VAL H 235 2.98 -31.29 -0.68
C VAL H 235 2.16 -30.19 -1.35
N SER H 236 1.29 -30.58 -2.30
CA SER H 236 0.45 -29.57 -2.98
C SER H 236 -0.55 -28.88 -2.02
N GLN H 237 -1.04 -29.63 -1.04
CA GLN H 237 -1.92 -29.00 -0.07
C GLN H 237 -1.18 -27.96 0.75
N ILE H 238 0.08 -28.23 1.08
CA ILE H 238 0.91 -27.24 1.80
C ILE H 238 1.13 -26.01 0.90
N ASN H 239 1.48 -26.22 -0.37
CA ASN H 239 1.61 -25.09 -1.30
C ASN H 239 0.34 -24.25 -1.33
N ALA H 240 -0.81 -24.89 -1.45
CA ALA H 240 -2.06 -24.12 -1.50
C ALA H 240 -2.31 -23.32 -0.22
N HIS H 241 -1.95 -23.90 0.91
CA HIS H 241 -2.27 -23.36 2.23
C HIS H 241 -1.47 -22.10 2.45
N PHE H 242 -0.22 -22.08 2.00
CA PHE H 242 0.67 -20.92 2.23
C PHE H 242 0.96 -20.10 0.96
N GLU H 243 0.32 -20.45 -0.14
CA GLU H 243 0.56 -19.83 -1.45
C GLU H 243 2.05 -19.88 -1.81
N CYS H 244 2.68 -21.03 -1.56
CA CYS H 244 4.10 -21.14 -1.86
C CYS H 244 4.35 -22.19 -2.92
N ASN H 245 5.62 -22.49 -3.14
CA ASN H 245 6.08 -23.30 -4.24
C ASN H 245 7.26 -24.18 -3.79
N ILE H 246 6.96 -25.20 -3.01
CA ILE H 246 7.99 -26.11 -2.49
C ILE H 246 8.81 -26.72 -3.65
N HIS H 247 10.13 -26.71 -3.52
CA HIS H 247 11.04 -27.18 -4.56
C HIS H 247 11.50 -28.61 -4.20
N SER H 248 12.09 -29.32 -5.14
CA SER H 248 12.58 -30.65 -4.78
C SER H 248 14.02 -30.54 -4.23
N ARG H 249 14.42 -31.55 -3.48
CA ARG H 249 15.79 -31.56 -2.99
C ARG H 249 16.77 -31.47 -4.16
N ARG H 250 16.39 -32.04 -5.30
CA ARG H 250 17.29 -31.99 -6.49
C ARG H 250 17.50 -30.55 -6.95
N GLU H 251 16.44 -29.75 -6.90
CA GLU H 251 16.51 -28.38 -7.44
C GLU H 251 17.36 -27.52 -6.50
N TYR H 252 17.29 -27.76 -5.20
CA TYR H 252 18.18 -27.05 -4.25
C TYR H 252 19.65 -27.33 -4.59
N LEU H 253 20.00 -28.60 -4.79
CA LEU H 253 21.40 -28.91 -5.03
C LEU H 253 21.87 -28.39 -6.40
N ARG H 254 21.02 -28.51 -7.42
CA ARG H 254 21.35 -28.01 -8.75
C ARG H 254 21.53 -26.48 -8.73
N ALA H 255 20.56 -25.77 -8.16
CA ALA H 255 20.69 -24.29 -8.02
C ALA H 255 21.94 -23.85 -7.25
N MET H 256 22.31 -24.58 -6.18
CA MET H 256 23.55 -24.22 -5.48
C MET H 256 24.79 -24.47 -6.35
N ALA H 257 24.83 -25.63 -7.03
CA ALA H 257 25.99 -25.96 -7.82
C ALA H 257 26.16 -24.97 -8.99
N ASP H 258 25.05 -24.42 -9.45
CA ASP H 258 25.08 -23.45 -10.55
C ASP H 258 25.43 -22.04 -10.10
N ASN H 259 25.57 -21.83 -8.78
CA ASN H 259 25.83 -20.50 -8.22
C ASN H 259 26.90 -20.41 -7.11
N ARG H 260 27.93 -21.22 -7.22
CA ARG H 260 29.09 -21.07 -6.35
C ARG H 260 28.82 -21.41 -4.89
N LEU H 261 27.71 -22.09 -4.61
CA LEU H 261 27.47 -22.56 -3.24
C LEU H 261 27.73 -24.04 -3.21
N VAL H 262 28.61 -24.46 -2.29
CA VAL H 262 29.00 -25.88 -2.17
C VAL H 262 28.64 -26.42 -0.78
N PRO H 263 27.57 -27.21 -0.69
CA PRO H 263 27.17 -27.84 0.58
C PRO H 263 28.35 -28.59 1.25
N HIS H 264 28.50 -28.41 2.57
CA HIS H 264 29.51 -29.17 3.33
C HIS H 264 28.80 -30.00 4.37
N THR H 265 27.53 -29.65 4.60
CA THR H 265 26.64 -30.41 5.51
C THR H 265 25.22 -30.50 4.95
N ILE H 266 24.68 -31.71 4.85
CA ILE H 266 23.26 -31.89 4.54
C ILE H 266 22.71 -32.88 5.55
N VAL H 267 21.68 -32.47 6.29
CA VAL H 267 21.07 -33.29 7.37
C VAL H 267 19.58 -33.46 7.02
N ASP H 268 19.08 -34.70 6.96
CA ASP H 268 17.64 -34.92 6.83
C ASP H 268 17.03 -34.86 8.25
N LEU H 269 16.32 -33.77 8.54
CA LEU H 269 15.74 -33.50 9.85
C LEU H 269 14.30 -33.97 10.00
N THR H 270 13.83 -34.74 9.05
CA THR H 270 12.45 -35.18 9.15
C THR H 270 12.14 -35.95 10.44
N PRO H 271 12.96 -36.94 10.82
CA PRO H 271 12.59 -37.57 12.12
C PRO H 271 12.61 -36.58 13.30
N ASP H 272 13.42 -35.54 13.20
CA ASP H 272 13.59 -34.60 14.29
C ASP H 272 12.46 -33.59 14.43
N THR H 273 11.70 -33.40 13.36
CA THR H 273 10.60 -32.44 13.37
C THR H 273 9.24 -33.12 13.58
N LEU H 274 9.16 -34.43 13.36
CA LEU H 274 7.90 -35.12 13.63
C LEU H 274 7.30 -35.00 15.06
N PRO H 275 8.15 -35.04 16.13
CA PRO H 275 7.62 -34.83 17.48
C PRO H 275 6.96 -33.47 17.67
N TYR H 276 7.58 -32.42 17.14
CA TYR H 276 6.97 -31.08 17.12
C TYR H 276 5.59 -31.16 16.51
N TRP H 277 5.50 -31.74 15.30
CA TRP H 277 4.21 -31.76 14.60
C TRP H 277 3.12 -32.56 15.31
N GLU H 278 3.51 -33.73 15.80
CA GLU H 278 2.59 -34.55 16.60
C GLU H 278 2.07 -33.83 17.85
N LEU H 279 2.93 -33.12 18.57
CA LEU H 279 2.48 -32.33 19.73
C LEU H 279 1.52 -31.23 19.30
N ARG H 280 1.91 -30.55 18.23
CA ARG H 280 1.14 -29.39 17.79
C ARG H 280 -0.27 -29.87 17.42
N ALA H 281 -0.33 -31.08 16.86
CA ALA H 281 -1.59 -31.62 16.34
C ALA H 281 -2.59 -31.90 17.50
N THR H 282 -2.06 -31.94 18.72
CA THR H 282 -2.91 -32.14 19.91
C THR H 282 -3.45 -30.82 20.48
N SER H 283 -3.00 -29.69 19.97
CA SER H 283 -3.35 -28.41 20.64
C SER H 283 -4.51 -27.67 20.01
N SER H 284 -5.01 -26.65 20.72
CA SER H 284 -6.11 -25.86 20.20
C SER H 284 -5.54 -24.81 19.27
N LEU H 285 -4.22 -24.84 19.07
CA LEU H 285 -3.55 -23.86 18.22
C LEU H 285 -3.50 -24.26 16.75
N VAL H 286 -3.96 -25.46 16.41
CA VAL H 286 -3.88 -26.02 15.07
C VAL H 286 -4.47 -25.15 13.95
N THR H 287 -3.79 -25.16 12.82
CA THR H 287 -4.20 -24.29 11.71
C THR H 287 -4.85 -25.13 10.62
N GLY H 288 -4.78 -26.46 10.76
CA GLY H 288 -5.42 -27.37 9.80
C GLY H 288 -4.49 -28.05 8.80
N ILE H 289 -3.23 -27.61 8.76
CA ILE H 289 -2.24 -28.15 7.82
C ILE H 289 -1.38 -29.25 8.50
N GLU H 290 -1.66 -29.54 9.78
CA GLU H 290 -0.80 -30.48 10.52
C GLU H 290 -0.82 -31.84 9.84
N LYS H 291 -1.98 -32.31 9.40
CA LYS H 291 -2.02 -33.68 8.81
C LYS H 291 -1.16 -33.83 7.53
N ALA H 292 -1.21 -32.81 6.69
CA ALA H 292 -0.39 -32.81 5.46
C ALA H 292 1.09 -32.91 5.77
N PHE H 293 1.55 -32.17 6.77
CA PHE H 293 2.94 -32.34 7.16
C PHE H 293 3.19 -33.75 7.69
N ILE H 294 2.38 -34.17 8.67
CA ILE H 294 2.68 -35.42 9.31
C ILE H 294 2.63 -36.57 8.33
N GLU H 295 1.63 -36.59 7.46
CA GLU H 295 1.49 -37.74 6.53
C GLU H 295 2.60 -37.74 5.50
N SER H 296 2.91 -36.59 4.95
CA SER H 296 3.98 -36.55 3.90
C SER H 296 5.37 -36.81 4.42
N TYR H 297 5.68 -36.34 5.64
CA TYR H 297 6.91 -36.76 6.31
C TYR H 297 6.92 -38.28 6.50
N ARG H 298 5.81 -38.83 6.99
CA ARG H 298 5.76 -40.28 7.26
C ARG H 298 5.80 -41.16 6.02
N ASP H 299 5.24 -40.70 4.91
CA ASP H 299 5.25 -41.50 3.70
C ASP H 299 6.47 -41.29 2.77
N GLY H 300 7.42 -40.42 3.14
CA GLY H 300 8.61 -40.19 2.30
C GLY H 300 8.47 -39.17 1.16
N SER H 301 7.28 -38.62 0.95
CA SER H 301 7.12 -37.68 -0.16
C SER H 301 7.69 -36.28 0.13
N PHE H 302 7.88 -35.97 1.40
CA PHE H 302 8.29 -34.61 1.79
C PHE H 302 9.34 -34.76 2.91
N GLN H 303 10.35 -33.92 2.87
CA GLN H 303 11.42 -33.96 3.86
C GLN H 303 11.68 -32.59 4.43
N TYR H 304 12.20 -32.54 5.66
CA TYR H 304 12.61 -31.29 6.29
C TYR H 304 14.13 -31.40 6.35
N VAL H 305 14.86 -30.48 5.70
CA VAL H 305 16.31 -30.69 5.51
C VAL H 305 17.08 -29.41 5.90
N LEU H 306 18.29 -29.60 6.40
CA LEU H 306 19.24 -28.47 6.53
C LEU H 306 20.34 -28.64 5.50
N ILE H 307 20.63 -27.58 4.71
CA ILE H 307 21.77 -27.58 3.82
C ILE H 307 22.65 -26.37 4.16
N ALA H 308 23.90 -26.65 4.48
CA ALA H 308 24.85 -25.62 4.87
C ALA H 308 26.00 -25.66 3.84
N ALA H 309 26.32 -24.51 3.26
CA ALA H 309 27.22 -24.44 2.13
C ALA H 309 28.29 -23.35 2.31
N ASP H 310 29.41 -23.51 1.60
CA ASP H 310 30.42 -22.49 1.50
C ASP H 310 30.21 -21.76 0.17
N ARG H 311 30.43 -20.46 0.17
CA ARG H 311 30.46 -19.64 -1.05
C ARG H 311 31.92 -19.63 -1.54
N VAL H 312 32.16 -20.24 -2.70
CA VAL H 312 33.53 -20.40 -3.16
C VAL H 312 33.75 -19.65 -4.44
N PRO I 35 46.45 -5.52 -0.68
CA PRO I 35 45.11 -6.09 -0.49
C PRO I 35 45.16 -7.41 0.30
N ALA I 36 44.25 -7.62 1.23
CA ALA I 36 44.24 -8.89 1.96
C ALA I 36 44.13 -10.05 0.95
N PRO I 37 44.70 -11.22 1.29
CA PRO I 37 44.67 -12.37 0.36
C PRO I 37 43.25 -12.95 0.17
N ALA I 38 42.89 -13.30 -1.06
CA ALA I 38 41.52 -13.76 -1.33
C ALA I 38 41.12 -15.10 -0.68
N THR I 39 42.05 -16.04 -0.57
CA THR I 39 41.78 -17.35 0.02
C THR I 39 43.05 -17.81 0.75
N PRO I 40 42.94 -18.78 1.66
CA PRO I 40 44.15 -19.38 2.23
C PRO I 40 45.14 -19.87 1.17
N TYR I 41 44.64 -20.43 0.08
CA TYR I 41 45.57 -20.92 -0.95
C TYR I 41 46.31 -19.75 -1.61
N GLN I 42 45.60 -18.67 -1.90
CA GLN I 42 46.28 -17.55 -2.52
C GLN I 42 47.28 -16.95 -1.54
N GLU I 43 47.02 -17.07 -0.25
CA GLU I 43 48.03 -16.61 0.75
C GLU I 43 49.28 -17.47 0.66
N ASP I 44 49.11 -18.78 0.47
CA ASP I 44 50.25 -19.69 0.33
C ASP I 44 51.08 -19.28 -0.88
N ILE I 45 50.39 -18.98 -1.98
CA ILE I 45 51.06 -18.59 -3.21
C ILE I 45 51.76 -17.21 -3.14
N ALA I 46 51.15 -16.25 -2.46
CA ALA I 46 51.83 -15.00 -2.22
C ALA I 46 53.11 -15.29 -1.46
N ARG I 47 53.03 -16.15 -0.45
CA ARG I 47 54.19 -16.46 0.35
C ARG I 47 55.25 -17.18 -0.49
N TYR I 48 54.84 -18.13 -1.33
CA TYR I 48 55.77 -18.85 -2.20
C TYR I 48 56.59 -17.86 -3.04
N TRP I 49 55.89 -16.89 -3.65
CA TRP I 49 56.55 -15.98 -4.60
C TRP I 49 57.33 -14.86 -3.88
N ASN I 50 56.82 -14.39 -2.75
CA ASN I 50 57.62 -13.49 -1.90
C ASN I 50 58.88 -14.19 -1.44
N ASN I 51 58.82 -15.49 -1.27
CA ASN I 51 59.97 -16.24 -0.71
C ASN I 51 60.88 -16.88 -1.77
N GLU I 52 60.58 -16.66 -3.05
CA GLU I 52 61.37 -17.21 -4.13
C GLU I 52 62.70 -16.47 -4.12
N ALA I 53 63.77 -17.21 -3.94
CA ALA I 53 65.09 -16.59 -3.80
C ALA I 53 66.19 -17.51 -4.30
N ARG I 54 65.85 -18.41 -5.22
CA ARG I 54 66.84 -19.32 -5.76
C ARG I 54 67.85 -18.51 -6.55
N PRO I 55 69.14 -18.57 -6.15
CA PRO I 55 70.10 -17.69 -6.82
C PRO I 55 70.17 -17.91 -8.35
N VAL I 56 70.05 -19.15 -8.81
CA VAL I 56 70.14 -19.43 -10.25
C VAL I 56 69.16 -18.57 -11.05
N ASN I 57 67.92 -18.46 -10.59
CA ASN I 57 66.92 -17.65 -11.31
C ASN I 57 67.32 -16.17 -11.45
N LEU I 58 67.96 -15.63 -10.41
CA LEU I 58 68.49 -14.25 -10.46
C LEU I 58 69.73 -14.16 -11.38
N ARG I 59 70.64 -15.15 -11.30
CA ARG I 59 71.80 -15.12 -12.21
C ARG I 59 71.43 -15.12 -13.69
N LEU I 60 70.43 -15.94 -14.07
CA LEU I 60 69.94 -15.90 -15.46
C LEU I 60 69.42 -14.53 -15.86
N GLY I 61 68.56 -13.96 -15.02
CA GLY I 61 68.01 -12.62 -15.27
C GLY I 61 69.10 -11.54 -15.34
N ASP I 62 70.12 -11.67 -14.49
CA ASP I 62 71.26 -10.75 -14.45
C ASP I 62 72.03 -10.62 -15.76
N VAL I 63 71.94 -11.63 -16.63
CA VAL I 63 72.64 -11.60 -17.91
C VAL I 63 72.34 -10.29 -18.65
N ASP I 64 71.06 -9.90 -18.68
CA ASP I 64 70.66 -8.69 -19.37
C ASP I 64 69.51 -7.95 -18.69
N GLY I 65 69.20 -8.33 -17.46
CA GLY I 65 68.19 -7.61 -16.71
C GLY I 65 66.76 -7.95 -17.11
N LEU I 66 66.56 -9.12 -17.72
CA LEU I 66 65.21 -9.60 -18.02
C LEU I 66 64.99 -10.79 -17.14
N TYR I 67 64.18 -10.63 -16.09
CA TYR I 67 63.99 -11.67 -15.08
C TYR I 67 62.74 -12.48 -15.32
N HIS I 68 62.95 -13.75 -15.66
CA HIS I 68 61.87 -14.68 -16.02
C HIS I 68 61.76 -15.77 -14.98
N HIS I 69 60.52 -16.26 -14.80
CA HIS I 69 60.28 -17.45 -14.02
C HIS I 69 59.42 -18.34 -14.93
N HIS I 70 60.03 -18.85 -15.99
CA HIS I 70 59.36 -19.81 -16.87
C HIS I 70 60.44 -20.57 -17.58
N TYR I 71 60.06 -21.58 -18.33
CA TYR I 71 61.07 -22.45 -18.91
C TYR I 71 61.39 -22.08 -20.36
N GLY I 72 62.29 -22.83 -21.00
CA GLY I 72 62.77 -22.38 -22.31
C GLY I 72 62.33 -23.22 -23.50
N ILE I 73 62.43 -22.68 -24.71
CA ILE I 73 62.13 -23.47 -25.90
C ILE I 73 63.18 -23.20 -26.99
N GLY I 74 63.33 -24.17 -27.91
CA GLY I 74 64.18 -24.00 -29.09
C GLY I 74 65.43 -24.85 -28.94
N PRO I 75 66.20 -25.03 -30.04
CA PRO I 75 67.38 -25.88 -29.96
C PRO I 75 68.52 -25.18 -29.20
N VAL I 76 69.31 -26.00 -28.55
CA VAL I 76 70.46 -25.49 -27.83
C VAL I 76 71.58 -25.04 -28.80
N ASP I 77 72.22 -23.91 -28.50
CA ASP I 77 73.36 -23.43 -29.29
C ASP I 77 74.63 -24.11 -28.77
N ARG I 78 74.96 -25.28 -29.34
CA ARG I 78 76.11 -26.06 -28.88
C ARG I 78 77.45 -25.33 -28.97
N ALA I 79 77.57 -24.50 -30.01
CA ALA I 79 78.76 -23.68 -30.25
C ALA I 79 78.95 -22.62 -29.18
N ALA I 80 77.89 -21.88 -28.88
CA ALA I 80 77.92 -20.86 -27.83
C ALA I 80 78.35 -21.44 -26.48
N LEU I 81 78.09 -22.72 -26.26
CA LEU I 81 78.45 -23.35 -24.99
C LEU I 81 79.92 -23.77 -24.97
N GLY I 82 80.40 -24.25 -26.11
CA GLY I 82 81.78 -24.66 -26.24
C GLY I 82 82.08 -25.86 -25.38
N ASP I 83 83.34 -25.98 -24.94
CA ASP I 83 83.83 -27.16 -24.22
C ASP I 83 83.25 -27.28 -22.81
N PRO I 84 82.61 -28.42 -22.55
CA PRO I 84 82.01 -28.73 -21.24
C PRO I 84 83.02 -28.74 -20.10
N GLU I 85 84.28 -29.08 -20.41
CA GLU I 85 85.31 -29.23 -19.39
C GLU I 85 85.93 -27.89 -19.06
N HIS I 86 85.73 -26.91 -19.92
CA HIS I 86 86.30 -25.60 -19.72
C HIS I 86 85.87 -24.95 -18.40
N SER I 87 86.62 -23.93 -18.00
CA SER I 87 86.39 -23.22 -16.75
C SER I 87 85.02 -22.53 -16.67
N GLU I 88 84.67 -21.83 -17.75
CA GLU I 88 83.49 -20.97 -17.79
C GLU I 88 82.23 -21.64 -18.31
N TYR I 89 82.27 -22.96 -18.47
CA TYR I 89 81.13 -23.68 -19.00
C TYR I 89 79.84 -23.26 -18.31
N GLU I 90 79.81 -23.34 -16.98
CA GLU I 90 78.60 -23.00 -16.24
C GLU I 90 78.05 -21.60 -16.57
N LYS I 91 78.94 -20.61 -16.67
CA LYS I 91 78.50 -19.27 -17.04
C LYS I 91 77.87 -19.27 -18.44
N LYS I 92 78.36 -20.15 -19.29
CA LYS I 92 77.85 -20.26 -20.66
C LYS I 92 76.49 -20.93 -20.65
N VAL I 93 76.37 -21.99 -19.86
CA VAL I 93 75.09 -22.65 -19.66
C VAL I 93 74.04 -21.68 -19.12
N ILE I 94 74.44 -20.83 -18.17
CA ILE I 94 73.50 -19.86 -17.62
C ILE I 94 73.04 -18.97 -18.77
N ALA I 95 73.96 -18.43 -19.54
CA ALA I 95 73.55 -17.57 -20.65
C ALA I 95 72.64 -18.32 -21.63
N GLU I 96 72.92 -19.59 -21.88
CA GLU I 96 72.13 -20.33 -22.87
C GLU I 96 70.72 -20.68 -22.36
N LEU I 97 70.61 -21.10 -21.11
CA LEU I 97 69.28 -21.34 -20.57
C LEU I 97 68.48 -20.01 -20.58
N HIS I 98 69.12 -18.92 -20.16
CA HIS I 98 68.45 -17.62 -20.23
C HIS I 98 67.99 -17.25 -21.63
N ARG I 99 68.80 -17.59 -22.63
CA ARG I 99 68.45 -17.22 -23.99
C ARG I 99 67.20 -18.00 -24.38
N LEU I 100 67.13 -19.28 -24.02
CA LEU I 100 65.95 -20.10 -24.32
C LEU I 100 64.69 -19.65 -23.55
N GLU I 101 64.87 -19.10 -22.35
CA GLU I 101 63.75 -18.56 -21.54
C GLU I 101 63.21 -17.31 -22.21
N SER I 102 64.10 -16.44 -22.70
CA SER I 102 63.66 -15.29 -23.44
C SER I 102 63.00 -15.65 -24.75
N ALA I 103 63.50 -16.72 -25.40
CA ALA I 103 62.92 -17.12 -26.70
C ALA I 103 61.50 -17.62 -26.52
N GLN I 104 61.24 -18.21 -25.35
CA GLN I 104 59.91 -18.70 -25.03
C GLN I 104 58.93 -17.52 -24.92
N ALA I 105 59.36 -16.44 -24.31
CA ALA I 105 58.54 -15.23 -24.19
C ALA I 105 58.34 -14.52 -25.52
N GLU I 106 59.38 -14.51 -26.36
CA GLU I 106 59.22 -13.90 -27.67
C GLU I 106 58.18 -14.67 -28.47
N PHE I 107 58.24 -15.98 -28.41
CA PHE I 107 57.31 -16.84 -29.12
C PHE I 107 55.88 -16.64 -28.63
N LEU I 108 55.69 -16.54 -27.31
CA LEU I 108 54.39 -16.08 -26.80
C LEU I 108 53.88 -14.81 -27.49
N MET I 109 54.76 -13.80 -27.54
CA MET I 109 54.37 -12.48 -28.01
C MET I 109 54.08 -12.46 -29.52
N ASP I 110 54.68 -13.41 -30.24
CA ASP I 110 54.43 -13.58 -31.66
C ASP I 110 52.95 -13.87 -31.90
N HIS I 111 52.23 -14.30 -30.87
CA HIS I 111 50.81 -14.67 -31.07
C HIS I 111 49.84 -13.64 -30.47
N LEU I 112 50.38 -12.52 -30.00
CA LEU I 112 49.55 -11.47 -29.42
C LEU I 112 48.95 -10.51 -30.46
N GLY I 113 49.20 -10.77 -31.73
CA GLY I 113 48.77 -9.87 -32.78
C GLY I 113 49.40 -8.49 -32.70
N GLN I 114 48.67 -7.50 -33.18
CA GLN I 114 49.21 -6.16 -33.28
C GLN I 114 48.82 -5.40 -32.06
N ALA I 115 49.78 -4.66 -31.50
CA ALA I 115 49.37 -3.72 -30.45
C ALA I 115 50.30 -2.51 -30.53
N GLY I 116 49.88 -1.36 -30.04
CA GLY I 116 50.72 -0.20 -30.17
C GLY I 116 50.67 0.65 -28.93
N PRO I 117 51.23 1.87 -29.02
CA PRO I 117 51.40 2.87 -27.95
C PRO I 117 50.10 3.27 -27.29
N ASP I 118 49.00 3.18 -28.03
CA ASP I 118 47.73 3.60 -27.43
C ASP I 118 47.00 2.49 -26.68
N ASP I 119 47.57 1.29 -26.76
CA ASP I 119 46.93 0.07 -26.23
C ASP I 119 47.42 -0.28 -24.85
N THR I 120 46.59 -1.01 -24.08
CA THR I 120 47.02 -1.62 -22.82
C THR I 120 47.10 -3.15 -22.96
N LEU I 121 48.19 -3.72 -22.45
CA LEU I 121 48.37 -5.18 -22.42
C LEU I 121 48.39 -5.61 -20.95
N VAL I 122 47.93 -6.82 -20.70
CA VAL I 122 47.98 -7.33 -19.33
C VAL I 122 48.79 -8.63 -19.17
N ASP I 123 49.74 -8.61 -18.25
CA ASP I 123 50.48 -9.81 -17.90
C ASP I 123 49.86 -10.38 -16.63
N ALA I 124 49.06 -11.42 -16.75
CA ALA I 124 48.38 -11.99 -15.56
C ALA I 124 49.33 -12.98 -14.82
N GLY I 125 49.78 -12.61 -13.61
CA GLY I 125 50.72 -13.43 -12.86
C GLY I 125 52.14 -13.15 -13.39
N CYS I 126 52.60 -11.92 -13.18
CA CYS I 126 53.68 -11.36 -14.00
C CYS I 126 55.10 -11.56 -13.44
N GLY I 127 55.21 -12.25 -12.31
CA GLY I 127 56.57 -12.50 -11.78
C GLY I 127 57.36 -11.24 -11.55
N ARG I 128 58.67 -11.28 -11.91
CA ARG I 128 59.59 -10.13 -11.71
C ARG I 128 59.57 -9.11 -12.87
N GLY I 129 58.75 -9.39 -13.89
CA GLY I 129 58.44 -8.38 -14.90
C GLY I 129 59.20 -8.51 -16.21
N GLY I 130 60.03 -9.56 -16.37
CA GLY I 130 60.84 -9.74 -17.57
C GLY I 130 60.01 -9.69 -18.85
N SER I 131 58.87 -10.37 -18.85
CA SER I 131 57.98 -10.39 -20.03
C SER I 131 57.39 -9.02 -20.25
N MET I 132 57.18 -8.28 -19.17
CA MET I 132 56.52 -6.95 -19.36
C MET I 132 57.45 -5.99 -20.07
N VAL I 133 58.73 -6.01 -19.69
CA VAL I 133 59.75 -5.23 -20.35
C VAL I 133 59.83 -5.63 -21.82
N MET I 134 59.89 -6.93 -22.10
CA MET I 134 60.01 -7.34 -23.48
C MET I 134 58.80 -6.89 -24.31
N ALA I 135 57.62 -6.91 -23.70
CA ALA I 135 56.39 -6.54 -24.41
C ALA I 135 56.35 -5.04 -24.68
N HIS I 136 56.79 -4.23 -23.71
CA HIS I 136 56.71 -2.79 -23.92
C HIS I 136 57.72 -2.40 -25.00
N ARG I 137 58.91 -3.01 -24.97
CA ARG I 137 59.86 -2.79 -26.08
C ARG I 137 59.29 -3.19 -27.44
N ARG I 138 58.66 -4.35 -27.50
CA ARG I 138 58.18 -4.85 -28.77
C ARG I 138 57.02 -4.04 -29.34
N PHE I 139 56.04 -3.70 -28.49
CA PHE I 139 54.81 -3.04 -28.93
C PHE I 139 54.69 -1.55 -28.63
N GLY I 140 55.42 -1.07 -27.62
CA GLY I 140 55.26 0.30 -27.15
C GLY I 140 54.06 0.56 -26.25
N SER I 141 53.26 -0.48 -26.04
CA SER I 141 52.02 -0.34 -25.28
C SER I 141 52.25 -0.08 -23.79
N ARG I 142 51.21 0.40 -23.13
CA ARG I 142 51.13 0.37 -21.67
C ARG I 142 51.06 -1.11 -21.31
N VAL I 143 51.86 -1.53 -20.32
CA VAL I 143 51.84 -2.92 -19.89
C VAL I 143 51.61 -2.97 -18.38
N GLU I 144 50.48 -3.55 -17.98
CA GLU I 144 50.12 -3.73 -16.58
C GLU I 144 50.30 -5.17 -16.17
N GLY I 145 51.00 -5.42 -15.06
CA GLY I 145 51.25 -6.77 -14.57
C GLY I 145 50.56 -6.90 -13.22
N VAL I 146 49.99 -8.08 -12.95
CA VAL I 146 49.47 -8.34 -11.59
C VAL I 146 50.09 -9.59 -11.06
N THR I 147 50.48 -9.54 -9.77
CA THR I 147 51.10 -10.70 -9.11
C THR I 147 50.59 -10.73 -7.68
N LEU I 148 50.61 -11.90 -7.04
CA LEU I 148 50.28 -11.96 -5.59
C LEU I 148 51.41 -11.52 -4.68
N SER I 149 52.60 -11.37 -5.23
CA SER I 149 53.80 -11.13 -4.43
C SER I 149 54.23 -9.65 -4.43
N ALA I 150 54.20 -9.00 -3.26
CA ALA I 150 54.74 -7.62 -3.15
C ALA I 150 56.22 -7.54 -3.50
N ALA I 151 56.97 -8.58 -3.16
CA ALA I 151 58.39 -8.60 -3.46
C ALA I 151 58.61 -8.53 -4.99
N GLN I 152 57.81 -9.29 -5.73
CA GLN I 152 57.99 -9.34 -7.17
C GLN I 152 57.56 -8.02 -7.80
N ALA I 153 56.48 -7.46 -7.27
CA ALA I 153 55.96 -6.18 -7.77
C ALA I 153 56.99 -5.09 -7.57
N ASP I 154 57.56 -5.00 -6.36
CA ASP I 154 58.65 -4.06 -6.14
C ASP I 154 59.83 -4.30 -7.08
N PHE I 155 60.19 -5.57 -7.30
CA PHE I 155 61.34 -5.90 -8.11
C PHE I 155 61.10 -5.35 -9.52
N GLY I 156 59.94 -5.70 -10.09
CA GLY I 156 59.58 -5.23 -11.42
C GLY I 156 59.49 -3.73 -11.57
N ASN I 157 58.82 -3.05 -10.65
CA ASN I 157 58.71 -1.59 -10.74
C ASN I 157 60.08 -0.89 -10.64
N ARG I 158 60.97 -1.40 -9.80
CA ARG I 158 62.36 -0.89 -9.74
C ARG I 158 63.05 -1.04 -11.12
N ARG I 159 62.96 -2.24 -11.70
CA ARG I 159 63.55 -2.48 -13.00
C ARG I 159 62.95 -1.52 -14.06
N ALA I 160 61.64 -1.39 -14.08
CA ALA I 160 61.00 -0.44 -14.96
C ALA I 160 61.56 0.96 -14.76
N ARG I 161 61.75 1.35 -13.50
CA ARG I 161 62.32 2.69 -13.24
C ARG I 161 63.74 2.77 -13.80
N GLU I 162 64.53 1.72 -13.58
CA GLU I 162 65.92 1.75 -14.08
C GLU I 162 65.98 1.94 -15.59
N LEU I 163 65.02 1.37 -16.30
CA LEU I 163 64.97 1.41 -17.77
C LEU I 163 64.25 2.63 -18.30
N ARG I 164 63.68 3.41 -17.39
CA ARG I 164 62.99 4.66 -17.72
C ARG I 164 61.75 4.36 -18.55
N ILE I 165 61.07 3.27 -18.17
CA ILE I 165 59.80 2.92 -18.82
C ILE I 165 58.70 2.71 -17.81
N ASP I 166 58.90 3.22 -16.60
CA ASP I 166 57.84 3.13 -15.57
C ASP I 166 56.62 4.01 -15.88
N ASP I 167 56.72 4.89 -16.87
CA ASP I 167 55.57 5.65 -17.33
C ASP I 167 54.58 4.71 -18.03
N HIS I 168 55.04 3.55 -18.49
CA HIS I 168 54.19 2.65 -19.27
C HIS I 168 54.11 1.25 -18.68
N VAL I 169 55.07 0.90 -17.84
CA VAL I 169 55.15 -0.48 -17.35
C VAL I 169 54.95 -0.48 -15.86
N ARG I 170 53.90 -1.16 -15.38
CA ARG I 170 53.66 -1.18 -13.93
C ARG I 170 53.21 -2.51 -13.41
N SER I 171 53.80 -2.96 -12.30
CA SER I 171 53.32 -4.16 -11.57
C SER I 171 52.53 -3.82 -10.33
N ARG I 172 51.46 -4.56 -10.10
CA ARG I 172 50.67 -4.39 -8.86
C ARG I 172 50.39 -5.71 -8.20
N VAL I 173 50.22 -5.64 -6.86
CA VAL I 173 49.79 -6.78 -6.08
C VAL I 173 48.29 -6.85 -6.19
N CYS I 174 47.84 -7.86 -6.91
CA CYS I 174 46.42 -7.95 -7.23
C CYS I 174 46.14 -9.41 -7.65
N ASN I 175 44.99 -9.94 -7.22
CA ASN I 175 44.53 -11.26 -7.65
C ASN I 175 44.05 -11.19 -9.11
N MET I 176 44.63 -12.03 -9.99
CA MET I 176 44.36 -11.88 -11.44
C MET I 176 42.96 -12.34 -11.75
N LEU I 177 42.25 -12.92 -10.77
CA LEU I 177 40.86 -13.33 -10.98
C LEU I 177 39.91 -12.14 -10.67
N ASP I 178 40.45 -11.02 -10.20
CA ASP I 178 39.59 -9.90 -9.80
C ASP I 178 40.38 -8.59 -9.86
N THR I 179 40.59 -8.09 -11.09
CA THR I 179 41.49 -6.99 -11.31
C THR I 179 40.67 -5.71 -11.48
N PRO I 180 41.33 -4.55 -11.44
CA PRO I 180 40.58 -3.29 -11.53
C PRO I 180 40.42 -2.78 -12.97
N PHE I 181 40.86 -3.56 -13.96
CA PHE I 181 40.84 -3.15 -15.37
C PHE I 181 39.40 -3.02 -15.81
N ASP I 182 39.11 -1.97 -16.60
CA ASP I 182 37.75 -1.74 -17.03
C ASP I 182 37.33 -2.80 -18.05
N LYS I 183 36.04 -3.08 -18.09
CA LYS I 183 35.53 -3.98 -19.11
C LYS I 183 35.96 -3.48 -20.47
N GLY I 184 36.55 -4.37 -21.28
CA GLY I 184 36.91 -4.05 -22.66
C GLY I 184 38.06 -3.09 -22.86
N ALA I 185 38.83 -2.80 -21.81
CA ALA I 185 39.86 -1.77 -21.91
C ALA I 185 41.21 -2.31 -22.39
N VAL I 186 41.35 -3.62 -22.42
CA VAL I 186 42.65 -4.24 -22.68
C VAL I 186 42.67 -4.85 -24.08
N THR I 187 43.77 -4.62 -24.80
CA THR I 187 43.92 -5.13 -26.16
C THR I 187 44.39 -6.58 -26.24
N ALA I 188 45.32 -6.96 -25.35
CA ALA I 188 45.81 -8.32 -25.37
C ALA I 188 46.34 -8.66 -23.98
N SER I 189 46.36 -9.93 -23.65
CA SER I 189 46.79 -10.31 -22.33
C SER I 189 47.31 -11.73 -22.36
N TRP I 190 47.97 -12.17 -21.27
CA TRP I 190 48.52 -13.51 -21.31
C TRP I 190 48.76 -14.10 -19.93
N ASN I 191 48.95 -15.40 -19.89
CA ASN I 191 49.44 -16.05 -18.67
C ASN I 191 50.66 -16.83 -19.15
N ASN I 192 51.84 -16.44 -18.71
CA ASN I 192 53.02 -17.24 -19.05
C ASN I 192 53.36 -18.10 -17.79
N GLU I 193 53.02 -19.40 -17.85
CA GLU I 193 53.16 -20.37 -16.74
C GLU I 193 52.64 -19.81 -15.41
N SER I 194 51.36 -19.42 -15.37
CA SER I 194 50.78 -18.97 -14.14
C SER I 194 49.34 -19.43 -14.02
N THR I 195 48.83 -20.17 -15.03
CA THR I 195 47.43 -20.65 -14.94
C THR I 195 47.24 -21.79 -13.92
N MET I 196 48.34 -22.44 -13.52
CA MET I 196 48.23 -23.60 -12.62
C MET I 196 48.02 -23.23 -11.16
N TYR I 197 47.59 -21.99 -10.89
CA TYR I 197 47.34 -21.55 -9.53
C TYR I 197 45.90 -21.12 -9.35
N VAL I 198 45.06 -21.28 -10.38
CA VAL I 198 43.73 -20.71 -10.34
C VAL I 198 42.74 -21.61 -11.07
N ASP I 199 41.47 -21.45 -10.71
CA ASP I 199 40.37 -22.08 -11.41
C ASP I 199 40.31 -21.45 -12.84
N LEU I 200 40.35 -22.28 -13.88
CA LEU I 200 40.40 -21.75 -15.26
C LEU I 200 39.15 -21.05 -15.71
N HIS I 201 37.97 -21.50 -15.28
CA HIS I 201 36.78 -20.80 -15.66
C HIS I 201 36.81 -19.38 -15.09
N ASP I 202 37.18 -19.25 -13.82
CA ASP I 202 37.21 -17.91 -13.23
C ASP I 202 38.26 -17.05 -13.90
N LEU I 203 39.41 -17.66 -14.21
CA LEU I 203 40.49 -16.95 -14.91
C LEU I 203 40.08 -16.45 -16.28
N PHE I 204 39.50 -17.34 -17.10
CA PHE I 204 39.19 -16.91 -18.46
C PHE I 204 37.95 -16.00 -18.46
N SER I 205 37.09 -16.17 -17.46
CA SER I 205 35.99 -15.22 -17.26
C SER I 205 36.53 -13.81 -17.05
N GLU I 206 37.58 -13.68 -16.25
CA GLU I 206 38.14 -12.35 -15.99
C GLU I 206 38.91 -11.77 -17.22
N HIS I 207 39.74 -12.57 -17.90
CA HIS I 207 40.35 -12.08 -19.14
C HIS I 207 39.26 -11.68 -20.13
N SER I 208 38.21 -12.49 -20.22
CA SER I 208 37.15 -12.18 -21.18
C SER I 208 36.55 -10.83 -20.85
N ARG I 209 36.54 -10.50 -19.58
CA ARG I 209 35.83 -9.30 -19.13
C ARG I 209 36.62 -8.06 -19.54
N PHE I 210 37.90 -8.06 -19.21
CA PHE I 210 38.70 -6.89 -19.54
C PHE I 210 39.21 -6.80 -20.98
N LEU I 211 39.31 -7.92 -21.71
CA LEU I 211 39.74 -7.82 -23.11
C LEU I 211 38.65 -7.24 -23.98
N LYS I 212 39.02 -6.38 -24.93
CA LYS I 212 38.05 -5.83 -25.87
C LYS I 212 37.62 -6.91 -26.84
N VAL I 213 36.45 -6.74 -27.48
CA VAL I 213 36.05 -7.68 -28.52
C VAL I 213 37.08 -7.58 -29.62
N GLY I 214 37.56 -8.71 -30.15
CA GLY I 214 38.74 -8.69 -31.03
C GLY I 214 40.09 -8.69 -30.30
N GLY I 215 40.07 -8.73 -28.98
CA GLY I 215 41.32 -8.78 -28.23
C GLY I 215 41.98 -10.13 -28.41
N ARG I 216 43.24 -10.22 -27.99
CA ARG I 216 44.00 -11.47 -28.10
C ARG I 216 44.50 -12.00 -26.76
N TYR I 217 44.50 -13.33 -26.65
CA TYR I 217 44.88 -13.98 -25.41
C TYR I 217 45.87 -15.07 -25.74
N VAL I 218 46.94 -15.14 -24.96
CA VAL I 218 47.85 -16.27 -25.15
C VAL I 218 48.19 -16.89 -23.78
N THR I 219 48.31 -18.21 -23.74
CA THR I 219 48.94 -18.82 -22.58
C THR I 219 50.02 -19.82 -23.05
N ILE I 220 51.13 -19.84 -22.32
CA ILE I 220 52.01 -21.03 -22.38
C ILE I 220 51.89 -21.74 -21.03
N THR I 221 51.64 -23.06 -21.06
CA THR I 221 51.40 -23.77 -19.82
C THR I 221 51.94 -25.20 -19.90
N GLY I 222 51.98 -25.89 -18.76
CA GLY I 222 52.18 -27.32 -18.77
C GLY I 222 50.84 -27.86 -18.33
N CYS I 223 50.28 -28.81 -19.10
CA CYS I 223 48.98 -29.37 -18.77
C CYS I 223 49.13 -30.86 -18.85
N TRP I 224 48.39 -31.60 -18.03
CA TRP I 224 48.42 -33.02 -18.16
C TRP I 224 47.57 -33.45 -19.35
N ASN I 225 47.94 -34.59 -19.95
CA ASN I 225 47.36 -34.95 -21.23
C ASN I 225 46.19 -35.86 -21.00
N PRO I 226 44.97 -35.40 -21.40
CA PRO I 226 43.80 -36.23 -21.14
C PRO I 226 43.88 -37.57 -21.86
N ARG I 227 44.74 -37.68 -22.86
CA ARG I 227 44.97 -38.96 -23.54
C ARG I 227 45.60 -40.00 -22.60
N TYR I 228 46.32 -39.50 -21.59
CA TYR I 228 47.03 -40.39 -20.68
C TYR I 228 46.00 -40.90 -19.68
N GLY I 229 45.00 -40.07 -19.38
CA GLY I 229 43.85 -40.55 -18.63
C GLY I 229 43.57 -39.76 -17.35
N GLN I 230 44.59 -39.60 -16.51
CA GLN I 230 44.56 -38.80 -15.28
C GLN I 230 45.97 -38.32 -15.05
N PRO I 231 46.17 -37.43 -14.08
CA PRO I 231 47.54 -36.97 -13.79
C PRO I 231 48.46 -38.11 -13.34
N SER I 232 49.58 -38.30 -14.04
CA SER I 232 50.52 -39.36 -13.64
C SER I 232 51.30 -38.96 -12.37
N LYS I 233 51.98 -39.92 -11.78
CA LYS I 233 52.71 -39.63 -10.57
C LYS I 233 53.65 -38.46 -10.80
N TRP I 234 54.16 -38.31 -12.03
CA TRP I 234 55.12 -37.26 -12.29
C TRP I 234 54.46 -35.87 -12.23
N VAL I 235 53.26 -35.77 -12.76
CA VAL I 235 52.55 -34.50 -12.73
C VAL I 235 52.28 -34.10 -11.26
N SER I 236 51.86 -35.08 -10.47
CA SER I 236 51.63 -34.88 -9.03
C SER I 236 52.89 -34.44 -8.28
N GLN I 237 54.05 -34.99 -8.66
CA GLN I 237 55.31 -34.51 -8.09
C GLN I 237 55.62 -33.06 -8.41
N ILE I 238 55.32 -32.64 -9.64
CA ILE I 238 55.51 -31.25 -9.96
C ILE I 238 54.55 -30.40 -9.14
N ASN I 239 53.27 -30.81 -9.08
CA ASN I 239 52.30 -30.06 -8.24
C ASN I 239 52.81 -29.90 -6.81
N ALA I 240 53.34 -30.98 -6.27
CA ALA I 240 53.78 -30.97 -4.87
C ALA I 240 54.94 -30.03 -4.75
N HIS I 241 55.81 -30.03 -5.78
CA HIS I 241 57.07 -29.24 -5.75
C HIS I 241 56.80 -27.74 -5.76
N PHE I 242 55.81 -27.33 -6.56
CA PHE I 242 55.46 -25.90 -6.73
C PHE I 242 54.16 -25.46 -6.05
N GLU I 243 53.56 -26.36 -5.28
CA GLU I 243 52.27 -26.07 -4.64
C GLU I 243 51.28 -25.53 -5.66
N CYS I 244 51.24 -26.17 -6.82
CA CYS I 244 50.37 -25.71 -7.93
C CYS I 244 49.31 -26.79 -8.24
N ASN I 245 48.52 -26.56 -9.27
CA ASN I 245 47.41 -27.49 -9.55
C ASN I 245 47.32 -27.59 -11.08
N ILE I 246 48.19 -28.42 -11.69
CA ILE I 246 48.24 -28.56 -13.15
C ILE I 246 46.88 -29.03 -13.70
N HIS I 247 46.36 -28.35 -14.72
CA HIS I 247 45.05 -28.68 -15.29
C HIS I 247 45.21 -29.58 -16.50
N SER I 248 44.14 -30.29 -16.88
CA SER I 248 44.26 -31.07 -18.11
C SER I 248 44.02 -30.19 -19.36
N ARG I 249 44.62 -30.60 -20.48
CA ARG I 249 44.36 -29.88 -21.75
C ARG I 249 42.84 -29.75 -22.00
N ARG I 250 42.07 -30.75 -21.61
CA ARG I 250 40.62 -30.69 -21.82
C ARG I 250 40.04 -29.52 -21.04
N GLU I 251 40.56 -29.33 -19.82
CA GLU I 251 40.05 -28.25 -18.98
C GLU I 251 40.36 -26.88 -19.56
N TYR I 252 41.58 -26.71 -20.10
CA TYR I 252 41.89 -25.46 -20.78
C TYR I 252 40.90 -25.12 -21.89
N LEU I 253 40.63 -26.08 -22.76
CA LEU I 253 39.78 -25.80 -23.93
C LEU I 253 38.32 -25.60 -23.51
N ARG I 254 37.88 -26.38 -22.53
CA ARG I 254 36.49 -26.24 -22.06
C ARG I 254 36.26 -24.88 -21.42
N ALA I 255 37.21 -24.44 -20.58
CA ALA I 255 37.07 -23.15 -19.90
C ALA I 255 37.12 -21.98 -20.88
N MET I 256 37.95 -22.09 -21.91
CA MET I 256 37.97 -21.05 -22.94
C MET I 256 36.64 -20.99 -23.68
N ALA I 257 36.18 -22.13 -24.14
CA ALA I 257 34.89 -22.17 -24.84
C ALA I 257 33.72 -21.61 -24.02
N ASP I 258 33.78 -21.81 -22.71
CA ASP I 258 32.72 -21.32 -21.82
C ASP I 258 32.84 -19.81 -21.55
N ASN I 259 33.93 -19.17 -22.00
CA ASN I 259 34.17 -17.75 -21.70
C ASN I 259 34.60 -16.87 -22.90
N ARG I 260 34.08 -17.21 -24.07
CA ARG I 260 34.33 -16.35 -25.25
C ARG I 260 35.76 -16.24 -25.73
N LEU I 261 36.64 -17.18 -25.35
CA LEU I 261 37.99 -17.22 -25.90
C LEU I 261 38.02 -18.37 -26.92
N VAL I 262 38.44 -18.08 -28.14
CA VAL I 262 38.42 -19.10 -29.17
C VAL I 262 39.83 -19.27 -29.71
N PRO I 263 40.47 -20.39 -29.36
CA PRO I 263 41.79 -20.70 -29.92
C PRO I 263 41.86 -20.54 -31.45
N HIS I 264 42.92 -19.90 -31.92
CA HIS I 264 43.25 -19.85 -33.34
C HIS I 264 44.55 -20.63 -33.64
N THR I 265 45.35 -20.88 -32.59
CA THR I 265 46.58 -21.61 -32.68
C THR I 265 46.77 -22.37 -31.41
N ILE I 266 46.98 -23.70 -31.53
CA ILE I 266 47.49 -24.50 -30.45
C ILE I 266 48.73 -25.28 -30.90
N VAL I 267 49.82 -25.16 -30.15
CA VAL I 267 51.06 -25.83 -30.53
C VAL I 267 51.54 -26.69 -29.36
N ASP I 268 51.78 -27.97 -29.58
CA ASP I 268 52.44 -28.78 -28.56
C ASP I 268 53.95 -28.50 -28.63
N LEU I 269 54.44 -27.70 -27.68
CA LEU I 269 55.86 -27.40 -27.57
C LEU I 269 56.68 -28.39 -26.76
N THR I 270 56.12 -29.57 -26.45
CA THR I 270 56.90 -30.53 -25.68
C THR I 270 58.29 -30.84 -26.35
N PRO I 271 58.29 -31.19 -27.66
CA PRO I 271 59.60 -31.41 -28.35
C PRO I 271 60.53 -30.22 -28.24
N ASP I 272 59.95 -29.03 -28.24
CA ASP I 272 60.68 -27.78 -28.23
C ASP I 272 61.32 -27.40 -26.87
N THR I 273 60.81 -27.91 -25.77
CA THR I 273 61.31 -27.57 -24.45
C THR I 273 62.24 -28.66 -23.92
N LEU I 274 62.15 -29.85 -24.49
CA LEU I 274 63.01 -30.95 -24.02
C LEU I 274 64.53 -30.63 -24.06
N PRO I 275 65.04 -30.00 -25.15
CA PRO I 275 66.48 -29.63 -25.17
C PRO I 275 66.90 -28.77 -23.98
N TYR I 276 66.10 -27.74 -23.66
CA TYR I 276 66.30 -26.95 -22.45
C TYR I 276 66.38 -27.78 -21.21
N TRP I 277 65.41 -28.68 -21.01
CA TRP I 277 65.37 -29.47 -19.79
C TRP I 277 66.56 -30.45 -19.74
N GLU I 278 66.89 -31.03 -20.88
CA GLU I 278 68.04 -31.94 -20.96
C GLU I 278 69.37 -31.23 -20.71
N LEU I 279 69.52 -30.02 -21.22
CA LEU I 279 70.69 -29.20 -20.86
C LEU I 279 70.76 -28.89 -19.37
N ARG I 280 69.69 -28.33 -18.83
CA ARG I 280 69.58 -28.07 -17.40
C ARG I 280 69.91 -29.31 -16.57
N ALA I 281 69.36 -30.45 -16.96
CA ALA I 281 69.54 -31.68 -16.20
C ALA I 281 70.98 -32.17 -16.14
N THR I 282 71.81 -31.80 -17.12
CA THR I 282 73.21 -32.25 -17.15
C THR I 282 74.11 -31.27 -16.43
N SER I 283 73.51 -30.19 -15.93
CA SER I 283 74.28 -29.12 -15.30
C SER I 283 74.13 -29.25 -13.80
N SER I 284 74.87 -28.40 -13.08
CA SER I 284 74.76 -28.33 -11.62
C SER I 284 73.58 -27.46 -11.18
N LEU I 285 72.89 -26.84 -12.13
CA LEU I 285 71.79 -25.91 -11.85
C LEU I 285 70.45 -26.63 -11.76
N VAL I 286 70.45 -27.75 -11.06
CA VAL I 286 69.27 -28.59 -10.98
C VAL I 286 68.61 -28.38 -9.62
N THR I 287 67.29 -28.58 -9.58
CA THR I 287 66.55 -28.48 -8.33
C THR I 287 65.99 -29.81 -7.88
N GLY I 288 66.07 -30.83 -8.72
CA GLY I 288 65.53 -32.12 -8.33
C GLY I 288 64.24 -32.46 -9.07
N ILE I 289 63.64 -31.48 -9.76
CA ILE I 289 62.36 -31.72 -10.41
C ILE I 289 62.58 -32.09 -11.88
N GLU I 290 63.84 -32.09 -12.34
CA GLU I 290 64.15 -32.34 -13.77
C GLU I 290 63.61 -33.67 -14.26
N LYS I 291 63.74 -34.71 -13.45
CA LYS I 291 63.31 -36.04 -13.88
C LYS I 291 61.77 -36.07 -14.07
N ALA I 292 61.06 -35.39 -13.17
CA ALA I 292 59.58 -35.39 -13.27
C ALA I 292 59.17 -34.78 -14.59
N PHE I 293 59.78 -33.64 -14.94
CA PHE I 293 59.49 -33.00 -16.23
C PHE I 293 59.92 -33.86 -17.42
N ILE I 294 61.18 -34.29 -17.44
CA ILE I 294 61.65 -35.06 -18.58
C ILE I 294 60.88 -36.36 -18.80
N GLU I 295 60.63 -37.10 -17.72
CA GLU I 295 59.94 -38.38 -17.82
C GLU I 295 58.47 -38.25 -18.30
N SER I 296 57.78 -37.23 -17.80
CA SER I 296 56.36 -37.05 -18.08
C SER I 296 56.17 -36.48 -19.49
N TYR I 297 57.11 -35.66 -19.92
CA TYR I 297 57.12 -35.18 -21.32
C TYR I 297 57.37 -36.36 -22.26
N ARG I 298 58.32 -37.20 -21.90
CA ARG I 298 58.63 -38.35 -22.75
C ARG I 298 57.56 -39.42 -22.78
N ASP I 299 56.91 -39.68 -21.64
CA ASP I 299 55.89 -40.74 -21.59
C ASP I 299 54.48 -40.33 -22.02
N GLY I 300 54.30 -39.05 -22.39
CA GLY I 300 53.01 -38.57 -22.88
C GLY I 300 52.00 -38.14 -21.80
N SER I 301 52.37 -38.22 -20.53
CA SER I 301 51.43 -37.85 -19.47
C SER I 301 51.34 -36.34 -19.25
N PHE I 302 52.36 -35.59 -19.68
CA PHE I 302 52.38 -34.15 -19.39
C PHE I 302 52.85 -33.46 -20.67
N GLN I 303 52.32 -32.27 -20.97
CA GLN I 303 52.82 -31.57 -22.17
C GLN I 303 53.03 -30.08 -21.93
N TYR I 304 53.87 -29.46 -22.76
CA TYR I 304 54.10 -28.02 -22.71
C TYR I 304 53.42 -27.43 -23.93
N VAL I 305 52.45 -26.53 -23.74
CA VAL I 305 51.60 -26.14 -24.84
C VAL I 305 51.46 -24.62 -24.89
N LEU I 306 51.33 -24.08 -26.10
CA LEU I 306 50.90 -22.69 -26.27
C LEU I 306 49.47 -22.74 -26.81
N ILE I 307 48.57 -21.93 -26.24
CA ILE I 307 47.22 -21.76 -26.79
C ILE I 307 47.03 -20.27 -26.96
N ALA I 308 46.73 -19.85 -28.18
CA ALA I 308 46.49 -18.46 -28.49
C ALA I 308 45.06 -18.29 -28.99
N ALA I 309 44.32 -17.31 -28.44
CA ALA I 309 42.86 -17.27 -28.70
C ALA I 309 42.41 -15.85 -28.97
N ASP I 310 41.27 -15.73 -29.66
CA ASP I 310 40.62 -14.45 -29.82
C ASP I 310 39.51 -14.31 -28.80
N ARG I 311 39.33 -13.10 -28.28
CA ARG I 311 38.17 -12.77 -27.49
C ARG I 311 37.08 -12.33 -28.43
N VAL I 312 36.01 -13.10 -28.52
CA VAL I 312 34.98 -12.76 -29.48
C VAL I 312 33.66 -12.45 -28.77
N PRO J 37 5.22 -50.18 -9.74
CA PRO J 37 5.43 -49.02 -10.65
C PRO J 37 6.78 -48.34 -10.47
N ALA J 38 7.07 -47.34 -11.29
CA ALA J 38 8.44 -46.81 -11.36
C ALA J 38 8.86 -46.06 -10.07
N THR J 39 7.90 -45.34 -9.48
CA THR J 39 8.17 -44.51 -8.32
C THR J 39 6.92 -44.49 -7.46
N PRO J 40 7.08 -44.19 -6.16
CA PRO J 40 5.90 -44.07 -5.30
C PRO J 40 4.89 -43.03 -5.87
N TYR J 41 5.37 -41.95 -6.46
CA TYR J 41 4.42 -40.97 -7.04
C TYR J 41 3.64 -41.61 -8.20
N GLN J 42 4.35 -42.35 -9.05
CA GLN J 42 3.66 -42.92 -10.20
C GLN J 42 2.62 -43.96 -9.73
N GLU J 43 2.90 -44.61 -8.61
CA GLU J 43 1.84 -45.44 -8.02
C GLU J 43 0.59 -44.64 -7.60
N ASP J 44 0.80 -43.49 -6.95
CA ASP J 44 -0.29 -42.60 -6.59
C ASP J 44 -1.12 -42.24 -7.82
N ILE J 45 -0.44 -41.95 -8.93
CA ILE J 45 -1.16 -41.51 -10.11
C ILE J 45 -1.88 -42.70 -10.76
N ALA J 46 -1.25 -43.88 -10.78
CA ALA J 46 -1.99 -45.07 -11.23
C ALA J 46 -3.31 -45.21 -10.42
N ARG J 47 -3.18 -45.10 -9.10
CA ARG J 47 -4.33 -45.28 -8.18
C ARG J 47 -5.40 -44.22 -8.41
N TYR J 48 -4.96 -42.95 -8.52
CA TYR J 48 -5.90 -41.85 -8.79
C TYR J 48 -6.78 -42.19 -10.03
N TRP J 49 -6.13 -42.51 -11.14
CA TRP J 49 -6.86 -42.80 -12.39
C TRP J 49 -7.60 -44.15 -12.36
N ASN J 50 -7.03 -45.15 -11.69
CA ASN J 50 -7.77 -46.41 -11.50
C ASN J 50 -9.08 -46.15 -10.77
N ASN J 51 -9.07 -45.20 -9.85
CA ASN J 51 -10.24 -44.99 -8.99
C ASN J 51 -11.22 -43.91 -9.48
N GLU J 52 -10.91 -43.26 -10.60
CA GLU J 52 -11.74 -42.15 -11.12
C GLU J 52 -12.82 -42.65 -12.12
N ALA J 53 -14.02 -42.06 -12.04
CA ALA J 53 -15.09 -42.29 -13.06
C ALA J 53 -16.11 -41.23 -12.84
N ARG J 54 -15.70 -39.97 -12.97
CA ARG J 54 -16.62 -38.84 -12.69
C ARG J 54 -17.63 -38.71 -13.83
N PRO J 55 -18.86 -38.35 -13.48
CA PRO J 55 -19.90 -38.20 -14.51
C PRO J 55 -19.55 -37.13 -15.54
N VAL J 56 -18.87 -36.06 -15.14
CA VAL J 56 -18.52 -34.99 -16.10
C VAL J 56 -17.59 -35.54 -17.17
N ASN J 57 -16.99 -36.69 -16.91
CA ASN J 57 -16.23 -37.38 -17.96
C ASN J 57 -17.02 -38.46 -18.70
N LEU J 58 -17.63 -39.38 -17.96
CA LEU J 58 -18.26 -40.52 -18.62
C LEU J 58 -19.57 -40.10 -19.30
N ARG J 59 -20.29 -39.13 -18.74
CA ARG J 59 -21.56 -38.77 -19.41
C ARG J 59 -21.28 -38.06 -20.73
N LEU J 60 -20.27 -37.20 -20.75
CA LEU J 60 -19.85 -36.53 -22.01
C LEU J 60 -19.38 -37.56 -23.04
N GLY J 61 -18.55 -38.51 -22.58
CA GLY J 61 -18.01 -39.55 -23.44
C GLY J 61 -19.10 -40.38 -24.12
N ASP J 62 -20.16 -40.61 -23.37
CA ASP J 62 -21.25 -41.48 -23.79
C ASP J 62 -21.98 -40.90 -24.97
N VAL J 63 -21.83 -39.59 -25.15
CA VAL J 63 -22.53 -38.90 -26.25
C VAL J 63 -22.24 -39.54 -27.60
N ASP J 64 -20.96 -39.83 -27.90
CA ASP J 64 -20.62 -40.51 -29.13
C ASP J 64 -19.49 -41.52 -29.02
N GLY J 65 -19.20 -41.95 -27.81
CA GLY J 65 -18.23 -43.01 -27.60
C GLY J 65 -16.76 -42.53 -27.59
N LEU J 66 -16.54 -41.22 -27.44
CA LEU J 66 -15.18 -40.68 -27.40
C LEU J 66 -14.92 -40.15 -26.01
N TYR J 67 -14.09 -40.89 -25.24
CA TYR J 67 -13.94 -40.59 -23.84
C TYR J 67 -12.69 -39.76 -23.59
N HIS J 68 -12.90 -38.52 -23.19
CA HIS J 68 -11.84 -37.55 -23.00
C HIS J 68 -11.61 -37.24 -21.53
N HIS J 69 -10.36 -36.88 -21.24
CA HIS J 69 -9.98 -36.30 -19.97
C HIS J 69 -9.12 -35.08 -20.25
N HIS J 70 -9.79 -34.06 -20.80
CA HIS J 70 -9.17 -32.76 -21.01
C HIS J 70 -10.27 -31.72 -21.22
N TYR J 71 -9.88 -30.46 -21.30
CA TYR J 71 -10.90 -29.40 -21.25
C TYR J 71 -11.23 -28.88 -22.64
N GLY J 72 -12.15 -27.91 -22.74
CA GLY J 72 -12.61 -27.56 -24.07
C GLY J 72 -12.18 -26.20 -24.56
N ILE J 73 -12.26 -26.02 -25.89
CA ILE J 73 -11.99 -24.72 -26.49
C ILE J 73 -13.04 -24.34 -27.53
N GLY J 74 -13.23 -23.05 -27.68
CA GLY J 74 -14.05 -22.53 -28.76
C GLY J 74 -15.30 -21.87 -28.20
N PRO J 75 -15.96 -21.07 -29.04
CA PRO J 75 -17.12 -20.36 -28.49
C PRO J 75 -18.31 -21.30 -28.28
N VAL J 76 -19.10 -20.98 -27.28
CA VAL J 76 -20.27 -21.80 -26.99
C VAL J 76 -21.38 -21.62 -28.05
N ASP J 77 -22.00 -22.72 -28.43
CA ASP J 77 -23.10 -22.70 -29.40
C ASP J 77 -24.42 -22.51 -28.66
N ARG J 78 -24.77 -21.24 -28.43
CA ARG J 78 -25.98 -20.85 -27.70
C ARG J 78 -27.29 -21.36 -28.33
N ALA J 79 -27.33 -21.35 -29.67
CA ALA J 79 -28.47 -21.92 -30.39
C ALA J 79 -28.63 -23.37 -29.98
N ALA J 80 -27.60 -24.16 -30.25
CA ALA J 80 -27.60 -25.60 -29.96
C ALA J 80 -27.99 -25.94 -28.52
N LEU J 81 -27.77 -25.00 -27.60
CA LEU J 81 -28.17 -25.21 -26.21
C LEU J 81 -29.65 -24.95 -26.06
N GLY J 82 -30.14 -24.05 -26.92
CA GLY J 82 -31.55 -23.68 -26.93
C GLY J 82 -32.05 -23.16 -25.59
N ASP J 83 -33.30 -23.51 -25.28
CA ASP J 83 -33.99 -22.98 -24.11
C ASP J 83 -33.33 -23.40 -22.79
N PRO J 84 -32.73 -22.43 -22.07
CA PRO J 84 -32.12 -22.68 -20.76
C PRO J 84 -33.13 -23.18 -19.76
N GLU J 85 -34.38 -23.34 -20.21
CA GLU J 85 -35.50 -23.82 -19.40
C GLU J 85 -35.80 -25.28 -19.70
N HIS J 86 -35.96 -25.57 -20.99
CA HIS J 86 -36.36 -26.88 -21.48
C HIS J 86 -35.92 -28.03 -20.57
N SER J 87 -36.76 -29.05 -20.49
CA SER J 87 -36.52 -30.18 -19.61
C SER J 87 -35.18 -30.81 -19.96
N GLU J 88 -34.73 -30.59 -21.19
CA GLU J 88 -33.56 -31.28 -21.68
C GLU J 88 -32.39 -30.31 -21.86
N TYR J 89 -32.25 -29.39 -20.91
CA TYR J 89 -31.15 -28.45 -20.95
C TYR J 89 -29.83 -29.09 -20.52
N GLU J 90 -29.80 -29.71 -19.34
CA GLU J 90 -28.58 -30.35 -18.86
C GLU J 90 -28.05 -31.35 -19.90
N LYS J 91 -28.95 -31.90 -20.71
CA LYS J 91 -28.54 -32.88 -21.72
C LYS J 91 -27.89 -32.17 -22.91
N LYS J 92 -28.39 -30.98 -23.22
CA LYS J 92 -27.77 -30.18 -24.25
C LYS J 92 -26.45 -29.58 -23.76
N VAL J 93 -26.35 -29.27 -22.47
CA VAL J 93 -25.11 -28.81 -21.88
C VAL J 93 -24.06 -29.93 -21.91
N ILE J 94 -24.46 -31.15 -21.58
CA ILE J 94 -23.57 -32.30 -21.73
C ILE J 94 -23.03 -32.41 -23.16
N ALA J 95 -23.92 -32.35 -24.14
CA ALA J 95 -23.48 -32.43 -25.54
C ALA J 95 -22.54 -31.32 -25.95
N GLU J 96 -22.82 -30.09 -25.51
CA GLU J 96 -22.01 -28.94 -25.87
C GLU J 96 -20.63 -28.97 -25.19
N LEU J 97 -20.57 -29.34 -23.91
CA LEU J 97 -19.28 -29.42 -23.21
C LEU J 97 -18.43 -30.51 -23.88
N HIS J 98 -19.08 -31.61 -24.27
CA HIS J 98 -18.39 -32.66 -25.02
C HIS J 98 -17.89 -32.18 -26.39
N ARG J 99 -18.75 -31.48 -27.13
CA ARG J 99 -18.31 -30.91 -28.39
C ARG J 99 -17.06 -30.03 -28.15
N LEU J 100 -17.02 -29.20 -27.10
CA LEU J 100 -15.84 -28.33 -26.93
C LEU J 100 -14.58 -29.16 -26.62
N GLU J 101 -14.74 -30.22 -25.83
CA GLU J 101 -13.65 -31.10 -25.49
C GLU J 101 -13.10 -31.83 -26.75
N SER J 102 -14.00 -32.25 -27.65
CA SER J 102 -13.55 -32.91 -28.87
C SER J 102 -12.92 -31.90 -29.79
N ALA J 103 -13.42 -30.66 -29.75
CA ALA J 103 -12.81 -29.62 -30.59
C ALA J 103 -11.35 -29.34 -30.12
N GLN J 104 -11.13 -29.49 -28.83
CA GLN J 104 -9.78 -29.27 -28.28
C GLN J 104 -8.83 -30.33 -28.89
N ALA J 105 -9.30 -31.57 -28.99
CA ALA J 105 -8.48 -32.65 -29.56
C ALA J 105 -8.27 -32.47 -31.05
N GLU J 106 -9.31 -32.06 -31.77
CA GLU J 106 -9.19 -31.74 -33.20
C GLU J 106 -8.13 -30.64 -33.44
N PHE J 107 -8.10 -29.63 -32.56
CA PHE J 107 -7.12 -28.55 -32.73
C PHE J 107 -5.70 -29.03 -32.46
N LEU J 108 -5.54 -29.88 -31.45
CA LEU J 108 -4.25 -30.54 -31.24
C LEU J 108 -3.84 -31.31 -32.48
N MET J 109 -4.75 -32.12 -33.03
CA MET J 109 -4.36 -32.92 -34.18
C MET J 109 -4.03 -32.09 -35.44
N ASP J 110 -4.51 -30.84 -35.50
CA ASP J 110 -4.24 -29.95 -36.62
C ASP J 110 -2.76 -29.60 -36.65
N HIS J 111 -2.06 -29.82 -35.53
CA HIS J 111 -0.65 -29.45 -35.47
C HIS J 111 0.28 -30.67 -35.54
N LEU J 112 -0.28 -31.84 -35.87
CA LEU J 112 0.51 -33.07 -35.94
C LEU J 112 1.14 -33.28 -37.30
N GLY J 113 0.95 -32.32 -38.20
CA GLY J 113 1.41 -32.53 -39.56
C GLY J 113 0.71 -33.66 -40.28
N GLN J 114 1.40 -34.23 -41.27
CA GLN J 114 0.80 -35.27 -42.10
C GLN J 114 1.13 -36.65 -41.55
N ALA J 115 0.12 -37.51 -41.47
CA ALA J 115 0.35 -38.87 -40.98
C ALA J 115 -0.61 -39.73 -41.75
N GLY J 116 -0.24 -40.99 -41.93
CA GLY J 116 -1.08 -41.90 -42.67
C GLY J 116 -1.02 -43.31 -42.17
N PRO J 117 -1.67 -44.21 -42.89
CA PRO J 117 -1.82 -45.60 -42.46
C PRO J 117 -0.51 -46.30 -42.15
N ASP J 118 0.59 -45.94 -42.80
CA ASP J 118 1.83 -46.66 -42.53
C ASP J 118 2.59 -46.07 -41.34
N ASP J 119 2.01 -45.05 -40.69
CA ASP J 119 2.72 -44.31 -39.63
C ASP J 119 2.28 -44.78 -38.25
N THR J 120 3.15 -44.62 -37.26
CA THR J 120 2.77 -44.85 -35.85
C THR J 120 2.77 -43.53 -35.09
N LEU J 121 1.69 -43.27 -34.34
CA LEU J 121 1.49 -42.06 -33.53
C LEU J 121 1.46 -42.50 -32.08
N VAL J 122 1.95 -41.66 -31.15
CA VAL J 122 1.95 -42.06 -29.73
C VAL J 122 1.20 -41.02 -28.93
N ASP J 123 0.24 -41.49 -28.12
CA ASP J 123 -0.50 -40.67 -27.20
C ASP J 123 0.14 -40.93 -25.85
N ALA J 124 0.91 -39.97 -25.35
CA ALA J 124 1.58 -40.17 -24.07
C ALA J 124 0.68 -39.75 -22.91
N GLY J 125 0.23 -40.71 -22.13
CA GLY J 125 -0.69 -40.45 -21.02
C GLY J 125 -2.09 -40.43 -21.57
N CYS J 126 -2.56 -41.57 -22.07
CA CYS J 126 -3.69 -41.58 -23.03
C CYS J 126 -5.11 -41.62 -22.43
N GLY J 127 -5.25 -41.60 -21.11
CA GLY J 127 -6.59 -41.67 -20.51
C GLY J 127 -7.40 -42.87 -20.99
N ARG J 128 -8.71 -42.65 -21.18
CA ARG J 128 -9.62 -43.71 -21.66
C ARG J 128 -9.62 -43.89 -23.17
N GLY J 129 -8.81 -43.11 -23.89
CA GLY J 129 -8.59 -43.41 -25.29
C GLY J 129 -9.30 -42.60 -26.38
N GLY J 130 -10.11 -41.62 -26.01
CA GLY J 130 -10.87 -40.89 -26.99
C GLY J 130 -10.01 -40.25 -28.06
N SER J 131 -8.86 -39.70 -27.65
CA SER J 131 -7.94 -39.05 -28.60
C SER J 131 -7.35 -40.04 -29.61
N MET J 132 -7.08 -41.24 -29.13
CA MET J 132 -6.47 -42.27 -29.95
C MET J 132 -7.48 -42.68 -31.03
N VAL J 133 -8.74 -42.80 -30.65
CA VAL J 133 -9.80 -43.11 -31.64
C VAL J 133 -9.90 -41.98 -32.69
N MET J 134 -9.96 -40.73 -32.20
CA MET J 134 -10.06 -39.64 -33.16
C MET J 134 -8.83 -39.60 -34.08
N ALA J 135 -7.62 -39.79 -33.52
CA ALA J 135 -6.42 -39.74 -34.39
C ALA J 135 -6.42 -40.85 -35.44
N HIS J 136 -6.85 -42.05 -35.06
CA HIS J 136 -6.96 -43.14 -36.04
C HIS J 136 -8.01 -42.83 -37.09
N ARG J 137 -9.10 -42.18 -36.68
CA ARG J 137 -10.16 -41.83 -37.64
C ARG J 137 -9.62 -40.81 -38.63
N ARG J 138 -8.79 -39.90 -38.15
CA ARG J 138 -8.33 -38.78 -38.98
C ARG J 138 -7.24 -39.21 -39.92
N PHE J 139 -6.24 -39.91 -39.41
CA PHE J 139 -5.01 -40.21 -40.15
C PHE J 139 -4.95 -41.63 -40.71
N GLY J 140 -5.63 -42.55 -40.03
CA GLY J 140 -5.58 -43.96 -40.36
C GLY J 140 -4.35 -44.66 -39.80
N SER J 141 -3.53 -43.95 -39.03
CA SER J 141 -2.31 -44.52 -38.50
C SER J 141 -2.50 -45.57 -37.42
N ARG J 142 -1.43 -46.32 -37.18
CA ARG J 142 -1.33 -47.09 -35.95
C ARG J 142 -1.22 -46.06 -34.82
N VAL J 143 -1.99 -46.22 -33.74
CA VAL J 143 -1.98 -45.27 -32.64
C VAL J 143 -1.74 -46.02 -31.33
N GLU J 144 -0.61 -45.74 -30.69
CA GLU J 144 -0.22 -46.45 -29.45
C GLU J 144 -0.36 -45.49 -28.27
N GLY J 145 -1.14 -45.87 -27.24
CA GLY J 145 -1.32 -45.02 -26.07
C GLY J 145 -0.66 -45.69 -24.84
N VAL J 146 -0.09 -44.90 -23.95
CA VAL J 146 0.43 -45.40 -22.69
C VAL J 146 -0.21 -44.61 -21.58
N THR J 147 -0.58 -45.33 -20.52
CA THR J 147 -1.19 -44.75 -19.34
C THR J 147 -0.71 -45.51 -18.12
N LEU J 148 -0.72 -44.87 -16.96
CA LEU J 148 -0.33 -45.57 -15.72
C LEU J 148 -1.47 -46.41 -15.18
N SER J 149 -2.68 -46.18 -15.70
CA SER J 149 -3.87 -46.86 -15.17
C SER J 149 -4.30 -48.10 -15.96
N ALA J 150 -4.29 -49.25 -15.30
CA ALA J 150 -4.80 -50.49 -15.95
C ALA J 150 -6.31 -50.33 -16.20
N ALA J 151 -7.02 -49.65 -15.30
CA ALA J 151 -8.48 -49.51 -15.52
C ALA J 151 -8.72 -48.74 -16.82
N GLN J 152 -7.95 -47.67 -17.01
CA GLN J 152 -8.02 -46.91 -18.27
C GLN J 152 -7.57 -47.70 -19.52
N ALA J 153 -6.44 -48.39 -19.45
CA ALA J 153 -5.97 -49.17 -20.58
C ALA J 153 -7.03 -50.20 -20.96
N ASP J 154 -7.52 -50.93 -19.97
CA ASP J 154 -8.56 -51.95 -20.25
C ASP J 154 -9.78 -51.35 -20.94
N PHE J 155 -10.21 -50.19 -20.46
CA PHE J 155 -11.42 -49.56 -20.95
C PHE J 155 -11.21 -49.20 -22.43
N GLY J 156 -10.07 -48.55 -22.69
CA GLY J 156 -9.68 -48.15 -24.05
C GLY J 156 -9.55 -49.33 -25.01
N ASN J 157 -9.01 -50.44 -24.53
CA ASN J 157 -8.91 -51.63 -25.42
C ASN J 157 -10.27 -52.28 -25.68
N ARG J 158 -11.18 -52.27 -24.69
CA ARG J 158 -12.55 -52.75 -24.92
C ARG J 158 -13.19 -51.88 -26.00
N ARG J 159 -13.04 -50.58 -25.87
CA ARG J 159 -13.59 -49.65 -26.83
C ARG J 159 -12.99 -49.89 -28.23
N ALA J 160 -11.70 -50.11 -28.33
CA ALA J 160 -11.07 -50.33 -29.64
C ALA J 160 -11.57 -51.64 -30.24
N ARG J 161 -11.73 -52.68 -29.43
CA ARG J 161 -12.18 -53.95 -29.98
C ARG J 161 -13.63 -53.82 -30.46
N GLU J 162 -14.42 -53.07 -29.70
CA GLU J 162 -15.82 -52.83 -30.05
C GLU J 162 -15.98 -52.02 -31.35
N LEU J 163 -15.05 -51.12 -31.60
CA LEU J 163 -15.03 -50.37 -32.86
C LEU J 163 -14.32 -51.11 -33.97
N ARG J 164 -13.76 -52.27 -33.64
CA ARG J 164 -13.02 -53.08 -34.60
C ARG J 164 -11.80 -52.32 -35.13
N ILE J 165 -11.09 -51.61 -34.27
CA ILE J 165 -9.90 -50.87 -34.72
C ILE J 165 -8.72 -51.29 -33.88
N ASP J 166 -8.91 -52.34 -33.08
CA ASP J 166 -7.87 -52.78 -32.18
C ASP J 166 -6.61 -53.27 -32.89
N ASP J 167 -6.71 -53.57 -34.19
CA ASP J 167 -5.52 -53.91 -34.98
C ASP J 167 -4.61 -52.70 -35.13
N HIS J 168 -5.16 -51.51 -34.92
CA HIS J 168 -4.41 -50.30 -35.16
C HIS J 168 -4.26 -49.47 -33.92
N VAL J 169 -5.18 -49.64 -32.98
CA VAL J 169 -5.22 -48.75 -31.82
C VAL J 169 -5.09 -49.59 -30.57
N ARG J 170 -4.08 -49.29 -29.73
CA ARG J 170 -3.89 -50.06 -28.53
C ARG J 170 -3.36 -49.21 -27.37
N SER J 171 -3.86 -49.45 -26.16
CA SER J 171 -3.44 -48.72 -24.94
C SER J 171 -2.66 -49.76 -24.15
N ARG J 172 -1.61 -49.34 -23.47
CA ARG J 172 -0.90 -50.25 -22.58
C ARG J 172 -0.57 -49.51 -21.30
N VAL J 173 -0.35 -50.27 -20.24
CA VAL J 173 0.05 -49.66 -19.00
C VAL J 173 1.56 -49.52 -19.08
N CYS J 174 2.03 -48.29 -19.15
CA CYS J 174 3.47 -48.06 -19.36
C CYS J 174 3.79 -46.65 -18.93
N ASN J 175 4.92 -46.48 -18.27
CA ASN J 175 5.41 -45.13 -17.92
C ASN J 175 5.88 -44.41 -19.19
N MET J 176 5.30 -43.25 -19.48
CA MET J 176 5.61 -42.57 -20.73
C MET J 176 7.03 -42.01 -20.71
N LEU J 177 7.69 -42.01 -19.56
CA LEU J 177 9.13 -41.65 -19.49
C LEU J 177 10.08 -42.79 -19.98
N ASP J 178 9.52 -43.98 -20.17
CA ASP J 178 10.35 -45.14 -20.48
C ASP J 178 9.53 -46.18 -21.24
N THR J 179 9.34 -45.92 -22.53
CA THR J 179 8.45 -46.73 -23.37
C THR J 179 9.22 -47.77 -24.17
N PRO J 180 8.51 -48.75 -24.74
CA PRO J 180 9.14 -49.79 -25.57
C PRO J 180 9.39 -49.36 -27.04
N PHE J 181 8.96 -48.16 -27.43
CA PHE J 181 9.01 -47.75 -28.84
C PHE J 181 10.44 -47.62 -29.30
N ASP J 182 10.73 -48.12 -30.50
CA ASP J 182 12.11 -48.04 -31.02
C ASP J 182 12.54 -46.59 -31.32
N LYS J 183 13.84 -46.34 -31.21
CA LYS J 183 14.38 -45.04 -31.58
C LYS J 183 13.96 -44.67 -33.01
N GLY J 184 13.38 -43.48 -33.18
CA GLY J 184 13.05 -43.02 -34.52
C GLY J 184 11.84 -43.70 -35.18
N ALA J 185 11.07 -44.46 -34.43
CA ALA J 185 10.04 -45.28 -35.07
C ALA J 185 8.72 -44.53 -35.18
N VAL J 186 8.62 -43.41 -34.49
CA VAL J 186 7.33 -42.77 -34.33
C VAL J 186 7.25 -41.51 -35.17
N THR J 187 6.17 -41.37 -35.91
CA THR J 187 5.97 -40.19 -36.77
C THR J 187 5.56 -38.91 -36.02
N ALA J 188 4.63 -39.00 -35.06
CA ALA J 188 4.16 -37.81 -34.35
C ALA J 188 3.66 -38.28 -32.98
N SER J 189 3.73 -37.41 -31.97
CA SER J 189 3.31 -37.88 -30.64
C SER J 189 2.77 -36.68 -29.90
N TRP J 190 2.10 -36.88 -28.78
CA TRP J 190 1.53 -35.73 -28.09
C TRP J 190 1.26 -36.02 -26.62
N ASN J 191 1.16 -34.94 -25.83
CA ASN J 191 0.64 -35.04 -24.50
C ASN J 191 -0.53 -34.11 -24.45
N ASN J 192 -1.74 -34.66 -24.34
CA ASN J 192 -2.90 -33.80 -24.13
C ASN J 192 -3.22 -33.72 -22.63
N GLU J 193 -2.83 -32.61 -21.99
CA GLU J 193 -2.99 -32.42 -20.55
C GLU J 193 -2.51 -33.61 -19.72
N SER J 194 -1.27 -34.03 -19.96
CA SER J 194 -0.70 -35.04 -19.11
C SER J 194 0.78 -34.76 -18.76
N THR J 195 1.35 -33.65 -19.23
CA THR J 195 2.73 -33.29 -18.88
C THR J 195 2.92 -32.86 -17.41
N MET J 196 1.82 -32.49 -16.73
CA MET J 196 1.87 -32.06 -15.33
C MET J 196 2.11 -33.20 -14.34
N TYR J 197 2.41 -34.40 -14.82
CA TYR J 197 2.67 -35.55 -13.97
C TYR J 197 4.12 -36.03 -13.98
N VAL J 198 4.98 -35.35 -14.77
CA VAL J 198 6.35 -35.78 -14.97
C VAL J 198 7.33 -34.61 -15.09
N ASP J 199 8.59 -34.96 -14.89
CA ASP J 199 9.73 -34.12 -15.19
C ASP J 199 9.79 -33.87 -16.69
N LEU J 200 9.79 -32.60 -17.11
CA LEU J 200 9.69 -32.25 -18.55
C LEU J 200 10.93 -32.63 -19.32
N HIS J 201 12.09 -32.47 -18.68
CA HIS J 201 13.31 -32.87 -19.38
C HIS J 201 13.25 -34.36 -19.67
N ASP J 202 12.86 -35.17 -18.70
CA ASP J 202 12.82 -36.60 -18.95
C ASP J 202 11.74 -36.95 -19.99
N LEU J 203 10.62 -36.23 -19.95
CA LEU J 203 9.53 -36.46 -20.91
C LEU J 203 9.96 -36.15 -22.36
N PHE J 204 10.55 -34.97 -22.56
CA PHE J 204 10.88 -34.56 -23.92
C PHE J 204 12.11 -35.38 -24.41
N SER J 205 12.98 -35.78 -23.49
CA SER J 205 14.08 -36.67 -23.86
C SER J 205 13.52 -37.96 -24.49
N GLU J 206 12.46 -38.48 -23.87
CA GLU J 206 11.87 -39.74 -24.32
C GLU J 206 11.10 -39.57 -25.64
N HIS J 207 10.31 -38.51 -25.80
CA HIS J 207 9.67 -38.24 -27.09
C HIS J 207 10.75 -38.02 -28.14
N SER J 208 11.82 -37.31 -27.79
CA SER J 208 12.78 -37.06 -28.86
C SER J 208 13.51 -38.35 -29.27
N ARG J 209 13.62 -39.32 -28.35
CA ARG J 209 14.21 -40.63 -28.67
C ARG J 209 13.35 -41.36 -29.68
N PHE J 210 12.05 -41.48 -29.39
CA PHE J 210 11.23 -42.31 -30.28
C PHE J 210 10.77 -41.62 -31.58
N LEU J 211 10.69 -40.29 -31.58
CA LEU J 211 10.25 -39.56 -32.76
C LEU J 211 11.38 -39.54 -33.79
N LYS J 212 11.03 -39.89 -35.02
CA LYS J 212 11.94 -39.80 -36.15
C LYS J 212 12.41 -38.36 -36.33
N VAL J 213 13.56 -38.18 -36.98
CA VAL J 213 13.96 -36.86 -37.41
C VAL J 213 12.89 -36.30 -38.32
N GLY J 214 12.42 -35.10 -38.04
CA GLY J 214 11.30 -34.63 -38.83
C GLY J 214 9.95 -34.99 -38.24
N GLY J 215 9.93 -35.71 -37.12
CA GLY J 215 8.67 -36.02 -36.45
C GLY J 215 8.05 -34.75 -35.87
N ARG J 216 6.78 -34.83 -35.46
CA ARG J 216 6.08 -33.67 -34.89
C ARG J 216 5.56 -34.06 -33.51
N TYR J 217 5.62 -33.10 -32.58
CA TYR J 217 5.22 -33.27 -31.18
C TYR J 217 4.25 -32.14 -30.92
N VAL J 218 3.22 -32.39 -30.12
CA VAL J 218 2.30 -31.31 -29.76
C VAL J 218 1.94 -31.53 -28.32
N THR J 219 1.84 -30.46 -27.53
CA THR J 219 1.19 -30.58 -26.22
C THR J 219 0.11 -29.50 -26.08
N ILE J 220 -0.98 -29.82 -25.40
CA ILE J 220 -1.86 -28.79 -24.84
C ILE J 220 -1.76 -28.92 -23.34
N THR J 221 -1.47 -27.82 -22.65
CA THR J 221 -1.21 -27.92 -21.23
C THR J 221 -1.74 -26.66 -20.54
N GLY J 222 -1.90 -26.75 -19.23
CA GLY J 222 -2.05 -25.56 -18.42
C GLY J 222 -0.71 -25.40 -17.73
N CYS J 223 -0.12 -24.21 -17.88
CA CYS J 223 1.15 -23.87 -17.29
C CYS J 223 1.02 -22.58 -16.48
N TRP J 224 1.75 -22.48 -15.37
CA TRP J 224 1.69 -21.24 -14.64
C TRP J 224 2.50 -20.21 -15.41
N ASN J 225 2.12 -18.94 -15.30
CA ASN J 225 2.70 -17.96 -16.21
C ASN J 225 3.87 -17.27 -15.55
N PRO J 226 5.07 -17.34 -16.16
CA PRO J 226 6.23 -16.79 -15.44
C PRO J 226 6.15 -15.28 -15.23
N ARG J 227 5.30 -14.60 -16.01
CA ARG J 227 5.06 -13.16 -15.79
C ARG J 227 4.41 -12.88 -14.46
N TYR J 228 3.61 -13.82 -13.97
CA TYR J 228 3.00 -13.65 -12.67
C TYR J 228 4.06 -13.82 -11.55
N GLY J 229 5.01 -14.75 -11.72
CA GLY J 229 6.21 -14.78 -10.90
C GLY J 229 6.49 -16.17 -10.32
N GLN J 230 5.51 -16.70 -9.62
CA GLN J 230 5.52 -18.08 -9.07
C GLN J 230 4.09 -18.63 -9.14
N PRO J 231 3.90 -19.92 -8.84
CA PRO J 231 2.55 -20.46 -8.91
C PRO J 231 1.62 -19.77 -7.87
N SER J 232 0.47 -19.28 -8.33
CA SER J 232 -0.49 -18.65 -7.44
C SER J 232 -1.22 -19.66 -6.58
N LYS J 233 -1.94 -19.13 -5.60
CA LYS J 233 -2.67 -20.04 -4.72
C LYS J 233 -3.63 -20.91 -5.58
N TRP J 234 -4.19 -20.33 -6.65
CA TRP J 234 -5.16 -21.09 -7.45
C TRP J 234 -4.48 -22.27 -8.15
N VAL J 235 -3.28 -22.01 -8.68
CA VAL J 235 -2.52 -23.05 -9.36
C VAL J 235 -2.25 -24.17 -8.36
N SER J 236 -1.83 -23.80 -7.16
CA SER J 236 -1.55 -24.84 -6.15
C SER J 236 -2.85 -25.61 -5.78
N GLN J 237 -3.99 -24.91 -5.75
CA GLN J 237 -5.26 -25.62 -5.51
C GLN J 237 -5.55 -26.67 -6.63
N ILE J 238 -5.23 -26.35 -7.88
CA ILE J 238 -5.40 -27.34 -8.97
C ILE J 238 -4.42 -28.51 -8.80
N ASN J 239 -3.17 -28.22 -8.41
CA ASN J 239 -2.20 -29.31 -8.17
C ASN J 239 -2.70 -30.24 -7.10
N ALA J 240 -3.27 -29.67 -6.06
CA ALA J 240 -3.75 -30.46 -4.90
C ALA J 240 -4.96 -31.29 -5.29
N HIS J 241 -5.78 -30.72 -6.15
CA HIS J 241 -7.01 -31.39 -6.58
C HIS J 241 -6.72 -32.62 -7.43
N PHE J 242 -5.71 -32.52 -8.31
CA PHE J 242 -5.38 -33.61 -9.25
C PHE J 242 -4.08 -34.35 -8.89
N GLU J 243 -3.49 -34.01 -7.75
CA GLU J 243 -2.21 -34.58 -7.35
C GLU J 243 -1.19 -34.41 -8.48
N CYS J 244 -1.19 -33.24 -9.13
CA CYS J 244 -0.27 -32.99 -10.24
C CYS J 244 0.74 -31.90 -9.84
N ASN J 245 1.53 -31.45 -10.82
CA ASN J 245 2.70 -30.58 -10.62
C ASN J 245 2.83 -29.68 -11.84
N ILE J 246 1.95 -28.68 -11.94
CA ILE J 246 1.90 -27.79 -13.07
C ILE J 246 3.22 -27.09 -13.24
N HIS J 247 3.71 -27.00 -14.48
CA HIS J 247 5.03 -26.43 -14.74
C HIS J 247 4.85 -24.97 -15.26
N SER J 248 5.90 -24.15 -15.19
CA SER J 248 5.77 -22.81 -15.78
C SER J 248 5.99 -22.88 -17.27
N ARG J 249 5.51 -21.86 -17.97
CA ARG J 249 5.73 -21.81 -19.41
C ARG J 249 7.24 -21.81 -19.73
N ARG J 250 8.04 -21.13 -18.90
CA ARG J 250 9.49 -21.12 -19.05
C ARG J 250 10.09 -22.54 -19.05
N GLU J 251 9.67 -23.38 -18.10
CA GLU J 251 10.13 -24.75 -18.04
C GLU J 251 9.78 -25.57 -19.27
N TYR J 252 8.59 -25.38 -19.82
CA TYR J 252 8.23 -26.13 -21.05
C TYR J 252 9.25 -25.79 -22.16
N LEU J 253 9.51 -24.50 -22.35
CA LEU J 253 10.36 -24.08 -23.46
C LEU J 253 11.84 -24.46 -23.24
N ARG J 254 12.29 -24.40 -22.01
CA ARG J 254 13.67 -24.78 -21.69
C ARG J 254 13.85 -26.29 -21.93
N ALA J 255 12.93 -27.09 -21.40
CA ALA J 255 13.02 -28.55 -21.57
C ALA J 255 12.95 -28.98 -23.06
N MET J 256 12.16 -28.30 -23.88
CA MET J 256 12.14 -28.56 -25.30
C MET J 256 13.49 -28.19 -25.92
N ALA J 257 13.99 -27.00 -25.57
CA ALA J 257 15.26 -26.57 -26.22
C ALA J 257 16.42 -27.53 -25.88
N ASP J 258 16.34 -28.15 -24.70
CA ASP J 258 17.40 -29.05 -24.23
C ASP J 258 17.26 -30.45 -24.81
N ASN J 259 16.18 -30.70 -25.56
CA ASN J 259 15.90 -32.04 -26.08
C ASN J 259 15.50 -32.08 -27.57
N ARG J 260 16.05 -31.21 -28.38
CA ARG J 260 15.77 -31.38 -29.82
C ARG J 260 14.33 -31.18 -30.28
N LEU J 261 13.48 -30.58 -29.44
CA LEU J 261 12.14 -30.25 -29.92
C LEU J 261 12.12 -28.74 -30.12
N VAL J 262 11.72 -28.27 -31.32
CA VAL J 262 11.72 -26.84 -31.62
C VAL J 262 10.33 -26.37 -32.00
N PRO J 263 9.69 -25.60 -31.11
CA PRO J 263 8.35 -25.11 -31.36
C PRO J 263 8.25 -24.39 -32.71
N HIS J 264 7.17 -24.60 -33.46
CA HIS J 264 6.91 -23.83 -34.67
C HIS J 264 5.57 -23.09 -34.52
N THR J 265 4.78 -23.44 -33.49
CA THR J 265 3.55 -22.73 -33.20
C THR J 265 3.34 -22.71 -31.72
N ILE J 266 3.04 -21.55 -31.13
CA ILE J 266 2.66 -21.56 -29.73
C ILE J 266 1.47 -20.65 -29.61
N VAL J 267 0.38 -21.14 -29.01
CA VAL J 267 -0.87 -20.41 -29.03
C VAL J 267 -1.34 -20.29 -27.61
N ASP J 268 -1.54 -19.07 -27.11
CA ASP J 268 -2.19 -18.96 -25.79
C ASP J 268 -3.71 -19.11 -25.95
N LEU J 269 -4.24 -20.24 -25.48
CA LEU J 269 -5.63 -20.63 -25.66
C LEU J 269 -6.52 -20.21 -24.48
N THR J 270 -5.97 -19.41 -23.58
CA THR J 270 -6.71 -19.01 -22.41
C THR J 270 -8.08 -18.39 -22.75
N PRO J 271 -8.11 -17.38 -23.65
CA PRO J 271 -9.43 -16.76 -23.94
C PRO J 271 -10.35 -17.78 -24.53
N ASP J 272 -9.79 -18.75 -25.25
CA ASP J 272 -10.59 -19.78 -25.95
C ASP J 272 -11.19 -20.89 -25.06
N THR J 273 -10.64 -21.07 -23.87
CA THR J 273 -11.11 -22.14 -22.96
C THR J 273 -12.03 -21.56 -21.90
N LEU J 274 -11.95 -20.25 -21.67
CA LEU J 274 -12.89 -19.63 -20.72
C LEU J 274 -14.38 -19.91 -21.01
N PRO J 275 -14.81 -19.82 -22.27
CA PRO J 275 -16.26 -20.10 -22.43
C PRO J 275 -16.69 -21.51 -21.98
N TYR J 276 -15.93 -22.54 -22.36
CA TYR J 276 -16.18 -23.85 -21.77
C TYR J 276 -16.27 -23.83 -20.25
N TRP J 277 -15.29 -23.23 -19.57
CA TRP J 277 -15.30 -23.24 -18.12
C TRP J 277 -16.50 -22.48 -17.54
N GLU J 278 -16.85 -21.36 -18.16
CA GLU J 278 -18.01 -20.59 -17.67
C GLU J 278 -19.32 -21.36 -17.85
N LEU J 279 -19.45 -22.07 -18.97
CA LEU J 279 -20.62 -22.90 -19.19
C LEU J 279 -20.60 -24.07 -18.21
N ARG J 280 -19.44 -24.71 -18.07
CA ARG J 280 -19.34 -25.84 -17.14
C ARG J 280 -19.71 -25.41 -15.73
N ALA J 281 -19.33 -24.22 -15.30
CA ALA J 281 -19.61 -23.79 -13.93
C ALA J 281 -21.12 -23.78 -13.60
N THR J 282 -21.97 -23.68 -14.62
CA THR J 282 -23.42 -23.58 -14.41
C THR J 282 -24.09 -24.94 -14.44
N SER J 283 -23.34 -25.98 -14.79
CA SER J 283 -23.90 -27.32 -14.90
C SER J 283 -23.98 -28.08 -13.57
N SER J 284 -24.75 -29.18 -13.59
CA SER J 284 -24.90 -30.00 -12.42
C SER J 284 -23.71 -30.93 -12.23
N LEU J 285 -22.83 -31.00 -13.23
CA LEU J 285 -21.73 -32.00 -13.18
C LEU J 285 -20.43 -31.39 -12.62
N VAL J 286 -20.50 -30.16 -12.11
CA VAL J 286 -19.29 -29.48 -11.60
C VAL J 286 -18.54 -30.33 -10.58
N THR J 287 -17.23 -30.13 -10.46
CA THR J 287 -16.42 -30.92 -9.53
C THR J 287 -15.86 -30.09 -8.41
N GLY J 288 -16.02 -28.77 -8.49
CA GLY J 288 -15.53 -27.93 -7.41
C GLY J 288 -14.24 -27.18 -7.74
N ILE J 289 -13.62 -27.50 -8.86
CA ILE J 289 -12.34 -26.89 -9.23
C ILE J 289 -12.55 -25.77 -10.26
N GLU J 290 -13.80 -25.60 -10.72
CA GLU J 290 -14.09 -24.58 -11.75
C GLU J 290 -13.60 -23.20 -11.29
N LYS J 291 -13.81 -22.86 -10.03
CA LYS J 291 -13.42 -21.52 -9.60
C LYS J 291 -11.90 -21.27 -9.77
N ALA J 292 -11.08 -22.25 -9.36
CA ALA J 292 -9.64 -22.12 -9.43
C ALA J 292 -9.20 -21.88 -10.86
N PHE J 293 -9.82 -22.58 -11.82
CA PHE J 293 -9.47 -22.39 -13.21
C PHE J 293 -9.91 -21.02 -13.72
N ILE J 294 -11.16 -20.67 -13.48
CA ILE J 294 -11.65 -19.40 -14.03
C ILE J 294 -10.89 -18.22 -13.40
N GLU J 295 -10.68 -18.25 -12.09
CA GLU J 295 -10.03 -17.09 -11.45
C GLU J 295 -8.56 -16.93 -11.88
N SER J 296 -7.84 -18.04 -12.01
CA SER J 296 -6.41 -17.99 -12.34
C SER J 296 -6.22 -17.62 -13.82
N TYR J 297 -7.10 -18.12 -14.69
CA TYR J 297 -7.08 -17.66 -16.08
C TYR J 297 -7.35 -16.17 -16.16
N ARG J 298 -8.36 -15.70 -15.45
CA ARG J 298 -8.70 -14.27 -15.54
C ARG J 298 -7.65 -13.34 -14.90
N ASP J 299 -6.98 -13.80 -13.85
CA ASP J 299 -6.01 -12.95 -13.19
C ASP J 299 -4.57 -13.01 -13.77
N GLY J 300 -4.34 -13.89 -14.76
CA GLY J 300 -3.05 -13.91 -15.44
C GLY J 300 -2.04 -14.89 -14.81
N SER J 301 -2.43 -15.58 -13.74
CA SER J 301 -1.47 -16.45 -13.07
C SER J 301 -1.31 -17.80 -13.76
N PHE J 302 -2.33 -18.20 -14.51
CA PHE J 302 -2.33 -19.54 -15.13
C PHE J 302 -2.81 -19.32 -16.56
N GLN J 303 -2.33 -20.15 -17.47
CA GLN J 303 -2.67 -20.04 -18.91
C GLN J 303 -2.84 -21.41 -19.54
N TYR J 304 -3.65 -21.49 -20.59
CA TYR J 304 -3.86 -22.75 -21.27
C TYR J 304 -3.22 -22.55 -22.63
N VAL J 305 -2.33 -23.44 -23.04
CA VAL J 305 -1.45 -23.14 -24.15
C VAL J 305 -1.25 -24.38 -25.03
N LEU J 306 -1.09 -24.14 -26.31
CA LEU J 306 -0.73 -25.20 -27.24
C LEU J 306 0.72 -24.92 -27.68
N ILE J 307 1.60 -25.92 -27.57
CA ILE J 307 2.95 -25.79 -28.12
C ILE J 307 3.15 -26.88 -29.13
N ALA J 308 3.48 -26.58 -30.39
CA ALA J 308 3.75 -27.68 -31.31
C ALA J 308 5.15 -27.50 -31.85
N ALA J 309 5.89 -28.58 -31.95
CA ALA J 309 7.35 -28.54 -32.15
C ALA J 309 7.76 -29.59 -33.17
N ASP J 310 8.87 -29.33 -33.86
CA ASP J 310 9.49 -30.30 -34.75
C ASP J 310 10.59 -30.99 -33.98
N ARG J 311 10.76 -32.29 -34.22
CA ARG J 311 11.87 -33.05 -33.68
C ARG J 311 12.99 -32.93 -34.70
N VAL J 312 14.04 -32.24 -34.30
CA VAL J 312 15.13 -31.89 -35.23
C VAL J 312 16.43 -32.56 -34.81
N PRO K 35 40.66 -57.72 -19.03
CA PRO K 35 40.63 -56.84 -20.21
C PRO K 35 41.89 -55.96 -20.31
N ALA K 36 42.32 -55.58 -21.52
CA ALA K 36 43.48 -54.69 -21.62
C ALA K 36 43.14 -53.40 -20.87
N PRO K 37 44.16 -52.66 -20.39
CA PRO K 37 43.91 -51.40 -19.65
C PRO K 37 43.25 -50.32 -20.53
N ALA K 38 42.35 -49.53 -19.95
CA ALA K 38 41.60 -48.57 -20.74
C ALA K 38 42.51 -47.40 -21.20
N THR K 39 43.49 -47.07 -20.37
CA THR K 39 44.37 -45.96 -20.66
C THR K 39 45.69 -46.26 -20.00
N PRO K 40 46.75 -45.55 -20.41
CA PRO K 40 48.04 -45.64 -19.74
C PRO K 40 47.95 -45.44 -18.23
N TYR K 41 47.13 -44.46 -17.81
CA TYR K 41 47.01 -44.21 -16.38
C TYR K 41 46.40 -45.42 -15.69
N GLN K 42 45.34 -46.00 -16.27
CA GLN K 42 44.73 -47.12 -15.56
C GLN K 42 45.68 -48.32 -15.57
N GLU K 43 46.57 -48.37 -16.54
CA GLU K 43 47.60 -49.41 -16.49
C GLU K 43 48.57 -49.15 -15.34
N ASP K 44 48.87 -47.88 -15.10
CA ASP K 44 49.73 -47.51 -13.97
C ASP K 44 49.11 -47.94 -12.64
N ILE K 45 47.80 -47.74 -12.52
CA ILE K 45 47.08 -48.08 -11.30
C ILE K 45 46.88 -49.61 -11.13
N ALA K 46 46.64 -50.35 -12.21
CA ALA K 46 46.61 -51.81 -12.10
C ALA K 46 47.97 -52.32 -11.55
N ARG K 47 49.06 -51.80 -12.11
CA ARG K 47 50.42 -52.13 -11.66
C ARG K 47 50.62 -51.80 -10.20
N TYR K 48 50.24 -50.60 -9.77
CA TYR K 48 50.39 -50.19 -8.39
C TYR K 48 49.73 -51.18 -7.42
N TRP K 49 48.49 -51.55 -7.70
CA TRP K 49 47.77 -52.42 -6.76
C TRP K 49 48.24 -53.89 -6.89
N ASN K 50 48.67 -54.30 -8.08
CA ASN K 50 49.14 -55.67 -8.27
C ASN K 50 50.38 -55.88 -7.43
N ASN K 51 51.11 -54.79 -7.19
CA ASN K 51 52.36 -54.91 -6.46
C ASN K 51 52.27 -54.53 -5.00
N GLU K 52 51.12 -54.02 -4.57
CA GLU K 52 50.98 -53.62 -3.18
C GLU K 52 50.76 -54.79 -2.22
N ALA K 53 51.32 -54.64 -1.03
CA ALA K 53 51.14 -55.62 0.02
C ALA K 53 51.78 -55.10 1.31
N ARG K 54 51.36 -53.93 1.74
CA ARG K 54 51.92 -53.31 2.92
C ARG K 54 51.38 -53.99 4.19
N PRO K 55 52.25 -54.15 5.21
CA PRO K 55 51.82 -54.70 6.52
C PRO K 55 50.71 -53.88 7.16
N VAL K 56 50.71 -52.56 6.97
CA VAL K 56 49.65 -51.77 7.60
C VAL K 56 48.29 -52.15 7.03
N ASN K 57 48.26 -52.95 5.96
CA ASN K 57 47.01 -53.44 5.38
C ASN K 57 46.78 -54.93 5.66
N LEU K 58 47.80 -55.73 5.38
CA LEU K 58 47.73 -57.18 5.58
C LEU K 58 47.62 -57.60 7.05
N ARG K 59 48.42 -57.00 7.93
CA ARG K 59 48.36 -57.35 9.36
C ARG K 59 47.02 -56.96 10.01
N LEU K 60 46.47 -55.82 9.63
CA LEU K 60 45.15 -55.44 10.12
C LEU K 60 44.08 -56.38 9.57
N GLY K 61 44.12 -56.65 8.27
CA GLY K 61 43.15 -57.59 7.72
C GLY K 61 43.19 -58.96 8.39
N ASP K 62 44.39 -59.43 8.75
CA ASP K 62 44.58 -60.77 9.35
C ASP K 62 43.84 -60.94 10.68
N VAL K 63 43.55 -59.83 11.35
CA VAL K 63 42.86 -59.90 12.65
C VAL K 63 41.57 -60.72 12.58
N ASP K 64 40.78 -60.53 11.53
CA ASP K 64 39.53 -61.24 11.39
C ASP K 64 39.13 -61.58 9.95
N GLY K 65 40.04 -61.41 9.00
CA GLY K 65 39.80 -61.85 7.64
C GLY K 65 39.08 -60.80 6.78
N LEU K 66 38.98 -59.58 7.29
CA LEU K 66 38.34 -58.51 6.51
C LEU K 66 39.44 -57.58 6.02
N TYR K 67 39.76 -57.67 4.72
CA TYR K 67 40.88 -56.93 4.17
C TYR K 67 40.43 -55.60 3.56
N HIS K 68 40.84 -54.51 4.21
CA HIS K 68 40.42 -53.16 3.87
C HIS K 68 41.61 -52.34 3.32
N HIS K 69 41.30 -51.47 2.36
CA HIS K 69 42.21 -50.43 1.95
C HIS K 69 41.51 -49.08 2.06
N HIS K 70 41.29 -48.64 3.29
CA HIS K 70 40.74 -47.30 3.54
C HIS K 70 41.00 -46.98 4.98
N TYR K 71 40.72 -45.75 5.39
CA TYR K 71 41.11 -45.24 6.69
C TYR K 71 39.98 -45.37 7.74
N GLY K 72 40.26 -45.03 9.00
CA GLY K 72 39.31 -45.27 10.07
C GLY K 72 38.58 -44.03 10.58
N ILE K 73 37.45 -44.24 11.24
CA ILE K 73 36.74 -43.15 11.93
C ILE K 73 36.31 -43.59 13.33
N GLY K 74 36.04 -42.63 14.21
CA GLY K 74 35.58 -42.95 15.56
C GLY K 74 36.66 -42.72 16.61
N PRO K 75 36.25 -42.54 17.87
CA PRO K 75 37.21 -42.28 18.97
C PRO K 75 38.04 -43.53 19.23
N VAL K 76 39.29 -43.33 19.64
CA VAL K 76 40.16 -44.46 19.96
C VAL K 76 39.75 -45.04 21.33
N ASP K 77 39.73 -46.38 21.42
CA ASP K 77 39.47 -47.09 22.69
C ASP K 77 40.76 -47.18 23.51
N ARG K 78 41.03 -46.13 24.31
CA ARG K 78 42.27 -46.07 25.09
C ARG K 78 42.37 -47.26 26.06
N ALA K 79 41.21 -47.68 26.57
CA ALA K 79 41.16 -48.83 27.47
C ALA K 79 41.72 -50.06 26.78
N ALA K 80 41.13 -50.42 25.65
CA ALA K 80 41.54 -51.62 24.92
C ALA K 80 43.03 -51.65 24.58
N LEU K 81 43.64 -50.47 24.49
CA LEU K 81 45.03 -50.36 24.05
C LEU K 81 45.96 -50.66 25.22
N GLY K 82 45.49 -50.34 26.42
CA GLY K 82 46.26 -50.58 27.62
C GLY K 82 47.45 -49.64 27.69
N ASP K 83 48.51 -50.14 28.33
CA ASP K 83 49.70 -49.35 28.59
C ASP K 83 50.70 -49.51 27.45
N PRO K 84 51.21 -48.37 26.94
CA PRO K 84 52.10 -48.34 25.78
C PRO K 84 53.40 -49.10 26.02
N GLU K 85 53.69 -49.39 27.28
CA GLU K 85 54.94 -50.06 27.65
C GLU K 85 54.82 -51.57 27.63
N HIS K 86 53.60 -52.08 27.79
CA HIS K 86 53.35 -53.50 27.73
C HIS K 86 53.89 -54.09 26.43
N SER K 87 54.34 -55.34 26.48
CA SER K 87 54.95 -55.98 25.33
C SER K 87 53.97 -56.10 24.16
N GLU K 88 52.72 -56.40 24.46
CA GLU K 88 51.72 -56.68 23.43
C GLU K 88 51.01 -55.41 22.91
N TYR K 89 51.58 -54.25 23.15
CA TYR K 89 50.94 -52.99 22.76
C TYR K 89 50.77 -52.81 21.26
N GLU K 90 51.79 -53.15 20.47
CA GLU K 90 51.67 -52.99 19.03
C GLU K 90 50.57 -53.88 18.46
N LYS K 91 50.37 -55.05 19.07
CA LYS K 91 49.31 -55.93 18.61
C LYS K 91 47.97 -55.30 18.92
N LYS K 92 47.91 -54.58 20.02
CA LYS K 92 46.66 -53.92 20.40
C LYS K 92 46.40 -52.71 19.50
N VAL K 93 47.46 -52.00 19.13
CA VAL K 93 47.33 -50.90 18.18
C VAL K 93 46.79 -51.42 16.84
N ILE K 94 47.36 -52.51 16.34
CA ILE K 94 46.85 -53.12 15.11
C ILE K 94 45.35 -53.43 15.20
N ALA K 95 44.95 -54.07 16.29
CA ALA K 95 43.56 -54.48 16.43
C ALA K 95 42.68 -53.23 16.42
N GLU K 96 43.18 -52.17 17.07
CA GLU K 96 42.38 -50.96 17.24
C GLU K 96 42.27 -50.24 15.90
N LEU K 97 43.40 -50.11 15.20
CA LEU K 97 43.38 -49.45 13.89
C LEU K 97 42.42 -50.18 12.95
N HIS K 98 42.51 -51.52 12.93
CA HIS K 98 41.57 -52.33 12.14
C HIS K 98 40.11 -52.13 12.58
N ARG K 99 39.87 -52.04 13.89
CA ARG K 99 38.50 -51.80 14.32
C ARG K 99 37.95 -50.48 13.73
N LEU K 100 38.78 -49.43 13.73
CA LEU K 100 38.32 -48.15 13.18
C LEU K 100 38.12 -48.22 11.66
N GLU K 101 38.99 -48.96 10.97
CA GLU K 101 38.77 -49.15 9.53
C GLU K 101 37.47 -49.92 9.27
N SER K 102 37.15 -50.92 10.09
CA SER K 102 35.89 -51.62 9.88
C SER K 102 34.73 -50.73 10.26
N ALA K 103 34.95 -49.79 11.19
CA ALA K 103 33.84 -48.93 11.63
C ALA K 103 33.49 -47.99 10.51
N GLN K 104 34.53 -47.57 9.79
CA GLN K 104 34.37 -46.67 8.65
C GLN K 104 33.44 -47.35 7.62
N ALA K 105 33.69 -48.63 7.34
CA ALA K 105 32.86 -49.38 6.39
C ALA K 105 31.41 -49.59 6.85
N GLU K 106 31.24 -49.79 8.15
CA GLU K 106 29.92 -49.96 8.68
C GLU K 106 29.14 -48.66 8.54
N PHE K 107 29.80 -47.56 8.82
CA PHE K 107 29.18 -46.23 8.69
C PHE K 107 28.77 -46.01 7.24
N LEU K 108 29.61 -46.45 6.29
CA LEU K 108 29.27 -46.28 4.89
C LEU K 108 27.97 -47.04 4.62
N MET K 109 27.91 -48.30 5.07
CA MET K 109 26.78 -49.16 4.79
C MET K 109 25.47 -48.71 5.49
N ASP K 110 25.61 -47.97 6.59
CA ASP K 110 24.43 -47.36 7.22
C ASP K 110 23.70 -46.41 6.27
N HIS K 111 24.37 -45.98 5.21
CA HIS K 111 23.76 -45.02 4.29
C HIS K 111 23.29 -45.68 2.99
N LEU K 112 23.34 -47.00 2.93
CA LEU K 112 22.93 -47.69 1.70
C LEU K 112 21.44 -48.02 1.58
N GLY K 113 20.66 -47.62 2.56
CA GLY K 113 19.26 -48.01 2.61
C GLY K 113 19.07 -49.48 2.95
N GLN K 114 17.92 -49.98 2.55
CA GLN K 114 17.63 -51.38 2.74
C GLN K 114 17.99 -52.16 1.47
N ALA K 115 18.52 -53.33 1.70
CA ALA K 115 18.91 -54.20 0.62
C ALA K 115 18.70 -55.58 1.18
N GLY K 116 18.35 -56.52 0.33
CA GLY K 116 18.15 -57.88 0.79
C GLY K 116 18.73 -58.88 -0.19
N PRO K 117 18.39 -60.16 0.04
CA PRO K 117 18.93 -61.28 -0.75
C PRO K 117 18.66 -61.18 -2.26
N ASP K 118 17.53 -60.61 -2.66
CA ASP K 118 17.25 -60.54 -4.10
C ASP K 118 17.91 -59.34 -4.80
N ASP K 119 18.65 -58.54 -4.06
CA ASP K 119 19.28 -57.33 -4.60
C ASP K 119 20.73 -57.56 -5.04
N THR K 120 21.22 -56.73 -5.96
CA THR K 120 22.64 -56.69 -6.31
C THR K 120 23.22 -55.36 -5.85
N LEU K 121 24.36 -55.45 -5.17
CA LEU K 121 25.12 -54.29 -4.71
C LEU K 121 26.44 -54.25 -5.48
N VAL K 122 26.95 -53.05 -5.81
CA VAL K 122 28.22 -52.95 -6.54
C VAL K 122 29.24 -52.20 -5.72
N ASP K 123 30.39 -52.82 -5.50
CA ASP K 123 31.51 -52.11 -4.85
C ASP K 123 32.47 -51.65 -5.96
N ALA K 124 32.49 -50.34 -6.22
CA ALA K 124 33.27 -49.79 -7.32
C ALA K 124 34.67 -49.44 -6.85
N GLY K 125 35.65 -50.23 -7.28
CA GLY K 125 37.03 -50.08 -6.83
C GLY K 125 37.20 -50.88 -5.55
N CYS K 126 37.15 -52.22 -5.64
CA CYS K 126 36.79 -53.00 -4.46
C CYS K 126 37.95 -53.54 -3.61
N GLY K 127 39.17 -53.23 -3.99
CA GLY K 127 40.31 -53.67 -3.19
C GLY K 127 40.34 -55.18 -3.00
N ARG K 128 40.77 -55.62 -1.81
CA ARG K 128 40.82 -57.06 -1.51
C ARG K 128 39.48 -57.66 -1.08
N GLY K 129 38.45 -56.83 -0.99
CA GLY K 129 37.10 -57.33 -0.84
C GLY K 129 36.53 -57.25 0.57
N GLY K 130 37.26 -56.67 1.54
CA GLY K 130 36.74 -56.49 2.90
C GLY K 130 35.33 -55.93 3.01
N SER K 131 35.02 -54.92 2.22
CA SER K 131 33.69 -54.34 2.27
C SER K 131 32.65 -55.24 1.67
N MET K 132 33.01 -56.01 0.64
CA MET K 132 32.03 -56.88 -0.01
C MET K 132 31.59 -57.96 1.00
N VAL K 133 32.56 -58.51 1.72
CA VAL K 133 32.27 -59.55 2.75
C VAL K 133 31.28 -58.99 3.78
N MET K 134 31.61 -57.83 4.34
CA MET K 134 30.73 -57.12 5.28
C MET K 134 29.33 -56.84 4.76
N ALA K 135 29.26 -56.43 3.49
CA ALA K 135 27.97 -56.08 2.92
C ALA K 135 27.09 -57.30 2.70
N HIS K 136 27.71 -58.40 2.29
CA HIS K 136 26.89 -59.58 2.03
C HIS K 136 26.39 -60.10 3.38
N ARG K 137 27.23 -60.00 4.40
CA ARG K 137 26.81 -60.46 5.72
C ARG K 137 25.66 -59.58 6.25
N ARG K 138 25.77 -58.26 6.05
CA ARG K 138 24.73 -57.35 6.54
C ARG K 138 23.40 -57.47 5.79
N PHE K 139 23.45 -57.52 4.46
CA PHE K 139 22.22 -57.47 3.67
C PHE K 139 21.82 -58.80 3.04
N GLY K 140 22.80 -59.68 2.83
CA GLY K 140 22.55 -60.95 2.19
C GLY K 140 22.46 -60.89 0.66
N SER K 141 22.69 -59.69 0.12
CA SER K 141 22.56 -59.42 -1.32
C SER K 141 23.70 -60.04 -2.15
N ARG K 142 23.46 -60.19 -3.46
CA ARG K 142 24.57 -60.44 -4.37
C ARG K 142 25.47 -59.19 -4.30
N VAL K 143 26.76 -59.39 -4.24
CA VAL K 143 27.66 -58.22 -4.16
C VAL K 143 28.73 -58.35 -5.22
N GLU K 144 28.76 -57.42 -6.18
CA GLU K 144 29.75 -57.49 -7.26
C GLU K 144 30.83 -56.41 -7.06
N GLY K 145 32.12 -56.78 -7.08
CA GLY K 145 33.14 -55.77 -6.91
C GLY K 145 33.94 -55.65 -8.21
N VAL K 146 34.41 -54.45 -8.55
CA VAL K 146 35.30 -54.36 -9.72
C VAL K 146 36.57 -53.71 -9.27
N THR K 147 37.70 -54.20 -9.78
CA THR K 147 39.02 -53.66 -9.44
C THR K 147 39.93 -53.72 -10.68
N LEU K 148 41.00 -52.93 -10.71
CA LEU K 148 41.85 -52.96 -11.88
C LEU K 148 42.95 -54.00 -11.70
N SER K 149 42.99 -54.58 -10.50
CA SER K 149 44.10 -55.44 -10.09
C SER K 149 43.69 -56.89 -10.07
N ALA K 150 44.32 -57.71 -10.91
CA ALA K 150 44.05 -59.15 -10.90
C ALA K 150 44.48 -59.76 -9.57
N ALA K 151 45.60 -59.30 -9.02
CA ALA K 151 46.01 -59.80 -7.71
C ALA K 151 44.89 -59.62 -6.70
N GLN K 152 44.26 -58.45 -6.70
CA GLN K 152 43.22 -58.16 -5.73
C GLN K 152 41.94 -58.95 -5.98
N ALA K 153 41.51 -59.00 -7.24
CA ALA K 153 40.36 -59.84 -7.58
C ALA K 153 40.62 -61.32 -7.13
N ASP K 154 41.81 -61.84 -7.38
CA ASP K 154 42.06 -63.25 -7.00
C ASP K 154 42.02 -63.42 -5.51
N PHE K 155 42.70 -62.50 -4.80
CA PHE K 155 42.66 -62.49 -3.35
C PHE K 155 41.24 -62.48 -2.79
N GLY K 156 40.39 -61.56 -3.24
CA GLY K 156 39.04 -61.50 -2.73
C GLY K 156 38.22 -62.73 -3.12
N ASN K 157 38.40 -63.22 -4.34
CA ASN K 157 37.60 -64.38 -4.70
C ASN K 157 38.03 -65.62 -3.90
N ARG K 158 39.31 -65.75 -3.61
CA ARG K 158 39.80 -66.83 -2.72
C ARG K 158 39.09 -66.74 -1.35
N ARG K 159 39.08 -65.53 -0.79
CA ARG K 159 38.43 -65.27 0.47
C ARG K 159 36.95 -65.63 0.43
N ALA K 160 36.28 -65.27 -0.67
CA ALA K 160 34.85 -65.56 -0.80
C ALA K 160 34.61 -67.08 -0.76
N ARG K 161 35.45 -67.84 -1.45
CA ARG K 161 35.33 -69.31 -1.45
C ARG K 161 35.56 -69.90 -0.04
N GLU K 162 36.58 -69.40 0.66
CA GLU K 162 36.86 -69.80 2.06
C GLU K 162 35.64 -69.58 2.97
N LEU K 163 34.87 -68.53 2.70
CA LEU K 163 33.78 -68.11 3.57
C LEU K 163 32.50 -68.74 3.08
N ARG K 164 32.60 -69.46 1.97
CA ARG K 164 31.45 -70.12 1.36
C ARG K 164 30.37 -69.12 0.87
N ILE K 165 30.82 -67.97 0.38
CA ILE K 165 29.87 -66.92 -0.05
C ILE K 165 30.07 -66.61 -1.55
N ASP K 166 30.95 -67.37 -2.20
CA ASP K 166 31.32 -67.12 -3.62
C ASP K 166 30.14 -67.30 -4.59
N ASP K 167 29.06 -67.93 -4.14
CA ASP K 167 27.87 -67.99 -4.96
C ASP K 167 27.19 -66.61 -5.01
N HIS K 168 27.58 -65.72 -4.11
CA HIS K 168 26.92 -64.42 -3.97
C HIS K 168 27.86 -63.22 -4.14
N VAL K 169 29.14 -63.44 -3.89
CA VAL K 169 30.12 -62.37 -3.83
C VAL K 169 31.25 -62.68 -4.82
N ARG K 170 31.50 -61.73 -5.73
CA ARG K 170 32.45 -61.94 -6.83
C ARG K 170 33.20 -60.65 -7.14
N SER K 171 34.53 -60.73 -7.17
CA SER K 171 35.33 -59.60 -7.71
C SER K 171 35.76 -59.88 -9.14
N ARG K 172 35.80 -58.83 -9.96
CA ARG K 172 36.29 -58.97 -11.33
C ARG K 172 37.25 -57.83 -11.64
N VAL K 173 38.18 -58.11 -12.56
CA VAL K 173 39.05 -57.10 -13.12
C VAL K 173 38.27 -56.32 -14.17
N CYS K 174 37.97 -55.08 -13.84
CA CYS K 174 37.11 -54.33 -14.70
C CYS K 174 37.19 -52.85 -14.38
N ASN K 175 37.25 -52.03 -15.42
CA ASN K 175 37.21 -50.56 -15.25
C ASN K 175 35.81 -50.13 -14.77
N MET K 176 35.78 -49.47 -13.61
CA MET K 176 34.50 -49.09 -13.02
C MET K 176 33.75 -48.02 -13.82
N LEU K 177 34.43 -47.41 -14.79
CA LEU K 177 33.78 -46.45 -15.68
C LEU K 177 33.05 -47.12 -16.83
N ASP K 178 33.22 -48.44 -16.96
CA ASP K 178 32.69 -49.17 -18.13
C ASP K 178 32.42 -50.63 -17.71
N THR K 179 31.32 -50.84 -17.01
CA THR K 179 31.09 -52.13 -16.35
C THR K 179 30.05 -52.93 -17.13
N PRO K 180 30.01 -54.26 -16.95
CA PRO K 180 29.00 -55.13 -17.61
C PRO K 180 27.59 -55.11 -16.97
N PHE K 181 27.38 -54.37 -15.89
CA PHE K 181 26.07 -54.37 -15.22
C PHE K 181 24.98 -53.76 -16.11
N ASP K 182 23.80 -54.39 -16.10
CA ASP K 182 22.70 -53.94 -16.92
C ASP K 182 22.14 -52.61 -16.43
N LYS K 183 21.59 -51.82 -17.33
CA LYS K 183 20.95 -50.57 -16.94
C LYS K 183 19.89 -50.83 -15.87
N GLY K 184 20.02 -50.15 -14.74
CA GLY K 184 18.98 -50.19 -13.70
C GLY K 184 18.94 -51.49 -12.90
N ALA K 185 19.98 -52.32 -13.04
CA ALA K 185 20.00 -53.63 -12.38
C ALA K 185 20.51 -53.62 -10.92
N VAL K 186 21.15 -52.54 -10.53
CA VAL K 186 21.81 -52.46 -9.22
C VAL K 186 21.02 -51.65 -8.21
N THR K 187 20.82 -52.20 -7.02
CA THR K 187 20.03 -51.55 -5.99
C THR K 187 20.80 -50.46 -5.23
N ALA K 188 22.08 -50.71 -4.96
CA ALA K 188 22.91 -49.72 -4.24
C ALA K 188 24.36 -49.95 -4.62
N SER K 189 25.19 -48.91 -4.57
CA SER K 189 26.56 -49.05 -4.95
C SER K 189 27.39 -48.01 -4.22
N TRP K 190 28.69 -48.15 -4.25
CA TRP K 190 29.52 -47.22 -3.49
C TRP K 190 30.94 -47.12 -4.04
N ASN K 191 31.66 -46.10 -3.60
CA ASN K 191 33.08 -46.01 -3.82
C ASN K 191 33.62 -45.68 -2.46
N ASN K 192 34.37 -46.61 -1.87
CA ASN K 192 35.01 -46.32 -0.59
C ASN K 192 36.44 -46.00 -0.90
N GLU K 193 36.79 -44.70 -0.83
CA GLU K 193 38.12 -44.20 -1.18
C GLU K 193 38.69 -44.74 -2.53
N SER K 194 37.93 -44.62 -3.60
CA SER K 194 38.44 -44.98 -4.90
C SER K 194 38.04 -43.96 -5.97
N THR K 195 37.33 -42.90 -5.60
CA THR K 195 36.87 -41.93 -6.61
C THR K 195 38.02 -41.04 -7.12
N MET K 196 39.11 -40.93 -6.35
CA MET K 196 40.27 -40.15 -6.77
C MET K 196 41.16 -40.80 -7.86
N TYR K 197 40.69 -41.89 -8.49
CA TYR K 197 41.42 -42.48 -9.62
C TYR K 197 40.67 -42.25 -10.94
N VAL K 198 39.56 -41.49 -10.92
CA VAL K 198 38.78 -41.35 -12.11
C VAL K 198 38.16 -39.98 -12.24
N ASP K 199 37.78 -39.64 -13.47
CA ASP K 199 36.99 -38.44 -13.76
C ASP K 199 35.60 -38.65 -13.10
N LEU K 200 35.15 -37.69 -12.30
CA LEU K 200 33.92 -37.91 -11.52
C LEU K 200 32.66 -37.91 -12.38
N HIS K 201 32.64 -37.09 -13.44
CA HIS K 201 31.48 -37.05 -14.31
C HIS K 201 31.28 -38.41 -14.96
N ASP K 202 32.36 -39.02 -15.44
CA ASP K 202 32.25 -40.34 -16.07
C ASP K 202 31.87 -41.38 -14.99
N LEU K 203 32.45 -41.24 -13.81
CA LEU K 203 32.14 -42.19 -12.73
C LEU K 203 30.67 -42.14 -12.34
N PHE K 204 30.16 -40.96 -12.07
CA PHE K 204 28.75 -40.90 -11.64
C PHE K 204 27.78 -41.15 -12.82
N SER K 205 28.20 -40.83 -14.04
CA SER K 205 27.41 -41.21 -15.20
C SER K 205 27.24 -42.73 -15.20
N GLU K 206 28.32 -43.46 -14.95
CA GLU K 206 28.23 -44.95 -14.93
C GLU K 206 27.39 -45.52 -13.75
N HIS K 207 27.61 -45.06 -12.53
CA HIS K 207 26.73 -45.47 -11.42
C HIS K 207 25.26 -45.14 -11.71
N SER K 208 25.00 -43.96 -12.30
CA SER K 208 23.63 -43.60 -12.60
C SER K 208 23.05 -44.55 -13.60
N ARG K 209 23.87 -45.04 -14.53
CA ARG K 209 23.40 -45.97 -15.56
C ARG K 209 22.94 -47.29 -14.91
N PHE K 210 23.83 -47.91 -14.12
CA PHE K 210 23.46 -49.22 -13.58
C PHE K 210 22.53 -49.23 -12.35
N LEU K 211 22.49 -48.11 -11.60
CA LEU K 211 21.56 -48.00 -10.46
C LEU K 211 20.11 -47.83 -10.93
N LYS K 212 19.20 -48.55 -10.29
CA LYS K 212 17.79 -48.48 -10.61
C LYS K 212 17.34 -47.12 -10.12
N VAL K 213 16.24 -46.63 -10.70
CA VAL K 213 15.57 -45.43 -10.17
C VAL K 213 15.23 -45.70 -8.72
N GLY K 214 15.65 -44.83 -7.83
CA GLY K 214 15.43 -45.09 -6.41
C GLY K 214 16.60 -45.77 -5.74
N GLY K 215 17.64 -46.09 -6.50
CA GLY K 215 18.79 -46.80 -5.96
C GLY K 215 19.53 -45.81 -5.09
N ARG K 216 20.47 -46.32 -4.30
CA ARG K 216 21.23 -45.46 -3.39
C ARG K 216 22.72 -45.54 -3.70
N TYR K 217 23.42 -44.43 -3.50
CA TYR K 217 24.86 -44.37 -3.78
C TYR K 217 25.54 -43.78 -2.55
N VAL K 218 26.71 -44.30 -2.17
CA VAL K 218 27.47 -43.61 -1.13
C VAL K 218 28.92 -43.58 -1.54
N THR K 219 29.60 -42.51 -1.14
CA THR K 219 31.04 -42.53 -1.21
C THR K 219 31.60 -41.98 0.07
N ILE K 220 32.73 -42.51 0.49
CA ILE K 220 33.55 -41.80 1.45
C ILE K 220 34.82 -41.48 0.69
N THR K 221 35.29 -40.25 0.84
CA THR K 221 36.41 -39.80 0.05
C THR K 221 37.16 -38.74 0.81
N GLY K 222 38.40 -38.50 0.35
CA GLY K 222 39.17 -37.34 0.79
C GLY K 222 39.13 -36.35 -0.36
N CYS K 223 38.60 -35.17 -0.10
CA CYS K 223 38.51 -34.19 -1.19
C CYS K 223 39.17 -32.90 -0.73
N TRP K 224 39.76 -32.13 -1.63
CA TRP K 224 40.30 -30.86 -1.20
C TRP K 224 39.15 -29.86 -1.02
N ASN K 225 39.33 -28.91 -0.11
CA ASN K 225 38.24 -28.03 0.30
C ASN K 225 38.25 -26.77 -0.51
N PRO K 226 37.16 -26.52 -1.28
CA PRO K 226 37.15 -25.36 -2.16
C PRO K 226 37.19 -24.06 -1.32
N ARG K 227 36.89 -24.15 -0.03
CA ARG K 227 37.02 -22.98 0.85
C ARG K 227 38.50 -22.57 0.99
N TYR K 228 39.40 -23.55 0.83
CA TYR K 228 40.84 -23.30 0.94
C TYR K 228 41.25 -22.64 -0.38
N GLY K 229 40.69 -23.12 -1.49
CA GLY K 229 40.80 -22.43 -2.77
C GLY K 229 41.33 -23.29 -3.93
N GLN K 230 42.43 -23.98 -3.70
CA GLN K 230 43.04 -24.97 -4.65
C GLN K 230 43.77 -26.01 -3.78
N PRO K 231 44.28 -27.10 -4.41
CA PRO K 231 44.96 -28.17 -3.66
C PRO K 231 46.22 -27.63 -3.00
N SER K 232 46.32 -27.82 -1.69
CA SER K 232 47.51 -27.34 -0.98
C SER K 232 48.65 -28.29 -1.26
N LYS K 233 49.83 -27.89 -0.86
CA LYS K 233 51.00 -28.74 -1.01
C LYS K 233 50.77 -30.08 -0.39
N TRP K 234 50.07 -30.16 0.76
CA TRP K 234 49.87 -31.46 1.36
C TRP K 234 49.01 -32.34 0.46
N VAL K 235 47.97 -31.78 -0.15
CA VAL K 235 47.10 -32.60 -1.00
C VAL K 235 47.90 -33.19 -2.18
N SER K 236 48.76 -32.35 -2.75
CA SER K 236 49.61 -32.78 -3.84
C SER K 236 50.60 -33.87 -3.41
N GLN K 237 51.08 -33.81 -2.16
CA GLN K 237 51.92 -34.92 -1.67
C GLN K 237 51.17 -36.26 -1.63
N ILE K 238 49.88 -36.19 -1.25
CA ILE K 238 49.07 -37.37 -1.18
C ILE K 238 48.85 -37.91 -2.58
N ASN K 239 48.56 -37.01 -3.54
CA ASN K 239 48.41 -37.43 -4.93
C ASN K 239 49.69 -38.12 -5.46
N ALA K 240 50.84 -37.54 -5.15
CA ALA K 240 52.14 -38.09 -5.63
C ALA K 240 52.41 -39.45 -4.99
N HIS K 241 52.02 -39.58 -3.73
CA HIS K 241 52.25 -40.81 -2.98
C HIS K 241 51.42 -42.01 -3.50
N PHE K 242 50.17 -41.76 -3.82
CA PHE K 242 49.27 -42.81 -4.31
C PHE K 242 49.06 -42.79 -5.84
N GLU K 243 49.73 -41.89 -6.55
CA GLU K 243 49.48 -41.69 -7.97
C GLU K 243 48.01 -41.45 -8.28
N CYS K 244 47.37 -40.58 -7.50
CA CYS K 244 45.93 -40.36 -7.64
C CYS K 244 45.68 -38.87 -7.90
N ASN K 245 44.40 -38.50 -7.94
CA ASN K 245 44.03 -37.15 -8.36
C ASN K 245 42.85 -36.70 -7.51
N ILE K 246 43.12 -36.27 -6.29
CA ILE K 246 42.07 -35.87 -5.35
C ILE K 246 41.26 -34.72 -5.94
N HIS K 247 39.92 -34.84 -5.90
CA HIS K 247 39.03 -33.82 -6.48
C HIS K 247 38.56 -32.83 -5.42
N SER K 248 38.02 -31.67 -5.80
CA SER K 248 37.46 -30.85 -4.75
C SER K 248 36.02 -31.21 -4.39
N ARG K 249 35.63 -30.76 -3.22
CA ARG K 249 34.25 -31.03 -2.79
C ARG K 249 33.26 -30.44 -3.80
N ARG K 250 33.62 -29.30 -4.39
CA ARG K 250 32.76 -28.66 -5.39
C ARG K 250 32.59 -29.57 -6.61
N GLU K 251 33.69 -30.22 -7.02
CA GLU K 251 33.61 -31.18 -8.12
C GLU K 251 32.75 -32.40 -7.85
N TYR K 252 32.89 -33.00 -6.67
CA TYR K 252 31.94 -34.06 -6.29
C TYR K 252 30.48 -33.69 -6.48
N LEU K 253 30.08 -32.54 -5.94
CA LEU K 253 28.64 -32.12 -6.00
C LEU K 253 28.17 -31.75 -7.40
N ARG K 254 29.06 -31.12 -8.16
CA ARG K 254 28.74 -30.74 -9.52
C ARG K 254 28.54 -32.00 -10.38
N ALA K 255 29.46 -32.96 -10.24
CA ALA K 255 29.35 -34.19 -11.02
C ALA K 255 28.10 -34.98 -10.64
N MET K 256 27.74 -34.99 -9.35
CA MET K 256 26.49 -35.68 -9.00
C MET K 256 25.29 -34.99 -9.63
N ALA K 257 25.25 -33.67 -9.51
CA ALA K 257 24.10 -32.89 -10.03
C ALA K 257 23.97 -33.06 -11.53
N ASP K 258 25.09 -33.23 -12.23
CA ASP K 258 25.07 -33.45 -13.67
C ASP K 258 24.66 -34.87 -14.08
N ASN K 259 24.52 -35.78 -13.12
CA ASN K 259 24.30 -37.21 -13.41
C ASN K 259 23.20 -37.91 -12.57
N ARG K 260 22.16 -37.18 -12.21
CA ARG K 260 21.02 -37.87 -11.54
C ARG K 260 21.28 -38.42 -10.11
N LEU K 261 22.42 -38.09 -9.50
CA LEU K 261 22.64 -38.43 -8.09
C LEU K 261 22.35 -37.18 -7.22
N VAL K 262 21.46 -37.30 -6.24
CA VAL K 262 21.09 -36.16 -5.41
C VAL K 262 21.40 -36.51 -3.96
N PRO K 263 22.47 -35.92 -3.42
CA PRO K 263 22.78 -36.10 -2.01
C PRO K 263 21.60 -35.88 -1.05
N HIS K 264 21.44 -36.80 -0.10
CA HIS K 264 20.51 -36.69 1.02
C HIS K 264 21.22 -36.50 2.36
N THR K 265 22.50 -36.88 2.40
CA THR K 265 23.36 -36.66 3.54
C THR K 265 24.76 -36.32 3.11
N ILE K 266 25.34 -35.31 3.75
CA ILE K 266 26.76 -35.06 3.58
C ILE K 266 27.34 -34.82 4.96
N VAL K 267 28.38 -35.58 5.31
CA VAL K 267 28.95 -35.42 6.64
C VAL K 267 30.44 -35.16 6.48
N ASP K 268 30.94 -34.10 7.10
CA ASP K 268 32.39 -33.91 7.16
C ASP K 268 32.90 -34.82 8.29
N LEU K 269 33.71 -35.81 7.92
CA LEU K 269 34.22 -36.81 8.84
C LEU K 269 35.65 -36.44 9.27
N THR K 270 36.07 -35.21 9.01
CA THR K 270 37.45 -34.87 9.33
C THR K 270 37.77 -35.06 10.84
N PRO K 271 36.94 -34.49 11.73
CA PRO K 271 37.24 -34.69 13.15
C PRO K 271 37.23 -36.18 13.54
N ASP K 272 36.36 -36.97 12.90
CA ASP K 272 36.24 -38.40 13.20
C ASP K 272 37.38 -39.30 12.72
N THR K 273 38.17 -38.86 11.75
CA THR K 273 39.28 -39.66 11.26
C THR K 273 40.62 -39.17 11.87
N LEU K 274 40.66 -37.96 12.42
CA LEU K 274 41.92 -37.53 13.06
C LEU K 274 42.48 -38.48 14.17
N PRO K 275 41.61 -39.04 15.04
CA PRO K 275 42.14 -39.96 16.06
C PRO K 275 42.81 -41.20 15.47
N TYR K 276 42.17 -41.81 14.46
CA TYR K 276 42.80 -42.92 13.74
C TYR K 276 44.22 -42.56 13.26
N TRP K 277 44.35 -41.41 12.62
CA TRP K 277 45.58 -41.03 12.00
C TRP K 277 46.64 -40.70 13.06
N GLU K 278 46.19 -40.18 14.20
CA GLU K 278 47.16 -39.79 15.25
C GLU K 278 47.72 -41.03 15.94
N LEU K 279 46.87 -42.03 16.07
CA LEU K 279 47.25 -43.31 16.64
C LEU K 279 48.17 -44.02 15.66
N ARG K 280 47.76 -44.03 14.40
CA ARG K 280 48.57 -44.69 13.39
C ARG K 280 49.99 -44.09 13.33
N ALA K 281 50.09 -42.78 13.50
CA ALA K 281 51.36 -42.11 13.35
C ALA K 281 52.35 -42.52 14.43
N THR K 282 51.87 -43.09 15.53
CA THR K 282 52.73 -43.50 16.65
C THR K 282 53.16 -44.94 16.45
N SER K 283 52.60 -45.59 15.44
CA SER K 283 52.80 -47.01 15.27
C SER K 283 54.04 -47.37 14.45
N SER K 284 54.46 -48.63 14.51
CA SER K 284 55.60 -49.06 13.71
C SER K 284 55.22 -49.33 12.25
N LEU K 285 53.93 -49.35 11.96
CA LEU K 285 53.41 -49.62 10.62
C LEU K 285 53.28 -48.39 9.66
N VAL K 286 53.81 -47.24 10.08
CA VAL K 286 53.66 -46.01 9.29
C VAL K 286 54.22 -46.16 7.89
N THR K 287 53.63 -45.44 6.92
CA THR K 287 54.09 -45.50 5.53
C THR K 287 54.76 -44.20 5.15
N GLY K 288 54.65 -43.19 6.01
CA GLY K 288 55.30 -41.93 5.74
C GLY K 288 54.35 -40.84 5.20
N ILE K 289 53.12 -41.20 4.85
CA ILE K 289 52.13 -40.20 4.40
C ILE K 289 51.31 -39.60 5.57
N GLU K 290 51.58 -40.04 6.80
CA GLU K 290 50.77 -39.67 7.95
C GLU K 290 50.77 -38.15 8.15
N LYS K 291 51.94 -37.53 8.01
CA LYS K 291 52.02 -36.09 8.27
C LYS K 291 51.16 -35.27 7.30
N ALA K 292 51.16 -35.66 6.02
CA ALA K 292 50.36 -34.96 5.02
C ALA K 292 48.86 -34.98 5.33
N PHE K 293 48.35 -36.14 5.74
CA PHE K 293 46.92 -36.23 6.09
C PHE K 293 46.64 -35.38 7.31
N ILE K 294 47.43 -35.61 8.36
CA ILE K 294 47.18 -34.91 9.61
C ILE K 294 47.31 -33.40 9.45
N GLU K 295 48.37 -32.91 8.79
CA GLU K 295 48.49 -31.45 8.61
C GLU K 295 47.36 -30.81 7.80
N SER K 296 46.94 -31.50 6.74
CA SER K 296 45.99 -30.91 5.80
C SER K 296 44.57 -30.99 6.40
N TYR K 297 44.30 -32.00 7.21
CA TYR K 297 43.04 -32.07 7.94
C TYR K 297 42.97 -30.89 8.94
N ARG K 298 44.04 -30.68 9.67
CA ARG K 298 44.06 -29.66 10.71
C ARG K 298 44.04 -28.23 10.12
N ASP K 299 44.69 -28.03 8.98
CA ASP K 299 44.75 -26.69 8.37
C ASP K 299 43.56 -26.34 7.48
N GLY K 300 42.70 -27.32 7.22
CA GLY K 300 41.44 -27.07 6.51
C GLY K 300 41.56 -27.23 5.01
N SER K 301 42.72 -27.67 4.52
CA SER K 301 42.91 -27.67 3.08
C SER K 301 42.29 -28.96 2.52
N PHE K 302 42.13 -29.95 3.36
CA PHE K 302 41.73 -31.28 2.92
C PHE K 302 40.70 -31.82 3.90
N GLN K 303 39.71 -32.59 3.41
CA GLN K 303 38.67 -33.07 4.33
C GLN K 303 38.25 -34.47 3.95
N TYR K 304 37.74 -35.21 4.92
CA TYR K 304 37.35 -36.58 4.70
C TYR K 304 35.85 -36.50 4.87
N VAL K 305 35.07 -36.93 3.87
CA VAL K 305 33.64 -36.60 3.81
C VAL K 305 32.86 -37.84 3.36
N LEU K 306 31.64 -37.97 3.87
CA LEU K 306 30.72 -38.96 3.34
C LEU K 306 29.65 -38.21 2.58
N ILE K 307 29.33 -38.69 1.38
CA ILE K 307 28.22 -38.13 0.63
C ILE K 307 27.38 -39.33 0.23
N ALA K 308 26.11 -39.29 0.62
CA ALA K 308 25.18 -40.37 0.27
C ALA K 308 24.07 -39.76 -0.56
N ALA K 309 23.70 -40.43 -1.65
CA ALA K 309 22.81 -39.84 -2.64
C ALA K 309 21.77 -40.83 -3.15
N ASP K 310 20.65 -40.30 -3.62
CA ASP K 310 19.64 -41.12 -4.29
C ASP K 310 19.85 -41.02 -5.80
N ARG K 311 19.60 -42.11 -6.54
CA ARG K 311 19.62 -42.04 -8.00
C ARG K 311 18.18 -41.79 -8.41
N VAL K 312 17.92 -40.61 -9.00
CA VAL K 312 16.54 -40.20 -9.25
C VAL K 312 16.28 -40.05 -10.74
N PRO L 35 20.32 -46.00 -48.49
CA PRO L 35 19.33 -45.55 -47.50
C PRO L 35 18.62 -44.30 -47.98
N ALA L 36 17.34 -44.17 -47.63
CA ALA L 36 16.60 -42.97 -47.99
C ALA L 36 17.31 -41.76 -47.39
N PRO L 37 17.28 -40.59 -48.08
CA PRO L 37 17.88 -39.38 -47.50
C PRO L 37 17.31 -39.05 -46.12
N ALA L 38 18.20 -38.58 -45.24
CA ALA L 38 17.82 -38.32 -43.87
C ALA L 38 16.94 -37.07 -43.79
N THR L 39 17.17 -36.12 -44.69
CA THR L 39 16.43 -34.86 -44.64
C THR L 39 16.39 -34.32 -46.05
N PRO L 40 15.51 -33.32 -46.30
CA PRO L 40 15.53 -32.70 -47.64
C PRO L 40 16.89 -32.18 -47.99
N TYR L 41 17.55 -31.53 -47.04
CA TYR L 41 18.84 -30.95 -47.32
C TYR L 41 19.86 -32.01 -47.73
N GLN L 42 19.90 -33.12 -47.03
CA GLN L 42 20.88 -34.14 -47.44
C GLN L 42 20.50 -34.73 -48.80
N GLU L 43 19.22 -34.68 -49.15
CA GLU L 43 18.85 -35.07 -50.53
C GLU L 43 19.47 -34.10 -51.54
N ASP L 44 19.41 -32.82 -51.25
CA ASP L 44 20.02 -31.84 -52.16
C ASP L 44 21.50 -32.12 -52.32
N ILE L 45 22.14 -32.50 -51.21
CA ILE L 45 23.59 -32.67 -51.23
C ILE L 45 23.90 -33.97 -51.97
N ALA L 46 23.11 -35.01 -51.78
CA ALA L 46 23.33 -36.23 -52.60
C ALA L 46 23.20 -35.90 -54.10
N ARG L 47 22.16 -35.15 -54.45
CA ARG L 47 21.97 -34.75 -55.86
C ARG L 47 23.17 -33.94 -56.41
N TYR L 48 23.59 -32.94 -55.65
CA TYR L 48 24.74 -32.11 -56.05
C TYR L 48 25.91 -33.00 -56.46
N TRP L 49 26.27 -33.94 -55.59
CA TRP L 49 27.47 -34.74 -55.81
C TRP L 49 27.28 -35.86 -56.82
N ASN L 50 26.05 -36.35 -56.96
CA ASN L 50 25.73 -37.31 -58.02
C ASN L 50 25.90 -36.67 -59.41
N ASN L 51 25.57 -35.39 -59.50
CA ASN L 51 25.73 -34.64 -60.76
C ASN L 51 27.10 -34.02 -61.06
N GLU L 52 27.99 -33.94 -60.07
CA GLU L 52 29.26 -33.22 -60.27
C GLU L 52 30.31 -34.03 -61.03
N ALA L 53 30.92 -33.39 -62.03
CA ALA L 53 32.07 -33.97 -62.75
C ALA L 53 32.97 -32.88 -63.38
N ARG L 54 33.46 -31.96 -62.56
CA ARG L 54 34.17 -30.79 -63.07
C ARG L 54 35.60 -31.19 -63.44
N PRO L 55 36.10 -30.70 -64.58
CA PRO L 55 37.47 -30.94 -65.05
C PRO L 55 38.52 -30.57 -64.00
N VAL L 56 38.30 -29.49 -63.24
CA VAL L 56 39.29 -29.10 -62.23
C VAL L 56 39.44 -30.18 -61.14
N ASN L 57 38.53 -31.15 -61.08
CA ASN L 57 38.67 -32.29 -60.16
C ASN L 57 39.12 -33.54 -60.91
N LEU L 58 38.49 -33.82 -62.05
CA LEU L 58 38.80 -35.06 -62.77
C LEU L 58 40.17 -35.03 -63.47
N ARG L 59 40.50 -33.92 -64.14
CA ARG L 59 41.79 -33.82 -64.82
C ARG L 59 42.95 -33.84 -63.83
N LEU L 60 42.75 -33.26 -62.65
CA LEU L 60 43.76 -33.31 -61.61
C LEU L 60 43.96 -34.73 -61.12
N GLY L 61 42.84 -35.41 -60.87
CA GLY L 61 42.92 -36.76 -60.34
C GLY L 61 43.55 -37.71 -61.35
N ASP L 62 43.32 -37.46 -62.63
CA ASP L 62 43.86 -38.31 -63.71
C ASP L 62 45.39 -38.39 -63.72
N VAL L 63 46.04 -37.37 -63.15
CA VAL L 63 47.50 -37.35 -63.11
C VAL L 63 48.07 -38.63 -62.48
N ASP L 64 47.53 -39.06 -61.34
CA ASP L 64 48.08 -40.24 -60.65
C ASP L 64 47.03 -41.11 -60.00
N GLY L 65 45.76 -40.92 -60.36
CA GLY L 65 44.72 -41.81 -59.88
C GLY L 65 44.23 -41.54 -58.47
N LEU L 66 44.52 -40.34 -57.93
CA LEU L 66 44.05 -39.96 -56.62
C LEU L 66 43.09 -38.80 -56.81
N TYR L 67 41.81 -39.09 -56.58
CA TYR L 67 40.75 -38.17 -56.91
C TYR L 67 40.32 -37.46 -55.66
N HIS L 68 40.63 -36.16 -55.61
CA HIS L 68 40.38 -35.33 -54.45
C HIS L 68 39.31 -34.31 -54.75
N HIS L 69 38.58 -33.93 -53.69
CA HIS L 69 37.68 -32.77 -53.68
C HIS L 69 37.99 -31.88 -52.48
N HIS L 70 39.15 -31.26 -52.51
CA HIS L 70 39.56 -30.35 -51.47
C HIS L 70 40.71 -29.49 -52.02
N TYR L 71 41.10 -28.46 -51.29
CA TYR L 71 42.04 -27.47 -51.80
C TYR L 71 43.49 -27.75 -51.38
N GLY L 72 44.44 -26.97 -51.88
CA GLY L 72 45.85 -27.32 -51.64
C GLY L 72 46.58 -26.44 -50.65
N ILE L 73 47.72 -26.92 -50.18
CA ILE L 73 48.52 -26.07 -49.30
C ILE L 73 50.00 -26.21 -49.70
N GLY L 74 50.81 -25.20 -49.35
CA GLY L 74 52.23 -25.31 -49.56
C GLY L 74 52.69 -24.32 -50.62
N PRO L 75 54.00 -24.03 -50.63
CA PRO L 75 54.51 -23.08 -51.64
C PRO L 75 54.44 -23.66 -53.05
N VAL L 76 54.23 -22.79 -54.03
CA VAL L 76 54.16 -23.24 -55.41
C VAL L 76 55.56 -23.45 -56.00
N ASP L 77 55.77 -24.60 -56.65
CA ASP L 77 56.99 -24.86 -57.41
C ASP L 77 56.93 -24.10 -58.76
N ARG L 78 57.50 -22.90 -58.82
CA ARG L 78 57.31 -22.05 -60.00
C ARG L 78 58.17 -22.49 -61.21
N ALA L 79 59.30 -23.13 -60.91
CA ALA L 79 60.06 -23.77 -61.96
C ALA L 79 59.21 -24.83 -62.62
N ALA L 80 58.32 -25.47 -61.86
CA ALA L 80 57.50 -26.54 -62.44
C ALA L 80 56.51 -26.00 -63.47
N LEU L 81 56.46 -24.66 -63.60
CA LEU L 81 55.40 -23.97 -64.36
C LEU L 81 55.86 -23.45 -65.70
N GLY L 82 56.99 -22.73 -65.68
CA GLY L 82 57.57 -22.14 -66.89
C GLY L 82 56.80 -20.91 -67.34
N ASP L 83 56.94 -20.57 -68.63
CA ASP L 83 56.23 -19.41 -69.21
C ASP L 83 54.75 -19.71 -69.35
N PRO L 84 53.91 -18.87 -68.72
CA PRO L 84 52.46 -19.01 -68.67
C PRO L 84 51.88 -19.01 -70.08
N GLU L 85 52.69 -18.55 -71.03
CA GLU L 85 52.25 -18.40 -72.41
C GLU L 85 52.55 -19.67 -73.18
N HIS L 86 53.51 -20.44 -72.68
CA HIS L 86 53.91 -21.67 -73.35
C HIS L 86 52.70 -22.59 -73.50
N SER L 87 52.70 -23.44 -74.52
CA SER L 87 51.54 -24.29 -74.78
C SER L 87 51.35 -25.36 -73.71
N GLU L 88 52.41 -25.62 -72.95
CA GLU L 88 52.38 -26.68 -71.94
C GLU L 88 51.93 -26.19 -70.56
N TYR L 89 51.62 -24.90 -70.48
CA TYR L 89 51.34 -24.29 -69.20
C TYR L 89 50.13 -24.92 -68.52
N GLU L 90 49.02 -25.05 -69.24
CA GLU L 90 47.81 -25.59 -68.63
C GLU L 90 48.09 -26.94 -67.98
N LYS L 91 48.85 -27.79 -68.66
CA LYS L 91 49.19 -29.09 -68.08
C LYS L 91 50.13 -29.04 -66.88
N LYS L 92 51.13 -28.14 -66.92
CA LYS L 92 52.00 -27.97 -65.77
C LYS L 92 51.22 -27.51 -64.53
N VAL L 93 50.27 -26.61 -64.74
CA VAL L 93 49.46 -26.08 -63.65
C VAL L 93 48.55 -27.17 -63.08
N ILE L 94 47.95 -27.98 -63.95
CA ILE L 94 47.17 -29.11 -63.48
C ILE L 94 47.98 -30.02 -62.58
N ALA L 95 49.19 -30.35 -63.00
CA ALA L 95 50.01 -31.23 -62.17
C ALA L 95 50.39 -30.59 -60.83
N GLU L 96 50.77 -29.32 -60.86
CA GLU L 96 51.15 -28.62 -59.64
C GLU L 96 49.96 -28.43 -58.67
N LEU L 97 48.80 -28.04 -59.19
CA LEU L 97 47.62 -27.92 -58.32
C LEU L 97 47.31 -29.28 -57.71
N HIS L 98 47.37 -30.35 -58.52
CA HIS L 98 47.16 -31.69 -57.97
C HIS L 98 48.18 -32.00 -56.85
N ARG L 99 49.44 -31.67 -57.09
CA ARG L 99 50.46 -31.88 -56.06
C ARG L 99 50.08 -31.18 -54.76
N LEU L 100 49.63 -29.92 -54.84
CA LEU L 100 49.26 -29.21 -53.62
C LEU L 100 48.03 -29.81 -52.92
N GLU L 101 47.04 -30.28 -53.67
CA GLU L 101 45.89 -30.97 -53.02
C GLU L 101 46.29 -32.28 -52.37
N SER L 102 47.22 -33.02 -52.97
CA SER L 102 47.72 -34.20 -52.30
C SER L 102 48.55 -33.85 -51.07
N ALA L 103 49.28 -32.75 -51.15
CA ALA L 103 50.03 -32.30 -49.99
C ALA L 103 49.14 -31.96 -48.78
N GLN L 104 47.96 -31.42 -49.06
CA GLN L 104 47.00 -31.04 -48.00
C GLN L 104 46.58 -32.31 -47.27
N ALA L 105 46.29 -33.37 -48.04
CA ALA L 105 45.85 -34.66 -47.46
C ALA L 105 46.96 -35.33 -46.66
N GLU L 106 48.18 -35.28 -47.18
CA GLU L 106 49.32 -35.82 -46.45
C GLU L 106 49.47 -35.05 -45.12
N PHE L 107 49.21 -33.75 -45.13
CA PHE L 107 49.38 -32.97 -43.91
C PHE L 107 48.28 -33.35 -42.92
N LEU L 108 47.06 -33.54 -43.41
CA LEU L 108 46.02 -34.02 -42.54
C LEU L 108 46.48 -35.35 -41.91
N MET L 109 46.94 -36.30 -42.72
CA MET L 109 47.35 -37.60 -42.16
C MET L 109 48.54 -37.58 -41.20
N ASP L 110 49.36 -36.53 -41.27
CA ASP L 110 50.45 -36.31 -40.31
C ASP L 110 49.90 -36.10 -38.87
N HIS L 111 48.61 -35.78 -38.75
CA HIS L 111 47.98 -35.57 -37.43
C HIS L 111 47.09 -36.70 -36.94
N LEU L 112 47.12 -37.85 -37.62
CA LEU L 112 46.23 -38.97 -37.27
C LEU L 112 46.88 -39.97 -36.31
N GLY L 113 48.11 -39.67 -35.91
CA GLY L 113 48.90 -40.56 -35.09
C GLY L 113 49.30 -41.83 -35.80
N GLN L 114 49.66 -42.83 -35.02
CA GLN L 114 50.11 -44.08 -35.60
C GLN L 114 48.86 -44.93 -35.84
N ALA L 115 48.86 -45.64 -36.94
CA ALA L 115 47.82 -46.62 -37.21
C ALA L 115 48.47 -47.67 -38.08
N GLY L 116 47.92 -48.87 -38.07
CA GLY L 116 48.52 -49.95 -38.82
C GLY L 116 47.43 -50.82 -39.38
N PRO L 117 47.81 -52.00 -39.90
CA PRO L 117 46.90 -52.91 -40.60
C PRO L 117 45.79 -53.46 -39.75
N ASP L 118 45.95 -53.43 -38.43
CA ASP L 118 44.89 -53.95 -37.57
C ASP L 118 43.82 -52.89 -37.24
N ASP L 119 44.02 -51.66 -37.69
CA ASP L 119 43.15 -50.53 -37.29
C ASP L 119 42.12 -50.23 -38.35
N THR L 120 41.00 -49.62 -37.94
CA THR L 120 39.99 -49.09 -38.85
C THR L 120 40.06 -47.57 -38.78
N LEU L 121 40.16 -46.94 -39.95
CA LEU L 121 40.15 -45.46 -40.09
C LEU L 121 38.87 -45.08 -40.82
N VAL L 122 38.28 -43.95 -40.47
CA VAL L 122 37.04 -43.54 -41.14
C VAL L 122 37.18 -42.18 -41.81
N ASP L 123 36.81 -42.10 -43.08
CA ASP L 123 36.79 -40.87 -43.84
C ASP L 123 35.33 -40.43 -43.90
N ALA L 124 34.99 -39.42 -43.12
CA ALA L 124 33.60 -38.97 -43.04
C ALA L 124 33.31 -37.95 -44.15
N GLY L 125 32.49 -38.31 -45.15
CA GLY L 125 32.23 -37.42 -46.29
C GLY L 125 33.34 -37.60 -47.33
N CYS L 126 33.44 -38.78 -47.95
CA CYS L 126 34.73 -39.20 -48.52
C CYS L 126 34.94 -38.89 -49.99
N GLY L 127 33.97 -38.23 -50.66
CA GLY L 127 34.11 -37.84 -52.06
C GLY L 127 34.45 -39.06 -52.91
N ARG L 128 35.38 -38.90 -53.85
CA ARG L 128 35.73 -39.99 -54.76
C ARG L 128 36.77 -41.01 -54.24
N GLY L 129 37.27 -40.81 -53.02
CA GLY L 129 38.12 -41.82 -52.42
C GLY L 129 39.63 -41.55 -52.38
N GLY L 130 40.07 -40.43 -52.94
CA GLY L 130 41.50 -40.19 -53.04
C GLY L 130 42.21 -40.23 -51.69
N SER L 131 41.59 -39.66 -50.65
CA SER L 131 42.25 -39.66 -49.33
C SER L 131 42.26 -41.07 -48.74
N MET L 132 41.23 -41.86 -49.05
CA MET L 132 41.16 -43.22 -48.54
C MET L 132 42.30 -44.04 -49.11
N VAL L 133 42.50 -43.94 -50.43
CA VAL L 133 43.64 -44.62 -51.06
C VAL L 133 44.95 -44.22 -50.38
N MET L 134 45.16 -42.92 -50.20
CA MET L 134 46.41 -42.46 -49.58
C MET L 134 46.60 -42.99 -48.19
N ALA L 135 45.50 -43.01 -47.43
CA ALA L 135 45.62 -43.41 -46.04
C ALA L 135 45.97 -44.90 -46.00
N HIS L 136 45.37 -45.68 -46.89
CA HIS L 136 45.67 -47.13 -46.87
C HIS L 136 47.13 -47.38 -47.24
N ARG L 137 47.62 -46.62 -48.21
CA ARG L 137 49.02 -46.71 -48.59
C ARG L 137 49.94 -46.31 -47.47
N ARG L 138 49.58 -45.29 -46.70
CA ARG L 138 50.50 -44.83 -45.64
C ARG L 138 50.50 -45.76 -44.42
N PHE L 139 49.31 -46.23 -44.03
CA PHE L 139 49.14 -46.92 -42.75
C PHE L 139 48.86 -48.43 -42.88
N GLY L 140 48.35 -48.88 -44.02
CA GLY L 140 47.96 -50.27 -44.20
C GLY L 140 46.64 -50.67 -43.55
N SER L 141 45.96 -49.69 -42.95
CA SER L 141 44.72 -49.93 -42.24
C SER L 141 43.53 -50.27 -43.13
N ARG L 142 42.46 -50.76 -42.50
CA ARG L 142 41.15 -50.79 -43.14
C ARG L 142 40.69 -49.33 -43.18
N VAL L 143 40.22 -48.86 -44.32
CA VAL L 143 39.68 -47.51 -44.41
C VAL L 143 38.25 -47.56 -44.91
N GLU L 144 37.32 -47.03 -44.12
CA GLU L 144 35.92 -47.00 -44.51
C GLU L 144 35.48 -45.57 -44.75
N GLY L 145 34.82 -45.33 -45.86
CA GLY L 145 34.39 -43.99 -46.23
C GLY L 145 32.90 -43.92 -46.32
N VAL L 146 32.33 -42.76 -45.97
CA VAL L 146 30.91 -42.59 -46.14
C VAL L 146 30.69 -41.29 -46.92
N THR L 147 29.75 -41.38 -47.88
CA THR L 147 29.40 -40.26 -48.73
C THR L 147 27.92 -40.33 -48.99
N LEU L 148 27.31 -39.19 -49.26
CA LEU L 148 25.89 -39.20 -49.61
C LEU L 148 25.65 -39.59 -51.04
N SER L 149 26.72 -39.60 -51.86
CA SER L 149 26.59 -39.83 -53.31
C SER L 149 26.87 -41.28 -53.75
N ALA L 150 25.87 -41.96 -54.34
CA ALA L 150 26.10 -43.31 -54.90
C ALA L 150 27.08 -43.26 -56.05
N ALA L 151 27.06 -42.21 -56.87
CA ALA L 151 28.04 -42.11 -57.95
C ALA L 151 29.46 -42.05 -57.40
N GLN L 152 29.67 -41.25 -56.34
CA GLN L 152 31.00 -41.19 -55.73
C GLN L 152 31.45 -42.50 -55.07
N ALA L 153 30.55 -43.12 -54.32
CA ALA L 153 30.85 -44.41 -53.71
C ALA L 153 31.23 -45.41 -54.82
N ASP L 154 30.44 -45.48 -55.89
CA ASP L 154 30.75 -46.44 -56.98
C ASP L 154 32.11 -46.15 -57.58
N PHE L 155 32.40 -44.87 -57.79
CA PHE L 155 33.68 -44.43 -58.32
C PHE L 155 34.85 -44.91 -57.44
N GLY L 156 34.78 -44.63 -56.13
CA GLY L 156 35.90 -44.95 -55.25
C GLY L 156 36.03 -46.47 -55.11
N ASN L 157 34.91 -47.19 -55.21
CA ASN L 157 35.00 -48.62 -55.03
C ASN L 157 35.61 -49.27 -56.29
N ARG L 158 35.25 -48.76 -57.47
CA ARG L 158 35.90 -49.11 -58.72
C ARG L 158 37.42 -48.89 -58.61
N ARG L 159 37.79 -47.70 -58.17
CA ARG L 159 39.21 -47.40 -57.99
C ARG L 159 39.89 -48.39 -57.01
N ALA L 160 39.21 -48.76 -55.93
CA ALA L 160 39.85 -49.59 -54.94
C ALA L 160 40.08 -50.96 -55.55
N ARG L 161 39.08 -51.42 -56.31
CA ARG L 161 39.22 -52.68 -57.07
C ARG L 161 40.34 -52.62 -58.08
N GLU L 162 40.40 -51.53 -58.84
CA GLU L 162 41.48 -51.42 -59.82
C GLU L 162 42.82 -51.59 -59.16
N LEU L 163 42.99 -50.96 -58.00
CA LEU L 163 44.27 -51.02 -57.28
C LEU L 163 44.41 -52.27 -56.42
N ARG L 164 43.40 -53.13 -56.38
CA ARG L 164 43.45 -54.39 -55.63
C ARG L 164 43.57 -54.17 -54.11
N ILE L 165 42.89 -53.14 -53.61
CA ILE L 165 42.85 -52.88 -52.19
C ILE L 165 41.41 -52.83 -51.69
N ASP L 166 40.49 -53.37 -52.49
CA ASP L 166 39.09 -53.40 -52.12
C ASP L 166 38.82 -54.27 -50.89
N ASP L 167 39.75 -55.15 -50.53
CA ASP L 167 39.58 -55.90 -49.28
C ASP L 167 39.84 -55.01 -48.05
N HIS L 168 40.43 -53.85 -48.29
CA HIS L 168 40.78 -52.95 -47.20
C HIS L 168 40.09 -51.61 -47.25
N VAL L 169 39.77 -51.16 -48.45
CA VAL L 169 39.24 -49.81 -48.65
C VAL L 169 37.82 -49.93 -49.21
N ARG L 170 36.83 -49.32 -48.55
CA ARG L 170 35.46 -49.39 -49.06
C ARG L 170 34.73 -48.09 -48.77
N SER L 171 33.98 -47.60 -49.76
CA SER L 171 33.05 -46.47 -49.57
C SER L 171 31.62 -46.96 -49.54
N ARG L 172 30.77 -46.38 -48.68
CA ARG L 172 29.35 -46.67 -48.71
C ARG L 172 28.53 -45.37 -48.75
N VAL L 173 27.28 -45.48 -49.20
CA VAL L 173 26.36 -44.34 -49.20
C VAL L 173 25.74 -44.35 -47.82
N CYS L 174 26.10 -43.37 -47.00
CA CYS L 174 25.66 -43.40 -45.61
C CYS L 174 25.81 -41.98 -45.04
N ASN L 175 24.83 -41.54 -44.28
CA ASN L 175 24.87 -40.21 -43.62
C ASN L 175 25.92 -40.29 -42.50
N MET L 176 26.90 -39.40 -42.54
CA MET L 176 27.99 -39.51 -41.57
C MET L 176 27.57 -39.18 -40.13
N LEU L 177 26.38 -38.63 -39.94
CA LEU L 177 25.87 -38.40 -38.57
C LEU L 177 25.28 -39.67 -37.94
N ASP L 178 25.09 -40.73 -38.74
CA ASP L 178 24.39 -41.94 -38.29
C ASP L 178 24.99 -43.15 -39.01
N THR L 179 26.19 -43.55 -38.61
CA THR L 179 26.91 -44.58 -39.36
C THR L 179 26.77 -45.94 -38.65
N PRO L 180 27.09 -47.03 -39.36
CA PRO L 180 26.94 -48.37 -38.76
C PRO L 180 28.13 -48.79 -37.89
N PHE L 181 29.17 -47.95 -37.79
CA PHE L 181 30.37 -48.35 -37.05
C PHE L 181 30.08 -48.56 -35.58
N ASP L 182 30.65 -49.62 -35.03
CA ASP L 182 30.41 -49.93 -33.61
C ASP L 182 31.08 -48.91 -32.68
N LYS L 183 30.49 -48.73 -31.51
CA LYS L 183 31.05 -47.81 -30.52
C LYS L 183 32.50 -48.19 -30.22
N GLY L 184 33.40 -47.21 -30.29
CA GLY L 184 34.81 -47.40 -29.93
C GLY L 184 35.57 -48.31 -30.89
N ALA L 185 35.05 -48.55 -32.09
CA ALA L 185 35.70 -49.51 -33.00
C ALA L 185 36.77 -48.85 -33.86
N VAL L 186 36.78 -47.52 -33.95
CA VAL L 186 37.59 -46.80 -34.96
C VAL L 186 38.79 -46.17 -34.28
N THR L 187 39.96 -46.32 -34.89
CA THR L 187 41.19 -45.76 -34.34
C THR L 187 41.37 -44.26 -34.59
N ALA L 188 41.08 -43.82 -35.80
CA ALA L 188 41.25 -42.41 -36.20
C ALA L 188 40.28 -42.11 -37.30
N SER L 189 39.85 -40.85 -37.39
CA SER L 189 38.86 -40.49 -38.39
C SER L 189 39.04 -39.03 -38.73
N TRP L 190 38.42 -38.63 -39.84
CA TRP L 190 38.57 -37.23 -40.24
C TRP L 190 37.41 -36.76 -41.13
N ASN L 191 37.31 -35.45 -41.22
CA ASN L 191 36.51 -34.74 -42.22
C ASN L 191 37.47 -33.86 -42.97
N ASN L 192 37.65 -34.16 -44.26
CA ASN L 192 38.45 -33.26 -45.08
C ASN L 192 37.48 -32.40 -45.92
N GLU L 193 37.36 -31.14 -45.54
CA GLU L 193 36.39 -30.24 -46.13
C GLU L 193 35.02 -30.87 -46.35
N SER L 194 34.40 -31.39 -45.29
CA SER L 194 33.04 -31.87 -45.42
C SER L 194 32.19 -31.52 -44.19
N THR L 195 32.74 -30.75 -43.26
CA THR L 195 31.98 -30.47 -42.05
C THR L 195 30.94 -29.37 -42.29
N MET L 196 31.07 -28.58 -43.36
CA MET L 196 30.15 -27.49 -43.61
C MET L 196 28.83 -27.99 -44.24
N TYR L 197 28.59 -29.30 -44.22
CA TYR L 197 27.25 -29.81 -44.66
C TYR L 197 26.43 -30.35 -43.48
N VAL L 198 26.94 -30.19 -42.27
CA VAL L 198 26.25 -30.83 -41.13
C VAL L 198 26.32 -29.97 -39.89
N ASP L 199 25.41 -30.24 -38.95
CA ASP L 199 25.46 -29.68 -37.63
C ASP L 199 26.68 -30.24 -36.91
N LEU L 200 27.53 -29.37 -36.39
CA LEU L 200 28.76 -29.86 -35.79
C LEU L 200 28.59 -30.65 -34.50
N HIS L 201 27.63 -30.26 -33.67
CA HIS L 201 27.43 -31.03 -32.44
C HIS L 201 27.08 -32.48 -32.78
N ASP L 202 26.18 -32.63 -33.75
CA ASP L 202 25.78 -33.97 -34.19
C ASP L 202 26.94 -34.70 -34.81
N LEU L 203 27.74 -34.00 -35.62
CA LEU L 203 28.89 -34.65 -36.23
C LEU L 203 29.91 -35.17 -35.22
N PHE L 204 30.31 -34.33 -34.27
CA PHE L 204 31.35 -34.74 -33.34
C PHE L 204 30.82 -35.74 -32.30
N SER L 205 29.52 -35.66 -32.03
CA SER L 205 28.90 -36.71 -31.18
C SER L 205 29.10 -38.07 -31.86
N GLU L 206 28.97 -38.08 -33.19
CA GLU L 206 29.00 -39.37 -33.90
C GLU L 206 30.44 -39.87 -33.98
N HIS L 207 31.39 -38.98 -34.28
CA HIS L 207 32.79 -39.38 -34.24
C HIS L 207 33.20 -39.85 -32.84
N SER L 208 32.80 -39.10 -31.81
CA SER L 208 33.20 -39.47 -30.46
C SER L 208 32.61 -40.84 -30.12
N ARG L 209 31.48 -41.21 -30.71
CA ARG L 209 30.83 -42.50 -30.43
C ARG L 209 31.66 -43.63 -31.02
N PHE L 210 32.01 -43.51 -32.30
CA PHE L 210 32.76 -44.60 -32.92
C PHE L 210 34.23 -44.62 -32.65
N LEU L 211 34.83 -43.49 -32.24
CA LEU L 211 36.26 -43.52 -31.97
C LEU L 211 36.55 -44.17 -30.62
N LYS L 212 37.52 -45.07 -30.58
CA LYS L 212 37.94 -45.59 -29.27
C LYS L 212 38.48 -44.48 -28.39
N VAL L 213 38.47 -44.69 -27.09
CA VAL L 213 39.15 -43.77 -26.16
C VAL L 213 40.62 -43.71 -26.54
N GLY L 214 41.18 -42.50 -26.70
CA GLY L 214 42.55 -42.38 -27.17
C GLY L 214 42.63 -42.27 -28.69
N GLY L 215 41.48 -42.39 -29.37
CA GLY L 215 41.43 -42.28 -30.82
C GLY L 215 41.76 -40.87 -31.27
N ARG L 216 42.01 -40.69 -32.57
CA ARG L 216 42.43 -39.42 -33.07
C ARG L 216 41.47 -38.87 -34.15
N TYR L 217 41.22 -37.56 -34.09
CA TYR L 217 40.33 -36.93 -35.06
C TYR L 217 41.04 -35.75 -35.72
N VAL L 218 40.82 -35.54 -37.00
CA VAL L 218 41.40 -34.35 -37.63
C VAL L 218 40.36 -33.78 -38.56
N THR L 219 40.21 -32.45 -38.54
CA THR L 219 39.54 -31.81 -39.66
C THR L 219 40.38 -30.71 -40.33
N ILE L 220 40.24 -30.59 -41.65
CA ILE L 220 40.69 -29.38 -42.34
C ILE L 220 39.41 -28.74 -42.85
N THR L 221 39.20 -27.48 -42.49
CA THR L 221 37.96 -26.88 -42.91
C THR L 221 38.19 -25.41 -43.30
N GLY L 222 37.21 -24.80 -43.98
CA GLY L 222 37.18 -23.36 -44.15
C GLY L 222 36.13 -22.89 -43.15
N CYS L 223 36.49 -21.97 -42.25
CA CYS L 223 35.55 -21.50 -41.23
C CYS L 223 35.52 -19.99 -41.25
N TRP L 224 34.36 -19.38 -41.03
CA TRP L 224 34.35 -17.92 -40.94
C TRP L 224 35.04 -17.48 -39.62
N ASN L 225 35.75 -16.36 -39.66
CA ASN L 225 36.55 -15.98 -38.48
C ASN L 225 35.72 -15.14 -37.51
N PRO L 226 35.49 -15.64 -36.28
CA PRO L 226 34.69 -14.80 -35.38
C PRO L 226 35.30 -13.41 -35.09
N ARG L 227 36.60 -13.21 -35.29
CA ARG L 227 37.18 -11.85 -35.16
C ARG L 227 36.53 -10.87 -36.15
N TYR L 228 36.09 -11.38 -37.29
CA TYR L 228 35.46 -10.53 -38.30
C TYR L 228 34.03 -10.13 -37.82
N GLY L 229 33.37 -11.05 -37.11
CA GLY L 229 32.11 -10.73 -36.43
C GLY L 229 30.93 -11.62 -36.83
N GLN L 230 30.68 -11.68 -38.12
CA GLN L 230 29.64 -12.58 -38.69
C GLN L 230 30.17 -12.94 -40.06
N PRO L 231 29.47 -13.84 -40.76
CA PRO L 231 29.92 -14.23 -42.11
C PRO L 231 29.90 -13.06 -43.10
N SER L 232 31.05 -12.77 -43.75
CA SER L 232 31.09 -11.71 -44.78
C SER L 232 30.30 -12.08 -46.03
N LYS L 233 30.09 -11.10 -46.93
CA LYS L 233 29.41 -11.42 -48.19
C LYS L 233 30.14 -12.55 -48.95
N TRP L 234 31.47 -12.60 -48.86
CA TRP L 234 32.23 -13.65 -49.55
C TRP L 234 31.94 -15.02 -49.02
N VAL L 235 31.84 -15.13 -47.69
CA VAL L 235 31.52 -16.42 -47.12
C VAL L 235 30.16 -16.90 -47.61
N SER L 236 29.21 -15.97 -47.65
CA SER L 236 27.85 -16.30 -48.09
C SER L 236 27.86 -16.69 -49.56
N GLN L 237 28.73 -16.05 -50.35
CA GLN L 237 28.81 -16.42 -51.74
C GLN L 237 29.35 -17.86 -51.92
N ILE L 238 30.32 -18.24 -51.10
CA ILE L 238 30.79 -19.64 -51.06
C ILE L 238 29.68 -20.61 -50.64
N ASN L 239 28.96 -20.27 -49.59
CA ASN L 239 27.82 -21.08 -49.20
C ASN L 239 26.83 -21.26 -50.34
N ALA L 240 26.43 -20.18 -51.00
CA ALA L 240 25.46 -20.35 -52.09
C ALA L 240 25.99 -21.24 -53.23
N HIS L 241 27.29 -21.10 -53.51
CA HIS L 241 27.91 -21.76 -54.63
C HIS L 241 27.95 -23.27 -54.45
N PHE L 242 28.25 -23.70 -53.23
CA PHE L 242 28.32 -25.13 -52.92
C PHE L 242 27.10 -25.68 -52.14
N GLU L 243 26.08 -24.85 -51.92
CA GLU L 243 24.92 -25.21 -51.09
C GLU L 243 25.35 -25.76 -49.73
N CYS L 244 26.34 -25.09 -49.11
CA CYS L 244 26.82 -25.51 -47.80
C CYS L 244 26.55 -24.47 -46.73
N ASN L 245 27.14 -24.72 -45.56
CA ASN L 245 26.84 -23.89 -44.40
C ASN L 245 28.11 -23.72 -43.57
N ILE L 246 29.02 -22.90 -44.09
CA ILE L 246 30.28 -22.64 -43.39
C ILE L 246 30.06 -22.22 -41.91
N HIS L 247 30.73 -22.92 -40.96
CA HIS L 247 30.57 -22.59 -39.55
C HIS L 247 31.67 -21.63 -39.05
N SER L 248 31.44 -20.98 -37.93
CA SER L 248 32.53 -20.18 -37.38
C SER L 248 33.55 -21.01 -36.61
N ARG L 249 34.77 -20.46 -36.47
CA ARG L 249 35.80 -21.20 -35.73
C ARG L 249 35.27 -21.44 -34.29
N ARG L 250 34.50 -20.48 -33.77
CA ARG L 250 33.95 -20.65 -32.40
C ARG L 250 33.06 -21.90 -32.28
N GLU L 251 32.21 -22.10 -33.29
CA GLU L 251 31.36 -23.29 -33.35
C GLU L 251 32.13 -24.60 -33.39
N TYR L 252 33.18 -24.66 -34.18
CA TYR L 252 34.06 -25.87 -34.17
C TYR L 252 34.52 -26.23 -32.79
N LEU L 253 35.10 -25.25 -32.10
CA LEU L 253 35.69 -25.56 -30.80
C LEU L 253 34.64 -25.83 -29.74
N ARG L 254 33.51 -25.12 -29.81
CA ARG L 254 32.39 -25.38 -28.87
C ARG L 254 31.87 -26.82 -29.03
N ALA L 255 31.61 -27.21 -30.29
CA ALA L 255 31.08 -28.52 -30.54
C ALA L 255 32.07 -29.63 -30.18
N MET L 256 33.37 -29.40 -30.34
CA MET L 256 34.34 -30.42 -29.88
C MET L 256 34.37 -30.58 -28.37
N ALA L 257 34.41 -29.46 -27.65
CA ALA L 257 34.43 -29.48 -26.17
C ALA L 257 33.18 -30.12 -25.60
N ASP L 258 32.09 -30.07 -26.36
CA ASP L 258 30.81 -30.64 -25.89
C ASP L 258 30.73 -32.13 -26.19
N ASN L 259 31.70 -32.63 -26.96
CA ASN L 259 31.66 -34.03 -27.39
C ASN L 259 32.95 -34.82 -27.17
N ARG L 260 33.72 -34.45 -26.16
CA ARG L 260 34.87 -35.30 -25.80
C ARG L 260 36.00 -35.31 -26.85
N LEU L 261 36.04 -34.33 -27.76
CA LEU L 261 37.19 -34.20 -28.65
C LEU L 261 37.98 -33.01 -28.15
N VAL L 262 39.25 -33.22 -27.85
CA VAL L 262 40.09 -32.13 -27.25
C VAL L 262 41.25 -31.85 -28.21
N PRO L 263 41.20 -30.69 -28.90
CA PRO L 263 42.28 -30.38 -29.86
C PRO L 263 43.66 -30.43 -29.17
N HIS L 264 44.65 -30.94 -29.90
CA HIS L 264 46.04 -30.90 -29.47
C HIS L 264 46.87 -30.01 -30.41
N THR L 265 46.31 -29.72 -31.59
CA THR L 265 46.97 -28.87 -32.60
C THR L 265 45.89 -28.14 -33.35
N ILE L 266 46.05 -26.82 -33.44
CA ILE L 266 45.26 -25.96 -34.33
C ILE L 266 46.23 -25.10 -35.13
N VAL L 267 46.04 -25.05 -36.44
CA VAL L 267 46.89 -24.20 -37.24
C VAL L 267 46.07 -23.51 -38.29
N ASP L 268 46.27 -22.19 -38.38
CA ASP L 268 45.67 -21.37 -39.41
C ASP L 268 46.51 -21.52 -40.66
N LEU L 269 45.95 -22.26 -41.61
CA LEU L 269 46.60 -22.60 -42.89
C LEU L 269 46.26 -21.56 -43.94
N THR L 270 45.66 -20.43 -43.57
CA THR L 270 45.29 -19.46 -44.56
C THR L 270 46.48 -19.00 -45.44
N PRO L 271 47.60 -18.61 -44.81
CA PRO L 271 48.72 -18.18 -45.68
C PRO L 271 49.24 -19.34 -46.54
N ASP L 272 49.05 -20.57 -46.09
CA ASP L 272 49.57 -21.73 -46.81
C ASP L 272 48.69 -22.17 -48.00
N THR L 273 47.43 -21.74 -48.03
CA THR L 273 46.53 -22.14 -49.11
C THR L 273 46.40 -21.04 -50.17
N LEU L 274 46.74 -19.80 -49.82
CA LEU L 274 46.68 -18.73 -50.80
C LEU L 274 47.52 -18.96 -52.07
N PRO L 275 48.74 -19.53 -51.94
CA PRO L 275 49.48 -19.79 -53.18
C PRO L 275 48.77 -20.75 -54.13
N TYR L 276 48.14 -21.78 -53.59
CA TYR L 276 47.31 -22.68 -54.40
C TYR L 276 46.19 -21.90 -55.10
N TRP L 277 45.54 -20.98 -54.38
CA TRP L 277 44.39 -20.30 -54.97
C TRP L 277 44.84 -19.32 -56.00
N GLU L 278 45.95 -18.67 -55.72
CA GLU L 278 46.49 -17.73 -56.72
C GLU L 278 46.97 -18.40 -58.00
N LEU L 279 47.57 -19.58 -57.90
CA LEU L 279 47.94 -20.36 -59.06
C LEU L 279 46.69 -20.83 -59.79
N ARG L 280 45.71 -21.32 -59.03
CA ARG L 280 44.52 -21.83 -59.65
C ARG L 280 43.83 -20.77 -60.49
N ALA L 281 43.89 -19.54 -60.00
CA ALA L 281 43.23 -18.42 -60.62
C ALA L 281 43.86 -18.16 -62.00
N THR L 282 45.02 -18.77 -62.31
CA THR L 282 45.63 -18.68 -63.66
C THR L 282 45.25 -19.83 -64.60
N SER L 283 44.47 -20.77 -64.09
CA SER L 283 44.11 -21.99 -64.84
C SER L 283 42.86 -21.84 -65.72
N SER L 284 42.86 -22.47 -66.89
CA SER L 284 41.65 -22.45 -67.73
C SER L 284 40.52 -23.23 -67.04
N LEU L 285 40.87 -23.96 -65.97
CA LEU L 285 39.85 -24.77 -65.29
C LEU L 285 39.03 -24.08 -64.19
N VAL L 286 39.28 -22.80 -63.95
CA VAL L 286 38.58 -22.08 -62.87
C VAL L 286 37.06 -22.28 -62.93
N THR L 287 36.42 -22.23 -61.76
CA THR L 287 35.00 -22.54 -61.66
C THR L 287 34.19 -21.26 -61.34
N GLY L 288 34.90 -20.16 -61.06
CA GLY L 288 34.25 -18.87 -60.77
C GLY L 288 34.18 -18.47 -59.29
N ILE L 289 34.59 -19.38 -58.41
CA ILE L 289 34.57 -19.10 -56.96
C ILE L 289 35.91 -18.58 -56.40
N GLU L 290 36.94 -18.53 -57.27
CA GLU L 290 38.30 -18.25 -56.83
C GLU L 290 38.36 -16.90 -56.13
N LYS L 291 37.68 -15.91 -56.70
CA LYS L 291 37.71 -14.56 -56.17
C LYS L 291 37.20 -14.53 -54.73
N ALA L 292 36.07 -15.22 -54.47
CA ALA L 292 35.53 -15.25 -53.08
C ALA L 292 36.55 -15.79 -52.08
N PHE L 293 37.23 -16.88 -52.42
CA PHE L 293 38.17 -17.46 -51.48
C PHE L 293 39.33 -16.50 -51.32
N ILE L 294 39.86 -16.01 -52.44
CA ILE L 294 41.06 -15.18 -52.30
C ILE L 294 40.77 -13.89 -51.54
N GLU L 295 39.66 -13.22 -51.87
CA GLU L 295 39.42 -11.95 -51.16
C GLU L 295 39.08 -12.14 -49.68
N SER L 296 38.39 -13.23 -49.36
CA SER L 296 37.95 -13.44 -47.96
C SER L 296 39.14 -13.90 -47.11
N TYR L 297 40.01 -14.72 -47.70
CA TYR L 297 41.28 -15.04 -47.00
C TYR L 297 42.09 -13.78 -46.73
N ARG L 298 42.17 -12.89 -47.71
CA ARG L 298 42.99 -11.68 -47.57
C ARG L 298 42.41 -10.66 -46.60
N ASP L 299 41.07 -10.56 -46.55
CA ASP L 299 40.44 -9.54 -45.67
C ASP L 299 40.14 -10.03 -44.26
N GLY L 300 40.41 -11.30 -44.02
CA GLY L 300 40.31 -11.85 -42.68
C GLY L 300 38.95 -12.37 -42.29
N SER L 301 37.99 -12.37 -43.21
CA SER L 301 36.64 -12.79 -42.85
C SER L 301 36.55 -14.31 -42.87
N PHE L 302 37.45 -14.96 -43.61
CA PHE L 302 37.36 -16.42 -43.85
C PHE L 302 38.75 -17.02 -43.62
N GLN L 303 38.83 -18.23 -43.04
CA GLN L 303 40.14 -18.81 -42.75
C GLN L 303 40.14 -20.32 -43.03
N TYR L 304 41.31 -20.83 -43.37
CA TYR L 304 41.44 -22.26 -43.68
C TYR L 304 42.23 -22.84 -42.52
N VAL L 305 41.64 -23.81 -41.83
CA VAL L 305 42.21 -24.22 -40.53
C VAL L 305 42.31 -25.77 -40.45
N LEU L 306 43.36 -26.26 -39.78
CA LEU L 306 43.44 -27.66 -39.37
C LEU L 306 43.21 -27.72 -37.87
N ILE L 307 42.31 -28.60 -37.44
CA ILE L 307 42.11 -28.91 -35.98
C ILE L 307 42.27 -30.38 -35.80
N ALA L 308 43.25 -30.77 -34.96
CA ALA L 308 43.49 -32.17 -34.68
C ALA L 308 43.20 -32.41 -33.21
N ALA L 309 42.43 -33.42 -32.90
CA ALA L 309 41.95 -33.57 -31.52
C ALA L 309 42.04 -35.02 -31.06
N ASP L 310 42.19 -35.18 -29.74
CA ASP L 310 42.13 -36.51 -29.13
C ASP L 310 40.68 -36.79 -28.68
N ARG L 311 40.22 -38.03 -28.84
CA ARG L 311 38.96 -38.48 -28.24
C ARG L 311 39.28 -39.02 -26.84
N VAL L 312 38.76 -38.35 -25.81
CA VAL L 312 39.15 -38.65 -24.45
C VAL L 312 37.93 -39.12 -23.68
MG MG M . 13.86 29.07 12.94
N SAH N . 5.61 35.30 15.31
CA SAH N . 7.09 35.20 15.54
CB SAH N . 7.41 34.21 16.68
CG SAH N . 6.98 32.76 16.49
SD SAH N . 7.66 31.84 17.88
C SAH N . 7.84 34.93 14.27
O SAH N . 7.20 34.53 13.26
OXT SAH N . 9.09 35.12 14.24
C5' SAH N . 6.29 31.56 18.97
C4' SAH N . 6.02 32.85 19.81
O4' SAH N . 4.75 32.84 20.48
C3' SAH N . 7.05 33.09 20.94
O3' SAH N . 7.50 34.44 20.88
C2' SAH N . 6.22 33.01 22.24
O2' SAH N . 6.69 33.90 23.27
C1' SAH N . 4.86 33.48 21.74
N9 SAH N . 3.72 33.06 22.59
C8 SAH N . 3.28 31.81 22.86
N7 SAH N . 2.20 31.86 23.67
C5 SAH N . 1.94 33.18 23.88
C6 SAH N . 0.97 33.96 24.63
N6 SAH N . -0.07 33.29 25.39
N1 SAH N . 1.03 35.31 24.64
C2 SAH N . 2.01 36.10 23.93
N3 SAH N . 2.95 35.29 23.23
C4 SAH N . 2.94 33.95 23.18
PA GST O . 13.75 26.29 14.72
O1A GST O . 14.80 26.44 15.78
O2A GST O . 14.07 27.04 13.47
O3A GST O . 13.33 24.87 14.44
O1B GST O . 12.43 26.92 15.31
PB GST O . 11.93 28.43 15.37
O2B GST O . 12.45 29.34 14.30
O3B GST O . 11.95 28.88 16.77
S1 GST O . 9.99 28.03 14.81
C1 GST O . 9.57 26.98 16.18
C2 GST O . 8.31 26.16 16.01
C3 GST O . 7.36 26.37 16.92
C10 GST O . 7.66 27.42 17.94
C4 GST O . 6.03 25.65 16.94
C5 GST O . 5.79 24.64 15.80
C6 GST O . 5.57 25.30 14.43
C7 GST O . 4.68 24.79 13.55
C9 GST O . 3.89 23.59 13.96
C8 GST O . 4.45 25.35 12.19
C1 GOL P . -4.78 29.93 29.44
O1 GOL P . -5.57 28.88 29.95
C2 GOL P . -5.57 31.22 29.22
O2 GOL P . -6.94 31.10 29.60
C3 GOL P . -4.87 32.39 29.90
O3 GOL P . -5.36 33.58 29.34
C1 GOL Q . -10.62 24.87 20.96
O1 GOL Q . -10.90 26.15 20.44
C2 GOL Q . -9.63 24.17 20.00
O2 GOL Q . -10.18 24.16 18.70
C3 GOL Q . -8.31 24.91 19.80
O3 GOL Q . -7.86 25.43 21.03
C1 GOL R . -12.87 15.81 12.89
O1 GOL R . -12.59 16.17 14.25
C2 GOL R . -12.33 14.41 12.56
O2 GOL R . -10.99 14.60 12.16
C3 GOL R . -12.32 13.58 13.85
O3 GOL R . -11.52 12.40 13.69
MG MG S . -32.27 23.78 58.35
N SAH T . -25.85 28.83 51.54
CA SAH T . -26.50 29.18 52.88
CB SAH T . -27.98 29.64 52.74
CG SAH T . -28.87 28.65 52.02
SD SAH T . -30.59 29.09 52.05
C SAH T . -26.29 28.07 53.87
O SAH T . -25.82 26.99 53.43
OXT SAH T . -26.57 28.26 55.09
C5' SAH T . -30.89 29.87 50.46
C4' SAH T . -30.19 31.22 50.35
O4' SAH T . -30.12 31.64 48.97
C3' SAH T . -30.94 32.34 51.07
O3' SAH T . -29.99 33.10 51.88
C2' SAH T . -31.47 33.25 49.97
O2' SAH T . -31.54 34.66 50.33
C1' SAH T . -30.39 33.05 48.92
N9 SAH T . -30.79 33.43 47.56
C8 SAH T . -31.77 32.89 46.79
N7 SAH T . -31.78 33.53 45.57
C5 SAH T . -30.81 34.50 45.65
C6 SAH T . -30.27 35.53 44.75
N6 SAH T . -30.82 35.70 43.43
N1 SAH T . -29.26 36.35 45.14
C2 SAH T . -28.62 36.30 46.43
N3 SAH T . -29.17 35.28 47.31
C4 SAH T . -30.16 34.42 46.92
PA GST U . -35.24 23.66 57.09
O1A GST U . -36.01 24.72 57.85
O2A GST U . -36.10 22.59 56.42
O3A GST U . -34.10 23.06 57.88
O1B GST U . -34.60 24.43 55.85
PB GST U . -33.30 25.34 55.77
O2B GST U . -33.78 26.79 55.79
O3B GST U . -32.20 24.99 56.74
S1 GST U . -32.62 24.72 53.96
C1 GST U . -34.08 25.01 53.02
C2 GST U . -34.09 24.34 51.65
C3 GST U . -34.06 25.17 50.61
C10 GST U . -33.95 26.63 50.91
C4 GST U . -34.12 24.71 49.18
C5 GST U . -34.20 23.20 48.97
C6 GST U . -32.89 22.46 49.24
C7 GST U . -32.48 21.41 48.49
C9 GST U . -33.24 20.97 47.27
C8 GST U . -31.23 20.68 48.84
C1 GOL V . -35.26 13.88 29.50
O1 GOL V . -36.56 13.82 30.03
C2 GOL V . -34.42 14.30 30.71
O2 GOL V . -34.16 13.17 31.52
C3 GOL V . -33.15 14.88 30.12
O3 GOL V . -33.42 16.26 29.98
MG MG W . -44.68 55.60 2.98
N SAH X . -39.56 53.32 12.03
CA SAH X . -39.71 54.52 11.15
CB SAH X . -38.79 54.57 9.91
CG SAH X . -38.76 53.34 8.99
SD SAH X . -37.78 53.73 7.57
C SAH X . -41.15 54.62 10.76
O SAH X . -41.58 55.67 10.24
OXT SAH X . -41.86 53.62 11.03
C5' SAH X . -36.28 52.82 7.90
C4' SAH X . -35.42 53.62 8.90
O4' SAH X . -34.33 52.78 9.41
C3' SAH X . -34.72 54.88 8.35
O3' SAH X . -34.87 55.96 9.31
C2' SAH X . -33.20 54.52 8.35
O2' SAH X . -32.36 55.66 8.67
C1' SAH X . -33.17 53.60 9.56
N9 SAH X . -32.00 52.71 9.65
C8 SAH X . -31.62 51.70 8.85
N7 SAH X . -30.50 51.08 9.32
C5 SAH X . -30.17 51.74 10.46
C6 SAH X . -29.12 51.62 11.49
N6 SAH X . -28.06 50.62 11.37
N1 SAH X . -29.12 52.47 12.52
C2 SAH X . -30.07 53.54 12.73
N3 SAH X . -31.12 53.59 11.74
C4 SAH X . -31.16 52.79 10.68
PA GST Y . -42.90 54.48 0.41
O1A GST Y . -44.14 54.76 1.20
O2A GST Y . -42.39 55.64 -0.35
O3A GST Y . -43.04 53.20 -0.40
O1B GST Y . -41.78 54.07 1.49
PB GST Y . -41.59 54.46 3.04
O2B GST Y . -40.28 55.27 3.14
O3B GST Y . -42.78 55.05 3.68
S1 GST Y . -41.40 52.64 3.88
C1 GST Y . -40.05 52.07 2.85
C2 GST Y . -39.84 50.58 3.02
C3 GST Y . -38.69 50.13 3.58
C10 GST Y . -37.73 51.18 4.03
C4 GST Y . -38.32 48.68 3.81
C5 GST Y . -39.33 47.66 3.26
C6 GST Y . -40.50 47.49 4.18
C7 GST Y . -40.99 46.29 4.40
C9 GST Y . -40.36 45.11 3.73
C8 GST Y . -42.18 46.10 5.29
C1 GOL Z . -52.82 57.40 20.94
O1 GOL Z . -52.05 56.31 21.38
C2 GOL Z . -51.92 58.62 21.04
O2 GOL Z . -51.11 58.76 19.84
C3 GOL Z . -52.99 59.69 21.13
O3 GOL Z . -52.48 60.86 20.55
C1 GOL AA . -33.83 58.82 -4.37
O1 GOL AA . -34.57 59.97 -4.71
C2 GOL AA . -34.71 58.00 -3.41
O2 GOL AA . -35.21 56.87 -4.09
C3 GOL AA . -34.06 57.61 -2.07
O3 GOL AA . -32.88 58.34 -1.85
MG MG BA . -24.49 31.60 -18.96
N SAH CA . -23.98 23.65 -11.98
CA SAH CA . -24.48 23.87 -13.39
CB SAH CA . -25.85 24.61 -13.43
CG SAH CA . -25.92 25.94 -12.65
SD SAH CA . -27.55 26.69 -12.89
C SAH CA . -23.44 24.54 -14.24
O SAH CA . -23.63 24.58 -15.53
OXT SAH CA . -22.40 25.05 -13.67
C5' SAH CA . -28.40 26.34 -11.39
C4' SAH CA . -28.88 24.90 -11.34
O4' SAH CA . -29.28 24.64 -9.99
C3' SAH CA . -30.11 24.54 -12.20
O3' SAH CA . -29.78 23.30 -12.89
C2' SAH CA . -31.20 24.32 -11.18
O2' SAH CA . -32.15 23.31 -11.57
C1' SAH CA . -30.41 23.77 -10.03
N9 SAH CA . -31.11 23.75 -8.74
C8 SAH CA . -31.59 24.83 -8.04
N7 SAH CA . -32.14 24.39 -6.88
C5 SAH CA . -32.04 23.04 -6.90
C6 SAH CA . -32.43 21.98 -6.00
N6 SAH CA . -33.12 22.29 -4.78
N1 SAH CA . -32.18 20.70 -6.30
C2 SAH CA . -31.52 20.26 -7.51
N3 SAH CA . -31.10 21.31 -8.41
C4 SAH CA . -31.35 22.63 -8.10
PA GST DA . -26.75 33.80 -18.07
O1A GST DA . -27.93 33.66 -18.97
O2A GST DA . -25.46 33.30 -18.64
O3A GST DA . -26.62 35.13 -17.31
O1B GST DA . -27.00 32.74 -16.90
PB GST DA . -26.52 31.21 -16.67
O2B GST DA . -25.42 30.78 -17.54
O3B GST DA . -27.74 30.33 -16.67
S1 GST DA . -25.73 31.43 -14.79
C1 GST DA . -27.13 32.16 -13.96
C2 GST DA . -26.91 32.62 -12.55
C3 GST DA . -27.51 31.95 -11.55
C10 GST DA . -28.34 30.74 -11.82
C4 GST DA . -27.37 32.39 -10.12
C5 GST DA . -26.53 33.66 -9.96
C6 GST DA . -25.03 33.40 -10.05
C7 GST DA . -24.15 33.93 -9.16
C9 GST DA . -24.61 34.80 -8.01
C8 GST DA . -22.71 33.64 -9.37
C1 GOL EA . -22.52 39.48 8.63
O1 GOL EA . -23.17 38.85 9.72
C2 GOL EA . -21.94 40.78 9.16
O2 GOL EA . -21.68 41.53 8.00
C3 GOL EA . -23.01 41.51 9.99
O3 GOL EA . -23.68 42.45 9.14
MG MG FA . 0.14 -2.27 30.57
N SAH GA . -9.87 -1.13 27.28
CA SAH GA . -8.77 -2.16 27.09
CB SAH GA . -7.77 -1.73 26.00
CG SAH GA . -6.96 -0.45 26.22
SD SAH GA . -5.72 -0.21 24.98
C SAH GA . -8.13 -2.53 28.43
O SAH GA . -7.37 -3.54 28.57
OXT SAH GA . -8.44 -1.85 29.40
C5' SAH GA . -6.42 0.76 23.65
C4' SAH GA . -7.45 -0.04 22.88
O4' SAH GA . -8.29 0.84 22.09
C3' SAH GA . -6.79 -0.99 21.84
O3' SAH GA . -7.53 -2.22 21.89
C2' SAH GA . -7.05 -0.31 20.50
O2' SAH GA . -7.22 -1.21 19.43
C1' SAH GA . -8.42 0.29 20.77
N9 SAH GA . -8.85 1.35 19.82
C8 SAH GA . -8.24 2.54 19.53
N7 SAH GA . -8.98 3.24 18.63
C5 SAH GA . -10.08 2.49 18.36
C6 SAH GA . -11.25 2.60 17.49
N6 SAH GA . -11.48 3.80 16.65
N1 SAH GA . -12.19 1.61 17.46
C2 SAH GA . -12.11 0.38 18.22
N3 SAH GA . -10.88 0.27 19.02
C4 SAH GA . -9.97 1.25 19.14
PA GST HA . 2.12 -0.34 28.90
O1A GST HA . 1.62 -1.05 30.14
O2A GST HA . 2.98 -1.21 28.02
O3A GST HA . 2.77 1.01 29.13
O1B GST HA . 0.81 -0.05 27.99
PB GST HA . -0.66 -0.68 27.95
O2B GST HA . -0.97 -0.94 26.50
O3B GST HA . -0.99 -1.67 29.01
S1 GST HA . -1.73 0.99 28.53
C1 GST HA . -1.10 2.03 27.25
C2 GST HA . -1.61 3.46 27.21
C3 GST HA . -2.27 3.92 26.13
C10 GST HA . -2.59 2.95 25.03
C4 GST HA . -2.81 5.33 26.01
C5 GST HA . -2.33 6.25 27.13
C6 GST HA . -3.02 6.04 28.46
C7 GST HA . -3.38 7.07 29.29
C9 GST HA . -3.17 8.49 28.86
C8 GST HA . -4.06 6.84 30.61
S SO4 IA . 5.22 0.70 23.60
O1 SO4 IA . 6.58 1.13 23.22
O2 SO4 IA . 4.78 -0.50 22.86
O3 SO4 IA . 5.23 0.41 25.02
O4 SO4 IA . 4.30 1.79 23.23
C1 GOL JA . -5.05 -16.78 24.97
C1 GOL JA . -3.48 -18.57 25.42
O1 GOL JA . -4.93 -16.13 23.70
O1 GOL JA . -3.70 -19.96 25.67
C2 GOL JA . -4.35 -18.14 24.90
C2 GOL JA . -4.82 -17.88 25.33
O2 GOL JA . -3.16 -18.03 24.22
O2 GOL JA . -5.33 -17.71 26.65
C3 GOL JA . -4.01 -18.79 26.23
C3 GOL JA . -4.74 -16.55 24.55
O3 GOL JA . -3.48 -20.09 25.98
O3 GOL JA . -4.69 -16.64 23.12
C1 GOL KA . -12.25 9.61 12.51
O1 GOL KA . -11.58 10.57 11.73
C2 GOL KA . -13.64 9.41 11.97
O2 GOL KA . -13.92 7.99 12.00
C3 GOL KA . -14.64 10.25 12.80
O3 GOL KA . -14.13 10.76 14.02
MG MG LA . -60.97 19.19 33.28
N SAH MA . -54.79 16.43 24.92
CA SAH MA . -55.85 15.76 25.73
CB SAH MA . -55.27 15.18 27.02
CG SAH MA . -54.68 16.23 27.99
SD SAH MA . -54.42 15.42 29.56
C SAH MA . -57.05 16.66 26.00
O SAH MA . -57.00 17.88 25.71
OXT SAH MA . -58.09 16.16 26.49
C5' SAH MA . -52.71 14.93 29.47
C4' SAH MA . -52.45 13.69 28.61
O4' SAH MA . -51.08 13.57 28.23
C3' SAH MA . -52.80 12.30 29.17
O3' SAH MA . -53.55 11.65 28.13
C2' SAH MA . -51.49 11.57 29.27
O2' SAH MA . -51.62 10.14 29.07
C1' SAH MA . -50.74 12.21 28.11
N9 SAH MA . -49.28 12.04 28.17
C8 SAH MA . -48.40 12.53 29.09
N7 SAH MA . -47.14 12.15 28.80
C5 SAH MA . -47.20 11.43 27.66
C6 SAH MA . -46.23 10.74 26.79
N6 SAH MA . -44.80 10.74 27.13
N1 SAH MA . -46.66 10.06 25.70
C2 SAH MA . -48.05 10.00 25.27
N3 SAH MA . -48.98 10.70 26.13
C4 SAH MA . -48.60 11.37 27.24
PA GST NA . -59.28 18.76 36.03
O1A GST NA . -59.52 17.42 36.64
O2A GST NA . -60.35 19.48 35.27
O3A GST NA . -58.61 19.81 36.93
O1B GST NA . -58.07 18.38 35.03
PB GST NA . -58.04 17.61 33.64
O2B GST NA . -59.27 17.94 32.83
O3B GST NA . -57.62 16.17 33.76
S1 GST NA . -56.53 18.77 32.90
C1 GST NA . -55.26 18.42 34.09
C2 GST NA . -54.07 19.33 33.91
C3 GST NA . -52.91 18.77 33.58
C10 GST NA . -52.88 17.29 33.42
C4 GST NA . -51.65 19.60 33.38
C5 GST NA . -51.79 21.03 33.92
C6 GST NA . -52.36 21.97 32.89
C7 GST NA . -51.79 23.14 32.60
C9 GST NA . -50.50 23.60 33.25
C8 GST NA . -52.40 24.03 31.56
C1 GOL OA . -35.31 32.41 31.85
O1 GOL OA . -36.57 31.76 31.67
C2 GOL OA . -35.50 33.80 32.44
O2 GOL OA . -36.72 33.85 33.15
C3 GOL OA . -34.37 34.14 33.45
O3 GOL OA . -34.66 33.61 34.75
MG MG PA . 11.68 -3.04 -48.83
N SAH QA . 13.51 -2.71 -38.36
CA SAH QA . 13.60 -1.73 -39.51
CB SAH QA . 14.92 -1.86 -40.32
CG SAH QA . 15.21 -3.26 -40.89
SD SAH QA . 16.58 -3.17 -42.03
C SAH QA . 12.35 -1.86 -40.36
O SAH QA . 12.09 -1.06 -41.30
OXT SAH QA . 11.56 -2.78 -40.09
C5' SAH QA . 17.96 -3.77 -41.07
C4' SAH QA . 18.37 -2.75 -40.01
O4' SAH QA . 19.20 -3.42 -39.02
C3' SAH QA . 19.23 -1.60 -40.52
O3' SAH QA . 18.73 -0.34 -39.99
C2' SAH QA . 20.60 -1.90 -39.93
O2' SAH QA . 21.33 -0.71 -39.72
C1' SAH QA . 20.22 -2.52 -38.60
N9 SAH QA . 21.31 -3.24 -37.92
C8 SAH QA . 21.96 -4.35 -38.33
N7 SAH QA . 22.89 -4.71 -37.40
C5 SAH QA . 22.82 -3.81 -36.40
C6 SAH QA . 23.50 -3.55 -35.11
N6 SAH QA . 24.59 -4.40 -34.63
N1 SAH QA . 23.13 -2.50 -34.37
C2 SAH QA . 22.10 -1.55 -34.69
N3 SAH QA . 21.42 -1.81 -35.95
C4 SAH QA . 21.78 -2.84 -36.74
PA GST RA . 14.16 -4.70 -50.29
O1A GST RA . 12.71 -4.40 -50.12
O2A GST RA . 15.00 -3.69 -50.99
O3A GST RA . 14.32 -6.14 -50.80
O1B GST RA . 14.81 -4.75 -48.84
PB GST RA . 14.52 -3.95 -47.48
O2B GST RA . 15.70 -3.04 -47.23
O3B GST RA . 13.17 -3.31 -47.42
S1 GST RA . 14.48 -5.52 -46.19
C1 GST RA . 16.09 -6.19 -46.54
C2 GST RA . 16.35 -7.58 -45.93
C3 GST RA . 17.22 -7.74 -44.93
C10 GST RA . 17.90 -6.57 -44.30
C4 GST RA . 17.51 -9.10 -44.32
C5 GST RA . 16.83 -10.26 -45.05
C6 GST RA . 15.40 -10.40 -44.53
C7 GST RA . 14.82 -11.55 -44.15
C9 GST RA . 15.57 -12.85 -44.11
C8 GST RA . 13.39 -11.53 -43.70
C1 GOL SA . 19.09 -28.98 -36.80
O1 GOL SA . 19.71 -27.83 -36.25
C2 GOL SA . 20.19 -30.04 -36.97
O2 GOL SA . 19.88 -31.32 -36.49
C3 GOL SA . 20.51 -30.17 -38.44
O3 GOL SA . 21.78 -29.60 -38.61
MG MG TA . 4.59 -20.97 13.27
N SAH UA . 12.81 -16.78 8.33
CA SAH UA . 11.69 -16.30 9.19
CB SAH UA . 10.34 -16.19 8.46
CG SAH UA . 9.95 -17.32 7.53
SD SAH UA . 8.29 -16.91 7.01
C SAH UA . 11.59 -17.17 10.38
O SAH UA . 12.23 -18.26 10.39
OXT SAH UA . 10.90 -16.79 11.35
C5' SAH UA . 8.61 -16.46 5.32
C4' SAH UA . 9.16 -15.04 5.11
O4' SAH UA . 9.64 -14.99 3.77
C3' SAH UA . 8.18 -13.86 5.31
O3' SAH UA . 8.82 -12.89 6.17
C2' SAH UA . 8.05 -13.36 3.87
O2' SAH UA . 7.77 -11.96 3.81
C1' SAH UA . 9.43 -13.66 3.31
N9 SAH UA . 9.58 -13.62 1.85
C8 SAH UA . 8.93 -14.38 0.89
N7 SAH UA . 9.37 -14.02 -0.35
C5 SAH UA . 10.27 -13.02 -0.16
C6 SAH UA . 11.11 -12.20 -1.04
N6 SAH UA . 11.02 -12.41 -2.49
N1 SAH UA . 11.89 -11.25 -0.51
C2 SAH UA . 12.04 -10.95 0.89
N3 SAH UA . 11.22 -11.78 1.76
C4 SAH UA . 10.41 -12.76 1.26
PA GST VA . 2.19 -21.64 11.16
O1A GST VA . 1.10 -20.62 11.36
O2A GST VA . 1.68 -22.86 10.39
O3A GST VA . 3.01 -21.91 12.41
O1B GST VA . 3.09 -20.88 10.09
PB GST VA . 4.45 -20.05 10.26
O2B GST VA . 4.17 -18.69 9.69
O3B GST VA . 5.08 -20.01 11.60
S1 GST VA . 5.71 -21.19 9.06
C1 GST VA . 4.76 -21.10 7.56
C2 GST VA . 5.12 -22.04 6.43
C3 GST VA . 5.63 -21.44 5.34
C10 GST VA . 5.80 -19.96 5.37
C4 GST VA . 6.07 -22.17 4.10
C5 GST VA . 6.04 -23.70 4.26
C6 GST VA . 7.10 -24.24 5.19
C7 GST VA . 7.77 -25.39 4.89
C9 GST VA . 7.48 -26.14 3.61
C8 GST VA . 8.79 -25.97 5.80
C1 GOL WA . 13.49 -34.88 -10.54
O1 GOL WA . 13.34 -34.27 -9.25
C2 GOL WA . 13.25 -36.41 -10.54
O2 GOL WA . 12.70 -36.89 -9.34
C3 GOL WA . 12.37 -36.88 -11.71
O3 GOL WA . 10.97 -36.72 -11.42
MG MG XA . 63.83 -20.52 -13.59
N SAH YA . 54.59 -15.00 -16.00
CA SAH YA . 55.85 -14.73 -15.26
CB SAH YA . 55.80 -15.33 -13.83
CG SAH YA . 55.55 -16.85 -13.73
SD SAH YA . 55.68 -17.49 -12.05
C SAH YA . 57.05 -15.20 -16.05
O SAH YA . 56.85 -15.92 -17.06
OXT SAH YA . 58.20 -14.82 -15.71
C5' SAH YA . 53.99 -17.58 -11.45
C4' SAH YA . 53.38 -16.18 -11.18
O4' SAH YA . 51.93 -16.33 -10.99
C3' SAH YA . 53.90 -15.50 -9.91
O3' SAH YA . 54.27 -14.15 -10.19
C2' SAH YA . 52.67 -15.49 -9.00
O2' SAH YA . 52.56 -14.37 -8.12
C1' SAH YA . 51.56 -15.36 -10.03
N9 SAH YA . 50.23 -15.75 -9.54
C8 SAH YA . 49.75 -16.97 -9.18
N7 SAH YA . 48.44 -16.93 -8.83
C5 SAH YA . 48.07 -15.65 -9.00
C6 SAH YA . 46.85 -14.86 -8.81
N6 SAH YA . 45.63 -15.53 -8.35
N1 SAH YA . 46.85 -13.54 -9.11
C2 SAH YA . 48.00 -12.78 -9.55
N3 SAH YA . 49.19 -13.56 -9.72
C4 SAH YA . 49.24 -14.89 -9.47
PA GST ZA . 63.09 -22.98 -11.51
O1A GST ZA . 63.97 -22.64 -10.31
O2A GST ZA . 63.79 -22.37 -12.73
O3A GST ZA . 62.59 -24.42 -11.64
O1B GST ZA . 61.77 -22.11 -11.19
PB GST ZA . 61.17 -20.77 -11.83
O2B GST ZA . 62.14 -20.01 -12.67
O3B GST ZA . 60.47 -20.08 -10.69
S1 GST ZA . 59.72 -21.46 -13.08
C1 GST ZA . 58.88 -22.44 -11.88
C2 GST ZA . 57.65 -23.23 -12.38
C3 GST ZA . 56.45 -22.98 -11.81
C10 GST ZA . 56.29 -21.90 -10.78
C4 GST ZA . 55.16 -23.67 -12.18
C5 GST ZA . 55.30 -25.02 -12.84
C6 GST ZA . 55.49 -24.82 -14.31
C7 GST ZA . 54.82 -25.49 -15.28
C9 GST ZA . 53.78 -26.53 -15.00
C8 GST ZA . 55.18 -25.18 -16.70
C1 GOL AB . 68.52 -23.47 -14.35
O1 GOL AB . 68.02 -23.95 -13.13
C2 GOL AB . 67.44 -22.67 -15.08
O2 GOL AB . 66.46 -23.58 -15.61
C3 GOL AB . 66.74 -21.70 -14.10
O3 GOL AB . 65.61 -21.11 -14.76
MG MG BB . -13.26 -34.00 -17.97
N SAH CB . -4.46 -37.27 -22.72
CA SAH CB . -5.72 -37.92 -22.30
CB SAH CB . -5.82 -38.17 -20.77
CG SAH CB . -5.33 -36.99 -19.89
SD SAH CB . -5.59 -37.45 -18.18
C SAH CB . -6.89 -37.10 -22.79
O SAH CB . -6.72 -36.00 -23.33
OXT SAH CB . -8.00 -37.58 -22.64
C5' SAH CB . -3.92 -37.65 -17.61
C4' SAH CB . -3.38 -39.02 -18.08
O4' SAH CB . -1.92 -39.05 -17.90
C3' SAH CB . -3.91 -40.22 -17.31
O3' SAH CB . -4.27 -41.22 -18.28
C2' SAH CB . -2.67 -40.76 -16.57
O2' SAH CB . -2.61 -42.21 -16.47
C1' SAH CB . -1.56 -40.37 -17.54
N9 SAH CB . -0.20 -40.35 -16.94
C8 SAH CB . 0.26 -39.56 -15.94
N7 SAH CB . 1.57 -39.82 -15.69
C5 SAH CB . 1.92 -40.77 -16.58
C6 SAH CB . 3.11 -41.53 -16.91
N6 SAH CB . 4.34 -41.29 -16.15
N1 SAH CB . 3.09 -42.42 -17.88
C2 SAH CB . 1.96 -42.78 -18.71
N3 SAH CB . 0.77 -42.05 -18.37
C4 SAH CB . 0.74 -41.10 -17.41
PA GST DB . -12.64 -33.24 -14.83
O1A GST DB . -13.27 -34.34 -14.05
O2A GST DB . -13.27 -33.00 -16.19
O3A GST DB . -12.37 -31.98 -14.00
O1B GST DB . -11.14 -33.71 -15.16
PB GST DB . -10.57 -34.65 -16.35
O2B GST DB . -11.40 -34.66 -17.58
O3B GST DB . -10.11 -35.99 -15.86
S1 GST DB . -8.94 -33.53 -16.92
C1 GST DB . -8.14 -33.46 -15.34
C2 GST DB . -7.02 -32.46 -15.19
C3 GST DB . -5.76 -32.91 -15.02
C10 GST DB . -5.48 -34.38 -15.08
C4 GST DB . -4.59 -31.99 -14.84
C5 GST DB . -5.03 -30.52 -14.76
C6 GST DB . -5.28 -29.96 -16.14
C7 GST DB . -4.74 -28.83 -16.57
C9 GST DB . -3.73 -28.12 -15.71
C8 GST DB . -5.05 -28.30 -17.94
C1 GOL EB . 11.89 -29.33 -16.44
O1 GOL EB . 12.41 -30.63 -16.46
C2 GOL EB . 11.54 -29.10 -14.97
O2 GOL EB . 11.82 -27.74 -14.74
C3 GOL EB . 10.05 -29.35 -14.82
O3 GOL EB . 9.83 -30.72 -14.98
MG MG FB . 45.41 -49.17 4.90
N SAH GB . 37.10 -49.70 -1.66
CA SAH GB . 38.18 -50.65 -1.21
CB SAH GB . 39.50 -50.38 -1.96
CG SAH GB . 40.06 -48.95 -1.85
SD SAH GB . 41.66 -48.91 -2.63
C SAH GB . 38.34 -50.58 0.29
O SAH GB . 38.98 -51.46 0.93
OXT SAH GB . 37.80 -49.59 0.85
C5' SAH GB . 41.53 -48.23 -4.26
C4' SAH GB . 40.84 -49.23 -5.20
O4' SAH GB . 40.28 -48.59 -6.37
C3' SAH GB . 41.81 -50.29 -5.74
O3' SAH GB . 41.20 -51.56 -5.64
C2' SAH GB . 41.89 -50.00 -7.23
O2' SAH GB . 42.12 -51.18 -8.04
C1' SAH GB . 40.52 -49.45 -7.48
N9 SAH GB . 40.42 -48.66 -8.73
C8 SAH GB . 41.06 -47.52 -9.07
N7 SAH GB . 40.68 -47.15 -10.33
C5 SAH GB . 39.77 -48.07 -10.74
C6 SAH GB . 38.97 -48.30 -11.95
N6 SAH GB . 39.06 -47.35 -13.06
N1 SAH GB . 38.16 -49.36 -12.06
C2 SAH GB . 37.99 -50.35 -11.02
N3 SAH GB . 38.80 -50.11 -9.85
C4 SAH GB . 39.61 -49.04 -9.69
PA GST HB . 47.76 -47.44 3.53
O1A GST HB . 46.94 -47.90 4.73
O2A GST HB . 48.89 -48.40 3.18
O3A GST HB . 48.24 -46.00 3.66
O1B GST HB . 46.83 -47.37 2.23
PB GST HB . 45.50 -48.17 1.81
O2B GST HB . 45.79 -48.96 0.59
O3B GST HB . 44.89 -48.93 2.93
S1 GST HB . 44.24 -46.61 1.47
C1 GST HB . 45.22 -45.79 0.24
C2 GST HB . 44.76 -44.40 -0.19
C3 GST HB . 44.38 -44.23 -1.48
C10 GST HB . 44.37 -45.42 -2.40
C4 GST HB . 43.90 -42.90 -1.99
C5 GST HB . 44.00 -41.77 -0.97
C6 GST HB . 42.83 -41.80 0.01
C7 GST HB . 42.22 -40.64 0.37
C9 GST HB . 42.62 -39.34 -0.24
C8 GST HB . 41.08 -40.66 1.35
MG MG IB . 38.68 -29.52 -56.58
N SAH JB . 36.81 -35.50 -47.99
CA SAH JB . 36.72 -35.64 -49.50
CB SAH JB . 35.45 -35.04 -50.15
CG SAH JB . 35.13 -33.58 -49.80
SD SAH JB . 33.75 -33.05 -50.81
C SAH JB . 38.00 -35.12 -50.14
O SAH JB . 38.28 -35.45 -51.34
OXT SAH JB . 38.75 -34.42 -49.40
C5' SAH JB . 32.35 -33.09 -49.72
C4' SAH JB . 31.90 -34.51 -49.36
O4' SAH JB . 31.03 -34.53 -48.20
C3' SAH JB . 31.08 -35.20 -50.46
O3' SAH JB . 31.69 -36.47 -50.67
C2' SAH JB . 29.67 -35.32 -49.90
O2' SAH JB . 28.94 -36.46 -50.36
C1' SAH JB . 30.00 -35.50 -48.45
N9 SAH JB . 28.90 -35.27 -47.49
C8 SAH JB . 28.26 -34.13 -47.21
N7 SAH JB . 27.37 -34.35 -46.21
C5 SAH JB . 27.45 -35.63 -45.87
C6 SAH JB . 26.79 -36.52 -44.92
N6 SAH JB . 25.75 -36.01 -44.07
N1 SAH JB . 27.15 -37.83 -44.84
C2 SAH JB . 28.18 -38.45 -45.63
N3 SAH JB . 28.80 -37.56 -46.59
C4 SAH JB . 28.48 -36.24 -46.69
PA GST KB . 36.30 -27.38 -57.00
O1A GST KB . 37.74 -27.78 -56.98
O2A GST KB . 35.48 -28.03 -58.11
O3A GST KB . 36.07 -25.90 -56.79
O1B GST KB . 35.67 -28.02 -55.68
PB GST KB . 35.92 -29.45 -55.02
O2B GST KB . 37.24 -30.07 -55.31
O3B GST KB . 34.74 -30.36 -55.34
S1 GST KB . 36.02 -28.86 -53.07
C1 GST KB . 34.35 -28.30 -52.91
C2 GST KB . 34.15 -27.28 -51.80
C3 GST KB . 33.20 -27.61 -50.93
C10 GST KB . 32.51 -28.91 -51.15
C4 GST KB . 32.76 -26.79 -49.73
C5 GST KB . 33.58 -25.55 -49.37
C6 GST KB . 35.02 -25.86 -48.97
C7 GST KB . 35.61 -25.05 -48.06
C9 GST KB . 34.84 -23.91 -47.45
C8 GST KB . 37.00 -25.25 -47.60
C1 GOL LB . 25.70 -26.52 -34.03
O1 GOL LB . 26.76 -27.32 -33.59
C2 GOL LB . 26.27 -25.38 -34.86
O2 GOL LB . 27.04 -24.55 -34.01
C3 GOL LB . 27.25 -25.97 -35.86
O3 GOL LB . 26.53 -26.81 -36.74
#